data_8QHH
#
_entry.id   8QHH
#
_entity_poly.entity_id   1
_entity_poly.type   'polypeptide(L)'
_entity_poly.pdbx_seq_one_letter_code
;GAITYDMEIPSSISAEKMFKAFVLDGDTIIPKALPHAITGVQTLEGDGGVGTIKLTTFGEGSVHKSVKHRIDGLDKENFT
YSYSIIEGGALDVFESISYHIKIVATPDGGCICKNRSIYTPKCDAQVSEEEIKAGKERASGIFKKVEAYLLANPDC
;
_entity_poly.pdbx_strand_id   A
#
# COMPACT_ATOMS: atom_id res chain seq x y z
N GLY A 1 19.38 -1.62 -12.48
CA GLY A 1 18.30 -2.61 -12.46
C GLY A 1 17.09 -2.02 -11.75
N ALA A 2 16.57 -2.72 -10.74
CA ALA A 2 15.58 -2.20 -9.80
C ALA A 2 15.87 -2.71 -8.38
N ILE A 3 15.90 -1.81 -7.40
CA ILE A 3 16.15 -2.13 -5.98
C ILE A 3 14.83 -2.29 -5.23
N THR A 4 14.87 -3.00 -4.10
CA THR A 4 13.67 -3.41 -3.36
C THR A 4 13.94 -3.54 -1.85
N TYR A 5 12.89 -3.37 -1.04
CA TYR A 5 12.95 -3.45 0.44
C TYR A 5 11.63 -4.01 1.00
N ASP A 6 11.72 -4.85 2.04
CA ASP A 6 10.61 -5.68 2.56
C ASP A 6 10.39 -5.57 4.08
N MET A 7 9.26 -6.10 4.55
CA MET A 7 8.84 -6.18 5.96
C MET A 7 7.80 -7.30 6.14
N GLU A 8 7.77 -7.96 7.30
CA GLU A 8 6.79 -9.02 7.59
C GLU A 8 5.93 -8.72 8.83
N ILE A 9 4.60 -8.91 8.68
CA ILE A 9 3.58 -8.48 9.62
C ILE A 9 2.74 -9.70 10.08
N PRO A 10 2.58 -9.95 11.38
CA PRO A 10 1.61 -10.91 11.90
C PRO A 10 0.22 -10.25 11.95
N SER A 11 -0.81 -10.92 11.43
CA SER A 11 -2.19 -10.40 11.39
C SER A 11 -3.21 -11.52 11.65
N SER A 12 -4.46 -11.16 11.97
CA SER A 12 -5.51 -12.12 12.33
C SER A 12 -6.73 -12.03 11.40
N ILE A 13 -6.97 -10.89 10.76
CA ILE A 13 -7.93 -10.73 9.65
C ILE A 13 -7.57 -11.63 8.45
N SER A 14 -8.58 -12.10 7.72
CA SER A 14 -8.45 -12.98 6.55
C SER A 14 -7.70 -12.30 5.39
N ALA A 15 -6.86 -13.03 4.67
CA ALA A 15 -5.94 -12.51 3.65
C ALA A 15 -6.61 -11.70 2.52
N GLU A 16 -7.83 -12.06 2.12
CA GLU A 16 -8.64 -11.28 1.18
C GLU A 16 -9.08 -9.94 1.78
N LYS A 17 -9.64 -9.96 2.99
CA LYS A 17 -10.11 -8.77 3.71
C LYS A 17 -8.96 -7.82 4.06
N MET A 18 -7.77 -8.36 4.35
CA MET A 18 -6.55 -7.58 4.56
C MET A 18 -6.23 -6.70 3.35
N PHE A 19 -6.05 -7.26 2.15
CA PHE A 19 -5.73 -6.47 0.97
C PHE A 19 -6.90 -5.57 0.52
N LYS A 20 -8.14 -6.04 0.68
CA LYS A 20 -9.34 -5.24 0.42
C LYS A 20 -9.33 -3.97 1.28
N ALA A 21 -9.12 -4.08 2.59
CA ALA A 21 -8.95 -2.93 3.46
C ALA A 21 -7.68 -2.10 3.15
N PHE A 22 -6.57 -2.74 2.75
CA PHE A 22 -5.27 -2.09 2.54
C PHE A 22 -5.27 -1.06 1.40
N VAL A 23 -5.95 -1.33 0.28
CA VAL A 23 -6.01 -0.40 -0.88
C VAL A 23 -7.37 -0.28 -1.55
N LEU A 24 -8.19 -1.34 -1.58
CA LEU A 24 -9.46 -1.31 -2.31
C LEU A 24 -10.49 -0.42 -1.59
N ASP A 25 -10.71 -0.66 -0.30
CA ASP A 25 -11.40 0.20 0.66
C ASP A 25 -10.50 1.34 1.20
N GLY A 26 -9.29 1.51 0.65
CA GLY A 26 -8.26 2.42 1.16
C GLY A 26 -8.62 3.91 1.15
N ASP A 27 -9.74 4.28 0.52
CA ASP A 27 -10.30 5.63 0.38
C ASP A 27 -10.36 6.45 1.68
N THR A 28 -10.59 5.77 2.81
CA THR A 28 -10.55 6.38 4.15
C THR A 28 -9.39 5.83 4.99
N ILE A 29 -9.11 4.54 4.88
CA ILE A 29 -8.17 3.85 5.77
C ILE A 29 -6.71 4.30 5.52
N ILE A 30 -6.30 4.53 4.27
CA ILE A 30 -4.94 5.03 3.97
C ILE A 30 -4.73 6.47 4.48
N PRO A 31 -5.65 7.44 4.25
CA PRO A 31 -5.58 8.75 4.89
C PRO A 31 -5.47 8.69 6.42
N LYS A 32 -6.31 7.87 7.08
CA LYS A 32 -6.26 7.67 8.54
C LYS A 32 -4.99 6.93 9.01
N ALA A 33 -4.34 6.15 8.17
CA ALA A 33 -3.09 5.45 8.47
C ALA A 33 -1.83 6.32 8.41
N LEU A 34 -1.87 7.47 7.73
CA LEU A 34 -0.72 8.37 7.55
C LEU A 34 -1.18 9.84 7.55
N PRO A 35 -1.80 10.32 8.65
CA PRO A 35 -2.52 11.60 8.67
C PRO A 35 -1.64 12.85 8.51
N HIS A 36 -0.31 12.74 8.65
CA HIS A 36 0.59 13.85 8.33
C HIS A 36 0.78 14.00 6.81
N ALA A 37 1.55 13.10 6.19
CA ALA A 37 1.98 13.27 4.80
C ALA A 37 0.93 12.85 3.76
N ILE A 38 -0.08 12.02 4.08
CA ILE A 38 -1.21 11.72 3.17
C ILE A 38 -2.41 12.62 3.48
N THR A 39 -3.18 12.99 2.46
CA THR A 39 -4.44 13.75 2.59
C THR A 39 -5.65 13.03 1.96
N GLY A 40 -5.48 12.18 0.95
CA GLY A 40 -6.62 11.54 0.28
C GLY A 40 -6.28 10.34 -0.62
N VAL A 41 -7.29 9.50 -0.88
CA VAL A 41 -7.24 8.32 -1.78
C VAL A 41 -8.58 8.15 -2.50
N GLN A 42 -8.55 7.82 -3.79
CA GLN A 42 -9.74 7.73 -4.65
C GLN A 42 -9.52 6.72 -5.80
N THR A 43 -10.56 6.01 -6.25
CA THR A 43 -10.48 5.06 -7.37
C THR A 43 -10.77 5.71 -8.73
N LEU A 44 -10.15 5.20 -9.79
CA LEU A 44 -10.19 5.67 -11.17
C LEU A 44 -10.26 4.47 -12.14
N GLU A 45 -11.26 3.61 -11.96
CA GLU A 45 -11.63 2.46 -12.83
C GLU A 45 -12.87 1.75 -12.27
N GLY A 46 -13.33 0.70 -12.94
CA GLY A 46 -14.13 -0.36 -12.32
C GLY A 46 -13.35 -0.99 -11.18
N ASP A 47 -13.83 -0.87 -9.93
CA ASP A 47 -12.96 -0.98 -8.77
C ASP A 47 -12.73 -2.42 -8.30
N GLY A 48 -11.83 -2.57 -7.33
CA GLY A 48 -11.58 -3.81 -6.61
C GLY A 48 -10.66 -4.80 -7.33
N GLY A 49 -10.86 -4.99 -8.64
CA GLY A 49 -10.18 -6.02 -9.43
C GLY A 49 -8.83 -5.63 -10.03
N VAL A 50 -8.22 -6.59 -10.71
CA VAL A 50 -6.98 -6.39 -11.48
C VAL A 50 -7.18 -5.36 -12.59
N GLY A 51 -6.21 -4.46 -12.76
CA GLY A 51 -6.31 -3.32 -13.68
C GLY A 51 -7.16 -2.16 -13.15
N THR A 52 -7.41 -2.08 -11.84
CA THR A 52 -8.06 -0.89 -11.23
C THR A 52 -7.04 0.24 -11.09
N ILE A 53 -7.29 1.47 -11.55
CA ILE A 53 -6.38 2.61 -11.25
C ILE A 53 -6.83 3.32 -9.97
N LYS A 54 -5.90 3.88 -9.20
CA LYS A 54 -6.09 4.49 -7.88
C LYS A 54 -5.23 5.75 -7.76
N LEU A 55 -5.83 6.85 -7.32
CA LEU A 55 -5.13 8.06 -6.89
C LEU A 55 -4.69 7.93 -5.42
N THR A 56 -3.56 8.53 -5.08
CA THR A 56 -3.17 8.85 -3.70
C THR A 56 -2.55 10.24 -3.67
N THR A 57 -2.95 11.07 -2.69
CA THR A 57 -2.58 12.48 -2.61
C THR A 57 -2.14 12.88 -1.20
N PHE A 58 -1.26 13.88 -1.14
CA PHE A 58 -0.31 14.14 -0.06
C PHE A 58 -0.37 15.58 0.47
N GLY A 59 0.20 15.81 1.65
CA GLY A 59 0.09 17.03 2.45
C GLY A 59 1.43 17.73 2.71
N GLU A 60 1.68 18.07 3.98
CA GLU A 60 2.97 18.61 4.46
C GLU A 60 4.12 17.58 4.31
N GLY A 61 5.38 18.05 4.34
CA GLY A 61 6.57 17.19 4.34
C GLY A 61 6.75 16.34 3.08
N SER A 62 6.12 16.71 1.98
CA SER A 62 5.92 15.86 0.81
C SER A 62 6.53 16.45 -0.47
N VAL A 63 7.29 15.62 -1.19
CA VAL A 63 8.02 15.97 -2.43
C VAL A 63 7.09 16.22 -3.62
N HIS A 64 5.89 15.63 -3.61
CA HIS A 64 4.88 15.75 -4.66
C HIS A 64 3.48 15.58 -4.08
N LYS A 65 2.53 16.37 -4.56
CA LYS A 65 1.15 16.39 -4.06
C LYS A 65 0.36 15.13 -4.41
N SER A 66 0.62 14.47 -5.55
CA SER A 66 -0.16 13.30 -5.97
C SER A 66 0.63 12.25 -6.74
N VAL A 67 0.09 11.03 -6.74
CA VAL A 67 0.58 9.87 -7.47
C VAL A 67 -0.59 8.97 -7.88
N LYS A 68 -0.49 8.28 -9.03
CA LYS A 68 -1.46 7.25 -9.44
C LYS A 68 -0.81 5.89 -9.60
N HIS A 69 -1.49 4.88 -9.10
CA HIS A 69 -1.05 3.48 -9.09
C HIS A 69 -2.18 2.55 -9.50
N ARG A 70 -1.86 1.30 -9.86
CA ARG A 70 -2.84 0.27 -10.24
C ARG A 70 -2.80 -0.94 -9.32
N ILE A 71 -3.96 -1.54 -9.11
CA ILE A 71 -4.07 -2.93 -8.64
C ILE A 71 -3.67 -3.82 -9.81
N ASP A 72 -2.50 -4.47 -9.72
CA ASP A 72 -1.79 -5.06 -10.86
C ASP A 72 -1.91 -6.59 -10.98
N GLY A 73 -2.17 -7.29 -9.86
CA GLY A 73 -2.33 -8.74 -9.84
C GLY A 73 -2.66 -9.27 -8.45
N LEU A 74 -3.35 -10.41 -8.37
CA LEU A 74 -3.78 -11.06 -7.13
C LEU A 74 -3.88 -12.58 -7.29
N ASP A 75 -3.35 -13.33 -6.32
CA ASP A 75 -3.17 -14.79 -6.39
C ASP A 75 -3.45 -15.47 -5.04
N LYS A 76 -4.75 -15.61 -4.74
CA LYS A 76 -5.37 -16.11 -3.49
C LYS A 76 -5.04 -17.56 -3.11
N GLU A 77 -4.14 -18.23 -3.83
CA GLU A 77 -3.58 -19.53 -3.46
C GLU A 77 -2.48 -19.38 -2.38
N ASN A 78 -1.72 -18.28 -2.44
CA ASN A 78 -0.66 -17.88 -1.50
C ASN A 78 -0.65 -16.34 -1.35
N PHE A 79 -1.87 -15.78 -1.33
CA PHE A 79 -2.32 -14.40 -1.54
C PHE A 79 -1.20 -13.39 -1.82
N THR A 80 -0.52 -13.52 -2.96
CA THR A 80 0.38 -12.46 -3.44
C THR A 80 -0.45 -11.39 -4.13
N TYR A 81 -0.13 -10.12 -3.89
CA TYR A 81 -0.77 -8.98 -4.51
C TYR A 81 0.29 -8.01 -5.05
N SER A 82 0.21 -7.72 -6.35
CA SER A 82 1.02 -6.71 -7.01
C SER A 82 0.23 -5.40 -7.13
N TYR A 83 0.89 -4.27 -6.89
CA TYR A 83 0.33 -2.94 -7.13
C TYR A 83 1.47 -1.96 -7.50
N SER A 84 1.24 -1.06 -8.47
CA SER A 84 2.33 -0.34 -9.15
C SER A 84 1.99 1.10 -9.49
N ILE A 85 2.90 2.04 -9.19
CA ILE A 85 2.82 3.45 -9.58
C ILE A 85 3.14 3.60 -11.08
N ILE A 86 2.21 4.28 -11.77
CA ILE A 86 2.14 4.44 -13.23
C ILE A 86 2.38 5.89 -13.67
N GLU A 87 2.00 6.88 -12.86
CA GLU A 87 2.27 8.31 -13.09
C GLU A 87 2.22 9.13 -11.79
N GLY A 88 2.63 10.40 -11.87
CA GLY A 88 2.70 11.35 -10.76
C GLY A 88 4.11 11.50 -10.19
N GLY A 89 4.27 12.39 -9.22
CA GLY A 89 5.59 12.96 -8.89
C GLY A 89 6.62 11.99 -8.33
N ALA A 90 6.20 10.82 -7.83
CA ALA A 90 7.11 9.75 -7.44
C ALA A 90 8.00 9.30 -8.61
N LEU A 91 7.46 9.31 -9.83
CA LEU A 91 8.14 9.01 -11.10
C LEU A 91 8.87 10.23 -11.70
N ASP A 92 8.95 11.37 -11.02
CA ASP A 92 9.90 12.42 -11.43
C ASP A 92 11.34 11.96 -11.16
N VAL A 93 11.60 11.33 -10.00
CA VAL A 93 12.92 10.78 -9.64
C VAL A 93 13.16 9.37 -10.22
N PHE A 94 12.09 8.59 -10.46
CA PHE A 94 12.15 7.17 -10.81
C PHE A 94 11.46 6.83 -12.14
N GLU A 95 11.91 5.77 -12.80
CA GLU A 95 11.31 5.25 -14.03
C GLU A 95 10.03 4.45 -13.77
N SER A 96 9.98 3.71 -12.66
CA SER A 96 8.82 2.92 -12.23
C SER A 96 8.91 2.62 -10.74
N ILE A 97 7.79 2.58 -10.04
CA ILE A 97 7.76 2.14 -8.63
C ILE A 97 6.64 1.11 -8.47
N SER A 98 6.91 0.02 -7.76
CA SER A 98 5.99 -1.11 -7.61
C SER A 98 6.04 -1.69 -6.19
N TYR A 99 5.09 -2.57 -5.87
CA TYR A 99 4.87 -3.12 -4.54
C TYR A 99 4.38 -4.56 -4.62
N HIS A 100 4.65 -5.33 -3.57
CA HIS A 100 4.39 -6.77 -3.49
C HIS A 100 4.02 -7.16 -2.06
N ILE A 101 2.75 -7.50 -1.84
CA ILE A 101 2.31 -8.18 -0.62
C ILE A 101 2.28 -9.69 -0.87
N LYS A 102 2.51 -10.50 0.17
CA LYS A 102 2.27 -11.95 0.20
C LYS A 102 1.59 -12.33 1.50
N ILE A 103 0.49 -13.07 1.43
CA ILE A 103 -0.26 -13.54 2.61
C ILE A 103 -0.60 -15.04 2.50
N VAL A 104 -0.33 -15.74 3.60
CA VAL A 104 -0.60 -17.17 3.80
C VAL A 104 -1.18 -17.34 5.21
N ALA A 105 -2.11 -18.28 5.38
CA ALA A 105 -2.76 -18.55 6.66
C ALA A 105 -1.79 -19.12 7.72
N THR A 106 -2.27 -19.20 8.96
CA THR A 106 -1.62 -19.88 10.11
C THR A 106 -2.49 -21.03 10.62
N PRO A 107 -1.96 -21.94 11.46
CA PRO A 107 -2.77 -22.91 12.20
C PRO A 107 -3.61 -22.28 13.33
N ASP A 108 -3.47 -20.96 13.57
CA ASP A 108 -4.03 -20.25 14.73
C ASP A 108 -5.08 -19.19 14.32
N GLY A 109 -5.83 -19.45 13.26
CA GLY A 109 -6.95 -18.60 12.80
C GLY A 109 -6.56 -17.21 12.28
N GLY A 110 -5.27 -16.98 11.99
CA GLY A 110 -4.74 -15.74 11.45
C GLY A 110 -3.95 -15.94 10.14
N CYS A 111 -3.06 -14.99 9.85
CA CYS A 111 -2.19 -14.93 8.68
C CYS A 111 -0.79 -14.37 9.01
N ILE A 112 0.21 -14.71 8.19
CA ILE A 112 1.47 -13.95 8.10
C ILE A 112 1.43 -13.15 6.79
N CYS A 113 1.60 -11.84 6.88
CA CYS A 113 1.50 -10.89 5.77
C CYS A 113 2.83 -10.18 5.55
N LYS A 114 3.58 -10.59 4.52
CA LYS A 114 4.77 -9.88 4.05
C LYS A 114 4.39 -8.76 3.09
N ASN A 115 5.14 -7.66 3.12
CA ASN A 115 4.99 -6.50 2.24
C ASN A 115 6.36 -6.03 1.75
N ARG A 116 6.42 -5.45 0.55
CA ARG A 116 7.66 -5.07 -0.13
C ARG A 116 7.40 -3.95 -1.15
N SER A 117 8.39 -3.11 -1.38
CA SER A 117 8.40 -2.11 -2.45
C SER A 117 9.59 -2.32 -3.39
N ILE A 118 9.47 -1.85 -4.62
CA ILE A 118 10.44 -1.96 -5.72
C ILE A 118 10.56 -0.56 -6.37
N TYR A 119 11.78 -0.05 -6.48
CA TYR A 119 12.07 1.25 -7.07
C TYR A 119 13.04 1.07 -8.24
N THR A 120 12.63 1.56 -9.41
CA THR A 120 13.43 1.51 -10.65
C THR A 120 13.91 2.93 -10.97
N PRO A 121 15.20 3.26 -10.83
CA PRO A 121 15.70 4.62 -11.09
C PRO A 121 15.65 4.96 -12.58
N LYS A 122 15.71 6.26 -12.92
CA LYS A 122 16.04 6.74 -14.28
C LYS A 122 17.55 6.58 -14.55
N CYS A 123 18.08 5.39 -14.22
CA CYS A 123 19.49 5.02 -14.25
C CYS A 123 20.44 5.87 -13.36
N ASP A 124 19.92 6.65 -12.40
CA ASP A 124 20.73 7.56 -11.56
C ASP A 124 20.43 7.48 -10.05
N ALA A 125 19.16 7.60 -9.64
CA ALA A 125 18.78 7.66 -8.22
C ALA A 125 19.18 6.39 -7.44
N GLN A 126 19.60 6.59 -6.19
CA GLN A 126 20.10 5.55 -5.28
C GLN A 126 19.00 4.90 -4.42
N VAL A 127 17.81 5.50 -4.35
CA VAL A 127 16.72 5.25 -3.38
C VAL A 127 17.07 5.69 -1.97
N SER A 128 16.22 6.54 -1.41
CA SER A 128 16.44 7.21 -0.13
C SER A 128 15.93 6.38 1.04
N GLU A 129 16.71 6.31 2.11
CA GLU A 129 16.37 5.60 3.35
C GLU A 129 15.06 6.13 3.96
N GLU A 130 14.77 7.41 3.70
CA GLU A 130 13.53 8.07 4.06
C GLU A 130 12.28 7.29 3.62
N GLU A 131 12.21 6.81 2.37
CA GLU A 131 11.06 6.03 1.91
C GLU A 131 11.13 4.55 2.29
N ILE A 132 12.31 4.05 2.68
CA ILE A 132 12.43 2.72 3.28
C ILE A 132 11.78 2.73 4.68
N LYS A 133 12.16 3.71 5.52
CA LYS A 133 11.62 3.90 6.87
C LYS A 133 10.19 4.44 6.89
N ALA A 134 9.86 5.41 6.04
CA ALA A 134 8.48 5.89 5.90
C ALA A 134 7.59 4.81 5.29
N GLY A 135 8.08 4.03 4.32
CA GLY A 135 7.37 2.88 3.77
C GLY A 135 7.00 1.84 4.82
N LYS A 136 7.90 1.55 5.78
CA LYS A 136 7.59 0.71 6.96
C LYS A 136 6.50 1.32 7.83
N GLU A 137 6.64 2.58 8.22
CA GLU A 137 5.68 3.25 9.12
C GLU A 137 4.29 3.43 8.48
N ARG A 138 4.26 3.76 7.18
CA ARG A 138 3.07 3.90 6.34
C ARG A 138 2.35 2.58 6.14
N ALA A 139 3.05 1.53 5.69
CA ALA A 139 2.47 0.20 5.54
C ALA A 139 2.00 -0.38 6.88
N SER A 140 2.80 -0.24 7.95
CA SER A 140 2.42 -0.62 9.31
C SER A 140 1.13 0.09 9.73
N GLY A 141 1.06 1.41 9.58
CA GLY A 141 -0.15 2.19 9.88
C GLY A 141 -1.37 1.65 9.14
N ILE A 142 -1.22 1.32 7.85
CA ILE A 142 -2.32 0.71 7.09
C ILE A 142 -2.68 -0.66 7.69
N PHE A 143 -1.75 -1.61 7.86
CA PHE A 143 -2.03 -2.93 8.45
C PHE A 143 -2.63 -2.92 9.88
N LYS A 144 -2.58 -1.78 10.57
CA LYS A 144 -3.12 -1.56 11.92
C LYS A 144 -4.50 -0.91 11.85
N LYS A 145 -4.64 0.18 11.08
CA LYS A 145 -5.94 0.85 10.84
C LYS A 145 -6.90 0.00 10.02
N VAL A 146 -6.42 -0.90 9.16
CA VAL A 146 -7.26 -1.93 8.50
C VAL A 146 -7.79 -2.94 9.51
N GLU A 147 -6.94 -3.50 10.39
CA GLU A 147 -7.43 -4.42 11.41
C GLU A 147 -8.34 -3.73 12.44
N ALA A 148 -8.12 -2.46 12.78
CA ALA A 148 -9.00 -1.69 13.66
C ALA A 148 -10.34 -1.31 12.98
N TYR A 149 -10.33 -1.00 11.67
CA TYR A 149 -11.55 -0.82 10.87
C TYR A 149 -12.38 -2.11 10.90
N LEU A 150 -11.75 -3.27 10.61
CA LEU A 150 -12.41 -4.57 10.64
C LEU A 150 -12.68 -5.13 12.06
N LEU A 151 -12.11 -4.54 13.12
CA LEU A 151 -12.52 -4.80 14.50
C LEU A 151 -13.88 -4.14 14.78
N ALA A 152 -14.04 -2.86 14.44
CA ALA A 152 -15.28 -2.12 14.60
C ALA A 152 -16.37 -2.57 13.60
N ASN A 153 -15.98 -2.87 12.36
CA ASN A 153 -16.86 -3.01 11.18
C ASN A 153 -16.47 -4.25 10.31
N PRO A 154 -16.41 -5.48 10.87
CA PRO A 154 -16.13 -6.71 10.10
C PRO A 154 -17.24 -7.05 9.09
N ASP A 155 -18.46 -6.58 9.34
CA ASP A 155 -19.63 -6.64 8.47
C ASP A 155 -19.53 -5.70 7.25
N CYS A 156 -18.55 -4.79 7.26
CA CYS A 156 -18.23 -3.79 6.26
C CYS A 156 -19.47 -3.06 5.74
N GLY A 1 18.37 -1.84 -12.97
CA GLY A 1 17.15 -2.42 -12.42
C GLY A 1 16.47 -1.47 -11.44
N ALA A 2 15.95 -2.02 -10.34
CA ALA A 2 15.21 -1.29 -9.31
C ALA A 2 15.62 -1.75 -7.90
N ILE A 3 15.34 -0.92 -6.88
CA ILE A 3 15.83 -1.06 -5.50
C ILE A 3 14.71 -0.80 -4.47
N THR A 4 14.86 -1.32 -3.25
CA THR A 4 13.70 -1.79 -2.47
C THR A 4 13.85 -1.70 -0.94
N TYR A 5 12.71 -1.58 -0.24
CA TYR A 5 12.56 -1.77 1.20
C TYR A 5 11.34 -2.67 1.50
N ASP A 6 11.28 -3.28 2.69
CA ASP A 6 10.24 -4.26 3.04
C ASP A 6 10.05 -4.46 4.56
N MET A 7 8.98 -5.18 4.93
CA MET A 7 8.55 -5.48 6.30
C MET A 7 7.65 -6.73 6.33
N GLU A 8 7.36 -7.28 7.52
CA GLU A 8 6.39 -8.38 7.66
C GLU A 8 5.57 -8.30 8.97
N ILE A 9 4.24 -8.37 8.84
CA ILE A 9 3.26 -8.09 9.89
C ILE A 9 2.52 -9.37 10.32
N PRO A 10 2.46 -9.70 11.61
CA PRO A 10 1.58 -10.75 12.13
C PRO A 10 0.15 -10.22 12.32
N SER A 11 -0.87 -10.93 11.81
CA SER A 11 -2.27 -10.44 11.77
C SER A 11 -3.32 -11.51 12.07
N SER A 12 -4.48 -11.10 12.57
CA SER A 12 -5.65 -11.97 12.78
C SER A 12 -6.61 -11.95 11.58
N ILE A 13 -6.65 -10.84 10.86
CA ILE A 13 -7.56 -10.62 9.73
C ILE A 13 -7.20 -11.52 8.53
N SER A 14 -8.22 -11.95 7.80
CA SER A 14 -8.13 -12.80 6.59
C SER A 14 -7.45 -12.06 5.44
N ALA A 15 -6.59 -12.74 4.67
CA ALA A 15 -5.68 -12.14 3.68
C ALA A 15 -6.36 -11.28 2.58
N GLU A 16 -7.54 -11.65 2.12
CA GLU A 16 -8.35 -10.87 1.18
C GLU A 16 -8.91 -9.61 1.85
N LYS A 17 -9.48 -9.78 3.06
CA LYS A 17 -10.06 -8.68 3.86
C LYS A 17 -8.99 -7.68 4.31
N MET A 18 -7.75 -8.14 4.57
CA MET A 18 -6.58 -7.30 4.78
C MET A 18 -6.31 -6.40 3.56
N PHE A 19 -6.14 -6.98 2.37
CA PHE A 19 -5.85 -6.18 1.16
C PHE A 19 -7.01 -5.26 0.77
N LYS A 20 -8.25 -5.73 0.90
CA LYS A 20 -9.45 -4.93 0.72
C LYS A 20 -9.45 -3.72 1.65
N ALA A 21 -9.21 -3.91 2.94
CA ALA A 21 -9.08 -2.82 3.90
C ALA A 21 -7.88 -1.89 3.60
N PHE A 22 -6.76 -2.46 3.14
CA PHE A 22 -5.48 -1.75 2.94
C PHE A 22 -5.49 -0.75 1.79
N VAL A 23 -6.13 -1.07 0.66
CA VAL A 23 -6.18 -0.17 -0.53
C VAL A 23 -7.55 -0.02 -1.18
N LEU A 24 -8.41 -1.03 -1.21
CA LEU A 24 -9.72 -0.91 -1.86
C LEU A 24 -10.66 -0.01 -1.05
N ASP A 25 -10.80 -0.30 0.24
CA ASP A 25 -11.37 0.55 1.29
C ASP A 25 -10.40 1.68 1.74
N GLY A 26 -9.27 1.86 1.05
CA GLY A 26 -8.21 2.80 1.45
C GLY A 26 -8.61 4.28 1.46
N ASP A 27 -9.77 4.62 0.89
CA ASP A 27 -10.27 5.99 0.69
C ASP A 27 -10.20 6.88 1.94
N THR A 28 -10.56 6.34 3.11
CA THR A 28 -10.39 7.02 4.41
C THR A 28 -9.36 6.33 5.30
N ILE A 29 -9.17 5.00 5.17
CA ILE A 29 -8.25 4.23 6.02
C ILE A 29 -6.79 4.68 5.83
N ILE A 30 -6.37 4.96 4.59
CA ILE A 30 -5.01 5.45 4.32
C ILE A 30 -4.82 6.90 4.85
N PRO A 31 -5.73 7.87 4.60
CA PRO A 31 -5.69 9.17 5.30
C PRO A 31 -5.70 9.07 6.83
N LYS A 32 -6.38 8.08 7.42
CA LYS A 32 -6.37 7.80 8.86
C LYS A 32 -5.09 7.11 9.36
N ALA A 33 -4.28 6.52 8.49
CA ALA A 33 -3.00 5.87 8.83
C ALA A 33 -1.82 6.82 8.95
N LEU A 34 -1.78 7.89 8.15
CA LEU A 34 -0.71 8.90 8.19
C LEU A 34 -1.29 10.33 8.09
N PRO A 35 -2.19 10.71 9.04
CA PRO A 35 -2.95 11.97 8.97
C PRO A 35 -2.11 13.24 9.00
N HIS A 36 -0.84 13.19 9.44
CA HIS A 36 0.06 14.34 9.34
C HIS A 36 0.25 14.81 7.89
N ALA A 37 0.34 13.88 6.93
CA ALA A 37 0.72 14.16 5.55
C ALA A 37 -0.39 13.85 4.52
N ILE A 38 -1.15 12.77 4.69
CA ILE A 38 -2.15 12.34 3.69
C ILE A 38 -3.47 13.09 3.93
N THR A 39 -4.01 13.75 2.90
CA THR A 39 -5.31 14.46 2.97
C THR A 39 -6.47 13.64 2.39
N GLY A 40 -6.22 12.76 1.41
CA GLY A 40 -7.29 11.98 0.77
C GLY A 40 -6.82 10.83 -0.13
N VAL A 41 -7.74 9.91 -0.42
CA VAL A 41 -7.59 8.76 -1.34
C VAL A 41 -8.92 8.49 -2.05
N GLN A 42 -8.91 7.96 -3.27
CA GLN A 42 -10.12 7.51 -3.97
C GLN A 42 -9.88 6.33 -4.90
N THR A 43 -10.90 5.52 -5.18
CA THR A 43 -10.93 4.63 -6.35
C THR A 43 -11.18 5.44 -7.62
N LEU A 44 -10.64 4.98 -8.75
CA LEU A 44 -10.72 5.64 -10.05
C LEU A 44 -10.84 4.58 -11.18
N GLU A 45 -11.77 3.63 -11.01
CA GLU A 45 -12.10 2.54 -11.95
C GLU A 45 -13.19 1.64 -11.32
N GLY A 46 -13.64 0.64 -12.08
CA GLY A 46 -14.18 -0.58 -11.49
C GLY A 46 -13.16 -1.25 -10.54
N ASP A 47 -13.60 -1.62 -9.34
CA ASP A 47 -12.70 -2.02 -8.24
C ASP A 47 -12.41 -3.52 -8.18
N GLY A 48 -11.68 -3.93 -7.15
CA GLY A 48 -11.62 -5.33 -6.72
C GLY A 48 -10.72 -6.26 -7.55
N GLY A 49 -9.88 -5.73 -8.44
CA GLY A 49 -9.01 -6.54 -9.30
C GLY A 49 -7.91 -5.74 -9.99
N VAL A 50 -7.20 -6.40 -10.90
CA VAL A 50 -6.12 -5.82 -11.71
C VAL A 50 -6.66 -4.72 -12.64
N GLY A 51 -5.91 -3.65 -12.84
CA GLY A 51 -6.32 -2.50 -13.65
C GLY A 51 -7.31 -1.55 -12.96
N THR A 52 -7.47 -1.60 -11.63
CA THR A 52 -8.22 -0.57 -10.90
C THR A 52 -7.30 0.62 -10.63
N ILE A 53 -7.61 1.85 -11.11
CA ILE A 53 -6.78 3.01 -10.75
C ILE A 53 -7.20 3.51 -9.36
N LYS A 54 -6.26 4.13 -8.63
CA LYS A 54 -6.39 4.66 -7.28
C LYS A 54 -5.72 6.03 -7.21
N LEU A 55 -6.49 7.04 -6.82
CA LEU A 55 -6.02 8.40 -6.57
C LEU A 55 -5.54 8.54 -5.12
N THR A 56 -4.56 9.40 -4.87
CA THR A 56 -4.07 9.74 -3.52
C THR A 56 -3.59 11.19 -3.49
N THR A 57 -3.83 11.90 -2.39
CA THR A 57 -3.51 13.33 -2.24
C THR A 57 -3.07 13.68 -0.82
N PHE A 58 -2.25 14.73 -0.70
CA PHE A 58 -1.43 15.06 0.45
C PHE A 58 -1.46 16.56 0.80
N GLY A 59 -1.21 16.87 2.08
CA GLY A 59 -1.05 18.20 2.64
C GLY A 59 0.42 18.50 2.95
N GLU A 60 0.83 18.33 4.20
CA GLU A 60 2.17 18.67 4.71
C GLU A 60 3.26 17.61 4.42
N GLY A 61 4.52 18.03 4.42
CA GLY A 61 5.74 17.20 4.36
C GLY A 61 5.95 16.34 3.11
N SER A 62 5.10 16.49 2.08
CA SER A 62 4.87 15.48 1.04
C SER A 62 5.56 15.76 -0.28
N VAL A 63 5.87 14.70 -1.03
CA VAL A 63 6.63 14.77 -2.31
C VAL A 63 5.88 15.57 -3.37
N HIS A 64 4.56 15.42 -3.39
CA HIS A 64 3.62 15.98 -4.35
C HIS A 64 2.26 16.15 -3.68
N LYS A 65 1.40 17.05 -4.18
CA LYS A 65 0.03 17.21 -3.70
C LYS A 65 -0.86 16.05 -4.11
N SER A 66 -0.64 15.43 -5.27
CA SER A 66 -1.40 14.26 -5.74
C SER A 66 -0.53 13.23 -6.47
N VAL A 67 -1.03 12.01 -6.56
CA VAL A 67 -0.41 10.87 -7.25
C VAL A 67 -1.49 9.87 -7.68
N LYS A 68 -1.30 9.22 -8.83
CA LYS A 68 -2.10 8.02 -9.21
C LYS A 68 -1.26 6.76 -9.16
N HIS A 69 -1.87 5.70 -8.64
CA HIS A 69 -1.39 4.33 -8.66
C HIS A 69 -2.49 3.39 -9.13
N ARG A 70 -2.17 2.12 -9.40
CA ARG A 70 -3.16 1.12 -9.80
C ARG A 70 -2.94 -0.22 -9.14
N ILE A 71 -4.03 -0.94 -8.83
CA ILE A 71 -4.00 -2.34 -8.44
C ILE A 71 -3.60 -3.16 -9.66
N ASP A 72 -2.54 -3.97 -9.56
CA ASP A 72 -1.76 -4.47 -10.70
C ASP A 72 -1.46 -5.97 -10.67
N GLY A 73 -1.89 -6.72 -9.64
CA GLY A 73 -1.77 -8.18 -9.55
C GLY A 73 -2.39 -8.73 -8.26
N LEU A 74 -2.93 -9.96 -8.30
CA LEU A 74 -3.39 -10.70 -7.11
C LEU A 74 -3.34 -12.22 -7.33
N ASP A 75 -2.77 -12.96 -6.39
CA ASP A 75 -2.62 -14.42 -6.42
C ASP A 75 -2.79 -15.05 -5.05
N LYS A 76 -4.05 -15.40 -4.77
CA LYS A 76 -4.56 -15.95 -3.50
C LYS A 76 -3.95 -17.29 -3.06
N GLU A 77 -3.11 -17.93 -3.88
CA GLU A 77 -2.30 -19.09 -3.49
C GLU A 77 -1.36 -18.77 -2.31
N ASN A 78 -0.78 -17.57 -2.29
CA ASN A 78 0.03 -17.04 -1.18
C ASN A 78 -0.30 -15.56 -0.96
N PHE A 79 -1.58 -15.20 -1.18
CA PHE A 79 -2.14 -13.87 -1.42
C PHE A 79 -1.06 -12.82 -1.72
N THR A 80 -0.33 -13.04 -2.80
CA THR A 80 0.61 -12.04 -3.30
C THR A 80 -0.17 -10.99 -4.06
N TYR A 81 0.21 -9.73 -3.91
CA TYR A 81 -0.42 -8.61 -4.61
C TYR A 81 0.62 -7.64 -5.15
N SER A 82 0.25 -6.88 -6.17
CA SER A 82 1.04 -5.79 -6.73
C SER A 82 0.17 -4.55 -6.91
N TYR A 83 0.72 -3.37 -6.62
CA TYR A 83 0.14 -2.08 -7.00
C TYR A 83 1.25 -1.05 -7.25
N SER A 84 1.06 -0.14 -8.21
CA SER A 84 2.17 0.70 -8.72
C SER A 84 1.74 2.12 -9.03
N ILE A 85 2.56 3.10 -8.63
CA ILE A 85 2.45 4.52 -8.99
C ILE A 85 2.84 4.70 -10.46
N ILE A 86 1.93 5.35 -11.19
CA ILE A 86 2.00 5.58 -12.64
C ILE A 86 2.28 7.05 -12.98
N GLU A 87 1.78 7.99 -12.17
CA GLU A 87 2.00 9.43 -12.40
C GLU A 87 2.00 10.26 -11.09
N GLY A 88 2.94 11.20 -10.98
CA GLY A 88 3.09 12.17 -9.88
C GLY A 88 4.48 12.80 -9.84
N GLY A 89 4.69 13.84 -9.03
CA GLY A 89 6.00 14.53 -8.90
C GLY A 89 7.14 13.64 -8.40
N ALA A 90 6.86 12.57 -7.66
CA ALA A 90 7.87 11.57 -7.32
C ALA A 90 8.50 10.92 -8.58
N LEU A 91 7.69 10.72 -9.63
CA LEU A 91 8.15 10.20 -10.93
C LEU A 91 8.85 11.26 -11.80
N ASP A 92 9.20 12.43 -11.24
CA ASP A 92 10.30 13.24 -11.78
C ASP A 92 11.67 12.68 -11.40
N VAL A 93 11.82 12.22 -10.16
CA VAL A 93 13.08 11.63 -9.64
C VAL A 93 13.23 10.15 -10.05
N PHE A 94 12.11 9.42 -10.08
CA PHE A 94 12.04 7.98 -10.35
C PHE A 94 11.35 7.68 -11.69
N GLU A 95 11.70 6.57 -12.34
CA GLU A 95 10.99 6.11 -13.55
C GLU A 95 9.67 5.40 -13.19
N SER A 96 9.64 4.72 -12.05
CA SER A 96 8.47 4.00 -11.53
C SER A 96 8.58 3.86 -10.02
N ILE A 97 7.45 3.83 -9.31
CA ILE A 97 7.44 3.41 -7.90
C ILE A 97 6.37 2.33 -7.74
N SER A 98 6.72 1.19 -7.18
CA SER A 98 5.83 0.04 -7.06
C SER A 98 5.80 -0.51 -5.64
N TYR A 99 4.79 -1.34 -5.35
CA TYR A 99 4.54 -1.95 -4.06
C TYR A 99 4.03 -3.37 -4.24
N HIS A 100 4.35 -4.22 -3.27
CA HIS A 100 4.05 -5.66 -3.28
C HIS A 100 3.68 -6.14 -1.89
N ILE A 101 2.85 -7.18 -1.80
CA ILE A 101 2.40 -7.82 -0.57
C ILE A 101 2.44 -9.34 -0.77
N LYS A 102 2.58 -10.12 0.31
CA LYS A 102 2.44 -11.59 0.34
C LYS A 102 1.76 -12.04 1.63
N ILE A 103 0.70 -12.86 1.55
CA ILE A 103 -0.06 -13.31 2.72
C ILE A 103 -0.47 -14.80 2.62
N VAL A 104 -0.10 -15.57 3.65
CA VAL A 104 -0.52 -16.96 3.87
C VAL A 104 -1.18 -17.06 5.23
N ALA A 105 -2.31 -17.74 5.31
CA ALA A 105 -3.02 -17.99 6.56
C ALA A 105 -2.26 -18.94 7.49
N THR A 106 -2.25 -18.64 8.79
CA THR A 106 -1.57 -19.47 9.80
C THR A 106 -2.38 -20.71 10.17
N PRO A 107 -1.76 -21.78 10.70
CA PRO A 107 -2.49 -22.92 11.29
C PRO A 107 -3.41 -22.50 12.45
N ASP A 108 -3.13 -21.36 13.08
CA ASP A 108 -3.93 -20.75 14.14
C ASP A 108 -5.17 -20.00 13.64
N GLY A 109 -5.35 -19.86 12.31
CA GLY A 109 -6.49 -19.20 11.68
C GLY A 109 -6.34 -17.69 11.44
N GLY A 110 -5.15 -17.14 11.68
CA GLY A 110 -4.77 -15.76 11.33
C GLY A 110 -4.07 -15.68 9.97
N CYS A 111 -3.20 -14.68 9.81
CA CYS A 111 -2.33 -14.47 8.64
C CYS A 111 -0.95 -13.94 9.04
N ILE A 112 0.06 -14.13 8.18
CA ILE A 112 1.32 -13.37 8.21
C ILE A 112 1.46 -12.61 6.89
N CYS A 113 1.62 -11.29 6.94
CA CYS A 113 1.54 -10.38 5.80
C CYS A 113 2.89 -9.65 5.55
N LYS A 114 3.67 -10.09 4.57
CA LYS A 114 4.85 -9.36 4.08
C LYS A 114 4.41 -8.19 3.20
N ASN A 115 5.15 -7.10 3.23
CA ASN A 115 4.98 -5.94 2.35
C ASN A 115 6.32 -5.36 1.92
N ARG A 116 6.37 -4.84 0.70
CA ARG A 116 7.57 -4.37 0.00
C ARG A 116 7.25 -3.14 -0.85
N SER A 117 8.22 -2.27 -1.05
CA SER A 117 8.22 -1.25 -2.10
C SER A 117 9.43 -1.40 -3.02
N ILE A 118 9.28 -1.02 -4.29
CA ILE A 118 10.26 -1.17 -5.37
C ILE A 118 10.34 0.16 -6.14
N TYR A 119 11.35 0.96 -5.84
CA TYR A 119 11.64 2.23 -6.53
C TYR A 119 12.58 1.97 -7.72
N THR A 120 12.16 2.36 -8.92
CA THR A 120 12.98 2.29 -10.13
C THR A 120 13.54 3.69 -10.44
N PRO A 121 14.87 3.87 -10.49
CA PRO A 121 15.47 5.18 -10.76
C PRO A 121 15.27 5.59 -12.22
N LYS A 122 15.44 6.88 -12.55
CA LYS A 122 15.78 7.33 -13.91
C LYS A 122 17.29 7.13 -14.16
N CYS A 123 17.78 5.93 -13.88
CA CYS A 123 19.20 5.55 -13.89
C CYS A 123 20.12 6.47 -13.07
N ASP A 124 19.67 6.96 -11.89
CA ASP A 124 20.54 7.61 -10.89
C ASP A 124 20.06 7.46 -9.43
N ALA A 125 18.78 7.72 -9.14
CA ALA A 125 18.28 7.93 -7.77
C ALA A 125 18.46 6.71 -6.83
N GLN A 126 19.19 6.91 -5.73
CA GLN A 126 19.57 5.86 -4.77
C GLN A 126 18.45 5.46 -3.79
N VAL A 127 17.33 6.17 -3.76
CA VAL A 127 16.27 6.11 -2.72
C VAL A 127 16.78 6.71 -1.40
N SER A 128 16.25 7.88 -1.04
CA SER A 128 16.55 8.55 0.22
C SER A 128 15.93 7.80 1.40
N GLU A 129 16.68 7.63 2.48
CA GLU A 129 16.27 6.85 3.65
C GLU A 129 15.07 7.48 4.37
N GLU A 130 14.91 8.80 4.24
CA GLU A 130 13.80 9.57 4.78
C GLU A 130 12.43 9.03 4.32
N GLU A 131 12.29 8.72 3.02
CA GLU A 131 11.08 8.12 2.48
C GLU A 131 11.00 6.59 2.66
N ILE A 132 12.12 5.92 2.98
CA ILE A 132 12.11 4.52 3.43
C ILE A 132 11.50 4.44 4.83
N LYS A 133 12.00 5.24 5.79
CA LYS A 133 11.47 5.30 7.16
C LYS A 133 10.05 5.85 7.21
N ALA A 134 9.73 6.87 6.41
CA ALA A 134 8.35 7.33 6.26
C ALA A 134 7.46 6.21 5.67
N GLY A 135 7.92 5.53 4.63
CA GLY A 135 7.18 4.45 3.96
C GLY A 135 6.92 3.23 4.85
N LYS A 136 7.91 2.81 5.64
CA LYS A 136 7.80 1.76 6.66
C LYS A 136 6.75 2.13 7.72
N GLU A 137 6.85 3.33 8.30
CA GLU A 137 5.92 3.85 9.31
C GLU A 137 4.48 3.96 8.75
N ARG A 138 4.35 4.46 7.52
CA ARG A 138 3.10 4.67 6.79
C ARG A 138 2.41 3.35 6.46
N ALA A 139 3.14 2.37 5.93
CA ALA A 139 2.62 1.02 5.67
C ALA A 139 2.21 0.30 6.96
N SER A 140 3.05 0.32 8.00
CA SER A 140 2.71 -0.19 9.34
C SER A 140 1.44 0.46 9.89
N GLY A 141 1.29 1.78 9.72
CA GLY A 141 0.06 2.51 10.06
C GLY A 141 -1.16 1.95 9.35
N ILE A 142 -1.09 1.74 8.04
CA ILE A 142 -2.22 1.18 7.28
C ILE A 142 -2.53 -0.24 7.78
N PHE A 143 -1.54 -1.14 7.92
CA PHE A 143 -1.73 -2.50 8.47
C PHE A 143 -2.29 -2.56 9.91
N LYS A 144 -2.35 -1.43 10.61
CA LYS A 144 -2.87 -1.31 11.98
C LYS A 144 -4.22 -0.64 12.02
N LYS A 145 -4.44 0.43 11.24
CA LYS A 145 -5.77 1.01 11.03
C LYS A 145 -6.72 0.02 10.34
N VAL A 146 -6.23 -0.86 9.46
CA VAL A 146 -7.04 -1.97 8.91
C VAL A 146 -7.41 -3.00 9.98
N GLU A 147 -6.46 -3.49 10.77
CA GLU A 147 -6.78 -4.47 11.82
C GLU A 147 -7.62 -3.87 12.96
N ALA A 148 -7.46 -2.58 13.29
CA ALA A 148 -8.29 -1.84 14.24
C ALA A 148 -9.71 -1.58 13.71
N TYR A 149 -9.87 -1.28 12.42
CA TYR A 149 -11.17 -1.12 11.76
C TYR A 149 -11.94 -2.44 11.75
N LEU A 150 -11.34 -3.53 11.27
CA LEU A 150 -12.00 -4.84 11.24
C LEU A 150 -12.08 -5.52 12.62
N LEU A 151 -11.30 -5.07 13.62
CA LEU A 151 -11.55 -5.38 15.03
C LEU A 151 -12.87 -4.74 15.51
N ALA A 152 -13.08 -3.45 15.22
CA ALA A 152 -14.27 -2.73 15.65
C ALA A 152 -15.53 -3.11 14.86
N ASN A 153 -15.39 -3.40 13.57
CA ASN A 153 -16.48 -3.42 12.58
C ASN A 153 -16.19 -4.42 11.44
N PRO A 154 -16.08 -5.74 11.74
CA PRO A 154 -15.85 -6.77 10.72
C PRO A 154 -17.04 -6.95 9.77
N ASP A 155 -18.25 -6.57 10.19
CA ASP A 155 -19.46 -6.50 9.37
C ASP A 155 -19.44 -5.34 8.35
N CYS A 156 -18.49 -4.40 8.49
CA CYS A 156 -18.27 -3.22 7.65
C CYS A 156 -19.54 -2.37 7.43
N GLY A 1 20.27 0.25 -10.90
CA GLY A 1 19.27 -0.74 -11.34
C GLY A 1 17.92 -0.32 -10.81
N ALA A 2 17.50 -0.95 -9.71
CA ALA A 2 16.34 -0.58 -8.90
C ALA A 2 16.57 -1.04 -7.45
N ILE A 3 15.93 -0.41 -6.47
CA ILE A 3 16.14 -0.69 -5.03
C ILE A 3 14.84 -0.89 -4.25
N THR A 4 14.91 -1.62 -3.13
CA THR A 4 13.74 -2.23 -2.47
C THR A 4 13.86 -2.33 -0.95
N TYR A 5 12.74 -2.52 -0.26
CA TYR A 5 12.66 -2.88 1.17
C TYR A 5 11.41 -3.72 1.48
N ASP A 6 11.44 -4.56 2.52
CA ASP A 6 10.29 -5.39 2.96
C ASP A 6 10.11 -5.48 4.48
N MET A 7 8.96 -5.99 4.92
CA MET A 7 8.49 -6.02 6.33
C MET A 7 7.44 -7.11 6.56
N GLU A 8 7.58 -7.92 7.61
CA GLU A 8 6.58 -8.92 8.03
C GLU A 8 5.56 -8.33 9.02
N ILE A 9 4.29 -8.67 8.85
CA ILE A 9 3.15 -8.17 9.62
C ILE A 9 2.17 -9.34 9.91
N PRO A 10 2.20 -9.94 11.11
CA PRO A 10 1.16 -10.88 11.57
C PRO A 10 -0.19 -10.17 11.73
N SER A 11 -1.31 -10.86 11.51
CA SER A 11 -2.68 -10.36 11.77
C SER A 11 -3.68 -11.52 11.88
N SER A 12 -4.64 -11.42 12.80
CA SER A 12 -5.66 -12.45 13.06
C SER A 12 -6.88 -12.30 12.13
N ILE A 13 -6.63 -12.02 10.84
CA ILE A 13 -7.63 -11.70 9.80
C ILE A 13 -7.34 -12.55 8.55
N SER A 14 -8.38 -12.93 7.81
CA SER A 14 -8.29 -13.71 6.56
C SER A 14 -7.59 -12.94 5.43
N ALA A 15 -6.78 -13.60 4.63
CA ALA A 15 -5.84 -12.96 3.68
C ALA A 15 -6.51 -12.11 2.58
N GLU A 16 -7.70 -12.47 2.10
CA GLU A 16 -8.49 -11.64 1.19
C GLU A 16 -9.05 -10.41 1.91
N LYS A 17 -9.61 -10.59 3.11
CA LYS A 17 -10.12 -9.49 3.95
C LYS A 17 -9.01 -8.50 4.34
N MET A 18 -7.77 -8.97 4.56
CA MET A 18 -6.61 -8.11 4.79
C MET A 18 -6.37 -7.15 3.63
N PHE A 19 -6.17 -7.63 2.39
CA PHE A 19 -5.87 -6.74 1.26
C PHE A 19 -7.08 -5.90 0.84
N LYS A 20 -8.29 -6.45 0.93
CA LYS A 20 -9.53 -5.69 0.74
C LYS A 20 -9.59 -4.49 1.67
N ALA A 21 -9.41 -4.69 2.97
CA ALA A 21 -9.34 -3.60 3.94
C ALA A 21 -8.15 -2.65 3.70
N PHE A 22 -6.99 -3.18 3.26
CA PHE A 22 -5.74 -2.41 3.11
C PHE A 22 -5.82 -1.34 2.00
N VAL A 23 -6.41 -1.64 0.83
CA VAL A 23 -6.49 -0.68 -0.31
C VAL A 23 -7.83 -0.62 -1.03
N LEU A 24 -8.61 -1.70 -1.10
CA LEU A 24 -9.90 -1.67 -1.83
C LEU A 24 -10.96 -0.88 -1.03
N ASP A 25 -11.06 -1.17 0.26
CA ASP A 25 -11.73 -0.36 1.29
C ASP A 25 -10.78 0.68 1.93
N GLY A 26 -9.62 0.93 1.31
CA GLY A 26 -8.62 1.90 1.77
C GLY A 26 -9.11 3.36 1.81
N ASP A 27 -10.30 3.64 1.26
CA ASP A 27 -10.89 4.95 1.00
C ASP A 27 -10.84 5.92 2.19
N THR A 28 -11.27 5.47 3.37
CA THR A 28 -11.14 6.18 4.64
C THR A 28 -10.04 5.57 5.52
N ILE A 29 -9.78 4.27 5.41
CA ILE A 29 -8.81 3.54 6.23
C ILE A 29 -7.39 4.10 6.06
N ILE A 30 -6.97 4.43 4.83
CA ILE A 30 -5.63 5.00 4.57
C ILE A 30 -5.53 6.44 5.12
N PRO A 31 -6.49 7.36 4.88
CA PRO A 31 -6.58 8.63 5.61
C PRO A 31 -6.60 8.49 7.14
N LYS A 32 -7.24 7.46 7.70
CA LYS A 32 -7.27 7.18 9.16
C LYS A 32 -5.99 6.57 9.69
N ALA A 33 -5.20 5.91 8.85
CA ALA A 33 -3.92 5.28 9.16
C ALA A 33 -2.74 6.27 9.19
N LEU A 34 -2.77 7.33 8.39
CA LEU A 34 -1.77 8.40 8.41
C LEU A 34 -2.45 9.79 8.36
N PRO A 35 -3.31 10.11 9.35
CA PRO A 35 -4.13 11.33 9.34
C PRO A 35 -3.32 12.62 9.40
N HIS A 36 -2.05 12.55 9.83
CA HIS A 36 -1.13 13.68 9.78
C HIS A 36 -0.84 14.20 8.37
N ALA A 37 -0.95 13.35 7.33
CA ALA A 37 -0.51 13.66 5.97
C ALA A 37 -1.48 13.28 4.85
N ILE A 38 -2.31 12.24 5.01
CA ILE A 38 -3.21 11.75 3.95
C ILE A 38 -4.64 12.26 4.21
N THR A 39 -5.27 12.87 3.21
CA THR A 39 -6.61 13.48 3.33
C THR A 39 -7.68 12.78 2.50
N GLY A 40 -7.33 12.05 1.44
CA GLY A 40 -8.32 11.36 0.61
C GLY A 40 -7.78 10.34 -0.37
N VAL A 41 -8.71 9.56 -0.93
CA VAL A 41 -8.51 8.40 -1.81
C VAL A 41 -9.75 8.22 -2.70
N GLN A 42 -9.62 7.87 -3.98
CA GLN A 42 -10.78 7.61 -4.86
C GLN A 42 -10.48 6.62 -5.99
N THR A 43 -11.32 5.60 -6.19
CA THR A 43 -11.23 4.62 -7.26
C THR A 43 -11.59 5.23 -8.62
N LEU A 44 -10.86 4.83 -9.68
CA LEU A 44 -10.84 5.44 -11.00
C LEU A 44 -10.73 4.34 -12.08
N GLU A 45 -11.69 3.41 -12.11
CA GLU A 45 -11.80 2.27 -13.05
C GLU A 45 -12.98 1.37 -12.67
N GLY A 46 -13.20 0.29 -13.43
CA GLY A 46 -13.79 -0.93 -12.88
C GLY A 46 -13.02 -1.41 -11.65
N ASP A 47 -13.68 -1.55 -10.51
CA ASP A 47 -13.07 -1.59 -9.20
C ASP A 47 -12.69 -3.00 -8.74
N GLY A 48 -11.87 -3.07 -7.70
CA GLY A 48 -11.66 -4.31 -6.94
C GLY A 48 -10.81 -5.40 -7.60
N GLY A 49 -10.07 -5.11 -8.68
CA GLY A 49 -9.34 -6.12 -9.47
C GLY A 49 -8.15 -5.58 -10.27
N VAL A 50 -7.60 -6.41 -11.16
CA VAL A 50 -6.41 -6.05 -11.96
C VAL A 50 -6.67 -4.85 -12.88
N GLY A 51 -5.76 -3.88 -12.84
CA GLY A 51 -5.82 -2.65 -13.62
C GLY A 51 -6.73 -1.57 -13.04
N THR A 52 -7.30 -1.75 -11.84
CA THR A 52 -8.13 -0.70 -11.20
C THR A 52 -7.25 0.51 -10.85
N ILE A 53 -7.45 1.68 -11.46
CA ILE A 53 -6.66 2.88 -11.07
C ILE A 53 -7.29 3.48 -9.81
N LYS A 54 -6.50 4.14 -8.96
CA LYS A 54 -6.93 4.73 -7.69
C LYS A 54 -6.10 5.97 -7.35
N LEU A 55 -6.78 7.11 -7.18
CA LEU A 55 -6.23 8.38 -6.72
C LEU A 55 -5.98 8.34 -5.20
N THR A 56 -5.01 9.12 -4.72
CA THR A 56 -4.74 9.38 -3.29
C THR A 56 -4.16 10.79 -3.15
N THR A 57 -4.51 11.51 -2.08
CA THR A 57 -4.19 12.94 -1.91
C THR A 57 -3.80 13.32 -0.48
N PHE A 58 -3.00 14.37 -0.36
CA PHE A 58 -2.14 14.69 0.78
C PHE A 58 -2.21 16.15 1.22
N GLY A 59 -1.77 16.40 2.45
CA GLY A 59 -1.40 17.71 2.99
C GLY A 59 0.10 17.78 3.32
N GLU A 60 0.41 17.75 4.62
CA GLU A 60 1.72 18.04 5.22
C GLU A 60 2.83 17.02 4.88
N GLY A 61 4.08 17.49 4.86
CA GLY A 61 5.29 16.67 4.70
C GLY A 61 5.35 15.83 3.42
N SER A 62 4.74 16.30 2.33
CA SER A 62 4.44 15.52 1.12
C SER A 62 4.86 16.28 -0.14
N VAL A 63 5.73 15.69 -0.98
CA VAL A 63 6.33 16.36 -2.15
C VAL A 63 5.29 16.69 -3.23
N HIS A 64 4.22 15.90 -3.30
CA HIS A 64 3.05 16.13 -4.15
C HIS A 64 1.77 16.31 -3.33
N LYS A 65 0.78 17.01 -3.89
CA LYS A 65 -0.59 17.07 -3.38
C LYS A 65 -1.36 15.78 -3.67
N SER A 66 -1.09 15.09 -4.78
CA SER A 66 -1.79 13.86 -5.17
C SER A 66 -0.91 12.86 -5.93
N VAL A 67 -1.35 11.60 -5.98
CA VAL A 67 -0.71 10.49 -6.68
C VAL A 67 -1.78 9.52 -7.19
N LYS A 68 -1.61 8.93 -8.38
CA LYS A 68 -2.41 7.80 -8.86
C LYS A 68 -1.60 6.52 -8.83
N HIS A 69 -2.17 5.49 -8.22
CA HIS A 69 -1.68 4.12 -8.26
C HIS A 69 -2.71 3.19 -8.89
N ARG A 70 -2.39 1.91 -9.06
CA ARG A 70 -3.34 0.90 -9.53
C ARG A 70 -3.20 -0.40 -8.74
N ILE A 71 -4.31 -1.11 -8.57
CA ILE A 71 -4.31 -2.53 -8.23
C ILE A 71 -3.83 -3.29 -9.47
N ASP A 72 -2.70 -3.97 -9.38
CA ASP A 72 -1.89 -4.34 -10.54
C ASP A 72 -1.84 -5.86 -10.84
N GLY A 73 -2.12 -6.70 -9.84
CA GLY A 73 -2.04 -8.16 -9.91
C GLY A 73 -2.33 -8.79 -8.55
N LEU A 74 -2.76 -10.05 -8.51
CA LEU A 74 -3.03 -10.79 -7.28
C LEU A 74 -3.08 -12.31 -7.51
N ASP A 75 -2.56 -13.06 -6.55
CA ASP A 75 -2.43 -14.52 -6.56
C ASP A 75 -2.73 -15.12 -5.19
N LYS A 76 -4.03 -15.40 -4.98
CA LYS A 76 -4.63 -15.94 -3.74
C LYS A 76 -4.01 -17.28 -3.31
N GLU A 77 -3.40 -18.01 -4.23
CA GLU A 77 -2.63 -19.24 -3.94
C GLU A 77 -1.50 -19.01 -2.92
N ASN A 78 -0.92 -17.81 -2.86
CA ASN A 78 0.08 -17.39 -1.87
C ASN A 78 -0.21 -15.96 -1.36
N PHE A 79 -1.51 -15.61 -1.32
CA PHE A 79 -2.15 -14.31 -1.45
C PHE A 79 -1.16 -13.16 -1.68
N THR A 80 -0.48 -13.18 -2.83
CA THR A 80 0.30 -12.04 -3.26
C THR A 80 -0.59 -10.99 -3.90
N TYR A 81 -0.20 -9.72 -3.80
CA TYR A 81 -0.90 -8.59 -4.42
C TYR A 81 0.11 -7.53 -4.85
N SER A 82 0.09 -7.15 -6.14
CA SER A 82 0.85 -6.03 -6.68
C SER A 82 0.01 -4.75 -6.69
N TYR A 83 0.60 -3.62 -6.31
CA TYR A 83 -0.04 -2.31 -6.40
C TYR A 83 1.00 -1.22 -6.72
N SER A 84 0.81 -0.49 -7.82
CA SER A 84 1.88 0.30 -8.49
C SER A 84 1.52 1.77 -8.64
N ILE A 85 2.42 2.70 -8.30
CA ILE A 85 2.28 4.13 -8.58
C ILE A 85 2.55 4.38 -10.07
N ILE A 86 1.56 4.98 -10.74
CA ILE A 86 1.51 5.21 -12.19
C ILE A 86 1.81 6.67 -12.54
N GLU A 87 1.34 7.63 -11.75
CA GLU A 87 1.67 9.05 -11.95
C GLU A 87 1.56 9.88 -10.65
N GLY A 88 2.27 11.01 -10.61
CA GLY A 88 2.35 11.94 -9.48
C GLY A 88 3.75 12.57 -9.38
N GLY A 89 3.94 13.60 -8.55
CA GLY A 89 5.23 14.30 -8.40
C GLY A 89 6.40 13.40 -8.00
N ALA A 90 6.16 12.29 -7.30
CA ALA A 90 7.18 11.25 -7.05
C ALA A 90 7.85 10.77 -8.36
N LEU A 91 7.07 10.62 -9.44
CA LEU A 91 7.56 10.21 -10.76
C LEU A 91 8.20 11.36 -11.57
N ASP A 92 8.40 12.54 -10.96
CA ASP A 92 9.41 13.48 -11.44
C ASP A 92 10.82 12.95 -11.14
N VAL A 93 11.00 12.32 -9.98
CA VAL A 93 12.30 11.77 -9.50
C VAL A 93 12.49 10.30 -9.91
N PHE A 94 11.44 9.48 -9.87
CA PHE A 94 11.47 8.05 -10.22
C PHE A 94 10.88 7.79 -11.62
N GLU A 95 11.31 6.73 -12.31
CA GLU A 95 10.69 6.28 -13.57
C GLU A 95 9.41 5.46 -13.31
N SER A 96 9.36 4.76 -12.17
CA SER A 96 8.22 4.00 -11.67
C SER A 96 8.40 3.72 -10.17
N ILE A 97 7.31 3.55 -9.41
CA ILE A 97 7.37 3.03 -8.04
C ILE A 97 6.30 1.96 -7.88
N SER A 98 6.60 0.85 -7.21
CA SER A 98 5.64 -0.23 -7.01
C SER A 98 5.75 -0.86 -5.63
N TYR A 99 4.64 -1.42 -5.15
CA TYR A 99 4.53 -2.08 -3.86
C TYR A 99 3.93 -3.47 -4.06
N HIS A 100 4.27 -4.39 -3.14
CA HIS A 100 3.95 -5.80 -3.29
C HIS A 100 3.71 -6.46 -1.94
N ILE A 101 2.64 -7.22 -1.82
CA ILE A 101 2.27 -7.97 -0.62
C ILE A 101 2.31 -9.47 -0.94
N LYS A 102 2.57 -10.29 0.08
CA LYS A 102 2.40 -11.75 0.14
C LYS A 102 1.65 -12.09 1.43
N ILE A 103 0.66 -13.00 1.40
CA ILE A 103 -0.09 -13.42 2.59
C ILE A 103 -0.40 -14.93 2.54
N VAL A 104 -0.19 -15.57 3.69
CA VAL A 104 -0.45 -16.99 3.93
C VAL A 104 -1.25 -17.16 5.22
N ALA A 105 -2.33 -17.94 5.15
CA ALA A 105 -3.17 -18.27 6.29
C ALA A 105 -2.47 -19.26 7.24
N THR A 106 -2.49 -18.98 8.55
CA THR A 106 -1.94 -19.86 9.60
C THR A 106 -2.94 -20.95 9.99
N PRO A 107 -2.51 -22.05 10.62
CA PRO A 107 -3.41 -23.05 11.19
C PRO A 107 -4.36 -22.48 12.26
N ASP A 108 -3.94 -21.39 12.91
CA ASP A 108 -4.60 -20.75 14.05
C ASP A 108 -5.75 -19.79 13.67
N GLY A 109 -6.14 -19.76 12.40
CA GLY A 109 -7.23 -18.92 11.88
C GLY A 109 -6.81 -17.50 11.46
N GLY A 110 -5.61 -17.03 11.83
CA GLY A 110 -5.05 -15.78 11.34
C GLY A 110 -4.24 -15.93 10.04
N CYS A 111 -3.43 -14.93 9.73
CA CYS A 111 -2.50 -14.91 8.60
C CYS A 111 -1.16 -14.26 9.00
N ILE A 112 -0.12 -14.53 8.21
CA ILE A 112 1.12 -13.74 8.22
C ILE A 112 1.22 -13.02 6.88
N CYS A 113 1.31 -11.69 6.90
CA CYS A 113 1.56 -10.85 5.72
C CYS A 113 3.05 -10.47 5.63
N LYS A 114 3.56 -10.27 4.42
CA LYS A 114 4.83 -9.59 4.14
C LYS A 114 4.62 -8.52 3.08
N ASN A 115 4.80 -7.25 3.44
CA ASN A 115 4.71 -6.09 2.53
C ASN A 115 6.11 -5.69 2.05
N ARG A 116 6.20 -5.09 0.85
CA ARG A 116 7.43 -4.80 0.12
C ARG A 116 7.24 -3.60 -0.80
N SER A 117 8.31 -2.88 -1.09
CA SER A 117 8.32 -1.74 -2.03
C SER A 117 9.55 -1.75 -2.91
N ILE A 118 9.42 -1.27 -4.15
CA ILE A 118 10.41 -1.36 -5.22
C ILE A 118 10.40 -0.05 -6.01
N TYR A 119 11.55 0.63 -6.09
CA TYR A 119 11.68 1.96 -6.70
C TYR A 119 12.59 1.89 -7.93
N THR A 120 12.03 2.21 -9.09
CA THR A 120 12.73 2.27 -10.38
C THR A 120 13.19 3.71 -10.65
N PRO A 121 14.50 4.00 -10.66
CA PRO A 121 15.00 5.36 -10.86
C PRO A 121 14.96 5.76 -12.34
N LYS A 122 15.05 7.06 -12.62
CA LYS A 122 15.45 7.59 -13.94
C LYS A 122 16.97 7.47 -14.14
N CYS A 123 17.57 6.36 -13.69
CA CYS A 123 19.02 6.17 -13.51
C CYS A 123 19.71 7.28 -12.67
N ASP A 124 19.06 7.77 -11.60
CA ASP A 124 19.69 8.70 -10.64
C ASP A 124 19.27 8.44 -9.17
N ALA A 125 17.98 8.32 -8.89
CA ALA A 125 17.42 8.26 -7.52
C ALA A 125 17.84 7.03 -6.69
N GLN A 126 17.99 7.26 -5.37
CA GLN A 126 18.54 6.29 -4.40
C GLN A 126 17.54 5.80 -3.34
N VAL A 127 16.37 6.46 -3.19
CA VAL A 127 15.41 6.31 -2.08
C VAL A 127 15.95 6.80 -0.74
N SER A 128 15.21 7.69 -0.07
CA SER A 128 15.53 8.20 1.26
C SER A 128 15.18 7.18 2.35
N GLU A 129 15.99 7.12 3.41
CA GLU A 129 15.70 6.30 4.59
C GLU A 129 14.39 6.73 5.25
N GLU A 130 14.10 8.03 5.24
CA GLU A 130 12.84 8.60 5.69
C GLU A 130 11.63 8.14 4.84
N GLU A 131 11.81 7.72 3.58
CA GLU A 131 10.77 7.09 2.76
C GLU A 131 10.66 5.58 3.00
N ILE A 132 11.75 4.90 3.39
CA ILE A 132 11.69 3.53 3.94
C ILE A 132 10.85 3.54 5.23
N LYS A 133 11.14 4.48 6.14
CA LYS A 133 10.39 4.69 7.38
C LYS A 133 8.94 5.09 7.14
N ALA A 134 8.66 6.01 6.20
CA ALA A 134 7.28 6.33 5.82
C ALA A 134 6.56 5.09 5.25
N GLY A 135 7.24 4.30 4.43
CA GLY A 135 6.71 3.07 3.85
C GLY A 135 6.38 2.00 4.89
N LYS A 136 7.22 1.84 5.91
CA LYS A 136 6.98 0.96 7.07
C LYS A 136 5.84 1.49 7.96
N GLU A 137 5.87 2.76 8.33
CA GLU A 137 4.90 3.35 9.25
C GLU A 137 3.50 3.46 8.63
N ARG A 138 3.39 3.86 7.35
CA ARG A 138 2.12 3.86 6.61
C ARG A 138 1.56 2.44 6.50
N ALA A 139 2.37 1.46 6.10
CA ALA A 139 1.92 0.07 6.01
C ALA A 139 1.46 -0.46 7.36
N SER A 140 2.26 -0.24 8.43
CA SER A 140 1.89 -0.60 9.81
C SER A 140 0.56 0.04 10.21
N GLY A 141 0.42 1.37 10.06
CA GLY A 141 -0.81 2.10 10.35
C GLY A 141 -2.02 1.52 9.63
N ILE A 142 -1.91 1.23 8.33
CA ILE A 142 -3.00 0.62 7.57
C ILE A 142 -3.31 -0.78 8.12
N PHE A 143 -2.32 -1.68 8.28
CA PHE A 143 -2.53 -3.02 8.86
C PHE A 143 -3.08 -3.02 10.30
N LYS A 144 -3.15 -1.87 10.95
CA LYS A 144 -3.67 -1.68 12.32
C LYS A 144 -5.07 -1.08 12.30
N LYS A 145 -5.32 -0.07 11.46
CA LYS A 145 -6.68 0.42 11.18
C LYS A 145 -7.55 -0.64 10.52
N VAL A 146 -7.02 -1.52 9.66
CA VAL A 146 -7.77 -2.65 9.12
C VAL A 146 -8.17 -3.65 10.20
N GLU A 147 -7.25 -4.04 11.10
CA GLU A 147 -7.65 -4.88 12.24
C GLU A 147 -8.63 -4.17 13.18
N ALA A 148 -8.46 -2.87 13.44
CA ALA A 148 -9.35 -2.09 14.29
C ALA A 148 -10.78 -1.97 13.70
N TYR A 149 -10.88 -1.71 12.39
CA TYR A 149 -12.13 -1.65 11.66
C TYR A 149 -12.82 -3.01 11.60
N LEU A 150 -12.11 -4.09 11.25
CA LEU A 150 -12.68 -5.43 11.22
C LEU A 150 -13.00 -5.98 12.63
N LEU A 151 -12.38 -5.47 13.70
CA LEU A 151 -12.81 -5.72 15.09
C LEU A 151 -14.13 -5.00 15.41
N ALA A 152 -14.26 -3.73 15.03
CA ALA A 152 -15.44 -2.89 15.31
C ALA A 152 -16.65 -3.18 14.41
N ASN A 153 -16.43 -3.63 13.17
CA ASN A 153 -17.41 -3.72 12.09
C ASN A 153 -16.98 -4.81 11.05
N PRO A 154 -16.92 -6.10 11.44
CA PRO A 154 -16.43 -7.18 10.57
C PRO A 154 -17.26 -7.37 9.30
N ASP A 155 -18.57 -7.16 9.39
CA ASP A 155 -19.56 -7.25 8.31
C ASP A 155 -19.49 -6.09 7.29
N CYS A 156 -18.56 -5.14 7.47
CA CYS A 156 -18.24 -4.06 6.54
C CYS A 156 -19.45 -3.20 6.14
N GLY A 1 19.39 -1.86 -12.32
CA GLY A 1 18.16 -2.61 -12.11
C GLY A 1 17.16 -1.78 -11.33
N ALA A 2 16.92 -2.15 -10.09
CA ALA A 2 16.01 -1.51 -9.14
C ALA A 2 16.49 -1.75 -7.70
N ILE A 3 15.87 -1.10 -6.71
CA ILE A 3 16.06 -1.40 -5.28
C ILE A 3 14.73 -1.75 -4.62
N THR A 4 14.77 -2.53 -3.54
CA THR A 4 13.59 -3.06 -2.85
C THR A 4 13.77 -3.11 -1.33
N TYR A 5 12.66 -3.08 -0.61
CA TYR A 5 12.60 -3.43 0.82
C TYR A 5 11.23 -4.02 1.15
N ASP A 6 11.12 -4.72 2.28
CA ASP A 6 9.88 -5.39 2.68
C ASP A 6 9.69 -5.46 4.21
N MET A 7 8.50 -5.91 4.59
CA MET A 7 8.01 -6.13 5.95
C MET A 7 6.99 -7.27 5.95
N GLU A 8 6.78 -7.94 7.08
CA GLU A 8 5.77 -9.00 7.21
C GLU A 8 4.97 -8.90 8.51
N ILE A 9 3.66 -9.04 8.39
CA ILE A 9 2.66 -8.52 9.32
C ILE A 9 1.58 -9.60 9.57
N PRO A 10 1.64 -10.37 10.68
CA PRO A 10 0.54 -11.24 11.08
C PRO A 10 -0.70 -10.43 11.49
N SER A 11 -1.90 -10.95 11.24
CA SER A 11 -3.19 -10.35 11.66
C SER A 11 -4.31 -11.38 11.77
N SER A 12 -5.26 -11.17 12.69
CA SER A 12 -6.43 -12.06 12.90
C SER A 12 -7.56 -11.80 11.90
N ILE A 13 -7.21 -11.65 10.63
CA ILE A 13 -8.06 -11.18 9.53
C ILE A 13 -7.87 -12.07 8.29
N SER A 14 -8.94 -12.31 7.53
CA SER A 14 -8.92 -13.03 6.24
C SER A 14 -8.09 -12.27 5.19
N ALA A 15 -7.25 -12.95 4.43
CA ALA A 15 -6.26 -12.33 3.54
C ALA A 15 -6.86 -11.38 2.47
N GLU A 16 -7.98 -11.76 1.84
CA GLU A 16 -8.71 -10.92 0.90
C GLU A 16 -9.23 -9.64 1.58
N LYS A 17 -9.73 -9.77 2.81
CA LYS A 17 -10.24 -8.67 3.62
C LYS A 17 -9.12 -7.74 4.11
N MET A 18 -7.92 -8.28 4.37
CA MET A 18 -6.72 -7.47 4.66
C MET A 18 -6.42 -6.53 3.50
N PHE A 19 -6.22 -7.05 2.27
CA PHE A 19 -5.90 -6.20 1.12
C PHE A 19 -7.04 -5.26 0.73
N LYS A 20 -8.28 -5.75 0.83
CA LYS A 20 -9.49 -4.95 0.57
C LYS A 20 -9.57 -3.73 1.49
N ALA A 21 -9.40 -3.91 2.79
CA ALA A 21 -9.30 -2.80 3.74
C ALA A 21 -8.01 -1.97 3.55
N PHE A 22 -6.90 -2.58 3.11
CA PHE A 22 -5.62 -1.89 2.94
C PHE A 22 -5.65 -0.81 1.83
N VAL A 23 -6.31 -1.07 0.69
CA VAL A 23 -6.38 -0.10 -0.44
C VAL A 23 -7.74 0.01 -1.13
N LEU A 24 -8.52 -1.06 -1.29
CA LEU A 24 -9.79 -0.99 -2.03
C LEU A 24 -10.81 -0.10 -1.30
N ASP A 25 -11.00 -0.36 -0.01
CA ASP A 25 -11.69 0.48 0.98
C ASP A 25 -10.78 1.52 1.65
N GLY A 26 -9.61 1.80 1.08
CA GLY A 26 -8.58 2.68 1.65
C GLY A 26 -9.00 4.15 1.83
N ASP A 27 -10.14 4.56 1.27
CA ASP A 27 -10.65 5.93 1.14
C ASP A 27 -10.80 6.70 2.47
N THR A 28 -11.07 6.00 3.56
CA THR A 28 -10.98 6.54 4.95
C THR A 28 -9.82 5.91 5.72
N ILE A 29 -9.51 4.63 5.46
CA ILE A 29 -8.55 3.83 6.25
C ILE A 29 -7.12 4.36 6.10
N ILE A 30 -6.66 4.68 4.89
CA ILE A 30 -5.30 5.19 4.65
C ILE A 30 -5.15 6.64 5.19
N PRO A 31 -6.09 7.58 4.94
CA PRO A 31 -6.08 8.89 5.62
C PRO A 31 -6.14 8.80 7.15
N LYS A 32 -6.76 7.77 7.74
CA LYS A 32 -6.71 7.53 9.20
C LYS A 32 -5.45 6.82 9.68
N ALA A 33 -4.71 6.16 8.79
CA ALA A 33 -3.45 5.48 9.10
C ALA A 33 -2.26 6.44 9.24
N LEU A 34 -2.24 7.55 8.48
CA LEU A 34 -1.15 8.54 8.51
C LEU A 34 -1.66 9.97 8.16
N PRO A 35 -2.66 10.52 8.89
CA PRO A 35 -3.34 11.79 8.55
C PRO A 35 -2.40 13.01 8.45
N HIS A 36 -1.24 12.97 9.11
CA HIS A 36 -0.20 14.00 9.01
C HIS A 36 0.37 14.13 7.59
N ALA A 37 0.70 13.00 6.96
CA ALA A 37 1.35 12.96 5.63
C ALA A 37 0.37 12.65 4.48
N ILE A 38 -0.87 12.24 4.77
CA ILE A 38 -1.90 11.84 3.78
C ILE A 38 -3.21 12.60 4.05
N THR A 39 -3.76 13.25 3.04
CA THR A 39 -5.04 13.99 3.12
C THR A 39 -6.21 13.23 2.49
N GLY A 40 -5.99 12.37 1.49
CA GLY A 40 -7.08 11.67 0.82
C GLY A 40 -6.70 10.52 -0.11
N VAL A 41 -7.67 9.65 -0.38
CA VAL A 41 -7.55 8.43 -1.21
C VAL A 41 -8.86 8.18 -1.97
N GLN A 42 -8.76 7.79 -3.25
CA GLN A 42 -9.92 7.68 -4.16
C GLN A 42 -9.72 6.61 -5.25
N THR A 43 -10.75 5.85 -5.58
CA THR A 43 -10.75 4.91 -6.73
C THR A 43 -10.99 5.63 -8.06
N LEU A 44 -10.32 5.21 -9.13
CA LEU A 44 -10.30 5.88 -10.44
C LEU A 44 -10.25 4.87 -11.61
N GLU A 45 -11.17 3.90 -11.60
CA GLU A 45 -11.51 3.03 -12.74
C GLU A 45 -12.78 2.22 -12.40
N GLY A 46 -13.09 1.17 -13.15
CA GLY A 46 -13.81 0.02 -12.60
C GLY A 46 -13.10 -0.51 -11.36
N ASP A 47 -13.84 -0.82 -10.28
CA ASP A 47 -13.31 -1.02 -8.94
C ASP A 47 -12.81 -2.44 -8.68
N GLY A 48 -12.08 -2.60 -7.57
CA GLY A 48 -11.90 -3.89 -6.91
C GLY A 48 -10.96 -4.92 -7.53
N GLY A 49 -10.25 -4.65 -8.63
CA GLY A 49 -9.51 -5.66 -9.39
C GLY A 49 -8.34 -5.14 -10.20
N VAL A 50 -7.81 -5.95 -11.12
CA VAL A 50 -6.68 -5.58 -11.98
C VAL A 50 -7.01 -4.36 -12.84
N GLY A 51 -6.07 -3.42 -12.93
CA GLY A 51 -6.22 -2.16 -13.65
C GLY A 51 -7.10 -1.12 -12.96
N THR A 52 -7.56 -1.36 -11.73
CA THR A 52 -8.30 -0.34 -10.96
C THR A 52 -7.32 0.74 -10.50
N ILE A 53 -7.43 2.00 -10.96
CA ILE A 53 -6.51 3.03 -10.47
C ILE A 53 -6.95 3.50 -9.08
N LYS A 54 -5.99 3.89 -8.24
CA LYS A 54 -6.18 4.61 -6.99
C LYS A 54 -5.41 5.94 -7.06
N LEU A 55 -6.11 7.05 -6.85
CA LEU A 55 -5.49 8.33 -6.51
C LEU A 55 -5.15 8.33 -5.01
N THR A 56 -4.04 8.95 -4.64
CA THR A 56 -3.65 9.21 -3.25
C THR A 56 -3.00 10.58 -3.16
N THR A 57 -3.39 11.38 -2.17
CA THR A 57 -3.01 12.79 -2.05
C THR A 57 -2.62 13.15 -0.61
N PHE A 58 -1.70 14.11 -0.47
CA PHE A 58 -0.71 14.14 0.62
C PHE A 58 -0.65 15.46 1.38
N GLY A 59 -0.17 15.37 2.62
CA GLY A 59 0.09 16.47 3.55
C GLY A 59 1.58 16.64 3.85
N GLU A 60 1.94 16.80 5.13
CA GLU A 60 3.26 17.21 5.57
C GLU A 60 4.38 16.17 5.31
N GLY A 61 5.53 16.65 4.83
CA GLY A 61 6.76 15.88 4.67
C GLY A 61 6.79 14.91 3.47
N SER A 62 5.64 14.62 2.88
CA SER A 62 5.54 14.03 1.53
C SER A 62 6.09 15.00 0.48
N VAL A 63 6.83 14.54 -0.52
CA VAL A 63 7.52 15.42 -1.50
C VAL A 63 6.56 16.12 -2.47
N HIS A 64 5.48 15.43 -2.87
CA HIS A 64 4.57 15.84 -3.94
C HIS A 64 3.10 15.58 -3.56
N LYS A 65 2.21 16.49 -3.95
CA LYS A 65 0.83 16.56 -3.43
C LYS A 65 -0.06 15.38 -3.83
N SER A 66 0.14 14.76 -4.99
CA SER A 66 -0.70 13.65 -5.47
C SER A 66 0.06 12.61 -6.28
N VAL A 67 -0.38 11.35 -6.21
CA VAL A 67 0.19 10.21 -6.95
C VAL A 67 -0.92 9.22 -7.33
N LYS A 68 -0.77 8.55 -8.47
CA LYS A 68 -1.69 7.50 -8.95
C LYS A 68 -1.01 6.15 -9.00
N HIS A 69 -1.67 5.13 -8.46
CA HIS A 69 -1.19 3.75 -8.40
C HIS A 69 -2.34 2.78 -8.63
N ARG A 70 -2.13 1.75 -9.46
CA ARG A 70 -3.17 0.77 -9.81
C ARG A 70 -3.11 -0.46 -8.92
N ILE A 71 -4.27 -1.03 -8.64
CA ILE A 71 -4.40 -2.45 -8.25
C ILE A 71 -4.06 -3.28 -9.49
N ASP A 72 -3.10 -4.20 -9.39
CA ASP A 72 -2.35 -4.71 -10.54
C ASP A 72 -2.42 -6.24 -10.75
N GLY A 73 -2.60 -7.02 -9.69
CA GLY A 73 -2.62 -8.50 -9.74
C GLY A 73 -2.99 -9.12 -8.39
N LEU A 74 -3.48 -10.38 -8.37
CA LEU A 74 -4.04 -11.01 -7.18
C LEU A 74 -4.18 -12.55 -7.33
N ASP A 75 -3.10 -13.30 -7.11
CA ASP A 75 -3.17 -14.76 -7.00
C ASP A 75 -3.41 -15.18 -5.55
N LYS A 76 -4.69 -15.44 -5.24
CA LYS A 76 -5.22 -15.76 -3.91
C LYS A 76 -4.74 -17.10 -3.32
N GLU A 77 -4.09 -17.94 -4.11
CA GLU A 77 -3.42 -19.17 -3.64
C GLU A 77 -2.17 -18.88 -2.78
N ASN A 78 -1.62 -17.66 -2.86
CA ASN A 78 -0.58 -17.11 -1.98
C ASN A 78 -0.82 -15.60 -1.71
N PHE A 79 -2.09 -15.19 -1.80
CA PHE A 79 -2.62 -13.83 -1.95
C PHE A 79 -1.59 -12.79 -2.38
N THR A 80 -0.94 -13.01 -3.53
CA THR A 80 0.09 -12.10 -4.06
C THR A 80 -0.57 -10.89 -4.73
N TYR A 81 -0.99 -9.94 -3.89
CA TYR A 81 -1.61 -8.68 -4.31
C TYR A 81 -0.56 -7.67 -4.77
N SER A 82 -0.45 -7.49 -6.09
CA SER A 82 0.38 -6.46 -6.71
C SER A 82 -0.36 -5.13 -6.81
N TYR A 83 0.34 -4.02 -6.61
CA TYR A 83 -0.15 -2.67 -6.86
C TYR A 83 1.01 -1.75 -7.28
N SER A 84 0.80 -0.86 -8.26
CA SER A 84 1.91 -0.23 -9.02
C SER A 84 1.67 1.24 -9.32
N ILE A 85 2.66 2.09 -9.01
CA ILE A 85 2.61 3.55 -9.17
C ILE A 85 2.96 3.94 -10.61
N ILE A 86 2.11 4.79 -11.20
CA ILE A 86 2.07 5.10 -12.64
C ILE A 86 2.40 6.58 -12.95
N GLU A 87 1.96 7.54 -12.13
CA GLU A 87 2.32 8.96 -12.28
C GLU A 87 2.20 9.75 -10.97
N GLY A 88 2.91 10.89 -10.89
CA GLY A 88 3.01 11.76 -9.72
C GLY A 88 4.44 11.84 -9.18
N GLY A 89 4.79 12.95 -8.51
CA GLY A 89 6.16 13.51 -8.43
C GLY A 89 7.33 12.60 -8.04
N ALA A 90 7.12 11.51 -7.29
CA ALA A 90 8.17 10.49 -7.10
C ALA A 90 8.70 9.94 -8.44
N LEU A 91 7.82 9.79 -9.43
CA LEU A 91 8.15 9.35 -10.78
C LEU A 91 8.78 10.45 -11.66
N ASP A 92 9.18 11.59 -11.08
CA ASP A 92 10.24 12.43 -11.66
C ASP A 92 11.63 11.86 -11.35
N VAL A 93 11.84 11.30 -10.15
CA VAL A 93 13.09 10.63 -9.75
C VAL A 93 13.15 9.18 -10.28
N PHE A 94 12.01 8.51 -10.34
CA PHE A 94 11.88 7.10 -10.73
C PHE A 94 11.15 6.92 -12.09
N GLU A 95 11.42 5.82 -12.78
CA GLU A 95 10.74 5.41 -14.02
C GLU A 95 9.52 4.51 -13.75
N SER A 96 9.58 3.71 -12.69
CA SER A 96 8.46 2.93 -12.15
C SER A 96 8.64 2.77 -10.64
N ILE A 97 7.54 2.72 -9.89
CA ILE A 97 7.56 2.27 -8.49
C ILE A 97 6.44 1.26 -8.32
N SER A 98 6.67 0.18 -7.59
CA SER A 98 5.69 -0.89 -7.43
C SER A 98 5.72 -1.49 -6.04
N TYR A 99 4.64 -2.14 -5.66
CA TYR A 99 4.45 -2.79 -4.37
C TYR A 99 3.84 -4.19 -4.57
N HIS A 100 4.17 -5.11 -3.67
CA HIS A 100 3.79 -6.51 -3.77
C HIS A 100 3.53 -7.07 -2.37
N ILE A 101 2.24 -7.19 -2.05
CA ILE A 101 1.77 -7.94 -0.89
C ILE A 101 1.76 -9.44 -1.25
N LYS A 102 2.01 -10.30 -0.26
CA LYS A 102 1.85 -11.75 -0.32
C LYS A 102 1.23 -12.22 1.00
N ILE A 103 0.18 -13.04 0.97
CA ILE A 103 -0.50 -13.49 2.18
C ILE A 103 -0.84 -14.98 2.10
N VAL A 104 -0.59 -15.67 3.20
CA VAL A 104 -0.96 -17.08 3.42
C VAL A 104 -1.77 -17.19 4.71
N ALA A 105 -2.87 -17.94 4.66
CA ALA A 105 -3.80 -18.14 5.77
C ALA A 105 -3.36 -19.27 6.72
N THR A 106 -3.59 -19.10 8.02
CA THR A 106 -3.40 -20.14 9.06
C THR A 106 -4.69 -20.92 9.31
N PRO A 107 -4.63 -22.20 9.71
CA PRO A 107 -5.80 -22.95 10.21
C PRO A 107 -6.58 -22.21 11.30
N ASP A 108 -5.89 -21.52 12.21
CA ASP A 108 -6.46 -20.61 13.23
C ASP A 108 -7.22 -19.37 12.68
N GLY A 109 -7.25 -19.14 11.38
CA GLY A 109 -8.06 -18.12 10.72
C GLY A 109 -7.36 -16.79 10.43
N GLY A 110 -6.34 -16.42 11.22
CA GLY A 110 -5.48 -15.27 10.90
C GLY A 110 -4.55 -15.54 9.72
N CYS A 111 -3.99 -14.48 9.13
CA CYS A 111 -3.19 -14.54 7.90
C CYS A 111 -1.88 -13.74 8.03
N ILE A 112 -0.83 -14.18 7.32
CA ILE A 112 0.54 -13.66 7.45
C ILE A 112 0.90 -12.78 6.25
N CYS A 113 0.70 -11.46 6.37
CA CYS A 113 0.80 -10.51 5.27
C CYS A 113 2.21 -9.92 5.11
N LYS A 114 2.97 -10.43 4.15
CA LYS A 114 4.17 -9.76 3.61
C LYS A 114 3.75 -8.55 2.77
N ASN A 115 4.54 -7.48 2.81
CA ASN A 115 4.41 -6.29 1.96
C ASN A 115 5.81 -5.81 1.54
N ARG A 116 6.06 -5.76 0.23
CA ARG A 116 7.33 -5.34 -0.40
C ARG A 116 7.12 -4.11 -1.27
N SER A 117 8.12 -3.24 -1.35
CA SER A 117 8.19 -2.10 -2.27
C SER A 117 9.41 -2.20 -3.18
N ILE A 118 9.32 -1.73 -4.42
CA ILE A 118 10.34 -1.85 -5.47
C ILE A 118 10.39 -0.56 -6.29
N TYR A 119 11.57 0.07 -6.42
CA TYR A 119 11.78 1.36 -7.09
C TYR A 119 12.73 1.20 -8.29
N THR A 120 12.28 1.52 -9.51
CA THR A 120 13.07 1.48 -10.76
C THR A 120 13.45 2.91 -11.18
N PRO A 121 14.72 3.24 -11.43
CA PRO A 121 15.16 4.63 -11.60
C PRO A 121 14.97 5.15 -13.04
N LYS A 122 15.05 6.47 -13.20
CA LYS A 122 15.48 7.10 -14.48
C LYS A 122 17.01 6.99 -14.61
N CYS A 123 17.48 5.74 -14.64
CA CYS A 123 18.87 5.26 -14.54
C CYS A 123 19.58 5.51 -13.19
N ASP A 124 19.51 6.71 -12.61
CA ASP A 124 20.44 7.17 -11.58
C ASP A 124 20.02 6.93 -10.12
N ALA A 125 18.73 6.93 -9.79
CA ALA A 125 18.23 6.88 -8.40
C ALA A 125 18.52 5.57 -7.65
N GLN A 126 18.47 5.65 -6.31
CA GLN A 126 18.82 4.60 -5.34
C GLN A 126 17.91 4.56 -4.09
N VAL A 127 16.85 5.38 -4.02
CA VAL A 127 15.91 5.58 -2.88
C VAL A 127 16.52 6.25 -1.63
N SER A 128 15.67 6.96 -0.87
CA SER A 128 16.00 7.51 0.45
C SER A 128 15.66 6.52 1.54
N GLU A 129 16.53 6.36 2.55
CA GLU A 129 16.18 5.62 3.77
C GLU A 129 15.04 6.32 4.53
N GLU A 130 14.91 7.65 4.39
CA GLU A 130 13.76 8.39 4.92
C GLU A 130 12.42 7.93 4.31
N GLU A 131 12.35 7.56 3.02
CA GLU A 131 11.14 6.96 2.43
C GLU A 131 10.92 5.51 2.87
N ILE A 132 11.98 4.77 3.20
CA ILE A 132 11.87 3.43 3.81
C ILE A 132 11.28 3.56 5.21
N LYS A 133 11.84 4.43 6.06
CA LYS A 133 11.35 4.71 7.42
C LYS A 133 9.92 5.25 7.43
N ALA A 134 9.62 6.22 6.56
CA ALA A 134 8.27 6.75 6.40
C ALA A 134 7.31 5.65 5.92
N GLY A 135 7.68 4.92 4.87
CA GLY A 135 6.88 3.89 4.22
C GLY A 135 6.60 2.67 5.11
N LYS A 136 7.54 2.24 5.95
CA LYS A 136 7.34 1.19 6.96
C LYS A 136 6.29 1.61 7.99
N GLU A 137 6.44 2.80 8.56
CA GLU A 137 5.50 3.37 9.55
C GLU A 137 4.10 3.58 8.95
N ARG A 138 4.05 4.08 7.70
CA ARG A 138 2.87 4.35 6.88
C ARG A 138 2.10 3.07 6.54
N ALA A 139 2.77 2.05 6.01
CA ALA A 139 2.15 0.75 5.69
C ALA A 139 1.71 -0.01 6.95
N SER A 140 2.55 -0.06 7.98
CA SER A 140 2.16 -0.61 9.29
C SER A 140 0.93 0.09 9.86
N GLY A 141 0.86 1.42 9.76
CA GLY A 141 -0.30 2.20 10.18
C GLY A 141 -1.60 1.75 9.53
N ILE A 142 -1.55 1.40 8.24
CA ILE A 142 -2.70 0.85 7.51
C ILE A 142 -3.02 -0.55 8.04
N PHE A 143 -2.05 -1.48 8.15
CA PHE A 143 -2.27 -2.85 8.67
C PHE A 143 -2.81 -2.92 10.13
N LYS A 144 -2.87 -1.79 10.82
CA LYS A 144 -3.34 -1.64 12.20
C LYS A 144 -4.70 -0.92 12.24
N LYS A 145 -4.90 0.11 11.41
CA LYS A 145 -6.24 0.65 11.13
C LYS A 145 -7.16 -0.43 10.55
N VAL A 146 -6.68 -1.30 9.65
CA VAL A 146 -7.49 -2.40 9.11
C VAL A 146 -7.86 -3.43 10.19
N GLU A 147 -6.95 -3.82 11.10
CA GLU A 147 -7.35 -4.67 12.23
C GLU A 147 -8.39 -4.00 13.15
N ALA A 148 -8.28 -2.69 13.42
CA ALA A 148 -9.27 -1.98 14.22
C ALA A 148 -10.64 -1.86 13.51
N TYR A 149 -10.62 -1.48 12.24
CA TYR A 149 -11.79 -1.33 11.38
C TYR A 149 -12.53 -2.67 11.21
N LEU A 150 -11.81 -3.77 10.94
CA LEU A 150 -12.40 -5.10 10.75
C LEU A 150 -12.67 -5.86 12.06
N LEU A 151 -12.14 -5.42 13.21
CA LEU A 151 -12.68 -5.84 14.51
C LEU A 151 -14.09 -5.28 14.72
N ALA A 152 -14.26 -3.96 14.49
CA ALA A 152 -15.52 -3.24 14.70
C ALA A 152 -16.58 -3.52 13.62
N ASN A 153 -16.16 -3.62 12.36
CA ASN A 153 -17.02 -3.67 11.18
C ASN A 153 -16.55 -4.77 10.18
N PRO A 154 -16.44 -6.05 10.60
CA PRO A 154 -16.15 -7.16 9.68
C PRO A 154 -17.24 -7.33 8.60
N ASP A 155 -18.47 -6.91 8.88
CA ASP A 155 -19.60 -6.86 7.94
C ASP A 155 -19.39 -5.86 6.79
N CYS A 156 -18.49 -4.88 6.96
CA CYS A 156 -18.17 -3.80 6.00
C CYS A 156 -19.40 -3.02 5.53
N GLY A 1 20.77 0.03 -10.08
CA GLY A 1 19.49 0.08 -10.82
C GLY A 1 18.35 0.39 -9.88
N ALA A 2 17.25 -0.36 -9.98
CA ALA A 2 16.12 -0.26 -9.06
C ALA A 2 16.48 -0.75 -7.65
N ILE A 3 15.92 -0.12 -6.62
CA ILE A 3 16.21 -0.40 -5.20
C ILE A 3 14.92 -0.62 -4.41
N THR A 4 14.97 -1.38 -3.33
CA THR A 4 13.78 -1.90 -2.65
C THR A 4 13.94 -1.96 -1.13
N TYR A 5 12.81 -1.85 -0.42
CA TYR A 5 12.65 -2.24 0.98
C TYR A 5 11.44 -3.16 1.13
N ASP A 6 11.37 -3.93 2.22
CA ASP A 6 10.22 -4.78 2.55
C ASP A 6 10.02 -4.92 4.07
N MET A 7 8.85 -5.43 4.45
CA MET A 7 8.41 -5.64 5.84
C MET A 7 7.43 -6.81 5.94
N GLU A 8 7.54 -7.60 7.02
CA GLU A 8 6.66 -8.73 7.32
C GLU A 8 5.79 -8.45 8.57
N ILE A 9 4.49 -8.72 8.48
CA ILE A 9 3.44 -8.28 9.40
C ILE A 9 2.50 -9.47 9.70
N PRO A 10 2.63 -10.12 10.87
CA PRO A 10 1.63 -11.05 11.38
C PRO A 10 0.33 -10.31 11.75
N SER A 11 -0.83 -10.87 11.38
CA SER A 11 -2.15 -10.25 11.63
C SER A 11 -3.25 -11.29 11.83
N SER A 12 -4.15 -11.05 12.79
CA SER A 12 -5.30 -11.91 13.10
C SER A 12 -6.48 -11.73 12.12
N ILE A 13 -6.19 -11.48 10.84
CA ILE A 13 -7.13 -11.11 9.77
C ILE A 13 -6.94 -12.03 8.55
N SER A 14 -8.02 -12.28 7.79
CA SER A 14 -8.01 -13.05 6.53
C SER A 14 -7.33 -12.30 5.38
N ALA A 15 -6.64 -13.01 4.49
CA ALA A 15 -5.70 -12.40 3.55
C ALA A 15 -6.33 -11.43 2.53
N GLU A 16 -7.48 -11.79 1.97
CA GLU A 16 -8.25 -10.90 1.08
C GLU A 16 -8.72 -9.65 1.82
N LYS A 17 -9.17 -9.81 3.09
CA LYS A 17 -9.58 -8.67 3.94
C LYS A 17 -8.42 -7.74 4.26
N MET A 18 -7.21 -8.27 4.45
CA MET A 18 -6.00 -7.45 4.62
C MET A 18 -5.76 -6.58 3.38
N PHE A 19 -5.69 -7.15 2.17
CA PHE A 19 -5.42 -6.36 0.96
C PHE A 19 -6.57 -5.41 0.60
N LYS A 20 -7.81 -5.87 0.74
CA LYS A 20 -9.02 -5.06 0.52
C LYS A 20 -9.03 -3.82 1.42
N ALA A 21 -8.74 -3.98 2.71
CA ALA A 21 -8.58 -2.84 3.62
C ALA A 21 -7.34 -1.98 3.28
N PHE A 22 -6.22 -2.59 2.86
CA PHE A 22 -4.94 -1.90 2.64
C PHE A 22 -4.96 -0.89 1.48
N VAL A 23 -5.68 -1.18 0.39
CA VAL A 23 -5.79 -0.25 -0.77
C VAL A 23 -7.18 -0.14 -1.38
N LEU A 24 -7.96 -1.21 -1.49
CA LEU A 24 -9.24 -1.18 -2.22
C LEU A 24 -10.26 -0.27 -1.50
N ASP A 25 -10.51 -0.55 -0.23
CA ASP A 25 -11.24 0.28 0.74
C ASP A 25 -10.44 1.49 1.24
N GLY A 26 -9.21 1.70 0.77
CA GLY A 26 -8.21 2.60 1.38
C GLY A 26 -8.56 4.10 1.41
N ASP A 27 -9.70 4.51 0.87
CA ASP A 27 -10.11 5.90 0.62
C ASP A 27 -10.07 6.80 1.87
N THR A 28 -10.68 6.36 2.98
CA THR A 28 -10.53 7.03 4.30
C THR A 28 -9.38 6.43 5.13
N ILE A 29 -9.13 5.13 4.99
CA ILE A 29 -8.20 4.37 5.85
C ILE A 29 -6.76 4.89 5.69
N ILE A 30 -6.30 5.11 4.46
CA ILE A 30 -4.92 5.55 4.19
C ILE A 30 -4.67 7.00 4.67
N PRO A 31 -5.56 7.97 4.43
CA PRO A 31 -5.46 9.29 5.07
C PRO A 31 -5.45 9.26 6.60
N LYS A 32 -6.22 8.39 7.25
CA LYS A 32 -6.17 8.19 8.72
C LYS A 32 -4.95 7.38 9.19
N ALA A 33 -4.26 6.66 8.30
CA ALA A 33 -3.04 5.89 8.58
C ALA A 33 -1.74 6.71 8.57
N LEU A 34 -1.68 7.81 7.82
CA LEU A 34 -0.54 8.72 7.80
C LEU A 34 -1.01 10.19 7.71
N PRO A 35 -1.81 10.68 8.68
CA PRO A 35 -2.37 12.03 8.66
C PRO A 35 -1.33 13.16 8.72
N HIS A 36 -0.07 12.89 9.08
CA HIS A 36 1.01 13.87 9.03
C HIS A 36 1.38 14.30 7.58
N ALA A 37 1.12 13.48 6.56
CA ALA A 37 1.43 13.81 5.17
C ALA A 37 0.34 13.51 4.13
N ILE A 38 -0.51 12.48 4.32
CA ILE A 38 -1.57 12.12 3.37
C ILE A 38 -2.84 12.93 3.66
N THR A 39 -3.52 13.43 2.63
CA THR A 39 -4.78 14.20 2.74
C THR A 39 -5.95 13.61 1.95
N GLY A 40 -5.74 12.65 1.04
CA GLY A 40 -6.85 11.97 0.35
C GLY A 40 -6.45 10.76 -0.49
N VAL A 41 -7.39 9.84 -0.70
CA VAL A 41 -7.26 8.60 -1.51
C VAL A 41 -8.60 8.24 -2.15
N GLN A 42 -8.59 7.70 -3.38
CA GLN A 42 -9.80 7.33 -4.12
C GLN A 42 -9.51 6.24 -5.18
N THR A 43 -10.47 5.33 -5.45
CA THR A 43 -10.43 4.46 -6.63
C THR A 43 -10.83 5.22 -7.90
N LEU A 44 -10.15 4.94 -9.00
CA LEU A 44 -10.18 5.71 -10.24
C LEU A 44 -10.22 4.76 -11.46
N GLU A 45 -11.18 3.84 -11.46
CA GLU A 45 -11.48 2.87 -12.53
C GLU A 45 -12.72 2.06 -12.11
N GLY A 46 -13.01 0.98 -12.83
CA GLY A 46 -13.66 -0.18 -12.22
C GLY A 46 -12.85 -0.70 -11.01
N ASP A 47 -13.51 -1.16 -9.95
CA ASP A 47 -12.88 -1.47 -8.68
C ASP A 47 -12.36 -2.91 -8.62
N GLY A 48 -11.52 -3.18 -7.62
CA GLY A 48 -11.33 -4.52 -7.07
C GLY A 48 -10.50 -5.52 -7.89
N GLY A 49 -9.87 -5.12 -8.99
CA GLY A 49 -9.22 -6.05 -9.91
C GLY A 49 -7.98 -5.48 -10.61
N VAL A 50 -7.48 -6.20 -11.62
CA VAL A 50 -6.33 -5.76 -12.42
C VAL A 50 -6.68 -4.51 -13.23
N GLY A 51 -5.73 -3.59 -13.36
CA GLY A 51 -5.87 -2.32 -14.07
C GLY A 51 -6.59 -1.22 -13.29
N THR A 52 -7.06 -1.47 -12.06
CA THR A 52 -7.82 -0.48 -11.27
C THR A 52 -6.91 0.67 -10.86
N ILE A 53 -7.10 1.92 -11.34
CA ILE A 53 -6.25 3.04 -10.91
C ILE A 53 -6.70 3.53 -9.53
N LYS A 54 -5.80 4.16 -8.78
CA LYS A 54 -5.97 4.70 -7.43
C LYS A 54 -5.30 6.08 -7.37
N LEU A 55 -6.07 7.10 -7.02
CA LEU A 55 -5.59 8.45 -6.73
C LEU A 55 -5.09 8.54 -5.28
N THR A 56 -4.06 9.35 -5.03
CA THR A 56 -3.56 9.68 -3.70
C THR A 56 -3.02 11.11 -3.68
N THR A 57 -3.31 11.87 -2.62
CA THR A 57 -2.94 13.29 -2.49
C THR A 57 -2.45 13.61 -1.07
N PHE A 58 -1.61 14.65 -0.98
CA PHE A 58 -0.72 14.94 0.15
C PHE A 58 -0.80 16.41 0.58
N GLY A 59 -0.48 16.66 1.85
CA GLY A 59 -0.48 17.98 2.49
C GLY A 59 0.92 18.52 2.74
N GLU A 60 1.27 18.69 4.01
CA GLU A 60 2.54 19.27 4.47
C GLU A 60 3.73 18.31 4.27
N GLY A 61 4.95 18.84 4.20
CA GLY A 61 6.21 18.07 4.16
C GLY A 61 6.34 17.14 2.94
N SER A 62 5.76 17.51 1.80
CA SER A 62 5.50 16.63 0.66
C SER A 62 5.99 17.26 -0.65
N VAL A 63 6.97 16.64 -1.33
CA VAL A 63 7.57 17.16 -2.57
C VAL A 63 6.53 17.44 -3.65
N HIS A 64 5.63 16.49 -3.88
CA HIS A 64 4.51 16.59 -4.84
C HIS A 64 3.16 16.45 -4.13
N LYS A 65 2.17 17.19 -4.60
CA LYS A 65 0.82 17.26 -4.05
C LYS A 65 -0.02 16.01 -4.32
N SER A 66 0.17 15.37 -5.47
CA SER A 66 -0.63 14.20 -5.88
C SER A 66 0.17 13.16 -6.66
N VAL A 67 -0.33 11.92 -6.65
CA VAL A 67 0.24 10.77 -7.35
C VAL A 67 -0.85 9.74 -7.67
N LYS A 68 -0.68 8.94 -8.73
CA LYS A 68 -1.58 7.85 -9.10
C LYS A 68 -0.85 6.51 -9.25
N HIS A 69 -1.49 5.46 -8.76
CA HIS A 69 -1.02 4.08 -8.80
C HIS A 69 -2.14 3.15 -9.25
N ARG A 70 -1.87 1.86 -9.48
CA ARG A 70 -2.88 0.90 -9.92
C ARG A 70 -2.69 -0.49 -9.33
N ILE A 71 -3.79 -1.20 -9.11
CA ILE A 71 -3.79 -2.64 -8.83
C ILE A 71 -3.49 -3.37 -10.14
N ASP A 72 -2.49 -4.27 -10.15
CA ASP A 72 -1.86 -4.77 -11.39
C ASP A 72 -1.75 -6.30 -11.50
N GLY A 73 -1.84 -7.04 -10.39
CA GLY A 73 -1.86 -8.50 -10.38
C GLY A 73 -2.26 -9.07 -9.02
N LEU A 74 -2.84 -10.27 -8.99
CA LEU A 74 -3.39 -10.88 -7.77
C LEU A 74 -3.44 -12.41 -7.85
N ASP A 75 -2.94 -13.07 -6.82
CA ASP A 75 -2.77 -14.54 -6.76
C ASP A 75 -3.11 -15.09 -5.38
N LYS A 76 -4.41 -15.27 -5.16
CA LYS A 76 -5.07 -15.64 -3.90
C LYS A 76 -4.72 -17.03 -3.35
N GLU A 77 -3.87 -17.80 -4.01
CA GLU A 77 -3.34 -19.06 -3.48
C GLU A 77 -2.19 -18.83 -2.47
N ASN A 78 -1.48 -17.70 -2.60
CA ASN A 78 -0.42 -17.22 -1.70
C ASN A 78 -0.57 -15.70 -1.46
N PHE A 79 -1.83 -15.24 -1.55
CA PHE A 79 -2.35 -13.88 -1.75
C PHE A 79 -1.28 -12.85 -2.07
N THR A 80 -0.57 -13.04 -3.19
CA THR A 80 0.32 -11.99 -3.69
C THR A 80 -0.50 -10.95 -4.42
N TYR A 81 -0.13 -9.68 -4.27
CA TYR A 81 -0.76 -8.57 -4.97
C TYR A 81 0.32 -7.61 -5.47
N SER A 82 0.39 -7.43 -6.78
CA SER A 82 1.21 -6.40 -7.44
C SER A 82 0.40 -5.13 -7.62
N TYR A 83 0.98 -3.98 -7.26
CA TYR A 83 0.37 -2.67 -7.44
C TYR A 83 1.47 -1.61 -7.69
N SER A 84 1.25 -0.69 -8.63
CA SER A 84 2.32 0.12 -9.24
C SER A 84 1.96 1.59 -9.37
N ILE A 85 2.85 2.49 -8.99
CA ILE A 85 2.76 3.94 -9.24
C ILE A 85 3.09 4.22 -10.71
N ILE A 86 2.20 4.97 -11.38
CA ILE A 86 2.15 5.16 -12.84
C ILE A 86 2.39 6.61 -13.27
N GLU A 87 1.82 7.59 -12.55
CA GLU A 87 1.91 9.01 -12.89
C GLU A 87 1.77 9.90 -11.64
N GLY A 88 2.07 11.19 -11.79
CA GLY A 88 2.20 12.14 -10.70
C GLY A 88 3.59 12.11 -10.03
N GLY A 89 3.86 13.13 -9.20
CA GLY A 89 5.20 13.69 -9.06
C GLY A 89 6.31 12.80 -8.49
N ALA A 90 5.99 11.67 -7.86
CA ALA A 90 7.00 10.67 -7.50
C ALA A 90 7.76 10.17 -8.75
N LEU A 91 7.04 9.99 -9.86
CA LEU A 91 7.61 9.59 -11.15
C LEU A 91 8.16 10.77 -11.97
N ASP A 92 8.28 11.98 -11.41
CA ASP A 92 9.22 12.95 -11.96
C ASP A 92 10.68 12.49 -11.71
N VAL A 93 10.96 11.90 -10.55
CA VAL A 93 12.29 11.36 -10.19
C VAL A 93 12.49 9.93 -10.70
N PHE A 94 11.44 9.09 -10.66
CA PHE A 94 11.52 7.66 -10.95
C PHE A 94 10.85 7.26 -12.27
N GLU A 95 11.36 6.21 -12.92
CA GLU A 95 10.75 5.58 -14.11
C GLU A 95 9.55 4.69 -13.72
N SER A 96 9.61 4.09 -12.53
CA SER A 96 8.54 3.31 -11.91
C SER A 96 8.71 3.36 -10.39
N ILE A 97 7.61 3.33 -9.65
CA ILE A 97 7.63 2.82 -8.27
C ILE A 97 6.58 1.72 -8.21
N SER A 98 6.85 0.61 -7.54
CA SER A 98 5.94 -0.54 -7.52
C SER A 98 6.01 -1.29 -6.20
N TYR A 99 5.01 -2.11 -5.93
CA TYR A 99 4.86 -2.87 -4.70
C TYR A 99 4.47 -4.32 -4.97
N HIS A 100 4.77 -5.18 -4.01
CA HIS A 100 4.43 -6.60 -4.02
C HIS A 100 4.08 -7.05 -2.59
N ILE A 101 2.78 -7.17 -2.33
CA ILE A 101 2.26 -7.88 -1.15
C ILE A 101 2.30 -9.39 -1.41
N LYS A 102 2.42 -10.18 -0.34
CA LYS A 102 2.33 -11.65 -0.28
C LYS A 102 1.65 -12.04 1.05
N ILE A 103 0.60 -12.85 1.03
CA ILE A 103 -0.15 -13.22 2.25
C ILE A 103 -0.56 -14.70 2.26
N VAL A 104 -0.27 -15.37 3.38
CA VAL A 104 -0.57 -16.78 3.64
C VAL A 104 -1.34 -16.92 4.96
N ALA A 105 -2.50 -17.57 4.92
CA ALA A 105 -3.39 -17.75 6.07
C ALA A 105 -2.89 -18.81 7.06
N THR A 106 -3.39 -18.74 8.30
CA THR A 106 -3.18 -19.72 9.38
C THR A 106 -4.49 -20.49 9.68
N PRO A 107 -4.46 -21.54 10.53
CA PRO A 107 -5.67 -22.20 11.04
C PRO A 107 -6.47 -21.37 12.05
N ASP A 108 -5.90 -20.29 12.60
CA ASP A 108 -6.44 -19.53 13.73
C ASP A 108 -7.06 -18.18 13.32
N GLY A 109 -7.66 -18.12 12.13
CA GLY A 109 -8.28 -16.92 11.56
C GLY A 109 -7.30 -15.82 11.12
N GLY A 110 -5.99 -15.99 11.36
CA GLY A 110 -4.95 -15.02 11.01
C GLY A 110 -4.24 -15.31 9.68
N CYS A 111 -3.24 -14.48 9.39
CA CYS A 111 -2.30 -14.60 8.28
C CYS A 111 -0.90 -14.12 8.69
N ILE A 112 0.11 -14.51 7.91
CA ILE A 112 1.36 -13.77 7.78
C ILE A 112 1.30 -12.95 6.49
N CYS A 113 1.34 -11.62 6.59
CA CYS A 113 1.49 -10.71 5.46
C CYS A 113 2.97 -10.31 5.28
N LYS A 114 3.38 -10.04 4.05
CA LYS A 114 4.66 -9.41 3.70
C LYS A 114 4.42 -8.39 2.60
N ASN A 115 5.14 -7.28 2.62
CA ASN A 115 4.97 -6.16 1.68
C ASN A 115 6.33 -5.59 1.27
N ARG A 116 6.63 -5.65 -0.01
CA ARG A 116 7.83 -5.12 -0.66
C ARG A 116 7.47 -3.88 -1.49
N SER A 117 8.36 -2.88 -1.51
CA SER A 117 8.29 -1.72 -2.41
C SER A 117 9.60 -1.56 -3.18
N ILE A 118 9.52 -1.11 -4.43
CA ILE A 118 10.63 -1.05 -5.39
C ILE A 118 10.60 0.29 -6.13
N TYR A 119 11.66 1.07 -6.02
CA TYR A 119 11.84 2.39 -6.61
C TYR A 119 12.84 2.25 -7.78
N THR A 120 12.36 2.49 -9.00
CA THR A 120 13.11 2.26 -10.24
C THR A 120 13.52 3.61 -10.85
N PRO A 121 14.81 4.02 -10.76
CA PRO A 121 15.24 5.36 -11.14
C PRO A 121 15.14 5.61 -12.66
N LYS A 122 15.18 6.87 -13.09
CA LYS A 122 15.45 7.27 -14.48
C LYS A 122 16.95 7.15 -14.78
N CYS A 123 17.50 5.98 -14.44
CA CYS A 123 18.93 5.65 -14.40
C CYS A 123 19.84 6.58 -13.57
N ASP A 124 19.29 7.43 -12.69
CA ASP A 124 20.01 8.54 -12.05
C ASP A 124 19.83 8.68 -10.52
N ALA A 125 18.67 8.32 -9.95
CA ALA A 125 18.42 8.39 -8.50
C ALA A 125 18.97 7.17 -7.73
N GLN A 126 19.31 7.39 -6.47
CA GLN A 126 19.74 6.38 -5.48
C GLN A 126 18.60 5.91 -4.57
N VAL A 127 17.50 6.68 -4.52
CA VAL A 127 16.55 6.82 -3.40
C VAL A 127 17.22 7.38 -2.13
N SER A 128 16.44 8.07 -1.30
CA SER A 128 16.90 8.60 -0.01
C SER A 128 16.46 7.70 1.14
N GLU A 129 17.28 7.61 2.19
CA GLU A 129 16.91 6.84 3.39
C GLU A 129 15.65 7.39 4.05
N GLU A 130 15.40 8.69 3.91
CA GLU A 130 14.16 9.36 4.32
C GLU A 130 12.90 8.67 3.76
N GLU A 131 12.87 8.26 2.49
CA GLU A 131 11.72 7.57 1.89
C GLU A 131 11.70 6.07 2.20
N ILE A 132 12.85 5.45 2.49
CA ILE A 132 12.91 4.07 2.99
C ILE A 132 12.27 3.99 4.39
N LYS A 133 12.60 4.96 5.26
CA LYS A 133 12.04 5.12 6.60
C LYS A 133 10.56 5.56 6.57
N ALA A 134 10.24 6.61 5.83
CA ALA A 134 8.86 7.10 5.72
C ALA A 134 7.95 6.10 5.01
N GLY A 135 8.46 5.38 4.01
CA GLY A 135 7.77 4.28 3.35
C GLY A 135 7.38 3.15 4.30
N LYS A 136 8.24 2.80 5.28
CA LYS A 136 7.90 1.87 6.35
C LYS A 136 6.83 2.45 7.30
N GLU A 137 6.98 3.69 7.77
CA GLU A 137 5.99 4.34 8.64
C GLU A 137 4.59 4.37 7.98
N ARG A 138 4.55 4.80 6.70
CA ARG A 138 3.35 4.91 5.87
C ARG A 138 2.66 3.55 5.68
N ALA A 139 3.40 2.51 5.29
CA ALA A 139 2.83 1.16 5.13
C ALA A 139 2.44 0.51 6.48
N SER A 140 3.25 0.69 7.52
CA SER A 140 2.99 0.19 8.88
C SER A 140 1.69 0.77 9.45
N GLY A 141 1.52 2.09 9.36
CA GLY A 141 0.30 2.79 9.74
C GLY A 141 -0.94 2.21 9.06
N ILE A 142 -0.84 1.92 7.75
CA ILE A 142 -1.97 1.32 7.02
C ILE A 142 -2.27 -0.07 7.58
N PHE A 143 -1.29 -0.97 7.73
CA PHE A 143 -1.51 -2.31 8.33
C PHE A 143 -2.09 -2.32 9.76
N LYS A 144 -2.12 -1.17 10.43
CA LYS A 144 -2.66 -1.01 11.80
C LYS A 144 -4.03 -0.37 11.76
N LYS A 145 -4.25 0.68 10.96
CA LYS A 145 -5.58 1.24 10.70
C LYS A 145 -6.52 0.26 9.98
N VAL A 146 -6.00 -0.65 9.14
CA VAL A 146 -6.79 -1.76 8.60
C VAL A 146 -7.23 -2.75 9.68
N GLU A 147 -6.33 -3.16 10.58
CA GLU A 147 -6.77 -3.97 11.73
C GLU A 147 -7.77 -3.22 12.64
N ALA A 148 -7.57 -1.92 12.89
CA ALA A 148 -8.49 -1.07 13.65
C ALA A 148 -9.87 -0.89 12.98
N TYR A 149 -9.94 -0.87 11.64
CA TYR A 149 -11.21 -0.81 10.91
C TYR A 149 -12.02 -2.10 11.14
N LEU A 150 -11.41 -3.25 10.90
CA LEU A 150 -12.05 -4.55 11.07
C LEU A 150 -12.33 -4.89 12.55
N LEU A 151 -11.58 -4.30 13.50
CA LEU A 151 -11.86 -4.35 14.94
C LEU A 151 -13.18 -3.66 15.33
N ALA A 152 -13.55 -2.57 14.64
CA ALA A 152 -14.79 -1.85 14.89
C ALA A 152 -15.96 -2.30 13.99
N ASN A 153 -15.65 -2.70 12.75
CA ASN A 153 -16.60 -2.91 11.66
C ASN A 153 -16.10 -4.04 10.74
N PRO A 154 -16.03 -5.30 11.23
CA PRO A 154 -15.49 -6.43 10.46
C PRO A 154 -16.29 -6.70 9.17
N ASP A 155 -17.59 -6.42 9.20
CA ASP A 155 -18.53 -6.53 8.08
C ASP A 155 -18.38 -5.42 7.02
N CYS A 156 -17.65 -4.35 7.32
CA CYS A 156 -17.52 -3.13 6.49
C CYS A 156 -18.89 -2.57 6.08
N GLY A 1 19.16 -3.74 -11.96
CA GLY A 1 18.04 -4.42 -11.32
C GLY A 1 17.38 -3.52 -10.31
N ALA A 2 16.05 -3.53 -10.24
CA ALA A 2 15.27 -2.76 -9.28
C ALA A 2 15.51 -3.27 -7.83
N ILE A 3 15.72 -2.37 -6.87
CA ILE A 3 16.18 -2.68 -5.50
C ILE A 3 15.08 -2.48 -4.45
N THR A 4 15.14 -3.20 -3.33
CA THR A 4 13.94 -3.53 -2.52
C THR A 4 14.10 -3.37 -1.00
N TYR A 5 12.97 -3.23 -0.30
CA TYR A 5 12.80 -3.36 1.15
C TYR A 5 11.47 -4.09 1.47
N ASP A 6 11.31 -4.67 2.67
CA ASP A 6 10.13 -5.48 3.00
C ASP A 6 9.81 -5.53 4.51
N MET A 7 8.61 -6.01 4.82
CA MET A 7 8.02 -6.11 6.17
C MET A 7 6.98 -7.24 6.25
N GLU A 8 6.63 -7.68 7.46
CA GLU A 8 5.65 -8.75 7.68
C GLU A 8 4.79 -8.51 8.94
N ILE A 9 3.54 -8.95 8.92
CA ILE A 9 2.50 -8.70 9.93
C ILE A 9 1.77 -10.02 10.29
N PRO A 10 1.56 -10.35 11.57
CA PRO A 10 0.65 -11.42 12.00
C PRO A 10 -0.74 -10.82 12.28
N SER A 11 -1.78 -11.23 11.53
CA SER A 11 -3.13 -10.62 11.60
C SER A 11 -4.26 -11.63 11.72
N SER A 12 -5.18 -11.41 12.67
CA SER A 12 -6.34 -12.27 12.95
C SER A 12 -7.54 -11.92 12.06
N ILE A 13 -7.30 -11.81 10.75
CA ILE A 13 -8.24 -11.37 9.70
C ILE A 13 -8.02 -12.23 8.45
N SER A 14 -9.10 -12.55 7.73
CA SER A 14 -9.03 -13.33 6.48
C SER A 14 -8.25 -12.59 5.39
N ALA A 15 -7.39 -13.31 4.65
CA ALA A 15 -6.39 -12.74 3.75
C ALA A 15 -6.94 -11.79 2.68
N GLU A 16 -8.07 -12.12 2.04
CA GLU A 16 -8.74 -11.23 1.09
C GLU A 16 -9.11 -9.88 1.73
N LYS A 17 -9.67 -9.93 2.94
CA LYS A 17 -10.13 -8.75 3.69
C LYS A 17 -8.99 -7.84 4.07
N MET A 18 -7.79 -8.40 4.32
CA MET A 18 -6.57 -7.62 4.54
C MET A 18 -6.22 -6.78 3.31
N PHE A 19 -6.05 -7.39 2.14
CA PHE A 19 -5.73 -6.66 0.90
C PHE A 19 -6.83 -5.65 0.50
N LYS A 20 -8.09 -6.08 0.59
CA LYS A 20 -9.25 -5.24 0.27
C LYS A 20 -9.29 -3.99 1.14
N ALA A 21 -9.07 -4.11 2.46
CA ALA A 21 -8.91 -2.96 3.34
C ALA A 21 -7.61 -2.14 3.07
N PHE A 22 -6.52 -2.79 2.68
CA PHE A 22 -5.21 -2.15 2.47
C PHE A 22 -5.18 -1.15 1.30
N VAL A 23 -5.96 -1.38 0.23
CA VAL A 23 -5.99 -0.47 -0.94
C VAL A 23 -7.37 -0.28 -1.58
N LEU A 24 -8.23 -1.30 -1.66
CA LEU A 24 -9.50 -1.19 -2.39
C LEU A 24 -10.50 -0.32 -1.62
N ASP A 25 -10.78 -0.69 -0.39
CA ASP A 25 -11.52 0.10 0.62
C ASP A 25 -10.62 1.15 1.30
N GLY A 26 -9.42 1.39 0.78
CA GLY A 26 -8.41 2.28 1.38
C GLY A 26 -8.79 3.76 1.43
N ASP A 27 -9.90 4.16 0.80
CA ASP A 27 -10.33 5.54 0.57
C ASP A 27 -10.33 6.43 1.82
N THR A 28 -10.82 5.93 2.96
CA THR A 28 -10.76 6.61 4.26
C THR A 28 -9.75 5.97 5.22
N ILE A 29 -9.43 4.68 5.04
CA ILE A 29 -8.49 3.96 5.92
C ILE A 29 -7.06 4.51 5.77
N ILE A 30 -6.60 4.77 4.54
CA ILE A 30 -5.25 5.26 4.27
C ILE A 30 -5.05 6.72 4.72
N PRO A 31 -6.00 7.67 4.53
CA PRO A 31 -5.93 8.97 5.20
C PRO A 31 -5.82 8.92 6.72
N LYS A 32 -6.37 7.89 7.38
CA LYS A 32 -6.18 7.64 8.83
C LYS A 32 -4.91 6.84 9.17
N ALA A 33 -4.25 6.22 8.18
CA ALA A 33 -3.02 5.47 8.37
C ALA A 33 -1.76 6.34 8.55
N LEU A 34 -1.75 7.57 8.03
CA LEU A 34 -0.66 8.54 8.21
C LEU A 34 -1.20 9.98 8.12
N PRO A 35 -2.12 10.40 9.01
CA PRO A 35 -2.90 11.63 8.85
C PRO A 35 -2.07 12.92 8.91
N HIS A 36 -0.84 12.91 9.43
CA HIS A 36 0.05 14.09 9.37
C HIS A 36 0.47 14.44 7.93
N ALA A 37 0.45 13.47 7.01
CA ALA A 37 0.91 13.66 5.62
C ALA A 37 0.11 12.89 4.53
N ILE A 38 -1.09 12.40 4.80
CA ILE A 38 -2.04 11.90 3.79
C ILE A 38 -3.35 12.69 3.86
N THR A 39 -3.89 13.07 2.69
CA THR A 39 -5.08 13.93 2.56
C THR A 39 -6.21 13.30 1.75
N GLY A 40 -5.98 12.21 1.01
CA GLY A 40 -7.05 11.50 0.29
C GLY A 40 -6.61 10.26 -0.50
N VAL A 41 -7.57 9.36 -0.78
CA VAL A 41 -7.43 8.14 -1.60
C VAL A 41 -8.72 7.85 -2.35
N GLN A 42 -8.62 7.41 -3.62
CA GLN A 42 -9.78 7.20 -4.50
C GLN A 42 -9.49 6.14 -5.58
N THR A 43 -10.52 5.42 -6.04
CA THR A 43 -10.47 4.49 -7.19
C THR A 43 -10.71 5.24 -8.50
N LEU A 44 -9.92 4.94 -9.53
CA LEU A 44 -10.06 5.46 -10.89
C LEU A 44 -10.02 4.29 -11.89
N GLU A 45 -10.97 3.39 -11.73
CA GLU A 45 -11.28 2.22 -12.56
C GLU A 45 -12.48 1.48 -11.93
N GLY A 46 -12.79 0.27 -12.42
CA GLY A 46 -13.41 -0.74 -11.58
C GLY A 46 -12.49 -1.20 -10.44
N ASP A 47 -13.02 -1.76 -9.36
CA ASP A 47 -12.23 -2.22 -8.22
C ASP A 47 -11.68 -3.62 -8.43
N GLY A 48 -10.55 -3.90 -7.78
CA GLY A 48 -10.01 -5.22 -7.54
C GLY A 48 -9.26 -5.89 -8.70
N GLY A 49 -9.56 -5.52 -9.94
CA GLY A 49 -8.99 -6.16 -11.13
C GLY A 49 -7.56 -5.73 -11.47
N VAL A 50 -6.88 -6.54 -12.27
CA VAL A 50 -5.60 -6.15 -12.89
C VAL A 50 -5.82 -4.94 -13.80
N GLY A 51 -4.96 -3.93 -13.68
CA GLY A 51 -5.11 -2.63 -14.34
C GLY A 51 -6.03 -1.63 -13.61
N THR A 52 -6.48 -1.90 -12.38
CA THR A 52 -7.32 -0.96 -11.62
C THR A 52 -6.49 0.20 -11.11
N ILE A 53 -6.81 1.47 -11.45
CA ILE A 53 -6.01 2.62 -11.00
C ILE A 53 -6.54 3.17 -9.67
N LYS A 54 -5.64 3.70 -8.84
CA LYS A 54 -5.88 4.26 -7.51
C LYS A 54 -5.10 5.56 -7.34
N LEU A 55 -5.78 6.64 -6.95
CA LEU A 55 -5.18 7.90 -6.50
C LEU A 55 -4.75 7.78 -5.03
N THR A 56 -3.65 8.43 -4.67
CA THR A 56 -3.31 8.78 -3.30
C THR A 56 -2.71 10.18 -3.26
N THR A 57 -3.18 11.03 -2.35
CA THR A 57 -2.77 12.43 -2.24
C THR A 57 -2.36 12.78 -0.81
N PHE A 58 -1.38 13.68 -0.69
CA PHE A 58 -0.50 13.80 0.46
C PHE A 58 -0.43 15.23 1.03
N GLY A 59 0.00 15.32 2.29
CA GLY A 59 0.12 16.54 3.09
C GLY A 59 1.56 17.00 3.31
N GLU A 60 1.92 17.30 4.56
CA GLU A 60 3.21 17.87 4.95
C GLU A 60 4.44 17.02 4.58
N GLY A 61 5.52 17.66 4.12
CA GLY A 61 6.83 17.06 3.84
C GLY A 61 6.89 16.14 2.60
N SER A 62 5.81 16.05 1.84
CA SER A 62 5.63 15.02 0.80
C SER A 62 6.53 15.24 -0.42
N VAL A 63 7.13 14.17 -0.96
CA VAL A 63 7.89 14.19 -2.23
C VAL A 63 7.04 14.70 -3.40
N HIS A 64 5.74 14.38 -3.38
CA HIS A 64 4.73 14.82 -4.34
C HIS A 64 3.39 15.09 -3.67
N LYS A 65 2.61 16.01 -4.23
CA LYS A 65 1.25 16.31 -3.78
C LYS A 65 0.32 15.11 -3.98
N SER A 66 0.45 14.40 -5.10
CA SER A 66 -0.38 13.24 -5.45
C SER A 66 0.38 12.22 -6.30
N VAL A 67 -0.07 10.97 -6.26
CA VAL A 67 0.46 9.84 -7.03
C VAL A 67 -0.68 8.93 -7.49
N LYS A 68 -0.53 8.32 -8.67
CA LYS A 68 -1.38 7.22 -9.13
C LYS A 68 -0.63 5.91 -9.07
N HIS A 69 -1.29 4.87 -8.61
CA HIS A 69 -0.80 3.48 -8.58
C HIS A 69 -1.87 2.54 -9.13
N ARG A 70 -1.49 1.32 -9.52
CA ARG A 70 -2.43 0.32 -10.05
C ARG A 70 -2.33 -1.02 -9.33
N ILE A 71 -3.46 -1.72 -9.21
CA ILE A 71 -3.48 -3.16 -8.94
C ILE A 71 -3.04 -3.87 -10.22
N ASP A 72 -2.05 -4.77 -10.11
CA ASP A 72 -1.22 -5.21 -11.24
C ASP A 72 -1.10 -6.74 -11.36
N GLY A 73 -1.51 -7.50 -10.34
CA GLY A 73 -1.57 -8.97 -10.32
C GLY A 73 -2.14 -9.47 -9.00
N LEU A 74 -2.75 -10.67 -8.99
CA LEU A 74 -3.30 -11.27 -7.77
C LEU A 74 -3.37 -12.81 -7.87
N ASP A 75 -2.94 -13.50 -6.82
CA ASP A 75 -2.94 -14.96 -6.70
C ASP A 75 -3.28 -15.41 -5.28
N LYS A 76 -4.58 -15.62 -5.06
CA LYS A 76 -5.22 -16.05 -3.81
C LYS A 76 -4.75 -17.42 -3.30
N GLU A 77 -4.03 -18.19 -4.13
CA GLU A 77 -3.32 -19.41 -3.73
C GLU A 77 -2.26 -19.15 -2.64
N ASN A 78 -1.63 -17.97 -2.64
CA ASN A 78 -0.66 -17.51 -1.63
C ASN A 78 -0.96 -16.07 -1.19
N PHE A 79 -2.23 -15.66 -1.31
CA PHE A 79 -2.77 -14.30 -1.46
C PHE A 79 -1.70 -13.26 -1.79
N THR A 80 -0.99 -13.49 -2.90
CA THR A 80 -0.13 -12.46 -3.45
C THR A 80 -0.98 -11.42 -4.14
N TYR A 81 -0.58 -10.16 -3.99
CA TYR A 81 -1.20 -9.03 -4.67
C TYR A 81 -0.08 -8.06 -5.06
N SER A 82 0.14 -7.91 -6.37
CA SER A 82 1.14 -7.00 -6.93
C SER A 82 0.49 -5.68 -7.31
N TYR A 83 1.18 -4.57 -7.04
CA TYR A 83 0.69 -3.22 -7.31
C TYR A 83 1.87 -2.27 -7.53
N SER A 84 1.70 -1.21 -8.32
CA SER A 84 2.80 -0.30 -8.70
C SER A 84 2.37 1.14 -8.84
N ILE A 85 3.20 2.07 -8.36
CA ILE A 85 3.12 3.52 -8.63
C ILE A 85 3.51 3.76 -10.09
N ILE A 86 2.61 4.43 -10.83
CA ILE A 86 2.67 4.63 -12.28
C ILE A 86 3.01 6.09 -12.66
N GLU A 87 2.55 7.08 -11.88
CA GLU A 87 2.81 8.50 -12.16
C GLU A 87 2.68 9.42 -10.92
N GLY A 88 3.66 10.31 -10.75
CA GLY A 88 3.82 11.26 -9.64
C GLY A 88 5.30 11.64 -9.46
N GLY A 89 5.60 12.72 -8.72
CA GLY A 89 6.95 13.31 -8.63
C GLY A 89 8.08 12.42 -8.10
N ALA A 90 7.78 11.33 -7.39
CA ALA A 90 8.79 10.31 -7.09
C ALA A 90 9.39 9.70 -8.37
N LEU A 91 8.59 9.58 -9.43
CA LEU A 91 9.02 9.10 -10.75
C LEU A 91 9.71 10.18 -11.61
N ASP A 92 9.91 11.40 -11.11
CA ASP A 92 10.92 12.30 -11.69
C ASP A 92 12.33 11.72 -11.50
N VAL A 93 12.53 10.99 -10.39
CA VAL A 93 13.80 10.36 -9.99
C VAL A 93 13.84 8.86 -10.35
N PHE A 94 12.81 8.10 -9.97
CA PHE A 94 12.68 6.67 -10.31
C PHE A 94 12.02 6.43 -11.67
N GLU A 95 12.29 5.29 -12.29
CA GLU A 95 11.57 4.83 -13.49
C GLU A 95 10.19 4.23 -13.11
N SER A 96 10.16 3.51 -11.99
CA SER A 96 8.99 2.83 -11.40
C SER A 96 9.17 2.69 -9.89
N ILE A 97 8.05 2.63 -9.14
CA ILE A 97 8.05 2.03 -7.79
C ILE A 97 6.96 0.95 -7.75
N SER A 98 7.30 -0.24 -7.27
CA SER A 98 6.43 -1.42 -7.26
C SER A 98 6.31 -2.01 -5.86
N TYR A 99 5.33 -2.87 -5.66
CA TYR A 99 4.98 -3.53 -4.41
C TYR A 99 4.45 -4.95 -4.66
N HIS A 100 4.53 -5.78 -3.62
CA HIS A 100 4.04 -7.15 -3.60
C HIS A 100 3.63 -7.54 -2.18
N ILE A 101 2.33 -7.71 -1.94
CA ILE A 101 1.80 -8.41 -0.75
C ILE A 101 1.85 -9.92 -1.00
N LYS A 102 1.93 -10.71 0.08
CA LYS A 102 1.80 -12.19 0.11
C LYS A 102 1.15 -12.62 1.43
N ILE A 103 0.10 -13.46 1.39
CA ILE A 103 -0.62 -13.89 2.60
C ILE A 103 -1.02 -15.37 2.55
N VAL A 104 -0.67 -16.07 3.63
CA VAL A 104 -0.96 -17.49 3.89
C VAL A 104 -1.33 -17.66 5.36
N ALA A 105 -2.43 -18.37 5.63
CA ALA A 105 -2.91 -18.62 6.99
C ALA A 105 -2.07 -19.66 7.74
N THR A 106 -1.89 -19.44 9.04
CA THR A 106 -1.43 -20.46 10.00
C THR A 106 -2.51 -21.55 10.16
N PRO A 107 -2.13 -22.77 10.58
CA PRO A 107 -3.06 -23.74 11.16
C PRO A 107 -3.85 -23.22 12.38
N ASP A 108 -3.34 -22.20 13.09
CA ASP A 108 -4.04 -21.45 14.15
C ASP A 108 -5.01 -20.35 13.64
N GLY A 109 -5.30 -20.33 12.33
CA GLY A 109 -6.30 -19.45 11.69
C GLY A 109 -5.77 -18.06 11.32
N GLY A 110 -4.92 -17.46 12.17
CA GLY A 110 -4.28 -16.16 11.94
C GLY A 110 -3.45 -16.13 10.65
N CYS A 111 -3.52 -15.04 9.90
CA CYS A 111 -2.75 -14.82 8.67
C CYS A 111 -1.33 -14.31 8.93
N ILE A 112 -0.38 -14.72 8.09
CA ILE A 112 0.97 -14.14 8.00
C ILE A 112 1.04 -13.31 6.71
N CYS A 113 1.00 -11.98 6.83
CA CYS A 113 0.98 -11.05 5.70
C CYS A 113 2.35 -10.38 5.51
N LYS A 114 3.08 -10.77 4.46
CA LYS A 114 4.29 -10.07 4.01
C LYS A 114 3.91 -8.95 3.04
N ASN A 115 4.71 -7.87 3.03
CA ASN A 115 4.64 -6.79 2.04
C ASN A 115 6.06 -6.33 1.67
N ARG A 116 6.37 -6.31 0.38
CA ARG A 116 7.66 -5.92 -0.19
C ARG A 116 7.45 -4.75 -1.15
N SER A 117 8.44 -3.86 -1.24
CA SER A 117 8.46 -2.73 -2.15
C SER A 117 9.78 -2.65 -2.92
N ILE A 118 9.75 -2.14 -4.16
CA ILE A 118 10.83 -2.25 -5.13
C ILE A 118 10.95 -0.95 -5.96
N TYR A 119 12.09 -0.27 -5.88
CA TYR A 119 12.39 0.94 -6.66
C TYR A 119 13.19 0.60 -7.92
N THR A 120 12.69 0.97 -9.09
CA THR A 120 13.42 0.86 -10.37
C THR A 120 14.14 2.17 -10.68
N PRO A 121 15.48 2.19 -10.79
CA PRO A 121 16.21 3.41 -11.12
C PRO A 121 16.06 3.77 -12.60
N LYS A 122 16.12 5.07 -12.94
CA LYS A 122 16.48 5.53 -14.31
C LYS A 122 17.99 5.42 -14.54
N CYS A 123 18.56 4.24 -14.30
CA CYS A 123 20.01 4.00 -14.30
C CYS A 123 20.83 4.89 -13.34
N ASP A 124 20.22 5.43 -12.27
CA ASP A 124 20.92 6.21 -11.25
C ASP A 124 20.35 6.11 -9.81
N ALA A 125 19.02 6.26 -9.62
CA ALA A 125 18.42 6.50 -8.29
C ALA A 125 18.84 5.47 -7.21
N GLN A 126 19.58 5.95 -6.20
CA GLN A 126 20.25 5.14 -5.18
C GLN A 126 19.32 4.53 -4.11
N VAL A 127 18.06 4.98 -4.04
CA VAL A 127 17.08 4.74 -2.96
C VAL A 127 17.44 5.47 -1.67
N SER A 128 16.44 6.09 -1.05
CA SER A 128 16.58 6.94 0.14
C SER A 128 16.16 6.22 1.41
N GLU A 129 16.87 6.49 2.51
CA GLU A 129 16.54 5.95 3.83
C GLU A 129 15.24 6.55 4.38
N GLU A 130 15.07 7.88 4.25
CA GLU A 130 13.91 8.60 4.79
C GLU A 130 12.56 8.07 4.29
N GLU A 131 12.48 7.68 3.01
CA GLU A 131 11.26 7.09 2.45
C GLU A 131 11.13 5.58 2.72
N ILE A 132 12.20 4.87 3.12
CA ILE A 132 12.08 3.51 3.66
C ILE A 132 11.60 3.55 5.12
N LYS A 133 12.08 4.50 5.94
CA LYS A 133 11.56 4.75 7.29
C LYS A 133 10.08 5.15 7.26
N ALA A 134 9.75 6.23 6.54
CA ALA A 134 8.37 6.68 6.38
C ALA A 134 7.51 5.65 5.62
N GLY A 135 8.07 4.93 4.65
CA GLY A 135 7.37 3.89 3.91
C GLY A 135 6.96 2.69 4.76
N LYS A 136 7.80 2.24 5.71
CA LYS A 136 7.41 1.27 6.74
C LYS A 136 6.40 1.86 7.71
N GLU A 137 6.59 3.09 8.19
CA GLU A 137 5.68 3.73 9.15
C GLU A 137 4.26 3.91 8.58
N ARG A 138 4.17 4.32 7.31
CA ARG A 138 2.95 4.48 6.52
C ARG A 138 2.28 3.14 6.24
N ALA A 139 3.00 2.14 5.73
CA ALA A 139 2.45 0.81 5.45
C ALA A 139 2.03 0.05 6.73
N SER A 140 2.81 0.17 7.81
CA SER A 140 2.46 -0.30 9.16
C SER A 140 1.19 0.39 9.66
N GLY A 141 1.09 1.71 9.49
CA GLY A 141 -0.12 2.48 9.78
C GLY A 141 -1.34 1.91 9.07
N ILE A 142 -1.21 1.55 7.78
CA ILE A 142 -2.30 0.91 7.03
C ILE A 142 -2.60 -0.47 7.65
N PHE A 143 -1.64 -1.37 7.83
CA PHE A 143 -1.88 -2.72 8.40
C PHE A 143 -2.48 -2.74 9.82
N LYS A 144 -2.48 -1.62 10.53
CA LYS A 144 -3.03 -1.45 11.88
C LYS A 144 -4.42 -0.84 11.79
N LYS A 145 -4.59 0.21 11.00
CA LYS A 145 -5.89 0.80 10.68
C LYS A 145 -6.80 -0.16 9.92
N VAL A 146 -6.30 -1.07 9.08
CA VAL A 146 -7.11 -2.14 8.47
C VAL A 146 -7.61 -3.14 9.51
N GLU A 147 -6.76 -3.63 10.43
CA GLU A 147 -7.27 -4.49 11.52
C GLU A 147 -8.24 -3.74 12.44
N ALA A 148 -8.00 -2.47 12.77
CA ALA A 148 -8.90 -1.67 13.60
C ALA A 148 -10.21 -1.28 12.88
N TYR A 149 -10.18 -1.07 11.56
CA TYR A 149 -11.37 -0.87 10.73
C TYR A 149 -12.24 -2.14 10.74
N LEU A 150 -11.65 -3.31 10.46
CA LEU A 150 -12.39 -4.57 10.47
C LEU A 150 -12.79 -5.04 11.88
N LEU A 151 -12.16 -4.53 12.93
CA LEU A 151 -12.65 -4.67 14.31
C LEU A 151 -13.93 -3.84 14.55
N ALA A 152 -13.99 -2.61 14.04
CA ALA A 152 -15.16 -1.73 14.16
C ALA A 152 -16.29 -2.07 13.18
N ASN A 153 -15.94 -2.52 11.97
CA ASN A 153 -16.80 -2.62 10.79
C ASN A 153 -16.39 -3.82 9.91
N PRO A 154 -16.42 -5.07 10.43
CA PRO A 154 -16.06 -6.26 9.64
C PRO A 154 -16.97 -6.45 8.43
N ASP A 155 -18.22 -6.00 8.54
CA ASP A 155 -19.24 -5.99 7.50
C ASP A 155 -18.98 -5.00 6.35
N CYS A 156 -18.09 -4.02 6.56
CA CYS A 156 -17.75 -2.91 5.65
C CYS A 156 -18.94 -2.03 5.27
N GLY A 1 18.06 -2.17 -13.17
CA GLY A 1 17.02 -2.92 -12.47
C GLY A 1 16.16 -1.99 -11.66
N ALA A 2 15.95 -2.32 -10.39
CA ALA A 2 15.37 -1.49 -9.34
C ALA A 2 16.11 -1.74 -8.01
N ILE A 3 15.72 -1.02 -6.94
CA ILE A 3 16.15 -1.32 -5.56
C ILE A 3 14.95 -1.36 -4.62
N THR A 4 15.08 -2.09 -3.50
CA THR A 4 13.91 -2.62 -2.78
C THR A 4 14.14 -2.78 -1.28
N TYR A 5 13.06 -2.68 -0.49
CA TYR A 5 13.06 -2.85 0.97
C TYR A 5 11.73 -3.44 1.47
N ASP A 6 11.80 -4.32 2.48
CA ASP A 6 10.67 -5.13 2.97
C ASP A 6 10.50 -5.12 4.50
N MET A 7 9.34 -5.62 4.94
CA MET A 7 8.91 -5.73 6.34
C MET A 7 7.89 -6.87 6.49
N GLU A 8 7.73 -7.41 7.69
CA GLU A 8 6.81 -8.52 7.99
C GLU A 8 5.95 -8.24 9.23
N ILE A 9 4.65 -8.43 9.11
CA ILE A 9 3.61 -7.86 9.98
C ILE A 9 2.61 -8.96 10.39
N PRO A 10 2.53 -9.35 11.67
CA PRO A 10 1.45 -10.22 12.17
C PRO A 10 0.17 -9.41 12.42
N SER A 11 -1.00 -9.90 12.01
CA SER A 11 -2.29 -9.21 12.17
C SER A 11 -3.43 -10.17 12.50
N SER A 12 -4.37 -9.74 13.35
CA SER A 12 -5.53 -10.53 13.82
C SER A 12 -6.71 -10.56 12.81
N ILE A 13 -6.43 -10.47 11.51
CA ILE A 13 -7.41 -10.23 10.44
C ILE A 13 -7.18 -11.20 9.27
N SER A 14 -8.26 -11.60 8.59
CA SER A 14 -8.26 -12.48 7.41
C SER A 14 -7.63 -11.82 6.18
N ALA A 15 -6.90 -12.59 5.37
CA ALA A 15 -5.96 -12.08 4.35
C ALA A 15 -6.59 -11.25 3.22
N GLU A 16 -7.84 -11.52 2.82
CA GLU A 16 -8.58 -10.65 1.90
C GLU A 16 -9.05 -9.37 2.59
N LYS A 17 -9.61 -9.49 3.80
CA LYS A 17 -10.09 -8.35 4.61
C LYS A 17 -8.97 -7.37 4.96
N MET A 18 -7.74 -7.87 5.15
CA MET A 18 -6.54 -7.05 5.28
C MET A 18 -6.35 -6.14 4.06
N PHE A 19 -6.21 -6.69 2.84
CA PHE A 19 -5.94 -5.88 1.66
C PHE A 19 -7.13 -5.00 1.24
N LYS A 20 -8.36 -5.49 1.43
CA LYS A 20 -9.58 -4.70 1.23
C LYS A 20 -9.60 -3.45 2.11
N ALA A 21 -9.35 -3.57 3.41
CA ALA A 21 -9.21 -2.43 4.31
C ALA A 21 -7.96 -1.57 4.00
N PHE A 22 -6.86 -2.19 3.55
CA PHE A 22 -5.57 -1.53 3.31
C PHE A 22 -5.61 -0.53 2.13
N VAL A 23 -6.27 -0.86 1.01
CA VAL A 23 -6.33 0.02 -0.19
C VAL A 23 -7.68 0.11 -0.90
N LEU A 24 -8.51 -0.94 -0.90
CA LEU A 24 -9.80 -0.89 -1.62
C LEU A 24 -10.78 0.04 -0.90
N ASP A 25 -11.03 -0.23 0.38
CA ASP A 25 -11.67 0.68 1.35
C ASP A 25 -10.71 1.77 1.87
N GLY A 26 -9.52 1.91 1.28
CA GLY A 26 -8.44 2.78 1.74
C GLY A 26 -8.75 4.29 1.76
N ASP A 27 -9.86 4.71 1.14
CA ASP A 27 -10.23 6.12 0.89
C ASP A 27 -10.17 7.02 2.12
N THR A 28 -10.79 6.61 3.23
CA THR A 28 -10.69 7.30 4.52
C THR A 28 -9.68 6.65 5.47
N ILE A 29 -9.35 5.36 5.25
CA ILE A 29 -8.49 4.58 6.15
C ILE A 29 -7.02 5.03 6.03
N ILE A 30 -6.48 5.13 4.81
CA ILE A 30 -5.07 5.50 4.59
C ILE A 30 -4.77 6.95 5.04
N PRO A 31 -5.56 7.99 4.69
CA PRO A 31 -5.22 9.36 5.07
C PRO A 31 -5.16 9.57 6.57
N LYS A 32 -6.05 8.94 7.35
CA LYS A 32 -6.05 8.99 8.82
C LYS A 32 -5.12 7.97 9.47
N ALA A 33 -4.49 7.08 8.68
CA ALA A 33 -3.36 6.25 9.11
C ALA A 33 -2.00 6.95 9.02
N LEU A 34 -1.87 8.01 8.22
CA LEU A 34 -0.64 8.80 8.09
C LEU A 34 -0.95 10.31 7.82
N PRO A 35 -1.73 10.98 8.69
CA PRO A 35 -2.24 12.33 8.44
C PRO A 35 -1.16 13.42 8.29
N HIS A 36 0.06 13.18 8.77
CA HIS A 36 1.18 14.12 8.61
C HIS A 36 1.58 14.32 7.14
N ALA A 37 1.68 13.23 6.37
CA ALA A 37 2.11 13.27 4.97
C ALA A 37 0.98 13.00 3.96
N ILE A 38 -0.11 12.33 4.35
CA ILE A 38 -1.23 11.96 3.45
C ILE A 38 -2.48 12.80 3.78
N THR A 39 -3.15 13.30 2.74
CA THR A 39 -4.39 14.09 2.82
C THR A 39 -5.60 13.40 2.15
N GLY A 40 -5.42 12.41 1.26
CA GLY A 40 -6.54 11.76 0.59
C GLY A 40 -6.23 10.53 -0.25
N VAL A 41 -7.26 9.73 -0.53
CA VAL A 41 -7.27 8.51 -1.38
C VAL A 41 -8.65 8.35 -2.05
N GLN A 42 -8.68 7.87 -3.30
CA GLN A 42 -9.92 7.60 -4.05
C GLN A 42 -9.72 6.56 -5.16
N THR A 43 -10.76 5.89 -5.63
CA THR A 43 -10.74 4.94 -6.77
C THR A 43 -10.98 5.65 -8.10
N LEU A 44 -10.25 5.25 -9.14
CA LEU A 44 -10.22 5.79 -10.51
C LEU A 44 -10.39 4.63 -11.53
N GLU A 45 -11.39 3.77 -11.34
CA GLU A 45 -11.74 2.67 -12.27
C GLU A 45 -12.98 1.93 -11.74
N GLY A 46 -13.43 0.93 -12.50
CA GLY A 46 -14.24 -0.14 -11.94
C GLY A 46 -13.50 -0.85 -10.80
N ASP A 47 -14.10 -0.96 -9.61
CA ASP A 47 -13.32 -1.18 -8.41
C ASP A 47 -12.84 -2.63 -8.18
N GLY A 48 -11.94 -2.77 -7.21
CA GLY A 48 -11.83 -4.00 -6.41
C GLY A 48 -10.69 -4.96 -6.75
N GLY A 49 -9.96 -4.78 -7.85
CA GLY A 49 -9.03 -5.79 -8.34
C GLY A 49 -8.09 -5.33 -9.46
N VAL A 50 -7.58 -6.27 -10.26
CA VAL A 50 -6.50 -6.01 -11.23
C VAL A 50 -6.88 -4.92 -12.23
N GLY A 51 -5.96 -3.99 -12.46
CA GLY A 51 -6.12 -2.82 -13.34
C GLY A 51 -6.89 -1.64 -12.72
N THR A 52 -7.33 -1.73 -11.46
CA THR A 52 -8.10 -0.64 -10.82
C THR A 52 -7.17 0.54 -10.53
N ILE A 53 -7.41 1.75 -11.05
CA ILE A 53 -6.55 2.90 -10.71
C ILE A 53 -7.01 3.50 -9.38
N LYS A 54 -6.09 4.14 -8.65
CA LYS A 54 -6.26 4.70 -7.30
C LYS A 54 -5.45 6.00 -7.19
N LEU A 55 -6.08 7.05 -6.67
CA LEU A 55 -5.43 8.28 -6.25
C LEU A 55 -4.81 8.09 -4.86
N THR A 56 -3.68 8.73 -4.62
CA THR A 56 -3.28 9.15 -3.27
C THR A 56 -2.74 10.57 -3.32
N THR A 57 -3.02 11.37 -2.30
CA THR A 57 -2.68 12.80 -2.25
C THR A 57 -2.18 13.19 -0.86
N PHE A 58 -1.33 14.21 -0.80
CA PHE A 58 -0.29 14.39 0.21
C PHE A 58 -0.14 15.84 0.66
N GLY A 59 0.46 16.01 1.84
CA GLY A 59 0.94 17.27 2.39
C GLY A 59 2.46 17.26 2.56
N GLU A 60 2.92 17.53 3.77
CA GLU A 60 4.34 17.77 4.10
C GLU A 60 5.30 16.64 3.69
N GLY A 61 6.53 17.02 3.34
CA GLY A 61 7.67 16.14 3.04
C GLY A 61 7.62 15.45 1.66
N SER A 62 6.45 15.04 1.21
CA SER A 62 6.26 14.29 -0.06
C SER A 62 6.71 15.09 -1.29
N VAL A 63 7.30 14.39 -2.28
CA VAL A 63 7.80 14.96 -3.55
C VAL A 63 6.66 15.49 -4.43
N HIS A 64 5.46 14.90 -4.29
CA HIS A 64 4.27 15.29 -5.03
C HIS A 64 3.05 15.44 -4.13
N LYS A 65 2.19 16.42 -4.45
CA LYS A 65 0.88 16.64 -3.83
C LYS A 65 -0.13 15.55 -4.21
N SER A 66 -0.03 14.95 -5.39
CA SER A 66 -0.88 13.83 -5.82
C SER A 66 -0.12 12.78 -6.62
N VAL A 67 -0.63 11.55 -6.64
CA VAL A 67 -0.10 10.43 -7.41
C VAL A 67 -1.25 9.53 -7.87
N LYS A 68 -1.17 9.00 -9.09
CA LYS A 68 -1.99 7.85 -9.50
C LYS A 68 -1.18 6.57 -9.39
N HIS A 69 -1.74 5.56 -8.75
CA HIS A 69 -1.23 4.18 -8.71
C HIS A 69 -2.33 3.20 -9.10
N ARG A 70 -2.02 1.93 -9.34
CA ARG A 70 -3.00 0.90 -9.67
C ARG A 70 -2.89 -0.31 -8.77
N ILE A 71 -4.03 -0.96 -8.51
CA ILE A 71 -4.10 -2.34 -8.05
C ILE A 71 -3.70 -3.21 -9.24
N ASP A 72 -2.48 -3.74 -9.21
CA ASP A 72 -1.78 -4.30 -10.38
C ASP A 72 -1.89 -5.82 -10.50
N GLY A 73 -2.05 -6.55 -9.40
CA GLY A 73 -2.01 -8.01 -9.35
C GLY A 73 -2.54 -8.52 -8.02
N LEU A 74 -3.09 -9.74 -7.99
CA LEU A 74 -3.47 -10.42 -6.74
C LEU A 74 -3.53 -11.93 -6.92
N ASP A 75 -3.04 -12.70 -5.94
CA ASP A 75 -3.07 -14.16 -5.93
C ASP A 75 -3.31 -14.72 -4.54
N LYS A 76 -4.61 -14.90 -4.24
CA LYS A 76 -5.21 -15.37 -2.98
C LYS A 76 -4.68 -16.73 -2.50
N GLU A 77 -4.07 -17.51 -3.38
CA GLU A 77 -3.40 -18.77 -3.07
C GLU A 77 -2.27 -18.61 -2.04
N ASN A 78 -1.61 -17.44 -1.98
CA ASN A 78 -0.64 -17.01 -0.96
C ASN A 78 -0.84 -15.51 -0.65
N PHE A 79 -2.11 -15.09 -0.67
CA PHE A 79 -2.67 -13.74 -0.87
C PHE A 79 -1.61 -12.68 -1.15
N THR A 80 -0.95 -12.81 -2.31
CA THR A 80 -0.07 -11.76 -2.79
C THR A 80 -0.89 -10.65 -3.42
N TYR A 81 -0.35 -9.43 -3.37
CA TYR A 81 -0.94 -8.27 -4.04
C TYR A 81 0.17 -7.37 -4.58
N SER A 82 -0.01 -6.85 -5.79
CA SER A 82 0.87 -5.86 -6.41
C SER A 82 0.15 -4.52 -6.53
N TYR A 83 0.83 -3.41 -6.24
CA TYR A 83 0.29 -2.06 -6.43
C TYR A 83 1.38 -1.08 -6.83
N SER A 84 1.12 -0.23 -7.84
CA SER A 84 2.20 0.43 -8.60
C SER A 84 1.83 1.85 -9.04
N ILE A 85 2.70 2.83 -8.73
CA ILE A 85 2.59 4.25 -9.11
C ILE A 85 2.89 4.42 -10.60
N ILE A 86 1.97 5.09 -11.31
CA ILE A 86 1.91 5.28 -12.76
C ILE A 86 2.21 6.73 -13.16
N GLU A 87 1.79 7.74 -12.37
CA GLU A 87 2.15 9.15 -12.60
C GLU A 87 2.21 9.97 -11.31
N GLY A 88 3.13 10.93 -11.27
CA GLY A 88 3.38 11.85 -10.14
C GLY A 88 4.75 12.53 -10.27
N GLY A 89 5.03 13.55 -9.45
CA GLY A 89 6.31 14.28 -9.47
C GLY A 89 7.53 13.42 -9.11
N ALA A 90 7.37 12.36 -8.32
CA ALA A 90 8.43 11.39 -8.08
C ALA A 90 8.83 10.66 -9.39
N LEU A 91 7.91 10.47 -10.34
CA LEU A 91 8.21 9.88 -11.65
C LEU A 91 8.88 10.86 -12.63
N ASP A 92 9.23 12.08 -12.19
CA ASP A 92 10.29 12.84 -12.85
C ASP A 92 11.70 12.31 -12.48
N VAL A 93 11.86 11.73 -11.28
CA VAL A 93 13.10 11.05 -10.83
C VAL A 93 13.14 9.56 -11.20
N PHE A 94 12.02 8.85 -11.05
CA PHE A 94 11.90 7.40 -11.24
C PHE A 94 11.19 7.04 -12.56
N GLU A 95 11.50 5.89 -13.16
CA GLU A 95 10.71 5.32 -14.27
C GLU A 95 9.39 4.73 -13.75
N SER A 96 9.43 4.12 -12.56
CA SER A 96 8.28 3.52 -11.89
C SER A 96 8.53 3.40 -10.38
N ILE A 97 7.47 3.41 -9.57
CA ILE A 97 7.57 3.05 -8.14
C ILE A 97 6.48 2.01 -7.85
N SER A 98 6.79 0.96 -7.12
CA SER A 98 5.88 -0.17 -6.93
C SER A 98 6.02 -0.82 -5.56
N TYR A 99 5.05 -1.68 -5.24
CA TYR A 99 4.91 -2.35 -3.96
C TYR A 99 4.39 -3.77 -4.17
N HIS A 100 4.79 -4.68 -3.30
CA HIS A 100 4.38 -6.08 -3.31
C HIS A 100 4.08 -6.56 -1.91
N ILE A 101 2.99 -7.31 -1.76
CA ILE A 101 2.55 -7.92 -0.51
C ILE A 101 2.42 -9.43 -0.72
N LYS A 102 2.60 -10.20 0.36
CA LYS A 102 2.27 -11.63 0.46
C LYS A 102 1.59 -11.89 1.80
N ILE A 103 0.38 -12.45 1.81
CA ILE A 103 -0.38 -12.76 3.03
C ILE A 103 -0.80 -14.24 3.06
N VAL A 104 -0.50 -14.86 4.20
CA VAL A 104 -0.83 -16.25 4.51
C VAL A 104 -1.49 -16.29 5.89
N ALA A 105 -2.66 -16.92 5.97
CA ALA A 105 -3.40 -17.11 7.21
C ALA A 105 -2.66 -18.05 8.17
N THR A 106 -2.83 -17.87 9.48
CA THR A 106 -2.26 -18.73 10.52
C THR A 106 -3.30 -19.72 11.07
N PRO A 107 -2.90 -20.81 11.75
CA PRO A 107 -3.82 -21.74 12.43
C PRO A 107 -4.79 -21.05 13.40
N ASP A 108 -4.33 -19.98 14.06
CA ASP A 108 -5.14 -19.16 14.97
C ASP A 108 -6.16 -18.25 14.27
N GLY A 109 -6.12 -18.09 12.95
CA GLY A 109 -7.03 -17.22 12.19
C GLY A 109 -6.55 -15.78 11.99
N GLY A 110 -5.38 -15.42 12.52
CA GLY A 110 -4.63 -14.24 12.08
C GLY A 110 -3.97 -14.47 10.71
N CYS A 111 -3.06 -13.58 10.34
CA CYS A 111 -2.19 -13.71 9.18
C CYS A 111 -0.76 -13.27 9.48
N ILE A 112 0.19 -13.75 8.68
CA ILE A 112 1.49 -13.10 8.48
C ILE A 112 1.44 -12.36 7.13
N CYS A 113 1.64 -11.04 7.16
CA CYS A 113 1.67 -10.16 6.00
C CYS A 113 3.10 -9.63 5.77
N LYS A 114 3.78 -10.10 4.73
CA LYS A 114 5.00 -9.49 4.21
C LYS A 114 4.63 -8.36 3.26
N ASN A 115 5.32 -7.22 3.35
CA ASN A 115 5.13 -6.04 2.50
C ASN A 115 6.49 -5.50 2.05
N ARG A 116 6.59 -5.04 0.80
CA ARG A 116 7.84 -4.63 0.15
C ARG A 116 7.59 -3.46 -0.82
N SER A 117 8.58 -2.60 -0.99
CA SER A 117 8.59 -1.54 -2.01
C SER A 117 9.75 -1.70 -2.99
N ILE A 118 9.59 -1.21 -4.22
CA ILE A 118 10.49 -1.38 -5.37
C ILE A 118 10.54 -0.04 -6.15
N TYR A 119 11.70 0.62 -6.17
CA TYR A 119 11.91 1.89 -6.88
C TYR A 119 12.76 1.67 -8.14
N THR A 120 12.19 1.92 -9.33
CA THR A 120 12.87 1.77 -10.63
C THR A 120 13.36 3.13 -11.15
N PRO A 121 14.66 3.32 -11.42
CA PRO A 121 15.23 4.63 -11.74
C PRO A 121 15.04 5.03 -13.21
N LYS A 122 15.28 6.32 -13.49
CA LYS A 122 15.72 6.81 -14.80
C LYS A 122 17.25 6.64 -14.93
N CYS A 123 17.68 5.37 -14.88
CA CYS A 123 19.05 4.88 -14.66
C CYS A 123 19.70 5.26 -13.31
N ASP A 124 19.58 6.51 -12.86
CA ASP A 124 20.39 7.10 -11.79
C ASP A 124 19.96 6.74 -10.35
N ALA A 125 18.66 6.82 -10.04
CA ALA A 125 18.19 6.83 -8.66
C ALA A 125 18.53 5.55 -7.86
N GLN A 126 19.30 5.74 -6.80
CA GLN A 126 19.77 4.73 -5.85
C GLN A 126 18.80 4.48 -4.67
N VAL A 127 17.70 5.24 -4.61
CA VAL A 127 16.74 5.45 -3.50
C VAL A 127 17.39 6.01 -2.24
N SER A 128 16.63 6.78 -1.46
CA SER A 128 17.09 7.42 -0.22
C SER A 128 16.52 6.76 1.03
N GLU A 129 17.27 6.79 2.13
CA GLU A 129 16.88 6.15 3.40
C GLU A 129 15.62 6.78 4.00
N GLU A 130 15.37 8.04 3.67
CA GLU A 130 14.18 8.78 4.06
C GLU A 130 12.88 8.12 3.53
N GLU A 131 12.91 7.43 2.38
CA GLU A 131 11.78 6.61 1.92
C GLU A 131 11.82 5.18 2.46
N ILE A 132 13.01 4.61 2.72
CA ILE A 132 13.15 3.27 3.34
C ILE A 132 12.50 3.27 4.73
N LYS A 133 12.84 4.26 5.57
CA LYS A 133 12.24 4.49 6.88
C LYS A 133 10.76 4.88 6.78
N ALA A 134 10.41 5.90 5.99
CA ALA A 134 9.03 6.36 5.90
C ALA A 134 8.07 5.28 5.37
N GLY A 135 8.50 4.44 4.42
CA GLY A 135 7.69 3.35 3.88
C GLY A 135 7.28 2.33 4.94
N LYS A 136 8.16 1.99 5.89
CA LYS A 136 7.83 1.12 7.04
C LYS A 136 6.79 1.77 7.95
N GLU A 137 6.99 3.03 8.34
CA GLU A 137 6.06 3.75 9.22
C GLU A 137 4.67 3.92 8.56
N ARG A 138 4.66 4.35 7.30
CA ARG A 138 3.46 4.58 6.48
C ARG A 138 2.67 3.30 6.23
N ALA A 139 3.32 2.20 5.87
CA ALA A 139 2.66 0.91 5.71
C ALA A 139 2.15 0.35 7.04
N SER A 140 2.99 0.38 8.09
CA SER A 140 2.61 -0.12 9.43
C SER A 140 1.44 0.66 10.02
N GLY A 141 1.39 1.98 9.86
CA GLY A 141 0.25 2.82 10.20
C GLY A 141 -1.05 2.29 9.58
N ILE A 142 -1.04 2.02 8.27
CA ILE A 142 -2.23 1.47 7.58
C ILE A 142 -2.56 0.07 8.15
N PHE A 143 -1.60 -0.85 8.28
CA PHE A 143 -1.81 -2.19 8.87
C PHE A 143 -2.33 -2.19 10.32
N LYS A 144 -2.33 -1.05 10.99
CA LYS A 144 -2.80 -0.86 12.39
C LYS A 144 -4.17 -0.21 12.40
N LYS A 145 -4.41 0.84 11.60
CA LYS A 145 -5.76 1.40 11.42
C LYS A 145 -6.73 0.39 10.82
N VAL A 146 -6.28 -0.49 9.91
CA VAL A 146 -7.10 -1.61 9.42
C VAL A 146 -7.43 -2.63 10.52
N GLU A 147 -6.46 -2.98 11.38
CA GLU A 147 -6.75 -3.80 12.57
C GLU A 147 -7.77 -3.12 13.49
N ALA A 148 -7.62 -1.82 13.79
CA ALA A 148 -8.54 -1.09 14.66
C ALA A 148 -9.95 -0.94 14.06
N TYR A 149 -10.06 -0.69 12.75
CA TYR A 149 -11.32 -0.57 12.01
C TYR A 149 -12.10 -1.88 12.08
N LEU A 150 -11.46 -3.00 11.73
CA LEU A 150 -12.09 -4.32 11.75
C LEU A 150 -12.21 -4.91 13.17
N LEU A 151 -11.42 -4.46 14.15
CA LEU A 151 -11.63 -4.77 15.57
C LEU A 151 -12.97 -4.19 16.06
N ALA A 152 -13.26 -2.94 15.72
CA ALA A 152 -14.55 -2.30 16.05
C ALA A 152 -15.71 -2.84 15.20
N ASN A 153 -15.48 -3.03 13.90
CA ASN A 153 -16.51 -3.15 12.87
C ASN A 153 -16.08 -4.13 11.75
N PRO A 154 -15.92 -5.44 12.08
CA PRO A 154 -15.53 -6.46 11.08
C PRO A 154 -16.60 -6.67 10.01
N ASP A 155 -17.84 -6.33 10.32
CA ASP A 155 -19.00 -6.32 9.44
C ASP A 155 -18.99 -5.18 8.41
N CYS A 156 -18.16 -4.14 8.60
CA CYS A 156 -18.08 -2.91 7.79
C CYS A 156 -19.44 -2.19 7.64
N GLY A 1 20.59 0.69 -11.23
CA GLY A 1 19.94 -0.56 -10.77
C GLY A 1 18.50 -0.29 -10.42
N ALA A 2 17.96 -1.00 -9.42
CA ALA A 2 16.68 -0.76 -8.76
C ALA A 2 16.70 -1.47 -7.40
N ILE A 3 16.19 -0.83 -6.34
CA ILE A 3 16.47 -1.23 -4.95
C ILE A 3 15.20 -1.52 -4.15
N THR A 4 15.31 -2.36 -3.12
CA THR A 4 14.17 -2.93 -2.39
C THR A 4 14.40 -3.06 -0.88
N TYR A 5 13.31 -3.08 -0.12
CA TYR A 5 13.24 -3.51 1.28
C TYR A 5 11.96 -4.33 1.53
N ASP A 6 11.95 -5.12 2.61
CA ASP A 6 10.81 -5.98 3.00
C ASP A 6 10.58 -6.01 4.52
N MET A 7 9.44 -6.57 4.94
CA MET A 7 9.00 -6.72 6.33
C MET A 7 8.02 -7.89 6.46
N GLU A 8 7.86 -8.41 7.68
CA GLU A 8 6.97 -9.54 7.98
C GLU A 8 6.17 -9.27 9.27
N ILE A 9 4.85 -9.23 9.15
CA ILE A 9 3.91 -8.74 10.18
C ILE A 9 2.88 -9.84 10.51
N PRO A 10 2.77 -10.31 11.77
CA PRO A 10 1.69 -11.22 12.18
C PRO A 10 0.38 -10.45 12.34
N SER A 11 -0.76 -11.13 12.15
CA SER A 11 -2.10 -10.56 12.32
C SER A 11 -3.14 -11.62 12.67
N SER A 12 -4.31 -11.18 13.11
CA SER A 12 -5.45 -12.01 13.54
C SER A 12 -6.71 -11.69 12.71
N ILE A 13 -6.54 -11.49 11.39
CA ILE A 13 -7.60 -11.18 10.42
C ILE A 13 -7.38 -11.98 9.14
N SER A 14 -8.48 -12.39 8.49
CA SER A 14 -8.51 -13.19 7.25
C SER A 14 -7.79 -12.52 6.08
N ALA A 15 -7.04 -13.28 5.30
CA ALA A 15 -6.01 -12.79 4.39
C ALA A 15 -6.54 -12.02 3.15
N GLU A 16 -7.75 -12.29 2.66
CA GLU A 16 -8.42 -11.43 1.68
C GLU A 16 -8.85 -10.12 2.33
N LYS A 17 -9.52 -10.20 3.48
CA LYS A 17 -10.06 -9.04 4.21
C LYS A 17 -8.97 -8.10 4.73
N MET A 18 -7.78 -8.61 5.03
CA MET A 18 -6.57 -7.81 5.25
C MET A 18 -6.25 -6.93 4.04
N PHE A 19 -6.11 -7.51 2.84
CA PHE A 19 -5.77 -6.74 1.63
C PHE A 19 -6.91 -5.83 1.16
N LYS A 20 -8.17 -6.29 1.32
CA LYS A 20 -9.36 -5.46 1.05
C LYS A 20 -9.35 -4.20 1.89
N ALA A 21 -9.13 -4.31 3.19
CA ALA A 21 -8.95 -3.15 4.08
C ALA A 21 -7.66 -2.34 3.78
N PHE A 22 -6.56 -3.01 3.39
CA PHE A 22 -5.24 -2.38 3.20
C PHE A 22 -5.21 -1.40 2.02
N VAL A 23 -5.85 -1.73 0.89
CA VAL A 23 -5.91 -0.84 -0.29
C VAL A 23 -7.27 -0.75 -0.96
N LEU A 24 -8.04 -1.84 -1.09
CA LEU A 24 -9.27 -1.82 -1.90
C LEU A 24 -10.30 -0.84 -1.30
N ASP A 25 -10.60 -1.00 -0.02
CA ASP A 25 -11.38 -0.10 0.86
C ASP A 25 -10.55 1.08 1.42
N GLY A 26 -9.32 1.28 0.95
CA GLY A 26 -8.31 2.12 1.61
C GLY A 26 -8.60 3.62 1.71
N ASP A 27 -9.72 4.10 1.18
CA ASP A 27 -10.07 5.51 0.96
C ASP A 27 -10.03 6.39 2.22
N THR A 28 -10.27 5.84 3.41
CA THR A 28 -10.09 6.54 4.69
C THR A 28 -9.12 5.81 5.63
N ILE A 29 -8.99 4.49 5.50
CA ILE A 29 -8.03 3.68 6.27
C ILE A 29 -6.59 4.14 6.03
N ILE A 30 -6.17 4.37 4.77
CA ILE A 30 -4.82 4.82 4.43
C ILE A 30 -4.54 6.24 4.95
N PRO A 31 -5.43 7.25 4.77
CA PRO A 31 -5.30 8.55 5.42
C PRO A 31 -5.13 8.47 6.94
N LYS A 32 -5.95 7.69 7.66
CA LYS A 32 -5.82 7.52 9.12
C LYS A 32 -4.60 6.68 9.54
N ALA A 33 -3.99 5.91 8.64
CA ALA A 33 -2.76 5.14 8.90
C ALA A 33 -1.48 5.99 8.87
N LEU A 34 -1.48 7.10 8.11
CA LEU A 34 -0.31 7.97 7.95
C LEU A 34 -0.71 9.46 7.86
N PRO A 35 -1.47 10.01 8.85
CA PRO A 35 -1.95 11.39 8.83
C PRO A 35 -0.87 12.46 8.97
N HIS A 36 0.39 12.09 9.27
CA HIS A 36 1.53 13.02 9.18
C HIS A 36 1.75 13.53 7.75
N ALA A 37 1.48 12.74 6.71
CA ALA A 37 1.74 13.11 5.32
C ALA A 37 0.61 12.84 4.32
N ILE A 38 -0.19 11.78 4.49
CA ILE A 38 -1.35 11.49 3.61
C ILE A 38 -2.55 12.33 4.02
N THR A 39 -3.31 12.88 3.07
CA THR A 39 -4.53 13.67 3.31
C THR A 39 -5.77 13.12 2.59
N GLY A 40 -5.63 12.37 1.49
CA GLY A 40 -6.78 11.84 0.73
C GLY A 40 -6.45 10.60 -0.13
N VAL A 41 -7.46 9.76 -0.34
CA VAL A 41 -7.39 8.51 -1.15
C VAL A 41 -8.75 8.22 -1.80
N GLN A 42 -8.76 7.79 -3.06
CA GLN A 42 -9.97 7.41 -3.82
C GLN A 42 -9.68 6.29 -4.83
N THR A 43 -10.65 5.46 -5.20
CA THR A 43 -10.55 4.58 -6.37
C THR A 43 -10.70 5.35 -7.69
N LEU A 44 -9.99 4.90 -8.73
CA LEU A 44 -9.89 5.52 -10.05
C LEU A 44 -9.99 4.44 -11.16
N GLU A 45 -11.07 3.66 -11.12
CA GLU A 45 -11.40 2.56 -12.06
C GLU A 45 -12.67 1.85 -11.59
N GLY A 46 -13.10 0.82 -12.30
CA GLY A 46 -13.84 -0.28 -11.68
C GLY A 46 -13.02 -0.90 -10.54
N ASP A 47 -13.61 -1.03 -9.35
CA ASP A 47 -12.88 -1.37 -8.13
C ASP A 47 -12.48 -2.85 -8.06
N GLY A 48 -11.60 -3.16 -7.12
CA GLY A 48 -11.47 -4.52 -6.57
C GLY A 48 -10.58 -5.52 -7.28
N GLY A 49 -9.91 -5.18 -8.39
CA GLY A 49 -9.24 -6.16 -9.25
C GLY A 49 -7.90 -5.73 -9.84
N VAL A 50 -7.29 -6.63 -10.62
CA VAL A 50 -6.08 -6.34 -11.41
C VAL A 50 -6.40 -5.25 -12.44
N GLY A 51 -5.55 -4.24 -12.54
CA GLY A 51 -5.76 -3.05 -13.37
C GLY A 51 -6.71 -2.01 -12.78
N THR A 52 -7.10 -2.11 -11.50
CA THR A 52 -7.84 -1.04 -10.79
C THR A 52 -6.87 0.08 -10.42
N ILE A 53 -7.07 1.34 -10.85
CA ILE A 53 -6.21 2.44 -10.38
C ILE A 53 -6.79 3.03 -9.08
N LYS A 54 -5.93 3.64 -8.26
CA LYS A 54 -6.24 4.33 -7.02
C LYS A 54 -5.42 5.61 -6.90
N LEU A 55 -6.08 6.69 -6.50
CA LEU A 55 -5.48 7.97 -6.14
C LEU A 55 -4.94 7.92 -4.71
N THR A 56 -3.84 8.61 -4.44
CA THR A 56 -3.43 9.00 -3.09
C THR A 56 -2.83 10.41 -3.13
N THR A 57 -3.12 11.25 -2.14
CA THR A 57 -2.72 12.67 -2.10
C THR A 57 -2.31 13.11 -0.69
N PHE A 58 -1.44 14.12 -0.64
CA PHE A 58 -0.51 14.37 0.46
C PHE A 58 -0.43 15.85 0.85
N GLY A 59 -0.26 16.11 2.15
CA GLY A 59 -0.13 17.44 2.73
C GLY A 59 1.32 17.93 2.84
N GLU A 60 1.65 18.52 3.98
CA GLU A 60 2.99 19.01 4.33
C GLU A 60 4.05 17.90 4.39
N GLY A 61 5.32 18.25 4.17
CA GLY A 61 6.44 17.31 4.15
C GLY A 61 6.49 16.42 2.90
N SER A 62 5.64 16.70 1.92
CA SER A 62 5.43 15.87 0.73
C SER A 62 5.77 16.63 -0.55
N VAL A 63 6.74 16.10 -1.30
CA VAL A 63 7.39 16.71 -2.47
C VAL A 63 6.41 17.00 -3.61
N HIS A 64 5.38 16.17 -3.78
CA HIS A 64 4.35 16.29 -4.81
C HIS A 64 2.96 15.94 -4.27
N LYS A 65 1.93 16.63 -4.77
CA LYS A 65 0.58 16.67 -4.18
C LYS A 65 -0.19 15.35 -4.29
N SER A 66 -0.11 14.65 -5.43
CA SER A 66 -0.89 13.43 -5.68
C SER A 66 -0.11 12.37 -6.45
N VAL A 67 -0.56 11.11 -6.36
CA VAL A 67 0.02 9.96 -7.06
C VAL A 67 -1.09 8.98 -7.47
N LYS A 68 -0.97 8.40 -8.66
CA LYS A 68 -1.76 7.25 -9.11
C LYS A 68 -0.97 5.96 -8.90
N HIS A 69 -1.61 4.96 -8.32
CA HIS A 69 -1.07 3.59 -8.22
C HIS A 69 -2.15 2.58 -8.55
N ARG A 70 -1.78 1.41 -9.11
CA ARG A 70 -2.76 0.39 -9.52
C ARG A 70 -2.58 -0.92 -8.77
N ILE A 71 -3.71 -1.55 -8.45
CA ILE A 71 -3.78 -2.95 -8.04
C ILE A 71 -3.46 -3.82 -9.27
N ASP A 72 -2.52 -4.75 -9.14
CA ASP A 72 -1.83 -5.35 -10.30
C ASP A 72 -1.63 -6.88 -10.24
N GLY A 73 -2.04 -7.54 -9.16
CA GLY A 73 -2.02 -9.00 -9.02
C GLY A 73 -2.69 -9.48 -7.74
N LEU A 74 -3.25 -10.69 -7.74
CA LEU A 74 -3.91 -11.32 -6.59
C LEU A 74 -3.95 -12.85 -6.73
N ASP A 75 -3.45 -13.59 -5.73
CA ASP A 75 -3.43 -15.06 -5.70
C ASP A 75 -3.68 -15.57 -4.28
N LYS A 76 -4.98 -15.69 -3.95
CA LYS A 76 -5.54 -16.10 -2.65
C LYS A 76 -5.12 -17.50 -2.20
N GLU A 77 -4.50 -18.27 -3.08
CA GLU A 77 -3.86 -19.56 -2.80
C GLU A 77 -2.63 -19.43 -1.88
N ASN A 78 -1.96 -18.27 -1.91
CA ASN A 78 -0.82 -17.89 -1.06
C ASN A 78 -0.93 -16.41 -0.61
N PHE A 79 -2.19 -15.93 -0.54
CA PHE A 79 -2.67 -14.55 -0.72
C PHE A 79 -1.57 -13.55 -1.09
N THR A 80 -0.97 -13.75 -2.28
CA THR A 80 0.02 -12.81 -2.81
C THR A 80 -0.67 -11.73 -3.61
N TYR A 81 -0.17 -10.50 -3.52
CA TYR A 81 -0.70 -9.34 -4.23
C TYR A 81 0.42 -8.47 -4.79
N SER A 82 0.12 -7.72 -5.84
CA SER A 82 1.02 -6.71 -6.40
C SER A 82 0.30 -5.39 -6.58
N TYR A 83 1.00 -4.27 -6.37
CA TYR A 83 0.53 -2.93 -6.74
C TYR A 83 1.71 -2.01 -7.08
N SER A 84 1.48 -0.99 -7.92
CA SER A 84 2.57 -0.12 -8.42
C SER A 84 2.12 1.31 -8.66
N ILE A 85 2.95 2.29 -8.29
CA ILE A 85 2.82 3.71 -8.64
C ILE A 85 3.11 3.87 -10.13
N ILE A 86 2.14 4.45 -10.85
CA ILE A 86 2.12 4.66 -12.30
C ILE A 86 2.42 6.11 -12.67
N GLU A 87 1.94 7.08 -11.90
CA GLU A 87 2.06 8.51 -12.26
C GLU A 87 2.08 9.41 -11.02
N GLY A 88 2.89 10.47 -11.06
CA GLY A 88 3.05 11.48 -10.00
C GLY A 88 4.48 12.04 -9.96
N GLY A 89 4.71 13.09 -9.17
CA GLY A 89 6.00 13.78 -9.09
C GLY A 89 7.15 12.93 -8.55
N ALA A 90 6.87 11.83 -7.85
CA ALA A 90 7.88 10.80 -7.56
C ALA A 90 8.60 10.37 -8.85
N LEU A 91 7.86 10.18 -9.94
CA LEU A 91 8.38 9.77 -11.24
C LEU A 91 9.00 10.93 -12.05
N ASP A 92 9.15 12.12 -11.46
CA ASP A 92 10.08 13.14 -11.94
C ASP A 92 11.54 12.77 -11.65
N VAL A 93 11.77 11.93 -10.63
CA VAL A 93 13.12 11.48 -10.21
C VAL A 93 13.27 9.96 -10.27
N PHE A 94 12.24 9.20 -9.88
CA PHE A 94 12.11 7.77 -10.16
C PHE A 94 11.58 7.52 -11.59
N GLU A 95 11.65 6.27 -12.05
CA GLU A 95 10.93 5.79 -13.24
C GLU A 95 9.66 5.01 -12.87
N SER A 96 9.65 4.32 -11.72
CA SER A 96 8.53 3.52 -11.22
C SER A 96 8.73 3.18 -9.74
N ILE A 97 7.65 3.01 -8.97
CA ILE A 97 7.71 2.46 -7.60
C ILE A 97 6.67 1.34 -7.47
N SER A 98 7.01 0.25 -6.78
CA SER A 98 6.24 -1.00 -6.81
C SER A 98 6.23 -1.73 -5.48
N TYR A 99 5.29 -2.66 -5.31
CA TYR A 99 5.03 -3.41 -4.09
C TYR A 99 4.61 -4.84 -4.38
N HIS A 100 4.88 -5.72 -3.40
CA HIS A 100 4.39 -7.09 -3.33
C HIS A 100 4.03 -7.44 -1.88
N ILE A 101 2.91 -8.13 -1.69
CA ILE A 101 2.43 -8.61 -0.39
C ILE A 101 2.20 -10.12 -0.50
N LYS A 102 2.34 -10.87 0.60
CA LYS A 102 2.14 -12.33 0.67
C LYS A 102 1.54 -12.74 2.01
N ILE A 103 0.33 -13.31 2.01
CA ILE A 103 -0.42 -13.65 3.23
C ILE A 103 -0.86 -15.14 3.22
N VAL A 104 -0.62 -15.81 4.34
CA VAL A 104 -0.91 -17.25 4.54
C VAL A 104 -1.44 -17.46 5.97
N ALA A 105 -2.49 -18.25 6.10
CA ALA A 105 -3.14 -18.56 7.38
C ALA A 105 -2.26 -19.47 8.27
N THR A 106 -2.26 -19.24 9.59
CA THR A 106 -1.67 -20.15 10.58
C THR A 106 -2.69 -21.22 11.01
N PRO A 107 -2.30 -22.48 11.26
CA PRO A 107 -3.23 -23.54 11.67
C PRO A 107 -4.04 -23.27 12.97
N ASP A 108 -3.57 -22.38 13.84
CA ASP A 108 -4.30 -21.93 15.04
C ASP A 108 -5.32 -20.80 14.78
N GLY A 109 -5.46 -20.29 13.55
CA GLY A 109 -6.49 -19.32 13.18
C GLY A 109 -6.04 -17.86 13.07
N GLY A 110 -4.74 -17.59 12.95
CA GLY A 110 -4.18 -16.28 12.59
C GLY A 110 -3.76 -16.21 11.12
N CYS A 111 -3.05 -15.14 10.75
CA CYS A 111 -2.42 -14.95 9.44
C CYS A 111 -1.04 -14.29 9.59
N ILE A 112 -0.08 -14.66 8.75
CA ILE A 112 1.22 -13.98 8.64
C ILE A 112 1.27 -13.22 7.31
N CYS A 113 1.62 -11.94 7.34
CA CYS A 113 1.65 -11.03 6.21
C CYS A 113 3.06 -10.50 5.94
N LYS A 114 3.72 -10.98 4.89
CA LYS A 114 4.94 -10.38 4.33
C LYS A 114 4.56 -9.21 3.40
N ASN A 115 5.38 -8.17 3.40
CA ASN A 115 5.26 -6.99 2.53
C ASN A 115 6.65 -6.54 2.05
N ARG A 116 6.74 -6.10 0.80
CA ARG A 116 7.98 -5.81 0.07
C ARG A 116 7.77 -4.66 -0.90
N SER A 117 8.74 -3.77 -1.02
CA SER A 117 8.67 -2.58 -1.87
C SER A 117 9.93 -2.39 -2.71
N ILE A 118 9.80 -1.82 -3.91
CA ILE A 118 10.83 -1.78 -4.96
C ILE A 118 10.81 -0.43 -5.68
N TYR A 119 11.93 0.28 -5.69
CA TYR A 119 12.06 1.65 -6.20
C TYR A 119 12.98 1.66 -7.42
N THR A 120 12.39 1.91 -8.59
CA THR A 120 13.11 1.91 -9.87
C THR A 120 13.47 3.35 -10.28
N PRO A 121 14.76 3.67 -10.45
CA PRO A 121 15.21 5.02 -10.78
C PRO A 121 15.18 5.31 -12.29
N LYS A 122 15.36 6.58 -12.65
CA LYS A 122 15.86 7.00 -13.97
C LYS A 122 17.38 6.75 -14.10
N CYS A 123 17.83 5.58 -13.66
CA CYS A 123 19.25 5.19 -13.56
C CYS A 123 20.14 6.13 -12.72
N ASP A 124 19.62 6.67 -11.61
CA ASP A 124 20.39 7.52 -10.67
C ASP A 124 19.91 7.43 -9.19
N ALA A 125 18.60 7.52 -8.93
CA ALA A 125 18.03 7.58 -7.56
C ALA A 125 18.26 6.32 -6.70
N GLN A 126 18.65 6.53 -5.45
CA GLN A 126 19.03 5.51 -4.47
C GLN A 126 17.88 5.09 -3.52
N VAL A 127 16.76 5.83 -3.48
CA VAL A 127 15.72 5.87 -2.43
C VAL A 127 16.26 6.37 -1.08
N SER A 128 15.54 7.29 -0.44
CA SER A 128 15.92 7.86 0.86
C SER A 128 15.73 6.83 1.97
N GLU A 129 16.67 6.70 2.91
CA GLU A 129 16.44 5.84 4.08
C GLU A 129 15.31 6.39 4.97
N GLU A 130 15.05 7.70 4.90
CA GLU A 130 13.85 8.32 5.48
C GLU A 130 12.53 7.82 4.88
N GLU A 131 12.51 7.42 3.59
CA GLU A 131 11.38 6.73 2.93
C GLU A 131 11.40 5.22 3.16
N ILE A 132 12.57 4.59 3.39
CA ILE A 132 12.61 3.20 3.86
C ILE A 132 11.91 3.12 5.24
N LYS A 133 12.32 4.00 6.17
CA LYS A 133 11.77 4.12 7.53
C LYS A 133 10.32 4.57 7.55
N ALA A 134 9.96 5.65 6.83
CA ALA A 134 8.58 6.13 6.79
C ALA A 134 7.67 5.29 5.87
N GLY A 135 8.22 4.60 4.87
CA GLY A 135 7.49 3.63 4.05
C GLY A 135 7.21 2.33 4.81
N LYS A 136 8.12 1.89 5.68
CA LYS A 136 7.85 0.88 6.71
C LYS A 136 6.76 1.36 7.69
N GLU A 137 6.86 2.61 8.18
CA GLU A 137 5.85 3.22 9.06
C GLU A 137 4.46 3.29 8.40
N ARG A 138 4.41 3.67 7.11
CA ARG A 138 3.20 3.72 6.28
C ARG A 138 2.56 2.34 6.13
N ALA A 139 3.32 1.33 5.72
CA ALA A 139 2.81 -0.03 5.56
C ALA A 139 2.37 -0.64 6.90
N SER A 140 3.20 -0.53 7.95
CA SER A 140 2.87 -0.97 9.31
C SER A 140 1.61 -0.28 9.83
N GLY A 141 1.49 1.04 9.65
CA GLY A 141 0.33 1.83 10.03
C GLY A 141 -0.95 1.30 9.39
N ILE A 142 -0.90 1.00 8.08
CA ILE A 142 -2.05 0.42 7.40
C ILE A 142 -2.38 -0.96 7.99
N PHE A 143 -1.40 -1.88 8.18
CA PHE A 143 -1.62 -3.19 8.81
C PHE A 143 -2.19 -3.12 10.25
N LYS A 144 -2.19 -1.95 10.89
CA LYS A 144 -2.70 -1.70 12.25
C LYS A 144 -4.09 -1.10 12.18
N LYS A 145 -4.29 -0.07 11.35
CA LYS A 145 -5.62 0.49 11.04
C LYS A 145 -6.57 -0.57 10.46
N VAL A 146 -6.08 -1.49 9.64
CA VAL A 146 -6.90 -2.60 9.11
C VAL A 146 -7.33 -3.57 10.21
N GLU A 147 -6.42 -3.97 11.11
CA GLU A 147 -6.83 -4.77 12.28
C GLU A 147 -7.82 -4.00 13.18
N ALA A 148 -7.64 -2.69 13.40
CA ALA A 148 -8.58 -1.87 14.17
C ALA A 148 -9.95 -1.72 13.47
N TYR A 149 -9.99 -1.65 12.14
CA TYR A 149 -11.24 -1.58 11.36
C TYR A 149 -12.07 -2.85 11.57
N LEU A 150 -11.48 -4.03 11.36
CA LEU A 150 -12.18 -5.30 11.58
C LEU A 150 -12.30 -5.71 13.07
N LEU A 151 -11.59 -5.07 14.00
CA LEU A 151 -11.89 -5.18 15.44
C LEU A 151 -13.24 -4.53 15.77
N ALA A 152 -13.50 -3.33 15.24
CA ALA A 152 -14.75 -2.61 15.44
C ALA A 152 -15.89 -3.11 14.54
N ASN A 153 -15.59 -3.52 13.30
CA ASN A 153 -16.55 -3.67 12.21
C ASN A 153 -16.08 -4.74 11.18
N PRO A 154 -15.97 -6.04 11.56
CA PRO A 154 -15.56 -7.12 10.65
C PRO A 154 -16.65 -7.47 9.61
N ASP A 155 -17.89 -7.11 9.89
CA ASP A 155 -19.03 -7.10 8.98
C ASP A 155 -18.95 -6.00 7.91
N CYS A 156 -18.12 -4.97 8.14
CA CYS A 156 -17.81 -3.83 7.27
C CYS A 156 -19.06 -3.07 6.79
N GLY A 1 18.34 -2.24 -13.45
CA GLY A 1 17.78 -2.98 -12.32
C GLY A 1 16.78 -2.16 -11.55
N ALA A 2 16.27 -2.69 -10.44
CA ALA A 2 15.33 -2.00 -9.55
C ALA A 2 15.58 -2.42 -8.09
N ILE A 3 15.55 -1.46 -7.18
CA ILE A 3 16.04 -1.61 -5.79
C ILE A 3 14.87 -1.57 -4.79
N THR A 4 15.07 -2.17 -3.62
CA THR A 4 13.96 -2.73 -2.83
C THR A 4 14.11 -2.55 -1.32
N TYR A 5 12.96 -2.57 -0.61
CA TYR A 5 12.87 -2.91 0.80
C TYR A 5 11.61 -3.77 1.03
N ASP A 6 11.59 -4.56 2.10
CA ASP A 6 10.52 -5.49 2.42
C ASP A 6 10.31 -5.69 3.94
N MET A 7 9.12 -6.11 4.32
CA MET A 7 8.65 -6.33 5.69
C MET A 7 7.70 -7.53 5.75
N GLU A 8 7.61 -8.18 6.91
CA GLU A 8 6.74 -9.33 7.13
C GLU A 8 6.01 -9.23 8.46
N ILE A 9 4.68 -9.15 8.42
CA ILE A 9 3.81 -8.72 9.52
C ILE A 9 2.84 -9.84 9.92
N PRO A 10 2.80 -10.28 11.19
CA PRO A 10 1.76 -11.19 11.68
C PRO A 10 0.42 -10.44 11.83
N SER A 11 -0.71 -11.09 11.57
CA SER A 11 -2.06 -10.52 11.72
C SER A 11 -3.11 -11.61 11.95
N SER A 12 -4.30 -11.21 12.42
CA SER A 12 -5.43 -12.12 12.69
C SER A 12 -6.59 -11.94 11.71
N ILE A 13 -6.68 -10.80 11.00
CA ILE A 13 -7.58 -10.62 9.84
C ILE A 13 -7.22 -11.62 8.72
N SER A 14 -8.23 -12.14 8.01
CA SER A 14 -8.06 -13.04 6.86
C SER A 14 -7.53 -12.32 5.60
N ALA A 15 -6.80 -13.05 4.76
CA ALA A 15 -5.89 -12.50 3.74
C ALA A 15 -6.56 -11.69 2.61
N GLU A 16 -7.82 -11.98 2.27
CA GLU A 16 -8.62 -11.13 1.39
C GLU A 16 -8.95 -9.80 2.08
N LYS A 17 -9.52 -9.87 3.30
CA LYS A 17 -9.92 -8.69 4.07
C LYS A 17 -8.75 -7.81 4.46
N MET A 18 -7.56 -8.37 4.65
CA MET A 18 -6.32 -7.61 4.83
C MET A 18 -6.04 -6.69 3.64
N PHE A 19 -5.91 -7.23 2.42
CA PHE A 19 -5.59 -6.40 1.24
C PHE A 19 -6.74 -5.46 0.85
N LYS A 20 -7.98 -5.93 0.99
CA LYS A 20 -9.18 -5.10 0.81
C LYS A 20 -9.15 -3.88 1.73
N ALA A 21 -8.95 -4.07 3.03
CA ALA A 21 -8.82 -2.97 3.98
C ALA A 21 -7.56 -2.10 3.72
N PHE A 22 -6.46 -2.71 3.26
CA PHE A 22 -5.18 -2.03 3.03
C PHE A 22 -5.22 -1.00 1.89
N VAL A 23 -5.85 -1.31 0.75
CA VAL A 23 -5.89 -0.40 -0.43
C VAL A 23 -7.24 -0.26 -1.13
N LEU A 24 -8.12 -1.26 -1.15
CA LEU A 24 -9.42 -1.14 -1.81
C LEU A 24 -10.32 -0.18 -1.01
N ASP A 25 -10.52 -0.47 0.27
CA ASP A 25 -11.12 0.40 1.29
C ASP A 25 -10.18 1.56 1.71
N GLY A 26 -8.96 1.60 1.17
CA GLY A 26 -7.91 2.56 1.52
C GLY A 26 -8.27 4.03 1.33
N ASP A 27 -9.33 4.33 0.57
CA ASP A 27 -9.86 5.69 0.34
C ASP A 27 -10.19 6.47 1.63
N THR A 28 -10.50 5.76 2.72
CA THR A 28 -10.72 6.33 4.06
C THR A 28 -9.71 5.83 5.10
N ILE A 29 -9.20 4.60 4.96
CA ILE A 29 -8.27 4.01 5.93
C ILE A 29 -6.85 4.59 5.79
N ILE A 30 -6.32 4.77 4.57
CA ILE A 30 -4.94 5.25 4.36
C ILE A 30 -4.72 6.67 4.90
N PRO A 31 -5.61 7.67 4.70
CA PRO A 31 -5.46 8.98 5.31
C PRO A 31 -5.43 8.94 6.84
N LYS A 32 -6.30 8.13 7.46
CA LYS A 32 -6.34 7.95 8.92
C LYS A 32 -5.19 7.09 9.46
N ALA A 33 -4.46 6.38 8.59
CA ALA A 33 -3.29 5.58 8.93
C ALA A 33 -1.96 6.36 8.95
N LEU A 34 -1.87 7.52 8.30
CA LEU A 34 -0.72 8.42 8.37
C LEU A 34 -1.20 9.90 8.36
N PRO A 35 -2.03 10.30 9.35
CA PRO A 35 -2.81 11.54 9.32
C PRO A 35 -1.95 12.81 9.42
N HIS A 36 -0.69 12.74 9.83
CA HIS A 36 0.20 13.90 9.87
C HIS A 36 0.57 14.42 8.47
N ALA A 37 0.59 13.54 7.45
CA ALA A 37 1.03 13.91 6.10
C ALA A 37 0.11 13.48 4.95
N ILE A 38 -0.68 12.39 5.07
CA ILE A 38 -1.67 12.04 4.04
C ILE A 38 -2.95 12.85 4.25
N THR A 39 -3.49 13.42 3.18
CA THR A 39 -4.66 14.31 3.20
C THR A 39 -5.85 13.75 2.41
N GLY A 40 -5.67 12.73 1.58
CA GLY A 40 -6.78 12.05 0.90
C GLY A 40 -6.36 10.86 0.03
N VAL A 41 -7.28 9.93 -0.18
CA VAL A 41 -7.16 8.78 -1.10
C VAL A 41 -8.52 8.54 -1.77
N GLN A 42 -8.53 8.13 -3.05
CA GLN A 42 -9.76 7.96 -3.82
C GLN A 42 -9.60 6.88 -4.90
N THR A 43 -10.61 6.04 -5.10
CA THR A 43 -10.65 5.07 -6.21
C THR A 43 -10.85 5.82 -7.53
N LEU A 44 -10.05 5.50 -8.53
CA LEU A 44 -9.98 6.18 -9.83
C LEU A 44 -10.09 5.15 -10.97
N GLU A 45 -11.15 4.35 -10.94
CA GLU A 45 -11.56 3.36 -11.94
C GLU A 45 -12.83 2.63 -11.46
N GLY A 46 -13.27 1.61 -12.18
CA GLY A 46 -14.01 0.52 -11.55
C GLY A 46 -13.15 -0.20 -10.50
N ASP A 47 -13.73 -0.53 -9.36
CA ASP A 47 -13.00 -0.94 -8.16
C ASP A 47 -12.54 -2.41 -8.21
N GLY A 48 -11.67 -2.77 -7.27
CA GLY A 48 -11.57 -4.15 -6.81
C GLY A 48 -10.77 -5.12 -7.68
N GLY A 49 -10.00 -4.68 -8.66
CA GLY A 49 -9.36 -5.60 -9.62
C GLY A 49 -8.13 -5.07 -10.35
N VAL A 50 -7.61 -5.88 -11.27
CA VAL A 50 -6.43 -5.57 -12.07
C VAL A 50 -6.71 -4.39 -13.00
N GLY A 51 -5.90 -3.35 -12.89
CA GLY A 51 -6.04 -2.07 -13.55
C GLY A 51 -6.93 -1.05 -12.82
N THR A 52 -7.35 -1.30 -11.58
CA THR A 52 -8.06 -0.26 -10.78
C THR A 52 -7.07 0.83 -10.38
N ILE A 53 -7.25 2.09 -10.79
CA ILE A 53 -6.36 3.17 -10.33
C ILE A 53 -6.82 3.69 -8.96
N LYS A 54 -5.88 4.24 -8.20
CA LYS A 54 -6.00 4.75 -6.84
C LYS A 54 -5.24 6.08 -6.80
N LEU A 55 -5.99 7.16 -6.61
CA LEU A 55 -5.47 8.50 -6.37
C LEU A 55 -5.07 8.64 -4.91
N THR A 56 -4.02 9.41 -4.62
CA THR A 56 -3.52 9.67 -3.25
C THR A 56 -2.92 11.07 -3.19
N THR A 57 -3.16 11.79 -2.09
CA THR A 57 -2.70 13.18 -1.91
C THR A 57 -2.20 13.45 -0.49
N PHE A 58 -1.29 14.41 -0.38
CA PHE A 58 -0.48 14.70 0.80
C PHE A 58 -0.47 16.20 1.14
N GLY A 59 -0.03 16.50 2.37
CA GLY A 59 0.22 17.84 2.90
C GLY A 59 1.62 17.95 3.49
N GLU A 60 1.73 17.89 4.81
CA GLU A 60 2.93 18.31 5.55
C GLU A 60 4.19 17.49 5.19
N GLY A 61 5.32 18.18 5.03
CA GLY A 61 6.65 17.59 4.79
C GLY A 61 6.79 16.78 3.50
N SER A 62 5.75 16.74 2.66
CA SER A 62 5.65 15.84 1.51
C SER A 62 6.14 16.51 0.22
N VAL A 63 6.97 15.83 -0.55
CA VAL A 63 7.69 16.39 -1.73
C VAL A 63 6.75 16.74 -2.88
N HIS A 64 5.71 15.93 -3.10
CA HIS A 64 4.76 16.06 -4.22
C HIS A 64 3.33 15.87 -3.71
N LYS A 65 2.46 16.84 -4.01
CA LYS A 65 1.10 16.92 -3.47
C LYS A 65 0.20 15.73 -3.80
N SER A 66 0.35 15.10 -4.97
CA SER A 66 -0.47 13.93 -5.35
C SER A 66 0.31 12.85 -6.11
N VAL A 67 -0.23 11.63 -6.14
CA VAL A 67 0.34 10.45 -6.80
C VAL A 67 -0.79 9.50 -7.23
N LYS A 68 -0.61 8.79 -8.35
CA LYS A 68 -1.54 7.73 -8.80
C LYS A 68 -0.84 6.38 -8.86
N HIS A 69 -1.51 5.35 -8.35
CA HIS A 69 -1.06 3.97 -8.36
C HIS A 69 -2.18 3.04 -8.81
N ARG A 70 -1.87 1.88 -9.39
CA ARG A 70 -2.87 0.88 -9.82
C ARG A 70 -2.76 -0.40 -9.00
N ILE A 71 -3.91 -1.02 -8.71
CA ILE A 71 -4.00 -2.44 -8.35
C ILE A 71 -3.70 -3.24 -9.62
N ASP A 72 -2.75 -4.17 -9.57
CA ASP A 72 -2.06 -4.73 -10.75
C ASP A 72 -2.08 -6.26 -10.85
N GLY A 73 -2.36 -6.99 -9.76
CA GLY A 73 -2.39 -8.46 -9.75
C GLY A 73 -2.98 -9.00 -8.45
N LEU A 74 -3.57 -10.19 -8.49
CA LEU A 74 -4.20 -10.84 -7.34
C LEU A 74 -4.20 -12.37 -7.50
N ASP A 75 -3.70 -13.10 -6.51
CA ASP A 75 -3.60 -14.56 -6.49
C ASP A 75 -3.83 -15.12 -5.09
N LYS A 76 -5.10 -15.27 -4.74
CA LYS A 76 -5.63 -15.76 -3.46
C LYS A 76 -5.14 -17.15 -3.06
N GLU A 77 -4.60 -17.90 -4.02
CA GLU A 77 -3.87 -19.17 -3.81
C GLU A 77 -2.61 -19.01 -2.94
N ASN A 78 -2.04 -17.80 -2.85
CA ASN A 78 -0.88 -17.43 -2.03
C ASN A 78 -0.99 -15.97 -1.52
N PHE A 79 -2.23 -15.48 -1.38
CA PHE A 79 -2.73 -14.11 -1.56
C PHE A 79 -1.66 -13.10 -1.91
N THR A 80 -1.04 -13.27 -3.10
CA THR A 80 -0.09 -12.28 -3.61
C THR A 80 -0.85 -11.20 -4.33
N TYR A 81 -0.43 -9.95 -4.14
CA TYR A 81 -1.02 -8.80 -4.80
C TYR A 81 0.06 -7.86 -5.35
N SER A 82 -0.01 -7.59 -6.65
CA SER A 82 0.82 -6.58 -7.29
C SER A 82 0.10 -5.24 -7.29
N TYR A 83 0.82 -4.14 -7.08
CA TYR A 83 0.31 -2.76 -7.21
C TYR A 83 1.47 -1.80 -7.52
N SER A 84 1.23 -0.71 -8.25
CA SER A 84 2.33 0.11 -8.80
C SER A 84 1.99 1.58 -8.94
N ILE A 85 2.88 2.48 -8.54
CA ILE A 85 2.82 3.91 -8.85
C ILE A 85 3.12 4.10 -10.35
N ILE A 86 2.19 4.80 -11.01
CA ILE A 86 2.19 5.04 -12.46
C ILE A 86 2.61 6.48 -12.78
N GLU A 87 2.26 7.45 -11.94
CA GLU A 87 2.60 8.86 -12.10
C GLU A 87 2.52 9.64 -10.78
N GLY A 88 3.22 10.78 -10.73
CA GLY A 88 3.36 11.66 -9.57
C GLY A 88 4.82 11.81 -9.14
N GLY A 89 5.19 12.96 -8.59
CA GLY A 89 6.57 13.52 -8.54
C GLY A 89 7.71 12.67 -7.98
N ALA A 90 7.44 11.55 -7.31
CA ALA A 90 8.46 10.51 -7.09
C ALA A 90 9.06 10.03 -8.43
N LEU A 91 8.24 9.87 -9.47
CA LEU A 91 8.65 9.46 -10.81
C LEU A 91 9.33 10.58 -11.62
N ASP A 92 9.69 11.70 -10.99
CA ASP A 92 10.79 12.55 -11.48
C ASP A 92 12.14 11.87 -11.22
N VAL A 93 12.31 11.25 -10.04
CA VAL A 93 13.52 10.53 -9.60
C VAL A 93 13.58 9.10 -10.16
N PHE A 94 12.42 8.45 -10.28
CA PHE A 94 12.26 7.06 -10.70
C PHE A 94 11.60 6.92 -12.08
N GLU A 95 11.87 5.84 -12.81
CA GLU A 95 11.07 5.41 -13.96
C GLU A 95 9.68 4.93 -13.51
N SER A 96 9.67 4.15 -12.42
CA SER A 96 8.52 3.44 -11.87
C SER A 96 8.75 3.15 -10.38
N ILE A 97 7.70 3.06 -9.58
CA ILE A 97 7.75 2.38 -8.28
C ILE A 97 6.66 1.31 -8.28
N SER A 98 6.99 0.11 -7.86
CA SER A 98 6.06 -1.02 -7.80
C SER A 98 6.13 -1.72 -6.44
N TYR A 99 5.15 -2.56 -6.16
CA TYR A 99 4.98 -3.27 -4.91
C TYR A 99 4.49 -4.69 -5.13
N HIS A 100 4.76 -5.53 -4.14
CA HIS A 100 4.33 -6.92 -4.08
C HIS A 100 4.00 -7.27 -2.63
N ILE A 101 2.75 -7.59 -2.36
CA ILE A 101 2.32 -8.23 -1.10
C ILE A 101 2.25 -9.74 -1.33
N LYS A 102 2.49 -10.52 -0.27
CA LYS A 102 2.19 -11.96 -0.18
C LYS A 102 1.53 -12.26 1.16
N ILE A 103 0.27 -12.71 1.16
CA ILE A 103 -0.45 -13.09 2.38
C ILE A 103 -0.82 -14.59 2.35
N VAL A 104 -0.51 -15.25 3.46
CA VAL A 104 -0.68 -16.70 3.65
C VAL A 104 -1.36 -16.94 5.00
N ALA A 105 -2.44 -17.72 4.99
CA ALA A 105 -3.26 -17.99 6.16
C ALA A 105 -2.54 -18.92 7.16
N THR A 106 -2.68 -18.66 8.46
CA THR A 106 -2.13 -19.50 9.55
C THR A 106 -3.14 -20.58 10.00
N PRO A 107 -2.69 -21.69 10.60
CA PRO A 107 -3.60 -22.74 11.09
C PRO A 107 -4.58 -22.27 12.18
N ASP A 108 -4.27 -21.17 12.88
CA ASP A 108 -5.15 -20.56 13.89
C ASP A 108 -6.25 -19.65 13.29
N GLY A 109 -6.27 -19.43 11.98
CA GLY A 109 -7.24 -18.58 11.28
C GLY A 109 -6.80 -17.11 11.10
N GLY A 110 -5.55 -16.78 11.41
CA GLY A 110 -4.94 -15.49 11.07
C GLY A 110 -4.15 -15.54 9.76
N CYS A 111 -3.16 -14.67 9.63
CA CYS A 111 -2.30 -14.51 8.45
C CYS A 111 -0.85 -14.14 8.82
N ILE A 112 0.09 -14.50 7.94
CA ILE A 112 1.37 -13.79 7.78
C ILE A 112 1.25 -12.92 6.53
N CYS A 113 1.52 -11.62 6.65
CA CYS A 113 1.40 -10.63 5.59
C CYS A 113 2.75 -9.99 5.27
N LYS A 114 3.37 -10.44 4.17
CA LYS A 114 4.60 -9.86 3.60
C LYS A 114 4.24 -8.68 2.69
N ASN A 115 5.07 -7.63 2.68
CA ASN A 115 4.96 -6.49 1.78
C ASN A 115 6.35 -6.01 1.35
N ARG A 116 6.53 -5.77 0.06
CA ARG A 116 7.79 -5.45 -0.61
C ARG A 116 7.58 -4.32 -1.61
N SER A 117 8.55 -3.40 -1.71
CA SER A 117 8.58 -2.33 -2.70
C SER A 117 9.77 -2.46 -3.65
N ILE A 118 9.63 -1.95 -4.88
CA ILE A 118 10.54 -2.11 -6.02
C ILE A 118 10.62 -0.78 -6.78
N TYR A 119 11.59 0.06 -6.41
CA TYR A 119 11.86 1.37 -7.02
C TYR A 119 12.78 1.18 -8.23
N THR A 120 12.29 1.50 -9.43
CA THR A 120 13.09 1.45 -10.66
C THR A 120 13.64 2.85 -10.96
N PRO A 121 14.96 3.11 -10.84
CA PRO A 121 15.53 4.44 -11.01
C PRO A 121 15.42 4.94 -12.46
N LYS A 122 15.56 6.25 -12.67
CA LYS A 122 16.11 6.80 -13.93
C LYS A 122 17.64 6.59 -13.99
N CYS A 123 18.06 5.34 -13.72
CA CYS A 123 19.43 4.83 -13.74
C CYS A 123 20.45 5.43 -12.74
N ASP A 124 20.03 6.20 -11.73
CA ASP A 124 20.95 6.81 -10.74
C ASP A 124 20.43 6.81 -9.28
N ALA A 125 19.10 6.84 -9.08
CA ALA A 125 18.47 7.03 -7.77
C ALA A 125 18.75 5.90 -6.75
N GLN A 126 19.28 6.30 -5.58
CA GLN A 126 19.63 5.44 -4.46
C GLN A 126 18.42 4.94 -3.65
N VAL A 127 17.26 5.60 -3.74
CA VAL A 127 16.18 5.65 -2.74
C VAL A 127 16.68 6.24 -1.43
N SER A 128 16.17 7.42 -1.09
CA SER A 128 16.46 8.11 0.17
C SER A 128 15.85 7.34 1.34
N GLU A 129 16.60 7.18 2.44
CA GLU A 129 16.13 6.49 3.63
C GLU A 129 14.88 7.16 4.24
N GLU A 130 14.71 8.46 3.98
CA GLU A 130 13.50 9.23 4.29
C GLU A 130 12.23 8.62 3.66
N GLU A 131 12.30 8.06 2.45
CA GLU A 131 11.20 7.32 1.80
C GLU A 131 11.08 5.89 2.34
N ILE A 132 12.19 5.25 2.72
CA ILE A 132 12.18 3.90 3.30
C ILE A 132 11.51 3.92 4.67
N LYS A 133 11.92 4.84 5.55
CA LYS A 133 11.33 5.04 6.88
C LYS A 133 9.87 5.47 6.79
N ALA A 134 9.55 6.44 5.93
CA ALA A 134 8.15 6.82 5.69
C ALA A 134 7.34 5.64 5.15
N GLY A 135 7.84 4.92 4.14
CA GLY A 135 7.13 3.83 3.49
C GLY A 135 6.92 2.59 4.36
N LYS A 136 7.87 2.25 5.24
CA LYS A 136 7.71 1.21 6.27
C LYS A 136 6.69 1.63 7.34
N GLU A 137 6.77 2.86 7.84
CA GLU A 137 5.84 3.38 8.85
C GLU A 137 4.42 3.52 8.31
N ARG A 138 4.27 4.05 7.09
CA ARG A 138 3.01 4.22 6.35
C ARG A 138 2.33 2.88 6.08
N ALA A 139 3.07 1.88 5.60
CA ALA A 139 2.55 0.52 5.44
C ALA A 139 2.15 -0.11 6.80
N SER A 140 2.99 0.02 7.83
CA SER A 140 2.70 -0.47 9.19
C SER A 140 1.43 0.14 9.75
N GLY A 141 1.30 1.47 9.72
CA GLY A 141 0.11 2.19 10.17
C GLY A 141 -1.16 1.65 9.52
N ILE A 142 -1.14 1.43 8.20
CA ILE A 142 -2.29 0.84 7.50
C ILE A 142 -2.58 -0.57 8.06
N PHE A 143 -1.60 -1.48 8.16
CA PHE A 143 -1.80 -2.83 8.73
C PHE A 143 -2.35 -2.88 10.18
N LYS A 144 -2.38 -1.75 10.87
CA LYS A 144 -2.83 -1.60 12.27
C LYS A 144 -4.17 -0.87 12.34
N LYS A 145 -4.38 0.17 11.53
CA LYS A 145 -5.71 0.75 11.32
C LYS A 145 -6.66 -0.28 10.74
N VAL A 146 -6.24 -1.16 9.83
CA VAL A 146 -7.08 -2.23 9.27
C VAL A 146 -7.48 -3.28 10.31
N GLU A 147 -6.55 -3.75 11.16
CA GLU A 147 -6.92 -4.67 12.25
C GLU A 147 -7.94 -4.02 13.21
N ALA A 148 -7.74 -2.75 13.61
CA ALA A 148 -8.69 -2.05 14.47
C ALA A 148 -10.01 -1.64 13.74
N TYR A 149 -9.99 -1.44 12.42
CA TYR A 149 -11.19 -1.15 11.63
C TYR A 149 -12.13 -2.34 11.64
N LEU A 150 -11.61 -3.52 11.31
CA LEU A 150 -12.38 -4.76 11.30
C LEU A 150 -12.66 -5.29 12.72
N LEU A 151 -11.92 -4.87 13.76
CA LEU A 151 -12.35 -5.04 15.15
C LEU A 151 -13.64 -4.25 15.44
N ALA A 152 -13.65 -2.96 15.08
CA ALA A 152 -14.78 -2.05 15.32
C ALA A 152 -16.00 -2.32 14.40
N ASN A 153 -15.77 -2.76 13.16
CA ASN A 153 -16.78 -2.84 12.10
C ASN A 153 -16.47 -4.01 11.12
N PRO A 154 -16.48 -5.28 11.59
CA PRO A 154 -16.20 -6.45 10.73
C PRO A 154 -17.21 -6.59 9.58
N ASP A 155 -18.42 -6.08 9.76
CA ASP A 155 -19.51 -6.01 8.80
C ASP A 155 -19.35 -4.94 7.71
N CYS A 156 -18.42 -3.99 7.88
CA CYS A 156 -18.20 -2.79 7.04
C CYS A 156 -19.50 -2.01 6.76
N GLY A 1 18.81 -0.37 -13.41
CA GLY A 1 18.77 -0.91 -12.05
C GLY A 1 17.70 -0.26 -11.21
N ALA A 2 17.45 -0.80 -10.01
CA ALA A 2 16.49 -0.31 -9.02
C ALA A 2 16.90 -0.79 -7.62
N ILE A 3 16.32 -0.21 -6.56
CA ILE A 3 16.47 -0.68 -5.16
C ILE A 3 15.13 -1.03 -4.52
N THR A 4 15.16 -1.83 -3.47
CA THR A 4 14.01 -2.44 -2.81
C THR A 4 14.13 -2.48 -1.28
N TYR A 5 13.00 -2.60 -0.59
CA TYR A 5 12.88 -2.93 0.83
C TYR A 5 11.67 -3.85 1.07
N ASP A 6 11.62 -4.56 2.20
CA ASP A 6 10.45 -5.34 2.62
C ASP A 6 10.15 -5.24 4.12
N MET A 7 8.97 -5.72 4.49
CA MET A 7 8.41 -5.73 5.85
C MET A 7 7.43 -6.90 6.00
N GLU A 8 7.07 -7.25 7.22
CA GLU A 8 6.12 -8.33 7.50
C GLU A 8 5.36 -8.09 8.80
N ILE A 9 4.04 -8.29 8.78
CA ILE A 9 3.11 -7.93 9.86
C ILE A 9 2.25 -9.15 10.25
N PRO A 10 2.21 -9.55 11.53
CA PRO A 10 1.22 -10.50 12.02
C PRO A 10 -0.14 -9.81 12.24
N SER A 11 -1.22 -10.47 11.83
CA SER A 11 -2.59 -9.93 11.82
C SER A 11 -3.63 -10.97 12.22
N SER A 12 -4.84 -10.52 12.60
CA SER A 12 -5.99 -11.38 12.90
C SER A 12 -7.10 -11.30 11.85
N ILE A 13 -7.16 -10.23 11.06
CA ILE A 13 -8.04 -10.10 9.89
C ILE A 13 -7.61 -11.06 8.75
N SER A 14 -8.60 -11.54 7.97
CA SER A 14 -8.40 -12.40 6.79
C SER A 14 -7.74 -11.68 5.59
N ALA A 15 -7.00 -12.43 4.77
CA ALA A 15 -6.06 -11.89 3.78
C ALA A 15 -6.65 -10.94 2.72
N GLU A 16 -7.75 -11.31 2.05
CA GLU A 16 -8.40 -10.42 1.08
C GLU A 16 -9.06 -9.22 1.75
N LYS A 17 -9.66 -9.41 2.94
CA LYS A 17 -10.20 -8.30 3.76
C LYS A 17 -9.11 -7.29 4.14
N MET A 18 -7.90 -7.75 4.45
CA MET A 18 -6.75 -6.86 4.67
C MET A 18 -6.47 -5.99 3.44
N PHE A 19 -6.28 -6.59 2.26
CA PHE A 19 -5.92 -5.83 1.06
C PHE A 19 -7.05 -4.91 0.55
N LYS A 20 -8.30 -5.37 0.61
CA LYS A 20 -9.46 -4.54 0.27
C LYS A 20 -9.54 -3.30 1.16
N ALA A 21 -9.35 -3.45 2.47
CA ALA A 21 -9.22 -2.33 3.41
C ALA A 21 -7.99 -1.46 3.13
N PHE A 22 -6.87 -2.06 2.69
CA PHE A 22 -5.58 -1.39 2.49
C PHE A 22 -5.60 -0.36 1.33
N VAL A 23 -6.33 -0.63 0.23
CA VAL A 23 -6.39 0.28 -0.93
C VAL A 23 -7.75 0.43 -1.60
N LEU A 24 -8.53 -0.65 -1.80
CA LEU A 24 -9.84 -0.54 -2.49
C LEU A 24 -10.81 0.36 -1.68
N ASP A 25 -10.92 0.10 -0.38
CA ASP A 25 -11.65 0.92 0.59
C ASP A 25 -10.80 2.09 1.14
N GLY A 26 -9.68 2.43 0.50
CA GLY A 26 -8.67 3.34 1.06
C GLY A 26 -9.07 4.82 1.22
N ASP A 27 -10.23 5.24 0.71
CA ASP A 27 -10.64 6.66 0.59
C ASP A 27 -10.56 7.47 1.89
N THR A 28 -10.87 6.87 3.04
CA THR A 28 -10.70 7.47 4.36
C THR A 28 -9.63 6.74 5.19
N ILE A 29 -9.47 5.43 5.01
CA ILE A 29 -8.52 4.59 5.78
C ILE A 29 -7.07 5.03 5.55
N ILE A 30 -6.68 5.37 4.31
CA ILE A 30 -5.32 5.84 4.01
C ILE A 30 -5.10 7.28 4.52
N PRO A 31 -6.01 8.26 4.32
CA PRO A 31 -5.90 9.57 4.98
C PRO A 31 -5.87 9.51 6.52
N LYS A 32 -6.54 8.54 7.15
CA LYS A 32 -6.46 8.26 8.59
C LYS A 32 -5.14 7.57 9.02
N ALA A 33 -4.35 7.02 8.10
CA ALA A 33 -3.12 6.28 8.41
C ALA A 33 -1.88 7.17 8.64
N LEU A 34 -1.76 8.29 7.93
CA LEU A 34 -0.68 9.28 8.13
C LEU A 34 -1.27 10.71 8.00
N PRO A 35 -2.24 11.07 8.87
CA PRO A 35 -3.09 12.24 8.71
C PRO A 35 -2.38 13.59 8.83
N HIS A 36 -1.14 13.65 9.31
CA HIS A 36 -0.35 14.88 9.27
C HIS A 36 0.03 15.26 7.82
N ALA A 37 0.28 14.27 6.95
CA ALA A 37 0.72 14.47 5.56
C ALA A 37 -0.40 14.22 4.53
N ILE A 38 -1.11 13.10 4.63
CA ILE A 38 -2.10 12.65 3.63
C ILE A 38 -3.39 13.45 3.79
N THR A 39 -3.98 13.93 2.69
CA THR A 39 -5.18 14.79 2.69
C THR A 39 -6.37 14.17 1.95
N GLY A 40 -6.18 13.19 1.06
CA GLY A 40 -7.28 12.49 0.43
C GLY A 40 -6.90 11.28 -0.44
N VAL A 41 -7.88 10.40 -0.68
CA VAL A 41 -7.77 9.20 -1.54
C VAL A 41 -9.07 8.98 -2.30
N GLN A 42 -8.99 8.39 -3.49
CA GLN A 42 -10.13 8.24 -4.42
C GLN A 42 -9.96 7.02 -5.33
N THR A 43 -11.06 6.41 -5.80
CA THR A 43 -10.99 5.45 -6.93
C THR A 43 -11.02 6.18 -8.27
N LEU A 44 -10.29 5.67 -9.25
CA LEU A 44 -10.06 6.25 -10.57
C LEU A 44 -10.12 5.15 -11.65
N GLU A 45 -11.21 4.37 -11.66
CA GLU A 45 -11.59 3.35 -12.65
C GLU A 45 -12.86 2.62 -12.17
N GLY A 46 -13.35 1.67 -12.97
CA GLY A 46 -14.09 0.51 -12.46
C GLY A 46 -13.25 -0.28 -11.46
N ASP A 47 -13.77 -0.50 -10.25
CA ASP A 47 -12.99 -1.03 -9.13
C ASP A 47 -12.80 -2.56 -9.16
N GLY A 48 -12.19 -3.10 -8.10
CA GLY A 48 -12.31 -4.52 -7.77
C GLY A 48 -11.32 -5.48 -8.44
N GLY A 49 -10.30 -5.00 -9.15
CA GLY A 49 -9.35 -5.90 -9.83
C GLY A 49 -8.20 -5.22 -10.59
N VAL A 50 -7.52 -5.99 -11.42
CA VAL A 50 -6.32 -5.59 -12.17
C VAL A 50 -6.59 -4.44 -13.14
N GLY A 51 -5.71 -3.43 -13.12
CA GLY A 51 -5.84 -2.20 -13.90
C GLY A 51 -6.82 -1.17 -13.31
N THR A 52 -7.33 -1.40 -12.09
CA THR A 52 -8.13 -0.38 -11.38
C THR A 52 -7.17 0.69 -10.87
N ILE A 53 -7.35 1.98 -11.20
CA ILE A 53 -6.47 3.03 -10.67
C ILE A 53 -7.05 3.61 -9.38
N LYS A 54 -6.17 4.01 -8.46
CA LYS A 54 -6.44 4.72 -7.21
C LYS A 54 -5.67 6.04 -7.25
N LEU A 55 -6.32 7.14 -6.88
CA LEU A 55 -5.71 8.45 -6.71
C LEU A 55 -5.44 8.70 -5.22
N THR A 56 -4.38 9.44 -4.90
CA THR A 56 -3.95 9.74 -3.52
C THR A 56 -3.26 11.10 -3.49
N THR A 57 -3.47 11.88 -2.44
CA THR A 57 -2.99 13.27 -2.36
C THR A 57 -2.59 13.69 -0.95
N PHE A 58 -1.67 14.66 -0.87
CA PHE A 58 -0.93 15.06 0.30
C PHE A 58 -0.86 16.59 0.42
N GLY A 59 -0.83 17.09 1.66
CA GLY A 59 -0.71 18.51 1.99
C GLY A 59 0.70 18.86 2.43
N GLU A 60 0.95 18.71 3.74
CA GLU A 60 2.18 19.12 4.40
C GLU A 60 3.38 18.20 4.14
N GLY A 61 4.58 18.77 4.00
CA GLY A 61 5.85 18.08 4.18
C GLY A 61 6.03 16.81 3.35
N SER A 62 5.61 16.82 2.08
CA SER A 62 5.45 15.60 1.26
C SER A 62 6.19 15.66 -0.07
N VAL A 63 6.72 14.50 -0.50
CA VAL A 63 7.49 14.34 -1.77
C VAL A 63 6.75 14.91 -2.99
N HIS A 64 5.43 14.77 -3.03
CA HIS A 64 4.57 15.24 -4.12
C HIS A 64 3.16 15.55 -3.64
N LYS A 65 2.43 16.38 -4.39
CA LYS A 65 1.05 16.78 -4.09
C LYS A 65 0.05 15.65 -4.38
N SER A 66 0.17 14.95 -5.51
CA SER A 66 -0.80 13.93 -5.94
C SER A 66 -0.14 12.79 -6.71
N VAL A 67 -0.67 11.58 -6.55
CA VAL A 67 -0.13 10.33 -7.10
C VAL A 67 -1.23 9.36 -7.52
N LYS A 68 -1.08 8.73 -8.68
CA LYS A 68 -1.92 7.65 -9.19
C LYS A 68 -1.19 6.31 -9.06
N HIS A 69 -1.88 5.31 -8.54
CA HIS A 69 -1.36 3.94 -8.39
C HIS A 69 -2.43 2.90 -8.66
N ARG A 70 -2.09 1.80 -9.33
CA ARG A 70 -3.04 0.78 -9.77
C ARG A 70 -3.02 -0.46 -8.90
N ILE A 71 -4.19 -1.08 -8.73
CA ILE A 71 -4.30 -2.50 -8.40
C ILE A 71 -3.81 -3.29 -9.61
N ASP A 72 -2.72 -4.05 -9.45
CA ASP A 72 -1.88 -4.52 -10.56
C ASP A 72 -1.86 -6.05 -10.76
N GLY A 73 -2.03 -6.84 -9.69
CA GLY A 73 -1.99 -8.31 -9.76
C GLY A 73 -2.37 -8.95 -8.44
N LEU A 74 -2.76 -10.24 -8.45
CA LEU A 74 -3.23 -10.95 -7.27
C LEU A 74 -3.20 -12.46 -7.50
N ASP A 75 -2.46 -13.20 -6.68
CA ASP A 75 -2.60 -14.66 -6.58
C ASP A 75 -2.79 -15.12 -5.13
N LYS A 76 -4.04 -15.52 -4.83
CA LYS A 76 -4.53 -15.86 -3.49
C LYS A 76 -3.92 -17.13 -2.90
N GLU A 77 -3.16 -17.90 -3.67
CA GLU A 77 -2.29 -18.97 -3.13
C GLU A 77 -1.30 -18.45 -2.07
N ASN A 78 -0.80 -17.21 -2.21
CA ASN A 78 0.02 -16.53 -1.20
C ASN A 78 -0.35 -15.04 -1.12
N PHE A 79 -1.63 -14.74 -1.34
CA PHE A 79 -2.25 -13.43 -1.61
C PHE A 79 -1.25 -12.36 -2.09
N THR A 80 -0.59 -12.63 -3.21
CA THR A 80 0.45 -11.77 -3.81
C THR A 80 -0.18 -10.57 -4.52
N TYR A 81 -0.69 -9.63 -3.74
CA TYR A 81 -1.27 -8.38 -4.21
C TYR A 81 -0.19 -7.39 -4.66
N SER A 82 0.02 -7.31 -5.98
CA SER A 82 0.83 -6.26 -6.61
C SER A 82 0.01 -4.97 -6.74
N TYR A 83 0.63 -3.83 -6.42
CA TYR A 83 0.07 -2.50 -6.69
C TYR A 83 1.19 -1.49 -6.99
N SER A 84 0.98 -0.58 -7.93
CA SER A 84 2.09 0.16 -8.56
C SER A 84 1.76 1.62 -8.85
N ILE A 85 2.64 2.55 -8.47
CA ILE A 85 2.56 3.98 -8.79
C ILE A 85 2.92 4.19 -10.27
N ILE A 86 2.01 4.85 -10.98
CA ILE A 86 2.05 5.08 -12.44
C ILE A 86 2.39 6.54 -12.78
N GLU A 87 1.93 7.49 -11.97
CA GLU A 87 2.01 8.93 -12.24
C GLU A 87 2.06 9.73 -10.93
N GLY A 88 2.91 10.77 -10.85
CA GLY A 88 3.07 11.61 -9.65
C GLY A 88 4.38 12.38 -9.64
N GLY A 89 4.54 13.37 -8.75
CA GLY A 89 5.78 14.17 -8.65
C GLY A 89 7.02 13.41 -8.18
N ALA A 90 6.84 12.29 -7.46
CA ALA A 90 7.93 11.33 -7.23
C ALA A 90 8.48 10.78 -8.56
N LEU A 91 7.60 10.53 -9.54
CA LEU A 91 7.97 10.05 -10.87
C LEU A 91 8.44 11.18 -11.81
N ASP A 92 8.73 12.38 -11.27
CA ASP A 92 9.71 13.27 -11.90
C ASP A 92 11.13 12.72 -11.72
N VAL A 93 11.44 12.20 -10.53
CA VAL A 93 12.74 11.60 -10.16
C VAL A 93 12.85 10.14 -10.57
N PHE A 94 11.76 9.38 -10.41
CA PHE A 94 11.66 7.95 -10.72
C PHE A 94 10.93 7.69 -12.04
N GLU A 95 11.21 6.57 -12.70
CA GLU A 95 10.36 6.09 -13.82
C GLU A 95 9.15 5.32 -13.28
N SER A 96 9.34 4.55 -12.20
CA SER A 96 8.31 3.71 -11.59
C SER A 96 8.57 3.55 -10.09
N ILE A 97 7.51 3.40 -9.31
CA ILE A 97 7.58 2.92 -7.92
C ILE A 97 6.49 1.86 -7.76
N SER A 98 6.80 0.73 -7.12
CA SER A 98 5.87 -0.39 -7.01
C SER A 98 5.91 -1.07 -5.66
N TYR A 99 4.88 -1.84 -5.35
CA TYR A 99 4.69 -2.57 -4.11
C TYR A 99 4.16 -3.99 -4.37
N HIS A 100 4.40 -4.88 -3.42
CA HIS A 100 4.03 -6.29 -3.47
C HIS A 100 3.69 -6.81 -2.07
N ILE A 101 2.40 -6.76 -1.74
CA ILE A 101 1.84 -7.46 -0.59
C ILE A 101 1.82 -8.97 -0.89
N LYS A 102 2.02 -9.79 0.14
CA LYS A 102 1.98 -11.26 0.06
C LYS A 102 1.45 -11.80 1.40
N ILE A 103 0.27 -12.42 1.41
CA ILE A 103 -0.44 -12.81 2.64
C ILE A 103 -0.78 -14.31 2.63
N VAL A 104 -0.66 -14.92 3.81
CA VAL A 104 -0.98 -16.34 4.07
C VAL A 104 -1.75 -16.41 5.39
N ALA A 105 -2.89 -17.11 5.41
CA ALA A 105 -3.64 -17.36 6.64
C ALA A 105 -2.86 -18.26 7.62
N THR A 106 -3.08 -18.09 8.93
CA THR A 106 -2.51 -18.93 10.00
C THR A 106 -3.53 -19.94 10.55
N PRO A 107 -3.12 -21.04 11.19
CA PRO A 107 -4.01 -22.04 11.77
C PRO A 107 -5.11 -21.47 12.68
N ASP A 108 -4.77 -20.51 13.54
CA ASP A 108 -5.69 -19.84 14.49
C ASP A 108 -6.53 -18.72 13.86
N GLY A 109 -6.59 -18.63 12.52
CA GLY A 109 -7.50 -17.77 11.78
C GLY A 109 -6.98 -16.35 11.51
N GLY A 110 -5.74 -16.06 11.89
CA GLY A 110 -5.04 -14.82 11.55
C GLY A 110 -4.38 -14.89 10.18
N CYS A 111 -3.45 -13.95 9.93
CA CYS A 111 -2.62 -13.87 8.74
C CYS A 111 -1.19 -13.44 9.08
N ILE A 112 -0.22 -13.86 8.28
CA ILE A 112 1.08 -13.18 8.17
C ILE A 112 1.11 -12.42 6.85
N CYS A 113 1.25 -11.10 6.92
CA CYS A 113 1.20 -10.18 5.78
C CYS A 113 2.57 -9.55 5.52
N LYS A 114 3.30 -10.07 4.53
CA LYS A 114 4.49 -9.43 3.97
C LYS A 114 4.06 -8.26 3.07
N ASN A 115 4.87 -7.21 3.05
CA ASN A 115 4.83 -6.17 2.01
C ASN A 115 6.27 -5.85 1.58
N ARG A 116 6.44 -5.40 0.34
CA ARG A 116 7.73 -5.17 -0.32
C ARG A 116 7.55 -4.01 -1.29
N SER A 117 8.60 -3.23 -1.54
CA SER A 117 8.55 -2.10 -2.46
C SER A 117 9.82 -2.00 -3.30
N ILE A 118 9.69 -1.43 -4.50
CA ILE A 118 10.76 -1.28 -5.50
C ILE A 118 10.69 0.13 -6.09
N TYR A 119 11.82 0.80 -6.22
CA TYR A 119 11.93 2.17 -6.73
C TYR A 119 12.88 2.20 -7.93
N THR A 120 12.31 2.41 -9.12
CA THR A 120 13.03 2.39 -10.40
C THR A 120 13.31 3.83 -10.84
N PRO A 121 14.59 4.27 -10.91
CA PRO A 121 14.95 5.64 -11.24
C PRO A 121 14.77 5.92 -12.74
N LYS A 122 14.83 7.19 -13.14
CA LYS A 122 15.19 7.61 -14.50
C LYS A 122 16.69 7.45 -14.75
N CYS A 123 17.21 6.28 -14.39
CA CYS A 123 18.61 5.86 -14.50
C CYS A 123 19.65 6.73 -13.74
N ASP A 124 19.27 7.40 -12.65
CA ASP A 124 20.20 8.14 -11.77
C ASP A 124 19.88 8.04 -10.27
N ALA A 125 18.63 8.24 -9.86
CA ALA A 125 18.24 8.31 -8.45
C ALA A 125 18.44 6.99 -7.68
N GLN A 126 18.42 7.08 -6.34
CA GLN A 126 18.81 5.99 -5.43
C GLN A 126 17.91 5.85 -4.18
N VAL A 127 16.88 6.71 -4.04
CA VAL A 127 15.96 6.84 -2.89
C VAL A 127 16.59 7.46 -1.64
N SER A 128 15.81 8.31 -0.97
CA SER A 128 16.12 8.92 0.32
C SER A 128 15.75 7.96 1.45
N GLU A 129 16.61 7.83 2.47
CA GLU A 129 16.35 6.95 3.62
C GLU A 129 15.09 7.38 4.39
N GLU A 130 14.77 8.67 4.36
CA GLU A 130 13.54 9.24 4.91
C GLU A 130 12.26 8.69 4.23
N GLU A 131 12.32 8.24 2.97
CA GLU A 131 11.24 7.52 2.27
C GLU A 131 11.30 6.00 2.50
N ILE A 132 12.47 5.44 2.86
CA ILE A 132 12.54 4.05 3.35
C ILE A 132 11.89 3.96 4.75
N LYS A 133 12.12 4.97 5.60
CA LYS A 133 11.44 5.14 6.91
C LYS A 133 9.94 5.44 6.74
N ALA A 134 9.58 6.44 5.95
CA ALA A 134 8.16 6.76 5.69
C ALA A 134 7.45 5.58 5.01
N GLY A 135 8.12 4.84 4.13
CA GLY A 135 7.62 3.64 3.47
C GLY A 135 7.08 2.57 4.43
N LYS A 136 7.86 2.26 5.49
CA LYS A 136 7.43 1.36 6.56
C LYS A 136 6.38 2.01 7.47
N GLU A 137 6.58 3.26 7.90
CA GLU A 137 5.65 3.97 8.80
C GLU A 137 4.23 4.08 8.21
N ARG A 138 4.14 4.50 6.94
CA ARG A 138 2.91 4.67 6.15
C ARG A 138 2.19 3.35 5.93
N ALA A 139 2.91 2.31 5.49
CA ALA A 139 2.34 0.98 5.29
C ALA A 139 1.86 0.36 6.63
N SER A 140 2.67 0.44 7.69
CA SER A 140 2.29 0.04 9.06
C SER A 140 1.09 0.84 9.57
N GLY A 141 0.98 2.13 9.23
CA GLY A 141 -0.18 2.96 9.54
C GLY A 141 -1.43 2.36 8.93
N ILE A 142 -1.40 2.10 7.62
CA ILE A 142 -2.53 1.50 6.90
C ILE A 142 -2.86 0.12 7.49
N PHE A 143 -1.88 -0.78 7.67
CA PHE A 143 -2.09 -2.12 8.28
C PHE A 143 -2.68 -2.10 9.70
N LYS A 144 -2.69 -0.97 10.38
CA LYS A 144 -3.30 -0.78 11.71
C LYS A 144 -4.64 -0.07 11.64
N LYS A 145 -4.79 0.96 10.80
CA LYS A 145 -6.11 1.55 10.52
C LYS A 145 -7.07 0.53 9.91
N VAL A 146 -6.60 -0.37 9.04
CA VAL A 146 -7.39 -1.49 8.52
C VAL A 146 -7.83 -2.44 9.64
N GLU A 147 -6.92 -2.93 10.48
CA GLU A 147 -7.33 -3.83 11.57
C GLU A 147 -8.13 -3.14 12.70
N ALA A 148 -8.04 -1.82 12.84
CA ALA A 148 -8.91 -1.03 13.75
C ALA A 148 -10.31 -0.80 13.15
N TYR A 149 -10.39 -0.44 11.86
CA TYR A 149 -11.66 -0.30 11.13
C TYR A 149 -12.42 -1.63 11.13
N LEU A 150 -11.74 -2.73 10.82
CA LEU A 150 -12.30 -4.08 10.83
C LEU A 150 -12.43 -4.69 12.25
N LEU A 151 -11.93 -4.05 13.31
CA LEU A 151 -12.32 -4.38 14.69
C LEU A 151 -13.72 -3.82 15.02
N ALA A 152 -14.02 -2.60 14.56
CA ALA A 152 -15.32 -1.95 14.73
C ALA A 152 -16.38 -2.46 13.74
N ASN A 153 -15.98 -2.66 12.49
CA ASN A 153 -16.84 -2.82 11.32
C ASN A 153 -16.25 -3.86 10.31
N PRO A 154 -15.98 -5.12 10.73
CA PRO A 154 -15.46 -6.15 9.81
C PRO A 154 -16.41 -6.45 8.65
N ASP A 155 -17.71 -6.17 8.83
CA ASP A 155 -18.77 -6.28 7.83
C ASP A 155 -18.74 -5.16 6.76
N CYS A 156 -17.97 -4.08 6.96
CA CYS A 156 -17.88 -2.92 6.07
C CYS A 156 -19.25 -2.33 5.69
N GLY A 1 21.25 -0.71 -9.34
CA GLY A 1 20.00 -0.34 -10.03
C GLY A 1 18.89 -0.10 -9.02
N ALA A 2 17.71 -0.68 -9.22
CA ALA A 2 16.59 -0.61 -8.26
C ALA A 2 16.90 -1.32 -6.92
N ILE A 3 16.40 -0.79 -5.80
CA ILE A 3 16.60 -1.35 -4.45
C ILE A 3 15.27 -1.52 -3.71
N THR A 4 15.28 -2.34 -2.66
CA THR A 4 14.06 -2.83 -1.99
C THR A 4 14.20 -2.90 -0.46
N TYR A 5 13.07 -2.78 0.23
CA TYR A 5 12.90 -3.01 1.67
C TYR A 5 11.51 -3.59 1.95
N ASP A 6 11.33 -4.27 3.09
CA ASP A 6 10.10 -5.03 3.40
C ASP A 6 9.78 -5.15 4.89
N MET A 7 8.59 -5.63 5.20
CA MET A 7 8.05 -5.84 6.54
C MET A 7 7.03 -6.98 6.51
N GLU A 8 6.90 -7.75 7.59
CA GLU A 8 5.91 -8.83 7.68
C GLU A 8 5.17 -8.81 9.02
N ILE A 9 3.85 -8.83 8.93
CA ILE A 9 2.95 -8.26 9.93
C ILE A 9 1.89 -9.32 10.35
N PRO A 10 2.10 -10.02 11.49
CA PRO A 10 1.07 -10.89 12.06
C PRO A 10 -0.17 -10.08 12.44
N SER A 11 -1.33 -10.53 11.97
CA SER A 11 -2.60 -9.78 11.95
C SER A 11 -3.79 -10.67 12.32
N SER A 12 -4.90 -10.07 12.73
CA SER A 12 -6.14 -10.75 13.15
C SER A 12 -7.23 -10.74 12.06
N ILE A 13 -7.11 -9.86 11.06
CA ILE A 13 -8.09 -9.66 9.99
C ILE A 13 -7.93 -10.67 8.84
N SER A 14 -9.02 -10.94 8.10
CA SER A 14 -9.04 -11.84 6.94
C SER A 14 -8.22 -11.28 5.76
N ALA A 15 -7.49 -12.12 5.03
CA ALA A 15 -6.50 -11.69 4.03
C ALA A 15 -7.05 -10.78 2.92
N GLU A 16 -8.19 -11.12 2.30
CA GLU A 16 -8.83 -10.27 1.28
C GLU A 16 -9.26 -8.92 1.88
N LYS A 17 -9.81 -8.96 3.11
CA LYS A 17 -10.31 -7.78 3.82
C LYS A 17 -9.19 -6.88 4.35
N MET A 18 -8.01 -7.43 4.62
CA MET A 18 -6.78 -6.64 4.83
C MET A 18 -6.44 -5.83 3.57
N PHE A 19 -6.32 -6.48 2.42
CA PHE A 19 -6.01 -5.78 1.16
C PHE A 19 -7.08 -4.75 0.76
N LYS A 20 -8.36 -5.13 0.87
CA LYS A 20 -9.50 -4.25 0.59
C LYS A 20 -9.46 -3.00 1.47
N ALA A 21 -9.23 -3.13 2.77
CA ALA A 21 -9.04 -1.99 3.67
C ALA A 21 -7.74 -1.20 3.39
N PHE A 22 -6.66 -1.88 2.98
CA PHE A 22 -5.35 -1.25 2.76
C PHE A 22 -5.33 -0.27 1.58
N VAL A 23 -6.07 -0.54 0.49
CA VAL A 23 -6.08 0.30 -0.72
C VAL A 23 -7.45 0.53 -1.36
N LEU A 24 -8.34 -0.45 -1.40
CA LEU A 24 -9.63 -0.31 -2.10
C LEU A 24 -10.55 0.65 -1.34
N ASP A 25 -10.86 0.35 -0.08
CA ASP A 25 -11.49 1.24 0.90
C ASP A 25 -10.52 2.32 1.45
N GLY A 26 -9.30 2.41 0.91
CA GLY A 26 -8.24 3.34 1.32
C GLY A 26 -8.62 4.83 1.24
N ASP A 27 -9.73 5.17 0.58
CA ASP A 27 -10.28 6.52 0.38
C ASP A 27 -10.43 7.34 1.68
N THR A 28 -10.66 6.66 2.82
CA THR A 28 -10.62 7.26 4.16
C THR A 28 -9.44 6.74 5.00
N ILE A 29 -9.06 5.47 4.84
CA ILE A 29 -8.13 4.75 5.73
C ILE A 29 -6.68 5.18 5.51
N ILE A 30 -6.24 5.40 4.25
CA ILE A 30 -4.88 5.88 3.95
C ILE A 30 -4.68 7.34 4.45
N PRO A 31 -5.61 8.29 4.23
CA PRO A 31 -5.57 9.60 4.89
C PRO A 31 -5.55 9.53 6.42
N LYS A 32 -6.12 8.48 7.03
CA LYS A 32 -6.05 8.19 8.48
C LYS A 32 -4.69 7.64 8.93
N ALA A 33 -3.94 7.00 8.03
CA ALA A 33 -2.68 6.32 8.33
C ALA A 33 -1.48 7.26 8.49
N LEU A 34 -1.47 8.37 7.74
CA LEU A 34 -0.39 9.37 7.76
C LEU A 34 -0.97 10.80 7.68
N PRO A 35 -1.83 11.18 8.65
CA PRO A 35 -2.68 12.38 8.58
C PRO A 35 -1.91 13.71 8.60
N HIS A 36 -0.62 13.74 8.96
CA HIS A 36 0.23 14.94 8.89
C HIS A 36 0.44 15.44 7.45
N ALA A 37 0.56 14.54 6.48
CA ALA A 37 0.93 14.86 5.09
C ALA A 37 -0.13 14.45 4.05
N ILE A 38 -0.80 13.30 4.22
CA ILE A 38 -1.82 12.84 3.27
C ILE A 38 -3.11 13.63 3.47
N THR A 39 -3.72 14.11 2.37
CA THR A 39 -4.95 14.91 2.37
C THR A 39 -6.07 14.36 1.48
N GLY A 40 -5.85 13.22 0.80
CA GLY A 40 -6.94 12.50 0.13
C GLY A 40 -6.52 11.26 -0.68
N VAL A 41 -7.49 10.38 -0.96
CA VAL A 41 -7.38 9.15 -1.76
C VAL A 41 -8.72 8.84 -2.46
N GLN A 42 -8.67 8.31 -3.69
CA GLN A 42 -9.87 7.92 -4.47
C GLN A 42 -9.55 6.81 -5.49
N THR A 43 -10.54 6.03 -5.92
CA THR A 43 -10.42 5.10 -7.07
C THR A 43 -10.51 5.83 -8.42
N LEU A 44 -9.85 5.28 -9.45
CA LEU A 44 -9.68 5.85 -10.79
C LEU A 44 -9.68 4.73 -11.87
N GLU A 45 -10.64 3.80 -11.76
CA GLU A 45 -10.95 2.71 -12.70
C GLU A 45 -12.04 1.77 -12.11
N GLY A 46 -12.36 0.67 -12.81
CA GLY A 46 -12.94 -0.51 -12.16
C GLY A 46 -12.04 -1.02 -11.02
N ASP A 47 -12.62 -1.50 -9.92
CA ASP A 47 -11.93 -1.68 -8.64
C ASP A 47 -11.44 -3.13 -8.42
N GLY A 48 -10.36 -3.25 -7.65
CA GLY A 48 -9.87 -4.53 -7.14
C GLY A 48 -9.14 -5.43 -8.15
N GLY A 49 -8.83 -4.95 -9.35
CA GLY A 49 -8.30 -5.75 -10.46
C GLY A 49 -7.00 -5.23 -11.06
N VAL A 50 -6.42 -5.98 -11.99
CA VAL A 50 -5.22 -5.59 -12.73
C VAL A 50 -5.53 -4.37 -13.60
N GLY A 51 -4.92 -3.23 -13.28
CA GLY A 51 -5.16 -1.93 -13.91
C GLY A 51 -6.13 -1.01 -13.15
N THR A 52 -6.53 -1.32 -11.91
CA THR A 52 -7.30 -0.37 -11.07
C THR A 52 -6.39 0.80 -10.71
N ILE A 53 -6.59 2.02 -11.25
CA ILE A 53 -5.80 3.18 -10.81
C ILE A 53 -6.39 3.74 -9.50
N LYS A 54 -5.55 4.40 -8.72
CA LYS A 54 -5.83 5.02 -7.43
C LYS A 54 -5.18 6.41 -7.38
N LEU A 55 -5.99 7.44 -7.15
CA LEU A 55 -5.54 8.78 -6.81
C LEU A 55 -5.07 8.81 -5.34
N THR A 56 -4.01 9.57 -5.05
CA THR A 56 -3.59 9.93 -3.69
C THR A 56 -3.02 11.35 -3.70
N THR A 57 -3.28 12.16 -2.67
CA THR A 57 -2.95 13.59 -2.65
C THR A 57 -2.52 14.07 -1.26
N PHE A 58 -1.74 15.15 -1.23
CA PHE A 58 -0.93 15.58 -0.09
C PHE A 58 -0.95 17.10 0.14
N GLY A 59 -0.70 17.51 1.38
CA GLY A 59 -0.58 18.91 1.80
C GLY A 59 0.85 19.28 2.21
N GLU A 60 1.29 18.81 3.38
CA GLU A 60 2.62 19.09 3.95
C GLU A 60 3.68 18.03 3.60
N GLY A 61 4.96 18.43 3.66
CA GLY A 61 6.12 17.53 3.73
C GLY A 61 6.30 16.59 2.53
N SER A 62 5.75 16.95 1.37
CA SER A 62 5.57 16.02 0.25
C SER A 62 6.17 16.54 -1.07
N VAL A 63 6.85 15.67 -1.81
CA VAL A 63 7.58 15.98 -3.06
C VAL A 63 6.64 16.41 -4.20
N HIS A 64 5.37 16.02 -4.13
CA HIS A 64 4.31 16.31 -5.11
C HIS A 64 2.97 16.62 -4.41
N LYS A 65 2.05 17.30 -5.09
CA LYS A 65 0.68 17.50 -4.58
C LYS A 65 -0.17 16.25 -4.71
N SER A 66 0.02 15.46 -5.78
CA SER A 66 -0.71 14.21 -6.01
C SER A 66 0.17 13.13 -6.65
N VAL A 67 -0.29 11.89 -6.56
CA VAL A 67 0.37 10.70 -7.12
C VAL A 67 -0.69 9.70 -7.58
N LYS A 68 -0.47 9.09 -8.76
CA LYS A 68 -1.28 7.97 -9.25
C LYS A 68 -0.53 6.66 -9.05
N HIS A 69 -1.19 5.68 -8.47
CA HIS A 69 -0.72 4.30 -8.37
C HIS A 69 -1.81 3.34 -8.85
N ARG A 70 -1.48 2.06 -9.06
CA ARG A 70 -2.45 1.06 -9.54
C ARG A 70 -2.31 -0.28 -8.85
N ILE A 71 -3.41 -1.02 -8.75
CA ILE A 71 -3.40 -2.47 -8.49
C ILE A 71 -3.00 -3.19 -9.79
N ASP A 72 -2.09 -4.15 -9.68
CA ASP A 72 -1.34 -4.70 -10.82
C ASP A 72 -1.23 -6.24 -10.85
N GLY A 73 -1.70 -6.93 -9.81
CA GLY A 73 -1.70 -8.39 -9.69
C GLY A 73 -2.43 -8.83 -8.42
N LEU A 74 -3.04 -10.02 -8.44
CA LEU A 74 -3.82 -10.58 -7.33
C LEU A 74 -3.85 -12.11 -7.41
N ASP A 75 -3.44 -12.79 -6.33
CA ASP A 75 -3.43 -14.26 -6.22
C ASP A 75 -3.86 -14.71 -4.83
N LYS A 76 -5.18 -14.88 -4.68
CA LYS A 76 -5.87 -15.24 -3.43
C LYS A 76 -5.48 -16.62 -2.90
N GLU A 77 -4.77 -17.44 -3.67
CA GLU A 77 -4.14 -18.68 -3.19
C GLU A 77 -3.14 -18.43 -2.05
N ASN A 78 -2.44 -17.29 -2.08
CA ASN A 78 -1.43 -16.86 -1.09
C ASN A 78 -1.50 -15.32 -0.87
N PHE A 79 -2.72 -14.79 -1.00
CA PHE A 79 -3.14 -13.40 -1.22
C PHE A 79 -1.98 -12.45 -1.56
N THR A 80 -1.27 -12.73 -2.65
CA THR A 80 -0.24 -11.81 -3.15
C THR A 80 -0.89 -10.73 -3.99
N TYR A 81 -0.54 -9.48 -3.71
CA TYR A 81 -1.07 -8.31 -4.41
C TYR A 81 0.06 -7.38 -4.83
N SER A 82 0.23 -7.20 -6.15
CA SER A 82 1.19 -6.26 -6.72
C SER A 82 0.52 -4.89 -6.94
N TYR A 83 1.21 -3.79 -6.62
CA TYR A 83 0.69 -2.43 -6.81
C TYR A 83 1.83 -1.41 -6.98
N SER A 84 1.64 -0.37 -7.79
CA SER A 84 2.77 0.46 -8.27
C SER A 84 2.39 1.91 -8.55
N ILE A 85 3.26 2.86 -8.18
CA ILE A 85 3.16 4.29 -8.54
C ILE A 85 3.63 4.50 -9.99
N ILE A 86 2.75 5.12 -10.78
CA ILE A 86 2.87 5.32 -12.23
C ILE A 86 3.16 6.79 -12.61
N GLU A 87 2.72 7.75 -11.80
CA GLU A 87 2.79 9.18 -12.10
C GLU A 87 2.89 10.03 -10.82
N GLY A 88 3.86 10.95 -10.75
CA GLY A 88 4.06 11.89 -9.65
C GLY A 88 5.47 12.53 -9.64
N GLY A 89 5.64 13.67 -8.96
CA GLY A 89 6.94 14.36 -8.84
C GLY A 89 8.03 13.58 -8.09
N ALA A 90 7.68 12.59 -7.27
CA ALA A 90 8.67 11.62 -6.78
C ALA A 90 9.34 10.87 -7.94
N LEU A 91 8.60 10.58 -9.01
CA LEU A 91 9.10 10.00 -10.26
C LEU A 91 9.73 11.05 -11.20
N ASP A 92 10.14 12.21 -10.69
CA ASP A 92 11.27 12.96 -11.27
C ASP A 92 12.61 12.36 -10.84
N VAL A 93 12.69 11.86 -9.59
CA VAL A 93 13.86 11.17 -9.03
C VAL A 93 13.92 9.70 -9.49
N PHE A 94 12.77 9.05 -9.53
CA PHE A 94 12.60 7.63 -9.84
C PHE A 94 11.97 7.40 -11.22
N GLU A 95 12.31 6.29 -11.86
CA GLU A 95 11.59 5.80 -13.04
C GLU A 95 10.27 5.13 -12.62
N SER A 96 10.27 4.49 -11.45
CA SER A 96 9.14 3.75 -10.88
C SER A 96 9.28 3.65 -9.36
N ILE A 97 8.16 3.64 -8.63
CA ILE A 97 8.12 3.12 -7.27
C ILE A 97 7.05 2.03 -7.25
N SER A 98 7.38 0.83 -6.76
CA SER A 98 6.48 -0.33 -6.80
C SER A 98 6.44 -1.05 -5.46
N TYR A 99 5.41 -1.88 -5.25
CA TYR A 99 5.13 -2.54 -3.98
C TYR A 99 4.53 -3.94 -4.19
N HIS A 100 4.62 -4.77 -3.16
CA HIS A 100 4.14 -6.14 -3.20
C HIS A 100 3.73 -6.66 -1.81
N ILE A 101 2.46 -7.03 -1.68
CA ILE A 101 1.88 -7.69 -0.49
C ILE A 101 1.82 -9.21 -0.70
N LYS A 102 1.91 -9.99 0.39
CA LYS A 102 1.64 -11.44 0.44
C LYS A 102 0.90 -11.77 1.74
N ILE A 103 -0.19 -12.55 1.68
CA ILE A 103 -0.98 -12.91 2.88
C ILE A 103 -1.49 -14.36 2.85
N VAL A 104 -1.25 -15.06 3.95
CA VAL A 104 -1.72 -16.42 4.22
C VAL A 104 -2.26 -16.50 5.65
N ALA A 105 -3.33 -17.27 5.87
CA ALA A 105 -3.95 -17.47 7.18
C ALA A 105 -3.06 -18.26 8.18
N THR A 106 -3.37 -18.15 9.47
CA THR A 106 -2.77 -18.95 10.56
C THR A 106 -3.81 -19.86 11.23
N PRO A 107 -3.43 -21.03 11.79
CA PRO A 107 -4.33 -21.87 12.57
C PRO A 107 -4.94 -21.17 13.80
N ASP A 108 -4.25 -20.19 14.39
CA ASP A 108 -4.81 -19.31 15.43
C ASP A 108 -5.75 -18.21 14.91
N GLY A 109 -6.43 -18.44 13.79
CA GLY A 109 -7.50 -17.57 13.28
C GLY A 109 -7.06 -16.16 12.89
N GLY A 110 -5.79 -15.97 12.54
CA GLY A 110 -5.22 -14.72 12.03
C GLY A 110 -4.71 -14.87 10.59
N CYS A 111 -3.87 -13.92 10.18
CA CYS A 111 -3.16 -13.91 8.90
C CYS A 111 -1.75 -13.29 9.06
N ILE A 112 -0.77 -13.76 8.28
CA ILE A 112 0.58 -13.17 8.21
C ILE A 112 0.74 -12.32 6.95
N CYS A 113 0.68 -10.99 7.09
CA CYS A 113 0.71 -10.06 5.97
C CYS A 113 2.10 -9.47 5.73
N LYS A 114 2.81 -9.88 4.68
CA LYS A 114 4.01 -9.20 4.20
C LYS A 114 3.65 -8.00 3.33
N ASN A 115 4.50 -6.98 3.36
CA ASN A 115 4.51 -5.85 2.42
C ASN A 115 5.97 -5.47 2.09
N ARG A 116 6.22 -5.02 0.87
CA ARG A 116 7.54 -4.79 0.29
C ARG A 116 7.48 -3.62 -0.68
N SER A 117 8.57 -2.87 -0.81
CA SER A 117 8.72 -1.78 -1.77
C SER A 117 9.96 -1.97 -2.65
N ILE A 118 9.92 -1.45 -3.87
CA ILE A 118 10.98 -1.48 -4.89
C ILE A 118 11.07 -0.08 -5.53
N TYR A 119 12.14 0.66 -5.26
CA TYR A 119 12.40 1.98 -5.85
C TYR A 119 13.35 1.87 -7.03
N THR A 120 12.88 2.19 -8.23
CA THR A 120 13.67 2.13 -9.47
C THR A 120 14.17 3.54 -9.84
N PRO A 121 15.48 3.79 -9.90
CA PRO A 121 16.00 5.12 -10.21
C PRO A 121 15.86 5.45 -11.71
N LYS A 122 15.94 6.73 -12.07
CA LYS A 122 16.30 7.17 -13.43
C LYS A 122 17.81 7.01 -13.67
N CYS A 123 18.32 5.79 -13.43
CA CYS A 123 19.72 5.42 -13.59
C CYS A 123 20.74 6.27 -12.80
N ASP A 124 20.37 6.79 -11.61
CA ASP A 124 21.28 7.55 -10.74
C ASP A 124 20.97 7.39 -9.23
N ALA A 125 19.71 7.60 -8.81
CA ALA A 125 19.28 7.60 -7.40
C ALA A 125 19.44 6.26 -6.65
N GLN A 126 19.19 6.28 -5.33
CA GLN A 126 19.46 5.20 -4.36
C GLN A 126 18.29 4.94 -3.38
N VAL A 127 17.22 5.73 -3.45
CA VAL A 127 16.24 6.03 -2.38
C VAL A 127 16.88 6.64 -1.13
N SER A 128 16.19 7.57 -0.47
CA SER A 128 16.66 8.15 0.79
C SER A 128 16.51 7.15 1.94
N GLU A 129 17.49 7.09 2.84
CA GLU A 129 17.41 6.27 4.06
C GLU A 129 16.19 6.68 4.91
N GLU A 130 15.90 7.98 4.92
CA GLU A 130 14.73 8.61 5.53
C GLU A 130 13.38 8.17 4.92
N GLU A 131 13.33 7.69 3.67
CA GLU A 131 12.12 7.12 3.04
C GLU A 131 12.06 5.58 3.09
N ILE A 132 13.13 4.91 3.52
CA ILE A 132 13.01 3.57 4.10
C ILE A 132 12.29 3.68 5.45
N LYS A 133 12.75 4.61 6.31
CA LYS A 133 12.10 4.92 7.60
C LYS A 133 10.65 5.37 7.45
N ALA A 134 10.38 6.40 6.64
CA ALA A 134 9.03 6.89 6.43
C ALA A 134 8.15 5.91 5.63
N GLY A 135 8.69 5.16 4.67
CA GLY A 135 7.92 4.12 3.97
C GLY A 135 7.46 2.98 4.87
N LYS A 136 8.35 2.49 5.76
CA LYS A 136 7.99 1.53 6.83
C LYS A 136 6.93 2.10 7.77
N GLU A 137 7.10 3.34 8.21
CA GLU A 137 6.15 4.05 9.08
C GLU A 137 4.76 4.21 8.43
N ARG A 138 4.73 4.66 7.16
CA ARG A 138 3.54 4.90 6.34
C ARG A 138 2.77 3.61 6.05
N ALA A 139 3.45 2.55 5.62
CA ALA A 139 2.84 1.24 5.39
C ALA A 139 2.31 0.60 6.69
N SER A 140 3.09 0.67 7.78
CA SER A 140 2.66 0.23 9.11
C SER A 140 1.42 1.00 9.59
N GLY A 141 1.37 2.32 9.37
CA GLY A 141 0.21 3.16 9.67
C GLY A 141 -1.08 2.64 9.02
N ILE A 142 -1.00 2.23 7.75
CA ILE A 142 -2.15 1.65 7.06
C ILE A 142 -2.55 0.32 7.72
N PHE A 143 -1.60 -0.60 7.99
CA PHE A 143 -1.88 -1.87 8.71
C PHE A 143 -2.45 -1.71 10.14
N LYS A 144 -2.48 -0.50 10.67
CA LYS A 144 -3.02 -0.15 11.99
C LYS A 144 -4.40 0.46 11.86
N LYS A 145 -4.58 1.41 10.95
CA LYS A 145 -5.90 1.99 10.64
C LYS A 145 -6.85 1.01 9.96
N VAL A 146 -6.35 0.00 9.25
CA VAL A 146 -7.15 -1.14 8.77
C VAL A 146 -7.60 -2.04 9.93
N GLU A 147 -6.69 -2.46 10.82
CA GLU A 147 -7.06 -3.34 11.93
C GLU A 147 -7.91 -2.64 13.00
N ALA A 148 -7.69 -1.36 13.27
CA ALA A 148 -8.52 -0.55 14.15
C ALA A 148 -9.95 -0.38 13.60
N TYR A 149 -10.07 -0.09 12.30
CA TYR A 149 -11.37 0.02 11.62
C TYR A 149 -12.13 -1.30 11.67
N LEU A 150 -11.51 -2.39 11.22
CA LEU A 150 -12.17 -3.70 11.17
C LEU A 150 -12.30 -4.39 12.53
N LEU A 151 -11.63 -3.90 13.59
CA LEU A 151 -11.98 -4.25 14.97
C LEU A 151 -13.34 -3.63 15.36
N ALA A 152 -13.53 -2.35 15.11
CA ALA A 152 -14.77 -1.63 15.41
C ALA A 152 -15.95 -2.01 14.50
N ASN A 153 -15.66 -2.29 13.22
CA ASN A 153 -16.64 -2.41 12.14
C ASN A 153 -16.18 -3.47 11.10
N PRO A 154 -16.00 -4.75 11.48
CA PRO A 154 -15.60 -5.81 10.55
C PRO A 154 -16.60 -6.02 9.42
N ASP A 155 -17.88 -5.77 9.71
CA ASP A 155 -19.04 -5.85 8.83
C ASP A 155 -19.06 -4.78 7.72
N CYS A 156 -18.18 -3.77 7.77
CA CYS A 156 -18.12 -2.62 6.86
C CYS A 156 -19.48 -1.92 6.68
N GLY A 1 20.33 -2.47 -10.24
CA GLY A 1 19.17 -1.83 -10.89
C GLY A 1 18.12 -1.45 -9.89
N ALA A 2 16.93 -2.07 -9.95
CA ALA A 2 15.89 -1.89 -8.93
C ALA A 2 16.28 -2.49 -7.57
N ILE A 3 15.75 -1.94 -6.48
CA ILE A 3 15.96 -2.43 -5.09
C ILE A 3 14.66 -2.50 -4.31
N THR A 4 14.70 -3.22 -3.19
CA THR A 4 13.50 -3.65 -2.44
C THR A 4 13.71 -3.70 -0.93
N TYR A 5 12.63 -3.55 -0.17
CA TYR A 5 12.55 -3.79 1.28
C TYR A 5 11.20 -4.44 1.63
N ASP A 6 11.12 -5.15 2.76
CA ASP A 6 10.00 -6.02 3.10
C ASP A 6 9.77 -6.16 4.62
N MET A 7 8.60 -6.68 4.99
CA MET A 7 8.05 -6.71 6.35
C MET A 7 6.92 -7.76 6.47
N GLU A 8 6.49 -8.05 7.69
CA GLU A 8 5.48 -9.07 8.01
C GLU A 8 4.60 -8.66 9.21
N ILE A 9 3.32 -9.00 9.17
CA ILE A 9 2.32 -8.74 10.23
C ILE A 9 1.45 -10.00 10.44
N PRO A 10 1.30 -10.53 11.66
CA PRO A 10 0.28 -11.53 11.98
C PRO A 10 -1.08 -10.86 12.30
N SER A 11 -2.19 -11.43 11.83
CA SER A 11 -3.54 -10.84 11.94
C SER A 11 -4.64 -11.92 12.06
N SER A 12 -5.60 -11.74 12.96
CA SER A 12 -6.73 -12.69 13.19
C SER A 12 -7.87 -12.53 12.18
N ILE A 13 -7.55 -12.41 10.88
CA ILE A 13 -8.46 -11.96 9.81
C ILE A 13 -8.43 -12.93 8.60
N SER A 14 -9.50 -12.96 7.79
CA SER A 14 -9.54 -13.61 6.46
C SER A 14 -8.63 -12.91 5.43
N ALA A 15 -7.84 -13.66 4.69
CA ALA A 15 -6.80 -13.13 3.80
C ALA A 15 -7.28 -12.23 2.65
N GLU A 16 -8.49 -12.41 2.13
CA GLU A 16 -9.09 -11.47 1.16
C GLU A 16 -9.63 -10.21 1.84
N LYS A 17 -10.22 -10.36 3.04
CA LYS A 17 -10.70 -9.22 3.84
C LYS A 17 -9.55 -8.32 4.29
N MET A 18 -8.36 -8.87 4.53
CA MET A 18 -7.14 -8.08 4.76
C MET A 18 -6.83 -7.15 3.57
N PHE A 19 -6.80 -7.67 2.33
CA PHE A 19 -6.45 -6.84 1.16
C PHE A 19 -7.58 -5.88 0.74
N LYS A 20 -8.85 -6.29 0.84
CA LYS A 20 -9.98 -5.39 0.66
C LYS A 20 -9.91 -4.22 1.64
N ALA A 21 -9.67 -4.48 2.92
CA ALA A 21 -9.45 -3.45 3.94
C ALA A 21 -8.24 -2.54 3.61
N PHE A 22 -7.13 -3.14 3.14
CA PHE A 22 -5.85 -2.46 2.92
C PHE A 22 -5.89 -1.38 1.84
N VAL A 23 -6.60 -1.60 0.72
CA VAL A 23 -6.60 -0.65 -0.42
C VAL A 23 -7.96 -0.40 -1.07
N LEU A 24 -8.88 -1.36 -1.11
CA LEU A 24 -10.18 -1.16 -1.76
C LEU A 24 -11.13 -0.33 -0.88
N ASP A 25 -11.22 -0.69 0.41
CA ASP A 25 -11.76 0.14 1.50
C ASP A 25 -10.77 1.22 1.96
N GLY A 26 -9.62 1.36 1.30
CA GLY A 26 -8.52 2.27 1.66
C GLY A 26 -8.89 3.77 1.67
N ASP A 27 -10.05 4.13 1.12
CA ASP A 27 -10.53 5.51 0.92
C ASP A 27 -10.37 6.42 2.13
N THR A 28 -10.80 5.98 3.32
CA THR A 28 -10.58 6.68 4.59
C THR A 28 -9.57 5.96 5.48
N ILE A 29 -9.42 4.63 5.33
CA ILE A 29 -8.51 3.80 6.13
C ILE A 29 -7.03 4.21 5.92
N ILE A 30 -6.60 4.45 4.67
CA ILE A 30 -5.22 4.88 4.38
C ILE A 30 -4.96 6.32 4.86
N PRO A 31 -5.85 7.32 4.65
CA PRO A 31 -5.72 8.62 5.30
C PRO A 31 -5.64 8.54 6.83
N LYS A 32 -6.42 7.67 7.48
CA LYS A 32 -6.31 7.41 8.93
C LYS A 32 -5.04 6.65 9.31
N ALA A 33 -4.35 5.98 8.39
CA ALA A 33 -3.09 5.27 8.62
C ALA A 33 -1.83 6.16 8.54
N LEU A 34 -1.96 7.40 8.08
CA LEU A 34 -0.90 8.42 8.11
C LEU A 34 -1.52 9.84 8.18
N PRO A 35 -2.25 10.17 9.27
CA PRO A 35 -3.04 11.40 9.36
C PRO A 35 -2.21 12.69 9.28
N HIS A 36 -0.92 12.66 9.60
CA HIS A 36 -0.05 13.84 9.53
C HIS A 36 0.13 14.37 8.10
N ALA A 37 0.09 13.48 7.09
CA ALA A 37 0.50 13.83 5.73
C ALA A 37 -0.29 13.20 4.58
N ILE A 38 -1.11 12.16 4.77
CA ILE A 38 -2.08 11.74 3.74
C ILE A 38 -3.38 12.53 3.95
N THR A 39 -3.82 13.27 2.92
CA THR A 39 -5.05 14.08 2.93
C THR A 39 -6.19 13.43 2.15
N GLY A 40 -5.94 12.39 1.34
CA GLY A 40 -7.01 11.59 0.75
C GLY A 40 -6.58 10.39 -0.09
N VAL A 41 -7.53 9.49 -0.33
CA VAL A 41 -7.46 8.30 -1.19
C VAL A 41 -8.83 8.09 -1.85
N GLN A 42 -8.86 7.79 -3.15
CA GLN A 42 -10.10 7.75 -3.93
C GLN A 42 -9.99 6.75 -5.09
N THR A 43 -11.02 5.93 -5.35
CA THR A 43 -10.99 4.97 -6.46
C THR A 43 -11.21 5.66 -7.80
N LEU A 44 -10.55 5.15 -8.84
CA LEU A 44 -10.54 5.67 -10.21
C LEU A 44 -10.69 4.49 -11.20
N GLU A 45 -11.71 3.66 -10.97
CA GLU A 45 -12.14 2.51 -11.78
C GLU A 45 -13.28 1.75 -11.07
N GLY A 46 -13.78 0.69 -11.70
CA GLY A 46 -14.46 -0.39 -10.98
C GLY A 46 -13.54 -1.07 -9.97
N ASP A 47 -14.07 -1.52 -8.84
CA ASP A 47 -13.32 -2.15 -7.75
C ASP A 47 -13.40 -3.68 -7.75
N GLY A 48 -12.58 -4.31 -6.92
CA GLY A 48 -12.65 -5.74 -6.59
C GLY A 48 -11.62 -6.64 -7.28
N GLY A 49 -10.98 -6.20 -8.36
CA GLY A 49 -10.06 -7.00 -9.16
C GLY A 49 -8.84 -6.24 -9.69
N VAL A 50 -8.07 -6.91 -10.54
CA VAL A 50 -6.86 -6.39 -11.18
C VAL A 50 -7.21 -5.31 -12.21
N GLY A 51 -6.40 -4.27 -12.29
CA GLY A 51 -6.59 -3.09 -13.13
C GLY A 51 -7.43 -1.98 -12.48
N THR A 52 -7.73 -2.04 -11.19
CA THR A 52 -8.46 -0.94 -10.50
C THR A 52 -7.48 0.21 -10.25
N ILE A 53 -7.73 1.44 -10.73
CA ILE A 53 -6.83 2.57 -10.43
C ILE A 53 -7.32 3.30 -9.17
N LYS A 54 -6.41 3.96 -8.47
CA LYS A 54 -6.62 4.65 -7.20
C LYS A 54 -5.81 5.95 -7.19
N LEU A 55 -6.46 7.08 -6.90
CA LEU A 55 -5.80 8.33 -6.54
C LEU A 55 -5.38 8.29 -5.06
N THR A 56 -4.30 8.97 -4.71
CA THR A 56 -3.86 9.24 -3.33
C THR A 56 -3.17 10.61 -3.28
N THR A 57 -3.38 11.37 -2.22
CA THR A 57 -2.96 12.78 -2.14
C THR A 57 -2.52 13.19 -0.73
N PHE A 58 -1.61 14.17 -0.67
CA PHE A 58 -0.72 14.41 0.46
C PHE A 58 -0.57 15.90 0.85
N GLY A 59 -0.05 16.12 2.05
CA GLY A 59 0.42 17.40 2.58
C GLY A 59 1.90 17.38 2.95
N GLU A 60 2.19 17.74 4.20
CA GLU A 60 3.53 18.01 4.75
C GLU A 60 4.54 16.85 4.55
N GLY A 61 5.81 17.19 4.29
CA GLY A 61 6.93 16.25 4.26
C GLY A 61 6.87 15.17 3.16
N SER A 62 5.94 15.31 2.22
CA SER A 62 5.70 14.37 1.11
C SER A 62 6.27 14.93 -0.19
N VAL A 63 7.01 14.13 -0.97
CA VAL A 63 7.79 14.60 -2.14
C VAL A 63 6.93 15.11 -3.30
N HIS A 64 5.63 14.79 -3.26
CA HIS A 64 4.62 15.16 -4.24
C HIS A 64 3.29 15.49 -3.57
N LYS A 65 2.44 16.26 -4.26
CA LYS A 65 1.07 16.54 -3.82
C LYS A 65 0.17 15.32 -4.02
N SER A 66 0.30 14.60 -5.14
CA SER A 66 -0.60 13.50 -5.51
C SER A 66 0.08 12.38 -6.29
N VAL A 67 -0.52 11.20 -6.26
CA VAL A 67 -0.04 9.97 -6.89
C VAL A 67 -1.23 9.12 -7.36
N LYS A 68 -1.08 8.40 -8.47
CA LYS A 68 -2.06 7.44 -9.00
C LYS A 68 -1.42 6.06 -9.14
N HIS A 69 -2.11 5.03 -8.63
CA HIS A 69 -1.61 3.66 -8.55
C HIS A 69 -2.69 2.64 -8.89
N ARG A 70 -2.30 1.41 -9.27
CA ARG A 70 -3.23 0.33 -9.65
C ARG A 70 -3.17 -0.86 -8.70
N ILE A 71 -4.31 -1.49 -8.48
CA ILE A 71 -4.41 -2.90 -8.05
C ILE A 71 -3.93 -3.76 -9.22
N ASP A 72 -2.81 -4.46 -9.04
CA ASP A 72 -1.98 -5.04 -10.11
C ASP A 72 -1.99 -6.57 -10.16
N GLY A 73 -2.40 -7.26 -9.09
CA GLY A 73 -2.46 -8.72 -9.04
C GLY A 73 -3.14 -9.24 -7.78
N LEU A 74 -3.75 -10.44 -7.84
CA LEU A 74 -4.31 -11.16 -6.70
C LEU A 74 -4.36 -12.68 -6.97
N ASP A 75 -3.90 -13.48 -6.01
CA ASP A 75 -3.70 -14.94 -6.10
C ASP A 75 -4.07 -15.65 -4.81
N LYS A 76 -5.39 -15.75 -4.57
CA LYS A 76 -6.02 -16.27 -3.35
C LYS A 76 -5.62 -17.69 -2.97
N GLU A 77 -5.01 -18.45 -3.88
CA GLU A 77 -4.45 -19.79 -3.63
C GLU A 77 -3.36 -19.74 -2.54
N ASN A 78 -2.57 -18.66 -2.50
CA ASN A 78 -1.50 -18.39 -1.53
C ASN A 78 -1.46 -16.87 -1.19
N PHE A 79 -2.66 -16.28 -1.05
CA PHE A 79 -3.10 -14.89 -1.26
C PHE A 79 -1.96 -13.87 -1.49
N THR A 80 -1.25 -13.98 -2.62
CA THR A 80 -0.35 -12.90 -3.03
C THR A 80 -1.13 -11.79 -3.69
N TYR A 81 -0.68 -10.55 -3.52
CA TYR A 81 -1.23 -9.38 -4.20
C TYR A 81 -0.11 -8.48 -4.70
N SER A 82 -0.43 -7.65 -5.70
CA SER A 82 0.49 -6.63 -6.22
C SER A 82 -0.24 -5.29 -6.37
N TYR A 83 0.48 -4.19 -6.20
CA TYR A 83 -0.01 -2.83 -6.45
C TYR A 83 1.14 -1.92 -6.91
N SER A 84 0.89 -1.05 -7.88
CA SER A 84 1.95 -0.27 -8.57
C SER A 84 1.55 1.18 -8.81
N ILE A 85 2.42 2.11 -8.41
CA ILE A 85 2.34 3.54 -8.74
C ILE A 85 2.70 3.74 -10.20
N ILE A 86 1.79 4.39 -10.94
CA ILE A 86 1.84 4.62 -12.39
C ILE A 86 2.13 6.09 -12.73
N GLU A 87 1.69 7.02 -11.88
CA GLU A 87 1.83 8.47 -12.08
C GLU A 87 2.00 9.17 -10.72
N GLY A 88 2.82 10.22 -10.65
CA GLY A 88 3.05 11.01 -9.44
C GLY A 88 4.42 11.71 -9.47
N GLY A 89 4.65 12.69 -8.60
CA GLY A 89 5.93 13.40 -8.56
C GLY A 89 7.12 12.52 -8.12
N ALA A 90 6.88 11.46 -7.35
CA ALA A 90 7.88 10.41 -7.12
C ALA A 90 8.37 9.75 -8.44
N LEU A 91 7.51 9.68 -9.47
CA LEU A 91 7.86 9.19 -10.81
C LEU A 91 8.48 10.27 -11.72
N ASP A 92 8.80 11.46 -11.19
CA ASP A 92 9.87 12.28 -11.78
C ASP A 92 11.25 11.66 -11.53
N VAL A 93 11.45 11.06 -10.35
CA VAL A 93 12.70 10.44 -9.90
C VAL A 93 12.78 8.97 -10.34
N PHE A 94 11.68 8.22 -10.19
CA PHE A 94 11.57 6.80 -10.51
C PHE A 94 10.84 6.55 -11.84
N GLU A 95 11.12 5.44 -12.52
CA GLU A 95 10.36 4.98 -13.68
C GLU A 95 9.11 4.19 -13.25
N SER A 96 9.19 3.50 -12.10
CA SER A 96 8.07 2.81 -11.47
C SER A 96 8.32 2.62 -9.97
N ILE A 97 7.26 2.60 -9.18
CA ILE A 97 7.31 2.12 -7.78
C ILE A 97 6.22 1.08 -7.61
N SER A 98 6.54 -0.09 -7.09
CA SER A 98 5.64 -1.23 -7.01
C SER A 98 5.76 -1.94 -5.66
N TYR A 99 4.77 -2.75 -5.34
CA TYR A 99 4.61 -3.40 -4.05
C TYR A 99 4.01 -4.80 -4.23
N HIS A 100 4.30 -5.69 -3.28
CA HIS A 100 3.87 -7.08 -3.30
C HIS A 100 3.52 -7.56 -1.89
N ILE A 101 2.43 -8.31 -1.76
CA ILE A 101 1.95 -8.90 -0.50
C ILE A 101 1.85 -10.42 -0.66
N LYS A 102 1.97 -11.18 0.43
CA LYS A 102 1.61 -12.61 0.50
C LYS A 102 0.87 -12.89 1.80
N ILE A 103 -0.35 -13.44 1.71
CA ILE A 103 -1.18 -13.81 2.86
C ILE A 103 -1.56 -15.30 2.80
N VAL A 104 -1.38 -15.96 3.95
CA VAL A 104 -1.54 -17.40 4.14
C VAL A 104 -2.11 -17.66 5.53
N ALA A 105 -3.17 -18.46 5.60
CA ALA A 105 -3.89 -18.78 6.84
C ALA A 105 -3.07 -19.64 7.81
N THR A 106 -3.30 -19.49 9.12
CA THR A 106 -2.63 -20.21 10.21
C THR A 106 -3.57 -21.24 10.86
N PRO A 107 -3.05 -22.29 11.53
CA PRO A 107 -3.88 -23.18 12.35
C PRO A 107 -4.41 -22.47 13.61
N ASP A 108 -3.85 -21.29 13.95
CA ASP A 108 -4.36 -20.39 15.01
C ASP A 108 -5.69 -19.70 14.63
N GLY A 109 -6.12 -19.78 13.37
CA GLY A 109 -7.39 -19.21 12.90
C GLY A 109 -7.29 -17.77 12.36
N GLY A 110 -6.07 -17.28 12.14
CA GLY A 110 -5.77 -16.01 11.47
C GLY A 110 -4.94 -16.22 10.20
N CYS A 111 -4.13 -15.23 9.85
CA CYS A 111 -3.15 -15.27 8.76
C CYS A 111 -1.82 -14.60 9.14
N ILE A 112 -0.74 -15.04 8.51
CA ILE A 112 0.49 -14.25 8.39
C ILE A 112 0.42 -13.44 7.09
N CYS A 113 0.72 -12.14 7.15
CA CYS A 113 0.70 -11.21 6.03
C CYS A 113 2.08 -10.57 5.80
N LYS A 114 2.77 -11.00 4.75
CA LYS A 114 4.02 -10.39 4.24
C LYS A 114 3.70 -9.20 3.34
N ASN A 115 4.53 -8.16 3.36
CA ASN A 115 4.47 -7.01 2.45
C ASN A 115 5.88 -6.57 2.03
N ARG A 116 6.00 -6.07 0.80
CA ARG A 116 7.27 -5.74 0.13
C ARG A 116 7.07 -4.52 -0.77
N SER A 117 8.09 -3.68 -0.87
CA SER A 117 8.16 -2.56 -1.82
C SER A 117 9.37 -2.73 -2.75
N ILE A 118 9.27 -2.25 -3.98
CA ILE A 118 10.23 -2.41 -5.08
C ILE A 118 10.30 -1.10 -5.87
N TYR A 119 11.47 -0.48 -5.92
CA TYR A 119 11.70 0.81 -6.58
C TYR A 119 12.54 0.66 -7.83
N THR A 120 12.04 1.19 -8.96
CA THR A 120 12.71 1.12 -10.27
C THR A 120 13.10 2.54 -10.72
N PRO A 121 14.38 2.95 -10.63
CA PRO A 121 14.83 4.31 -10.93
C PRO A 121 14.87 4.62 -12.44
N LYS A 122 14.96 5.90 -12.81
CA LYS A 122 15.41 6.32 -14.16
C LYS A 122 16.94 6.24 -14.26
N CYS A 123 17.48 5.05 -13.95
CA CYS A 123 18.89 4.70 -13.70
C CYS A 123 19.61 5.45 -12.56
N ASP A 124 19.37 6.74 -12.36
CA ASP A 124 20.18 7.59 -11.47
C ASP A 124 19.80 7.46 -9.99
N ALA A 125 18.52 7.45 -9.64
CA ALA A 125 18.07 7.37 -8.25
C ALA A 125 18.50 6.06 -7.55
N GLN A 126 18.59 6.10 -6.22
CA GLN A 126 19.22 5.09 -5.35
C GLN A 126 18.28 4.58 -4.23
N VAL A 127 17.10 5.19 -4.06
CA VAL A 127 16.19 5.12 -2.88
C VAL A 127 16.81 5.69 -1.62
N SER A 128 16.08 6.64 -1.03
CA SER A 128 16.40 7.27 0.26
C SER A 128 15.95 6.39 1.43
N GLU A 129 16.74 6.33 2.51
CA GLU A 129 16.37 5.61 3.74
C GLU A 129 15.03 6.12 4.30
N GLU A 130 14.76 7.41 4.14
CA GLU A 130 13.51 8.06 4.51
C GLU A 130 12.27 7.32 4.01
N GLU A 131 12.22 6.88 2.75
CA GLU A 131 11.06 6.13 2.21
C GLU A 131 11.13 4.63 2.47
N ILE A 132 12.27 4.08 2.89
CA ILE A 132 12.32 2.72 3.46
C ILE A 132 11.64 2.74 4.84
N LYS A 133 12.10 3.62 5.73
CA LYS A 133 11.62 3.74 7.11
C LYS A 133 10.19 4.29 7.19
N ALA A 134 9.88 5.40 6.53
CA ALA A 134 8.53 5.95 6.46
C ALA A 134 7.58 5.02 5.67
N GLY A 135 8.07 4.30 4.65
CA GLY A 135 7.27 3.31 3.90
C GLY A 135 6.88 2.10 4.75
N LYS A 136 7.82 1.55 5.54
CA LYS A 136 7.53 0.54 6.58
C LYS A 136 6.48 1.05 7.56
N GLU A 137 6.66 2.26 8.09
CA GLU A 137 5.76 2.87 9.07
C GLU A 137 4.35 3.12 8.52
N ARG A 138 4.26 3.59 7.27
CA ARG A 138 3.03 3.82 6.51
C ARG A 138 2.28 2.52 6.23
N ALA A 139 2.95 1.51 5.68
CA ALA A 139 2.36 0.21 5.39
C ALA A 139 1.89 -0.52 6.67
N SER A 140 2.72 -0.56 7.71
CA SER A 140 2.36 -1.11 9.03
C SER A 140 1.16 -0.39 9.64
N GLY A 141 1.09 0.94 9.49
CA GLY A 141 -0.06 1.74 9.91
C GLY A 141 -1.36 1.28 9.25
N ILE A 142 -1.33 1.02 7.93
CA ILE A 142 -2.49 0.50 7.21
C ILE A 142 -2.86 -0.88 7.76
N PHE A 143 -1.91 -1.83 7.91
CA PHE A 143 -2.16 -3.15 8.49
C PHE A 143 -2.70 -3.15 9.94
N LYS A 144 -2.72 -1.99 10.61
CA LYS A 144 -3.22 -1.81 11.98
C LYS A 144 -4.58 -1.11 11.97
N LYS A 145 -4.74 -0.06 11.17
CA LYS A 145 -6.04 0.56 10.88
C LYS A 145 -7.02 -0.41 10.22
N VAL A 146 -6.56 -1.39 9.45
CA VAL A 146 -7.41 -2.48 8.93
C VAL A 146 -7.85 -3.46 10.02
N GLU A 147 -6.94 -3.94 10.87
CA GLU A 147 -7.36 -4.79 12.00
C GLU A 147 -8.31 -4.05 12.97
N ALA A 148 -8.07 -2.75 13.20
CA ALA A 148 -8.93 -1.89 14.01
C ALA A 148 -10.33 -1.69 13.40
N TYR A 149 -10.42 -1.45 12.08
CA TYR A 149 -11.69 -1.33 11.37
C TYR A 149 -12.49 -2.64 11.42
N LEU A 150 -11.83 -3.77 11.15
CA LEU A 150 -12.47 -5.09 11.18
C LEU A 150 -12.83 -5.54 12.61
N LEU A 151 -12.22 -5.01 13.66
CA LEU A 151 -12.68 -5.21 15.05
C LEU A 151 -14.03 -4.51 15.31
N ALA A 152 -14.29 -3.34 14.70
CA ALA A 152 -15.49 -2.53 14.89
C ALA A 152 -16.60 -2.76 13.84
N ASN A 153 -16.24 -3.26 12.65
CA ASN A 153 -17.10 -3.37 11.47
C ASN A 153 -16.59 -4.50 10.51
N PRO A 154 -16.51 -5.76 10.96
CA PRO A 154 -16.04 -6.88 10.13
C PRO A 154 -16.95 -7.17 8.93
N ASP A 155 -18.23 -6.84 9.05
CA ASP A 155 -19.25 -6.90 8.01
C ASP A 155 -19.07 -5.80 6.94
N CYS A 156 -18.28 -4.77 7.24
CA CYS A 156 -17.92 -3.61 6.40
C CYS A 156 -19.13 -2.88 5.81
N GLY A 1 18.31 -4.94 -10.78
CA GLY A 1 17.21 -4.09 -11.26
C GLY A 1 16.78 -3.13 -10.18
N ALA A 2 15.48 -3.01 -9.95
CA ALA A 2 14.93 -2.20 -8.87
C ALA A 2 15.36 -2.69 -7.49
N ILE A 3 15.46 -1.76 -6.53
CA ILE A 3 15.93 -2.03 -5.17
C ILE A 3 14.88 -1.64 -4.13
N THR A 4 14.89 -2.32 -2.98
CA THR A 4 13.72 -2.43 -2.11
C THR A 4 14.06 -2.48 -0.62
N TYR A 5 13.05 -2.27 0.22
CA TYR A 5 13.05 -2.60 1.65
C TYR A 5 11.74 -3.33 2.01
N ASP A 6 11.78 -4.13 3.08
CA ASP A 6 10.71 -5.09 3.42
C ASP A 6 10.42 -5.18 4.93
N MET A 7 9.23 -5.67 5.27
CA MET A 7 8.73 -5.86 6.63
C MET A 7 7.72 -7.01 6.67
N GLU A 8 7.53 -7.64 7.83
CA GLU A 8 6.54 -8.70 8.01
C GLU A 8 5.82 -8.58 9.36
N ILE A 9 4.50 -8.68 9.35
CA ILE A 9 3.61 -8.32 10.46
C ILE A 9 2.68 -9.49 10.80
N PRO A 10 2.65 -10.00 12.04
CA PRO A 10 1.56 -10.84 12.52
C PRO A 10 0.32 -9.99 12.79
N SER A 11 -0.83 -10.42 12.28
CA SER A 11 -2.13 -9.73 12.36
C SER A 11 -3.28 -10.68 12.68
N SER A 12 -4.34 -10.18 13.32
CA SER A 12 -5.53 -10.97 13.69
C SER A 12 -6.52 -11.19 12.53
N ILE A 13 -6.27 -10.58 11.37
CA ILE A 13 -7.21 -10.45 10.25
C ILE A 13 -6.95 -11.51 9.17
N SER A 14 -8.01 -11.92 8.46
CA SER A 14 -7.95 -12.84 7.31
C SER A 14 -7.38 -12.20 6.03
N ALA A 15 -6.69 -12.96 5.19
CA ALA A 15 -5.79 -12.44 4.15
C ALA A 15 -6.44 -11.66 2.98
N GLU A 16 -7.63 -12.02 2.53
CA GLU A 16 -8.41 -11.18 1.59
C GLU A 16 -8.87 -9.88 2.27
N LYS A 17 -9.45 -9.99 3.47
CA LYS A 17 -9.92 -8.85 4.27
C LYS A 17 -8.80 -7.86 4.62
N MET A 18 -7.56 -8.35 4.83
CA MET A 18 -6.38 -7.51 5.00
C MET A 18 -6.13 -6.63 3.78
N PHE A 19 -5.94 -7.19 2.58
CA PHE A 19 -5.65 -6.40 1.39
C PHE A 19 -6.82 -5.50 0.96
N LYS A 20 -8.06 -5.99 1.13
CA LYS A 20 -9.26 -5.18 0.92
C LYS A 20 -9.26 -3.94 1.82
N ALA A 21 -9.08 -4.10 3.11
CA ALA A 21 -8.97 -2.97 4.04
C ALA A 21 -7.74 -2.08 3.76
N PHE A 22 -6.62 -2.67 3.32
CA PHE A 22 -5.34 -1.98 3.10
C PHE A 22 -5.37 -1.00 1.92
N VAL A 23 -6.04 -1.34 0.79
CA VAL A 23 -6.09 -0.46 -0.41
C VAL A 23 -7.45 -0.36 -1.10
N LEU A 24 -8.30 -1.39 -1.09
CA LEU A 24 -9.58 -1.36 -1.83
C LEU A 24 -10.62 -0.50 -1.10
N ASP A 25 -10.87 -0.79 0.18
CA ASP A 25 -11.54 0.08 1.16
C ASP A 25 -10.60 1.19 1.70
N GLY A 26 -9.39 1.31 1.16
CA GLY A 26 -8.35 2.27 1.59
C GLY A 26 -8.76 3.74 1.50
N ASP A 27 -9.87 4.05 0.80
CA ASP A 27 -10.42 5.40 0.59
C ASP A 27 -10.63 6.24 1.86
N THR A 28 -10.83 5.60 3.00
CA THR A 28 -10.83 6.25 4.33
C THR A 28 -9.72 5.71 5.21
N ILE A 29 -9.43 4.41 5.14
CA ILE A 29 -8.53 3.69 6.05
C ILE A 29 -7.06 4.16 5.88
N ILE A 30 -6.60 4.43 4.66
CA ILE A 30 -5.24 4.97 4.42
C ILE A 30 -5.11 6.42 4.92
N PRO A 31 -6.03 7.37 4.62
CA PRO A 31 -6.06 8.69 5.26
C PRO A 31 -6.07 8.60 6.79
N LYS A 32 -6.88 7.72 7.37
CA LYS A 32 -6.97 7.50 8.83
C LYS A 32 -5.65 6.99 9.44
N ALA A 33 -4.81 6.32 8.65
CA ALA A 33 -3.53 5.76 9.08
C ALA A 33 -2.37 6.77 9.14
N LEU A 34 -2.41 7.88 8.40
CA LEU A 34 -1.35 8.90 8.41
C LEU A 34 -1.90 10.33 8.18
N PRO A 35 -2.89 10.79 8.97
CA PRO A 35 -3.62 12.04 8.74
C PRO A 35 -2.79 13.33 8.81
N HIS A 36 -1.59 13.29 9.41
CA HIS A 36 -0.64 14.42 9.40
C HIS A 36 -0.16 14.79 7.99
N ALA A 37 -0.25 13.87 7.03
CA ALA A 37 0.28 14.04 5.68
C ALA A 37 -0.68 13.56 4.56
N ILE A 38 -1.36 12.42 4.73
CA ILE A 38 -2.30 11.89 3.72
C ILE A 38 -3.65 12.61 3.84
N THR A 39 -4.13 13.18 2.73
CA THR A 39 -5.38 13.95 2.67
C THR A 39 -6.45 13.31 1.79
N GLY A 40 -6.15 12.20 1.09
CA GLY A 40 -7.20 11.39 0.47
C GLY A 40 -6.73 10.18 -0.35
N VAL A 41 -7.66 9.25 -0.58
CA VAL A 41 -7.54 8.07 -1.45
C VAL A 41 -8.88 7.82 -2.14
N GLN A 42 -8.87 7.42 -3.42
CA GLN A 42 -10.07 7.17 -4.21
C GLN A 42 -9.79 6.19 -5.38
N THR A 43 -10.77 5.40 -5.82
CA THR A 43 -10.62 4.52 -6.98
C THR A 43 -10.88 5.25 -8.30
N LEU A 44 -10.25 4.76 -9.37
CA LEU A 44 -10.19 5.38 -10.70
C LEU A 44 -10.24 4.29 -11.78
N GLU A 45 -11.24 3.41 -11.70
CA GLU A 45 -11.54 2.32 -12.63
C GLU A 45 -12.82 1.61 -12.17
N GLY A 46 -13.23 0.56 -12.88
CA GLY A 46 -13.96 -0.55 -12.26
C GLY A 46 -13.07 -1.23 -11.20
N ASP A 47 -13.58 -1.39 -9.99
CA ASP A 47 -12.75 -1.63 -8.81
C ASP A 47 -12.57 -3.11 -8.48
N GLY A 48 -11.66 -3.38 -7.55
CA GLY A 48 -11.47 -4.70 -6.95
C GLY A 48 -10.68 -5.71 -7.79
N GLY A 49 -10.17 -5.33 -8.96
CA GLY A 49 -9.52 -6.22 -9.93
C GLY A 49 -8.11 -5.82 -10.34
N VAL A 50 -7.40 -6.72 -11.01
CA VAL A 50 -6.10 -6.44 -11.65
C VAL A 50 -6.32 -5.47 -12.81
N GLY A 51 -5.54 -4.39 -12.86
CA GLY A 51 -5.75 -3.25 -13.77
C GLY A 51 -6.74 -2.20 -13.25
N THR A 52 -7.04 -2.17 -11.94
CA THR A 52 -7.81 -1.05 -11.33
C THR A 52 -6.87 0.13 -11.10
N ILE A 53 -7.18 1.39 -11.50
CA ILE A 53 -6.35 2.53 -11.06
C ILE A 53 -6.89 3.08 -9.73
N LYS A 54 -5.99 3.62 -8.92
CA LYS A 54 -6.23 4.26 -7.62
C LYS A 54 -5.53 5.63 -7.61
N LEU A 55 -6.24 6.65 -7.15
CA LEU A 55 -5.72 8.00 -6.89
C LEU A 55 -5.42 8.15 -5.40
N THR A 56 -4.41 8.95 -5.05
CA THR A 56 -3.99 9.23 -3.68
C THR A 56 -3.40 10.64 -3.59
N THR A 57 -3.63 11.35 -2.49
CA THR A 57 -3.29 12.78 -2.35
C THR A 57 -2.86 13.15 -0.92
N PHE A 58 -2.03 14.18 -0.82
CA PHE A 58 -1.29 14.57 0.38
C PHE A 58 -1.28 16.08 0.63
N GLY A 59 -1.38 16.46 1.90
CA GLY A 59 -1.19 17.81 2.43
C GLY A 59 0.29 18.08 2.70
N GLU A 60 0.67 18.07 3.97
CA GLU A 60 2.02 18.36 4.46
C GLU A 60 3.01 17.18 4.35
N GLY A 61 4.31 17.44 4.53
CA GLY A 61 5.35 16.43 4.73
C GLY A 61 5.59 15.43 3.58
N SER A 62 5.11 15.73 2.38
CA SER A 62 4.94 14.75 1.31
C SER A 62 5.57 15.21 -0.01
N VAL A 63 6.21 14.28 -0.73
CA VAL A 63 6.96 14.58 -1.96
C VAL A 63 6.09 15.18 -3.07
N HIS A 64 4.82 14.79 -3.15
CA HIS A 64 3.87 15.23 -4.17
C HIS A 64 2.47 15.44 -3.59
N LYS A 65 1.69 16.34 -4.20
CA LYS A 65 0.29 16.59 -3.82
C LYS A 65 -0.65 15.45 -4.25
N SER A 66 -0.42 14.83 -5.41
CA SER A 66 -1.17 13.65 -5.87
C SER A 66 -0.31 12.61 -6.58
N VAL A 67 -0.78 11.37 -6.61
CA VAL A 67 -0.12 10.19 -7.20
C VAL A 67 -1.17 9.18 -7.67
N LYS A 68 -0.91 8.49 -8.80
CA LYS A 68 -1.76 7.38 -9.29
C LYS A 68 -1.01 6.06 -9.29
N HIS A 69 -1.69 5.00 -8.89
CA HIS A 69 -1.18 3.63 -8.82
C HIS A 69 -2.19 2.60 -9.31
N ARG A 70 -1.74 1.52 -9.93
CA ARG A 70 -2.60 0.40 -10.37
C ARG A 70 -2.59 -0.73 -9.34
N ILE A 71 -3.75 -1.34 -9.08
CA ILE A 71 -3.82 -2.69 -8.48
C ILE A 71 -3.37 -3.68 -9.55
N ASP A 72 -2.30 -4.42 -9.28
CA ASP A 72 -1.45 -5.06 -10.30
C ASP A 72 -1.42 -6.60 -10.23
N GLY A 73 -1.77 -7.21 -9.10
CA GLY A 73 -1.72 -8.67 -8.93
C GLY A 73 -2.37 -9.11 -7.62
N LEU A 74 -2.88 -10.34 -7.62
CA LEU A 74 -3.48 -11.03 -6.47
C LEU A 74 -3.46 -12.56 -6.66
N ASP A 75 -2.96 -13.30 -5.67
CA ASP A 75 -2.76 -14.76 -5.72
C ASP A 75 -3.05 -15.45 -4.39
N LYS A 76 -4.35 -15.64 -4.12
CA LYS A 76 -4.93 -16.19 -2.89
C LYS A 76 -4.46 -17.62 -2.52
N GLU A 77 -3.78 -18.31 -3.43
CA GLU A 77 -2.96 -19.50 -3.13
C GLU A 77 -1.95 -19.24 -2.00
N ASN A 78 -1.32 -18.06 -1.97
CA ASN A 78 -0.29 -17.65 -0.99
C ASN A 78 -0.39 -16.13 -0.70
N PHE A 79 -1.63 -15.62 -0.65
CA PHE A 79 -2.10 -14.26 -0.97
C PHE A 79 -0.98 -13.24 -1.28
N THR A 80 -0.27 -13.44 -2.40
CA THR A 80 0.66 -12.43 -2.89
C THR A 80 -0.12 -11.38 -3.67
N TYR A 81 0.23 -10.11 -3.49
CA TYR A 81 -0.42 -8.98 -4.14
C TYR A 81 0.62 -8.00 -4.68
N SER A 82 0.19 -7.15 -5.60
CA SER A 82 0.99 -6.04 -6.11
C SER A 82 0.15 -4.79 -6.32
N TYR A 83 0.70 -3.61 -6.01
CA TYR A 83 0.15 -2.33 -6.46
C TYR A 83 1.28 -1.35 -6.78
N SER A 84 1.19 -0.68 -7.94
CA SER A 84 2.33 -0.03 -8.60
C SER A 84 2.02 1.42 -8.95
N ILE A 85 2.83 2.37 -8.46
CA ILE A 85 2.76 3.79 -8.80
C ILE A 85 3.26 4.01 -10.22
N ILE A 86 2.42 4.68 -11.01
CA ILE A 86 2.56 4.89 -12.46
C ILE A 86 2.91 6.35 -12.78
N GLU A 87 2.32 7.31 -12.05
CA GLU A 87 2.59 8.75 -12.17
C GLU A 87 2.47 9.46 -10.81
N GLY A 88 3.28 10.50 -10.62
CA GLY A 88 3.40 11.31 -9.41
C GLY A 88 4.85 11.78 -9.22
N GLY A 89 5.08 13.00 -8.70
CA GLY A 89 6.42 13.64 -8.72
C GLY A 89 7.56 12.88 -8.04
N ALA A 90 7.30 11.88 -7.18
CA ALA A 90 8.34 10.95 -6.74
C ALA A 90 9.03 10.25 -7.92
N LEU A 91 8.29 9.96 -9.00
CA LEU A 91 8.81 9.39 -10.25
C LEU A 91 9.50 10.46 -11.14
N ASP A 92 9.90 11.61 -10.58
CA ASP A 92 11.03 12.37 -11.12
C ASP A 92 12.36 11.75 -10.65
N VAL A 93 12.46 11.34 -9.38
CA VAL A 93 13.63 10.64 -8.81
C VAL A 93 13.67 9.17 -9.25
N PHE A 94 12.51 8.56 -9.45
CA PHE A 94 12.33 7.13 -9.75
C PHE A 94 11.75 6.89 -11.15
N GLU A 95 12.09 5.76 -11.75
CA GLU A 95 11.46 5.24 -12.98
C GLU A 95 10.10 4.58 -12.67
N SER A 96 9.99 3.98 -11.48
CA SER A 96 8.79 3.31 -10.96
C SER A 96 8.87 3.22 -9.43
N ILE A 97 7.73 3.17 -8.75
CA ILE A 97 7.65 2.71 -7.36
C ILE A 97 6.52 1.68 -7.26
N SER A 98 6.72 0.56 -6.56
CA SER A 98 5.71 -0.50 -6.46
C SER A 98 5.80 -1.27 -5.16
N TYR A 99 4.65 -1.64 -4.60
CA TYR A 99 4.55 -2.53 -3.46
C TYR A 99 4.24 -3.94 -3.93
N HIS A 100 5.05 -4.90 -3.49
CA HIS A 100 4.66 -6.30 -3.38
C HIS A 100 4.22 -6.58 -1.93
N ILE A 101 3.24 -7.47 -1.76
CA ILE A 101 2.72 -7.93 -0.46
C ILE A 101 2.58 -9.45 -0.52
N LYS A 102 2.71 -10.15 0.60
CA LYS A 102 2.43 -11.60 0.72
C LYS A 102 1.71 -11.92 2.02
N ILE A 103 0.58 -12.62 1.96
CA ILE A 103 -0.23 -12.97 3.13
C ILE A 103 -0.59 -14.46 3.13
N VAL A 104 -0.42 -15.09 4.28
CA VAL A 104 -0.73 -16.50 4.53
C VAL A 104 -1.35 -16.62 5.92
N ALA A 105 -2.44 -17.39 6.04
CA ALA A 105 -3.16 -17.60 7.29
C ALA A 105 -2.28 -18.30 8.35
N THR A 106 -2.59 -18.14 9.64
CA THR A 106 -1.95 -18.89 10.74
C THR A 106 -2.85 -20.04 11.21
N PRO A 107 -2.31 -21.13 11.79
CA PRO A 107 -3.12 -22.25 12.28
C PRO A 107 -4.04 -21.87 13.45
N ASP A 108 -3.82 -20.73 14.10
CA ASP A 108 -4.73 -20.14 15.12
C ASP A 108 -5.76 -19.16 14.52
N GLY A 109 -5.81 -18.99 13.20
CA GLY A 109 -6.83 -18.20 12.50
C GLY A 109 -6.52 -16.71 12.30
N GLY A 110 -5.27 -16.27 12.51
CA GLY A 110 -4.78 -14.95 12.08
C GLY A 110 -4.17 -15.00 10.67
N CYS A 111 -3.30 -14.03 10.37
CA CYS A 111 -2.38 -14.06 9.22
C CYS A 111 -0.98 -13.54 9.58
N ILE A 112 0.03 -13.98 8.83
CA ILE A 112 1.33 -13.30 8.69
C ILE A 112 1.33 -12.54 7.36
N CYS A 113 1.60 -11.23 7.40
CA CYS A 113 1.53 -10.31 6.27
C CYS A 113 2.87 -9.60 6.01
N LYS A 114 3.53 -9.93 4.90
CA LYS A 114 4.75 -9.27 4.40
C LYS A 114 4.43 -8.13 3.43
N ASN A 115 5.29 -7.12 3.42
CA ASN A 115 5.19 -5.93 2.59
C ASN A 115 6.60 -5.50 2.14
N ARG A 116 6.83 -5.45 0.82
CA ARG A 116 8.11 -5.15 0.16
C ARG A 116 7.92 -3.96 -0.79
N SER A 117 8.47 -2.80 -0.44
CA SER A 117 8.34 -1.55 -1.22
C SER A 117 9.56 -1.34 -2.12
N ILE A 118 9.35 -1.28 -3.44
CA ILE A 118 10.36 -1.44 -4.49
C ILE A 118 10.48 -0.15 -5.30
N TYR A 119 11.66 0.48 -5.29
CA TYR A 119 11.93 1.79 -5.88
C TYR A 119 12.90 1.62 -7.07
N THR A 120 12.36 1.57 -8.29
CA THR A 120 13.17 1.50 -9.51
C THR A 120 13.75 2.88 -9.79
N PRO A 121 15.08 3.07 -9.76
CA PRO A 121 15.69 4.39 -9.96
C PRO A 121 15.71 4.80 -11.42
N LYS A 122 15.94 6.10 -11.68
CA LYS A 122 16.45 6.59 -12.96
C LYS A 122 17.96 6.31 -13.09
N CYS A 123 18.35 5.04 -12.97
CA CYS A 123 19.74 4.57 -13.01
C CYS A 123 20.69 5.14 -11.92
N ASP A 124 20.17 5.73 -10.84
CA ASP A 124 21.01 6.40 -9.82
C ASP A 124 20.57 6.11 -8.36
N ALA A 125 19.33 6.40 -7.97
CA ALA A 125 18.87 6.29 -6.58
C ALA A 125 18.97 4.86 -5.97
N GLN A 126 19.14 4.79 -4.66
CA GLN A 126 19.51 3.60 -3.86
C GLN A 126 18.56 3.43 -2.65
N VAL A 127 17.26 3.71 -2.85
CA VAL A 127 16.20 3.86 -1.84
C VAL A 127 16.46 5.01 -0.84
N SER A 128 15.46 5.87 -0.62
CA SER A 128 15.54 6.96 0.36
C SER A 128 15.31 6.46 1.78
N GLU A 129 16.17 6.83 2.72
CA GLU A 129 15.99 6.48 4.14
C GLU A 129 14.70 7.08 4.72
N GLU A 130 14.33 8.27 4.24
CA GLU A 130 13.09 8.95 4.60
C GLU A 130 11.83 8.11 4.29
N GLU A 131 11.84 7.33 3.20
CA GLU A 131 10.77 6.38 2.88
C GLU A 131 10.91 5.03 3.61
N ILE A 132 12.12 4.61 3.96
CA ILE A 132 12.34 3.44 4.84
C ILE A 132 11.74 3.73 6.23
N LYS A 133 11.89 4.96 6.72
CA LYS A 133 11.30 5.45 7.99
C LYS A 133 9.80 5.72 7.87
N ALA A 134 9.39 6.69 7.04
CA ALA A 134 7.99 7.11 6.91
C ALA A 134 7.10 6.03 6.31
N GLY A 135 7.60 5.27 5.34
CA GLY A 135 6.84 4.19 4.71
C GLY A 135 6.67 2.95 5.59
N LYS A 136 7.59 2.68 6.53
CA LYS A 136 7.35 1.67 7.60
C LYS A 136 6.26 2.16 8.56
N GLU A 137 6.33 3.42 9.00
CA GLU A 137 5.32 4.02 9.88
C GLU A 137 3.92 4.07 9.22
N ARG A 138 3.86 4.41 7.93
CA ARG A 138 2.66 4.42 7.09
C ARG A 138 2.09 3.00 6.91
N ALA A 139 2.90 2.03 6.47
CA ALA A 139 2.44 0.66 6.27
C ALA A 139 1.97 0.01 7.58
N SER A 140 2.73 0.15 8.67
CA SER A 140 2.31 -0.27 10.01
C SER A 140 1.02 0.45 10.44
N GLY A 141 0.94 1.76 10.23
CA GLY A 141 -0.26 2.55 10.51
C GLY A 141 -1.50 1.98 9.82
N ILE A 142 -1.37 1.57 8.56
CA ILE A 142 -2.45 0.91 7.81
C ILE A 142 -2.74 -0.48 8.38
N PHE A 143 -1.75 -1.37 8.57
CA PHE A 143 -1.95 -2.73 9.16
C PHE A 143 -2.59 -2.75 10.57
N LYS A 144 -2.61 -1.59 11.22
CA LYS A 144 -3.19 -1.32 12.55
C LYS A 144 -4.59 -0.74 12.40
N LYS A 145 -4.80 0.25 11.52
CA LYS A 145 -6.13 0.77 11.16
C LYS A 145 -7.03 -0.31 10.57
N VAL A 146 -6.51 -1.14 9.67
CA VAL A 146 -7.25 -2.26 9.06
C VAL A 146 -7.72 -3.26 10.12
N GLU A 147 -6.84 -3.61 11.08
CA GLU A 147 -7.24 -4.51 12.17
C GLU A 147 -8.24 -3.86 13.12
N ALA A 148 -8.05 -2.59 13.49
CA ALA A 148 -8.98 -1.86 14.35
C ALA A 148 -10.37 -1.70 13.71
N TYR A 149 -10.42 -1.43 12.40
CA TYR A 149 -11.66 -1.32 11.64
C TYR A 149 -12.43 -2.65 11.70
N LEU A 150 -11.80 -3.76 11.34
CA LEU A 150 -12.47 -5.07 11.30
C LEU A 150 -12.73 -5.68 12.69
N LEU A 151 -11.95 -5.31 13.72
CA LEU A 151 -12.24 -5.63 15.11
C LEU A 151 -13.57 -5.02 15.58
N ALA A 152 -13.91 -3.81 15.13
CA ALA A 152 -15.18 -3.13 15.45
C ALA A 152 -16.31 -3.37 14.44
N ASN A 153 -15.99 -3.56 13.16
CA ASN A 153 -16.91 -3.57 12.02
C ASN A 153 -16.46 -4.64 10.99
N PRO A 154 -16.47 -5.93 11.35
CA PRO A 154 -16.02 -7.02 10.48
C PRO A 154 -16.88 -7.18 9.21
N ASP A 155 -18.12 -6.67 9.26
CA ASP A 155 -19.10 -6.67 8.18
C ASP A 155 -18.98 -5.49 7.20
N CYS A 156 -18.12 -4.50 7.47
CA CYS A 156 -18.00 -3.26 6.67
C CYS A 156 -19.34 -2.54 6.48
N GLY A 1 18.69 -2.64 -11.34
CA GLY A 1 17.32 -2.99 -11.72
C GLY A 1 16.33 -2.13 -10.97
N ALA A 2 15.93 -2.56 -9.78
CA ALA A 2 15.16 -1.77 -8.84
C ALA A 2 15.54 -2.13 -7.39
N ILE A 3 15.84 -1.12 -6.57
CA ILE A 3 16.07 -1.30 -5.12
C ILE A 3 14.76 -1.51 -4.36
N THR A 4 14.83 -2.16 -3.20
CA THR A 4 13.65 -2.61 -2.46
C THR A 4 13.86 -2.65 -0.94
N TYR A 5 12.78 -2.53 -0.18
CA TYR A 5 12.72 -2.87 1.24
C TYR A 5 11.36 -3.51 1.56
N ASP A 6 11.28 -4.31 2.63
CA ASP A 6 10.06 -5.05 2.98
C ASP A 6 9.92 -5.32 4.49
N MET A 7 8.73 -5.80 4.87
CA MET A 7 8.30 -6.08 6.24
C MET A 7 7.33 -7.27 6.27
N GLU A 8 7.16 -7.93 7.42
CA GLU A 8 6.20 -9.04 7.58
C GLU A 8 5.38 -8.94 8.88
N ILE A 9 4.12 -8.57 8.73
CA ILE A 9 3.21 -8.15 9.80
C ILE A 9 2.18 -9.25 10.11
N PRO A 10 2.00 -9.66 11.38
CA PRO A 10 0.89 -10.55 11.77
C PRO A 10 -0.44 -9.78 11.81
N SER A 11 -1.56 -10.46 11.60
CA SER A 11 -2.91 -9.89 11.76
C SER A 11 -3.95 -10.95 12.07
N SER A 12 -5.02 -10.60 12.80
CA SER A 12 -6.14 -11.51 13.10
C SER A 12 -7.21 -11.51 11.98
N ILE A 13 -7.11 -10.55 11.06
CA ILE A 13 -7.96 -10.42 9.88
C ILE A 13 -7.59 -11.46 8.81
N SER A 14 -8.57 -11.91 8.02
CA SER A 14 -8.38 -12.79 6.86
C SER A 14 -7.93 -12.01 5.60
N ALA A 15 -7.13 -12.64 4.73
CA ALA A 15 -6.28 -11.98 3.74
C ALA A 15 -6.99 -11.14 2.65
N GLU A 16 -8.18 -11.55 2.20
CA GLU A 16 -9.02 -10.78 1.26
C GLU A 16 -9.55 -9.52 1.94
N LYS A 17 -10.06 -9.68 3.16
CA LYS A 17 -10.59 -8.61 4.02
C LYS A 17 -9.50 -7.61 4.42
N MET A 18 -8.26 -8.09 4.65
CA MET A 18 -7.08 -7.24 4.83
C MET A 18 -6.87 -6.32 3.63
N PHE A 19 -6.73 -6.87 2.41
CA PHE A 19 -6.44 -6.08 1.22
C PHE A 19 -7.57 -5.11 0.85
N LYS A 20 -8.83 -5.51 1.09
CA LYS A 20 -9.99 -4.63 0.91
C LYS A 20 -9.86 -3.38 1.78
N ALA A 21 -9.65 -3.53 3.09
CA ALA A 21 -9.43 -2.39 3.98
C ALA A 21 -8.12 -1.63 3.69
N PHE A 22 -7.07 -2.31 3.20
CA PHE A 22 -5.74 -1.73 2.98
C PHE A 22 -5.68 -0.73 1.82
N VAL A 23 -6.32 -1.01 0.66
CA VAL A 23 -6.28 -0.13 -0.52
C VAL A 23 -7.61 0.04 -1.26
N LEU A 24 -8.47 -0.98 -1.33
CA LEU A 24 -9.74 -0.86 -2.07
C LEU A 24 -10.67 0.14 -1.37
N ASP A 25 -10.92 -0.08 -0.08
CA ASP A 25 -11.54 0.85 0.87
C ASP A 25 -10.54 1.90 1.42
N GLY A 26 -9.36 2.03 0.82
CA GLY A 26 -8.28 2.92 1.30
C GLY A 26 -8.63 4.41 1.34
N ASP A 27 -9.76 4.82 0.72
CA ASP A 27 -10.18 6.21 0.50
C ASP A 27 -10.16 7.09 1.76
N THR A 28 -10.56 6.53 2.91
CA THR A 28 -10.47 7.19 4.23
C THR A 28 -9.43 6.53 5.13
N ILE A 29 -9.24 5.22 5.00
CA ILE A 29 -8.36 4.42 5.89
C ILE A 29 -6.89 4.81 5.71
N ILE A 30 -6.42 5.02 4.48
CA ILE A 30 -5.05 5.47 4.22
C ILE A 30 -4.82 6.92 4.72
N PRO A 31 -5.70 7.91 4.43
CA PRO A 31 -5.62 9.22 5.08
C PRO A 31 -5.59 9.17 6.61
N LYS A 32 -6.36 8.26 7.25
CA LYS A 32 -6.34 8.06 8.72
C LYS A 32 -5.18 7.19 9.22
N ALA A 33 -4.41 6.54 8.36
CA ALA A 33 -3.16 5.86 8.74
C ALA A 33 -2.00 6.82 9.01
N LEU A 34 -1.93 7.94 8.28
CA LEU A 34 -0.89 8.97 8.43
C LEU A 34 -1.48 10.39 8.26
N PRO A 35 -2.45 10.79 9.11
CA PRO A 35 -3.19 12.05 8.98
C PRO A 35 -2.34 13.32 9.10
N HIS A 36 -1.12 13.22 9.61
CA HIS A 36 -0.11 14.28 9.51
C HIS A 36 0.27 14.64 8.07
N ALA A 37 0.39 13.64 7.19
CA ALA A 37 1.04 13.79 5.88
C ALA A 37 0.11 13.56 4.69
N ILE A 38 -0.78 12.57 4.77
CA ILE A 38 -1.71 12.21 3.69
C ILE A 38 -2.96 13.09 3.80
N THR A 39 -3.38 13.73 2.71
CA THR A 39 -4.57 14.59 2.64
C THR A 39 -5.73 13.93 1.89
N GLY A 40 -5.51 12.86 1.10
CA GLY A 40 -6.60 12.14 0.45
C GLY A 40 -6.20 10.89 -0.35
N VAL A 41 -7.18 10.02 -0.58
CA VAL A 41 -7.13 8.82 -1.44
C VAL A 41 -8.50 8.61 -2.10
N GLN A 42 -8.53 8.15 -3.36
CA GLN A 42 -9.79 7.84 -4.05
C GLN A 42 -9.56 6.85 -5.21
N THR A 43 -10.56 6.07 -5.59
CA THR A 43 -10.54 5.24 -6.80
C THR A 43 -10.84 6.08 -8.05
N LEU A 44 -10.30 5.66 -9.19
CA LEU A 44 -10.47 6.28 -10.51
C LEU A 44 -10.64 5.16 -11.56
N GLU A 45 -11.64 4.32 -11.35
CA GLU A 45 -12.06 3.17 -12.17
C GLU A 45 -13.17 2.38 -11.45
N GLY A 46 -13.66 1.32 -12.08
CA GLY A 46 -14.26 0.19 -11.36
C GLY A 46 -13.31 -0.41 -10.32
N ASP A 47 -13.80 -0.78 -9.15
CA ASP A 47 -12.99 -1.24 -8.02
C ASP A 47 -12.56 -2.71 -8.13
N GLY A 48 -11.71 -3.14 -7.20
CA GLY A 48 -11.61 -4.55 -6.82
C GLY A 48 -10.71 -5.45 -7.66
N GLY A 49 -9.98 -4.94 -8.66
CA GLY A 49 -9.21 -5.82 -9.55
C GLY A 49 -8.18 -5.15 -10.46
N VAL A 50 -7.70 -5.92 -11.43
CA VAL A 50 -6.69 -5.52 -12.41
C VAL A 50 -7.07 -4.20 -13.11
N GLY A 51 -6.12 -3.26 -13.19
CA GLY A 51 -6.28 -1.99 -13.89
C GLY A 51 -7.13 -0.94 -13.15
N THR A 52 -7.55 -1.18 -11.90
CA THR A 52 -8.28 -0.18 -11.10
C THR A 52 -7.34 0.98 -10.76
N ILE A 53 -7.58 2.21 -11.24
CA ILE A 53 -6.67 3.32 -10.92
C ILE A 53 -7.06 3.91 -9.55
N LYS A 54 -6.10 4.51 -8.84
CA LYS A 54 -6.20 5.04 -7.49
C LYS A 54 -5.40 6.35 -7.38
N LEU A 55 -6.06 7.43 -6.99
CA LEU A 55 -5.44 8.70 -6.62
C LEU A 55 -4.95 8.64 -5.16
N THR A 56 -3.84 9.32 -4.86
CA THR A 56 -3.34 9.57 -3.50
C THR A 56 -2.69 10.95 -3.44
N THR A 57 -2.90 11.70 -2.36
CA THR A 57 -2.48 13.12 -2.26
C THR A 57 -2.05 13.48 -0.83
N PHE A 58 -1.15 14.46 -0.74
CA PHE A 58 -0.32 14.73 0.45
C PHE A 58 -0.20 16.24 0.74
N GLY A 59 0.21 16.58 1.96
CA GLY A 59 0.43 17.95 2.43
C GLY A 59 1.77 18.12 3.15
N GLU A 60 1.72 18.17 4.47
CA GLU A 60 2.91 18.32 5.32
C GLU A 60 3.78 17.04 5.34
N GLY A 61 5.07 17.16 5.66
CA GLY A 61 6.00 16.02 5.74
C GLY A 61 6.23 15.31 4.40
N SER A 62 5.85 15.92 3.28
CA SER A 62 5.61 15.22 2.00
C SER A 62 6.11 16.04 0.81
N VAL A 63 6.96 15.47 -0.04
CA VAL A 63 7.61 16.19 -1.16
C VAL A 63 6.59 16.56 -2.24
N HIS A 64 6.23 15.61 -3.10
CA HIS A 64 5.25 15.77 -4.19
C HIS A 64 3.81 15.93 -3.66
N LYS A 65 2.97 16.68 -4.38
CA LYS A 65 1.57 16.93 -4.00
C LYS A 65 0.69 15.68 -4.08
N SER A 66 0.81 14.94 -5.18
CA SER A 66 -0.12 13.85 -5.53
C SER A 66 0.57 12.76 -6.35
N VAL A 67 -0.01 11.57 -6.35
CA VAL A 67 0.45 10.42 -7.12
C VAL A 67 -0.76 9.58 -7.56
N LYS A 68 -0.73 9.08 -8.79
CA LYS A 68 -1.66 8.06 -9.29
C LYS A 68 -0.97 6.70 -9.35
N HIS A 69 -1.67 5.68 -8.87
CA HIS A 69 -1.26 4.28 -8.92
C HIS A 69 -2.40 3.39 -9.39
N ARG A 70 -2.14 2.11 -9.69
CA ARG A 70 -3.19 1.15 -10.03
C ARG A 70 -3.05 -0.15 -9.25
N ILE A 71 -4.18 -0.78 -8.94
CA ILE A 71 -4.23 -2.21 -8.58
C ILE A 71 -3.92 -3.01 -9.85
N ASP A 72 -2.86 -3.82 -9.82
CA ASP A 72 -2.25 -4.41 -11.00
C ASP A 72 -2.48 -5.93 -11.12
N GLY A 73 -2.67 -6.63 -9.99
CA GLY A 73 -2.93 -8.07 -9.96
C GLY A 73 -3.07 -8.63 -8.55
N LEU A 74 -3.65 -9.83 -8.43
CA LEU A 74 -3.92 -10.51 -7.16
C LEU A 74 -4.02 -12.03 -7.30
N ASP A 75 -3.50 -12.76 -6.33
CA ASP A 75 -3.32 -14.21 -6.36
C ASP A 75 -3.49 -14.84 -4.98
N LYS A 76 -4.76 -15.09 -4.66
CA LYS A 76 -5.32 -15.64 -3.41
C LYS A 76 -4.74 -16.99 -2.97
N GLU A 77 -3.98 -17.67 -3.82
CA GLU A 77 -3.28 -18.93 -3.50
C GLU A 77 -2.17 -18.75 -2.45
N ASN A 78 -1.64 -17.53 -2.34
CA ASN A 78 -0.68 -17.08 -1.31
C ASN A 78 -0.96 -15.60 -0.96
N PHE A 79 -2.23 -15.19 -1.11
CA PHE A 79 -2.77 -13.85 -1.34
C PHE A 79 -1.69 -12.81 -1.64
N THR A 80 -1.00 -13.00 -2.78
CA THR A 80 -0.08 -11.99 -3.27
C THR A 80 -0.86 -10.92 -4.01
N TYR A 81 -0.45 -9.66 -3.87
CA TYR A 81 -1.07 -8.52 -4.53
C TYR A 81 0.00 -7.59 -5.10
N SER A 82 -0.34 -6.89 -6.18
CA SER A 82 0.54 -5.92 -6.84
C SER A 82 -0.21 -4.61 -7.07
N TYR A 83 0.42 -3.48 -6.74
CA TYR A 83 -0.07 -2.15 -7.09
C TYR A 83 1.10 -1.17 -7.34
N SER A 84 0.97 -0.28 -8.33
CA SER A 84 2.12 0.46 -8.88
C SER A 84 1.80 1.89 -9.23
N ILE A 85 2.67 2.82 -8.84
CA ILE A 85 2.61 4.26 -9.15
C ILE A 85 3.00 4.48 -10.61
N ILE A 86 2.09 5.09 -11.36
CA ILE A 86 2.15 5.34 -12.80
C ILE A 86 2.55 6.77 -13.12
N GLU A 87 2.11 7.74 -12.30
CA GLU A 87 2.17 9.17 -12.60
C GLU A 87 2.24 10.02 -11.31
N GLY A 88 2.97 11.15 -11.36
CA GLY A 88 3.14 12.11 -10.27
C GLY A 88 4.60 12.48 -10.00
N GLY A 89 4.83 13.49 -9.15
CA GLY A 89 6.16 14.09 -8.98
C GLY A 89 7.24 13.17 -8.42
N ALA A 90 6.89 12.07 -7.75
CA ALA A 90 7.86 11.04 -7.35
C ALA A 90 8.55 10.40 -8.57
N LEU A 91 7.81 10.22 -9.67
CA LEU A 91 8.34 9.73 -10.93
C LEU A 91 9.09 10.82 -11.74
N ASP A 92 9.38 11.98 -11.14
CA ASP A 92 10.47 12.84 -11.62
C ASP A 92 11.84 12.23 -11.26
N VAL A 93 11.97 11.71 -10.04
CA VAL A 93 13.20 11.07 -9.53
C VAL A 93 13.31 9.63 -10.03
N PHE A 94 12.19 8.91 -10.06
CA PHE A 94 12.11 7.48 -10.40
C PHE A 94 11.46 7.25 -11.77
N GLU A 95 11.75 6.13 -12.40
CA GLU A 95 11.10 5.70 -13.64
C GLU A 95 9.78 4.97 -13.37
N SER A 96 9.72 4.21 -12.27
CA SER A 96 8.51 3.59 -11.72
C SER A 96 8.67 3.40 -10.21
N ILE A 97 7.57 3.43 -9.46
CA ILE A 97 7.55 3.03 -8.04
C ILE A 97 6.41 2.04 -7.85
N SER A 98 6.63 0.98 -7.07
CA SER A 98 5.71 -0.16 -7.02
C SER A 98 5.71 -0.84 -5.67
N TYR A 99 4.63 -1.55 -5.37
CA TYR A 99 4.38 -2.21 -4.11
C TYR A 99 3.86 -3.62 -4.33
N HIS A 100 4.23 -4.52 -3.42
CA HIS A 100 3.85 -5.92 -3.44
C HIS A 100 3.45 -6.39 -2.04
N ILE A 101 2.53 -7.34 -1.97
CA ILE A 101 2.05 -7.96 -0.74
C ILE A 101 2.02 -9.48 -0.96
N LYS A 102 2.14 -10.26 0.13
CA LYS A 102 1.91 -11.72 0.20
C LYS A 102 1.20 -12.04 1.50
N ILE A 103 0.04 -12.70 1.49
CA ILE A 103 -0.70 -13.06 2.70
C ILE A 103 -1.09 -14.55 2.71
N VAL A 104 -0.76 -15.19 3.83
CA VAL A 104 -0.96 -16.62 4.08
C VAL A 104 -1.69 -16.79 5.42
N ALA A 105 -2.74 -17.60 5.43
CA ALA A 105 -3.55 -17.89 6.61
C ALA A 105 -2.79 -18.70 7.69
N THR A 106 -3.34 -18.73 8.91
CA THR A 106 -2.87 -19.58 10.02
C THR A 106 -4.02 -20.44 10.58
N PRO A 107 -3.74 -21.62 11.17
CA PRO A 107 -4.73 -22.43 11.88
C PRO A 107 -5.41 -21.71 13.05
N ASP A 108 -4.79 -20.70 13.65
CA ASP A 108 -5.44 -19.86 14.68
C ASP A 108 -6.58 -19.00 14.13
N GLY A 109 -6.68 -18.82 12.80
CA GLY A 109 -7.73 -18.05 12.12
C GLY A 109 -7.28 -16.66 11.62
N GLY A 110 -6.09 -16.20 12.01
CA GLY A 110 -5.45 -15.00 11.48
C GLY A 110 -4.61 -15.26 10.21
N CYS A 111 -3.72 -14.32 9.91
CA CYS A 111 -2.81 -14.34 8.76
C CYS A 111 -1.41 -13.80 9.09
N ILE A 112 -0.44 -14.11 8.24
CA ILE A 112 0.88 -13.46 8.15
C ILE A 112 0.96 -12.70 6.83
N CYS A 113 1.27 -11.40 6.88
CA CYS A 113 1.22 -10.47 5.76
C CYS A 113 2.59 -9.81 5.50
N LYS A 114 3.33 -10.29 4.48
CA LYS A 114 4.52 -9.61 3.96
C LYS A 114 4.12 -8.47 3.03
N ASN A 115 4.84 -7.34 3.11
CA ASN A 115 4.66 -6.18 2.24
C ASN A 115 6.01 -5.58 1.85
N ARG A 116 6.19 -5.25 0.57
CA ARG A 116 7.44 -4.87 -0.07
C ARG A 116 7.23 -3.62 -0.94
N SER A 117 8.20 -2.71 -0.91
CA SER A 117 8.27 -1.52 -1.79
C SER A 117 9.44 -1.66 -2.76
N ILE A 118 9.29 -1.15 -3.99
CA ILE A 118 10.21 -1.34 -5.11
C ILE A 118 10.36 -0.03 -5.90
N TYR A 119 11.58 0.51 -5.99
CA TYR A 119 11.88 1.76 -6.70
C TYR A 119 12.76 1.50 -7.93
N THR A 120 12.18 1.64 -9.12
CA THR A 120 12.88 1.57 -10.41
C THR A 120 13.41 2.96 -10.76
N PRO A 121 14.72 3.22 -10.80
CA PRO A 121 15.27 4.56 -11.03
C PRO A 121 15.22 4.96 -12.50
N LYS A 122 15.40 6.26 -12.78
CA LYS A 122 15.90 6.77 -14.08
C LYS A 122 17.42 6.53 -14.17
N CYS A 123 17.82 5.28 -13.90
CA CYS A 123 19.20 4.77 -13.88
C CYS A 123 20.16 5.44 -12.87
N ASP A 124 19.70 6.32 -11.97
CA ASP A 124 20.60 7.10 -11.12
C ASP A 124 20.14 7.39 -9.66
N ALA A 125 18.84 7.35 -9.36
CA ALA A 125 18.32 7.52 -8.00
C ALA A 125 18.70 6.37 -7.05
N GLN A 126 18.54 6.57 -5.74
CA GLN A 126 19.05 5.69 -4.68
C GLN A 126 18.12 5.53 -3.46
N VAL A 127 17.03 6.31 -3.34
CA VAL A 127 16.10 6.37 -2.19
C VAL A 127 16.76 6.82 -0.88
N SER A 128 16.24 7.89 -0.29
CA SER A 128 16.62 8.38 1.03
C SER A 128 16.09 7.43 2.10
N GLU A 129 16.89 7.14 3.13
CA GLU A 129 16.45 6.24 4.19
C GLU A 129 15.21 6.76 4.93
N GLU A 130 15.01 8.08 4.88
CA GLU A 130 13.84 8.79 5.38
C GLU A 130 12.51 8.30 4.75
N GLU A 131 12.48 7.85 3.49
CA GLU A 131 11.29 7.18 2.89
C GLU A 131 11.28 5.67 3.12
N ILE A 132 12.39 5.06 3.54
CA ILE A 132 12.40 3.67 4.04
C ILE A 132 11.74 3.62 5.42
N LYS A 133 12.17 4.50 6.33
CA LYS A 133 11.60 4.70 7.67
C LYS A 133 10.15 5.17 7.60
N ALA A 134 9.85 6.22 6.84
CA ALA A 134 8.49 6.74 6.71
C ALA A 134 7.58 5.77 5.94
N GLY A 135 8.09 5.07 4.92
CA GLY A 135 7.31 4.03 4.22
C GLY A 135 6.94 2.86 5.11
N LYS A 136 7.86 2.39 5.98
CA LYS A 136 7.56 1.40 7.02
C LYS A 136 6.52 1.91 8.02
N GLU A 137 6.71 3.12 8.55
CA GLU A 137 5.77 3.78 9.47
C GLU A 137 4.36 3.92 8.86
N ARG A 138 4.29 4.35 7.60
CA ARG A 138 3.06 4.57 6.82
C ARG A 138 2.34 3.27 6.47
N ALA A 139 3.05 2.26 5.97
CA ALA A 139 2.50 0.93 5.70
C ALA A 139 2.02 0.24 6.99
N SER A 140 2.84 0.25 8.05
CA SER A 140 2.46 -0.21 9.39
C SER A 140 1.20 0.49 9.89
N GLY A 141 1.12 1.82 9.74
CA GLY A 141 -0.07 2.61 10.09
C GLY A 141 -1.33 2.10 9.40
N ILE A 142 -1.25 1.77 8.10
CA ILE A 142 -2.38 1.18 7.38
C ILE A 142 -2.71 -0.20 7.97
N PHE A 143 -1.74 -1.11 8.15
CA PHE A 143 -1.96 -2.44 8.77
C PHE A 143 -2.52 -2.40 10.20
N LYS A 144 -2.53 -1.24 10.86
CA LYS A 144 -3.01 -1.03 12.23
C LYS A 144 -4.39 -0.40 12.22
N LYS A 145 -4.61 0.64 11.42
CA LYS A 145 -5.95 1.22 11.17
C LYS A 145 -6.89 0.25 10.46
N VAL A 146 -6.40 -0.69 9.63
CA VAL A 146 -7.23 -1.78 9.09
C VAL A 146 -7.66 -2.77 10.17
N GLU A 147 -6.75 -3.26 11.03
CA GLU A 147 -7.17 -4.12 12.15
C GLU A 147 -8.14 -3.40 13.11
N ALA A 148 -7.90 -2.10 13.38
CA ALA A 148 -8.77 -1.28 14.22
C ALA A 148 -10.17 -1.04 13.60
N TYR A 149 -10.23 -0.73 12.30
CA TYR A 149 -11.49 -0.54 11.59
C TYR A 149 -12.32 -1.81 11.60
N LEU A 150 -11.71 -2.94 11.25
CA LEU A 150 -12.38 -4.24 11.21
C LEU A 150 -12.61 -4.85 12.60
N LEU A 151 -12.02 -4.30 13.67
CA LEU A 151 -12.45 -4.55 15.05
C LEU A 151 -13.78 -3.83 15.37
N ALA A 152 -13.97 -2.60 14.92
CA ALA A 152 -15.17 -1.80 15.20
C ALA A 152 -16.32 -1.98 14.20
N ASN A 153 -16.02 -2.44 12.98
CA ASN A 153 -16.93 -2.49 11.83
C ASN A 153 -16.57 -3.68 10.90
N PRO A 154 -16.53 -4.95 11.39
CA PRO A 154 -16.18 -6.13 10.58
C PRO A 154 -17.16 -6.41 9.43
N ASP A 155 -18.36 -5.84 9.51
CA ASP A 155 -19.39 -5.84 8.47
C ASP A 155 -19.10 -4.86 7.31
N CYS A 156 -18.30 -3.81 7.53
CA CYS A 156 -18.18 -2.62 6.67
C CYS A 156 -19.56 -2.03 6.31
N GLY A 1 19.36 -3.13 -10.92
CA GLY A 1 18.12 -2.91 -11.68
C GLY A 1 17.13 -2.09 -10.88
N ALA A 2 16.73 -2.55 -9.70
CA ALA A 2 15.88 -1.84 -8.75
C ALA A 2 16.30 -2.16 -7.29
N ILE A 3 15.80 -1.38 -6.33
CA ILE A 3 16.00 -1.59 -4.89
C ILE A 3 14.68 -1.53 -4.14
N THR A 4 14.66 -2.04 -2.91
CA THR A 4 13.41 -2.34 -2.19
C THR A 4 13.53 -2.25 -0.66
N TYR A 5 12.41 -2.06 0.01
CA TYR A 5 12.25 -2.30 1.45
C TYR A 5 11.04 -3.20 1.71
N ASP A 6 11.07 -3.99 2.79
CA ASP A 6 10.01 -4.92 3.17
C ASP A 6 9.81 -5.02 4.69
N MET A 7 8.67 -5.57 5.08
CA MET A 7 8.19 -5.71 6.46
C MET A 7 7.21 -6.89 6.56
N GLU A 8 6.99 -7.43 7.75
CA GLU A 8 5.98 -8.47 7.98
C GLU A 8 5.13 -8.19 9.21
N ILE A 9 3.81 -8.35 9.07
CA ILE A 9 2.77 -7.96 10.02
C ILE A 9 1.95 -9.21 10.41
N PRO A 10 1.83 -9.58 11.69
CA PRO A 10 0.82 -10.53 12.15
C PRO A 10 -0.52 -9.81 12.37
N SER A 11 -1.61 -10.41 11.90
CA SER A 11 -2.97 -9.85 11.90
C SER A 11 -4.01 -10.92 12.28
N SER A 12 -5.20 -10.49 12.73
CA SER A 12 -6.35 -11.38 13.00
C SER A 12 -7.44 -11.30 11.93
N ILE A 13 -7.51 -10.20 11.17
CA ILE A 13 -8.44 -10.04 10.04
C ILE A 13 -8.10 -10.98 8.87
N SER A 14 -9.14 -11.44 8.14
CA SER A 14 -9.04 -12.31 6.96
C SER A 14 -8.28 -11.63 5.80
N ALA A 15 -7.46 -12.39 5.07
CA ALA A 15 -6.55 -11.89 4.04
C ALA A 15 -7.20 -11.18 2.84
N GLU A 16 -8.43 -11.55 2.45
CA GLU A 16 -9.25 -10.79 1.49
C GLU A 16 -9.62 -9.41 2.07
N LYS A 17 -10.12 -9.38 3.31
CA LYS A 17 -10.57 -8.16 3.99
C LYS A 17 -9.42 -7.18 4.23
N MET A 18 -8.21 -7.68 4.50
CA MET A 18 -7.00 -6.86 4.57
C MET A 18 -6.75 -6.11 3.25
N PHE A 19 -6.72 -6.82 2.12
CA PHE A 19 -6.56 -6.22 0.79
C PHE A 19 -7.70 -5.26 0.42
N LYS A 20 -8.95 -5.67 0.65
CA LYS A 20 -10.14 -4.86 0.39
C LYS A 20 -10.11 -3.55 1.18
N ALA A 21 -9.82 -3.59 2.49
CA ALA A 21 -9.65 -2.41 3.32
C ALA A 21 -8.42 -1.57 2.93
N PHE A 22 -7.34 -2.18 2.43
CA PHE A 22 -6.14 -1.47 1.99
C PHE A 22 -6.39 -0.68 0.70
N VAL A 23 -6.72 -1.32 -0.43
CA VAL A 23 -6.74 -0.65 -1.75
C VAL A 23 -8.14 -0.37 -2.31
N LEU A 24 -9.14 -1.20 -2.01
CA LEU A 24 -10.48 -1.08 -2.60
C LEU A 24 -11.34 -0.06 -1.83
N ASP A 25 -11.59 -0.36 -0.55
CA ASP A 25 -12.25 0.52 0.43
C ASP A 25 -11.29 1.56 1.04
N GLY A 26 -10.02 1.59 0.63
CA GLY A 26 -8.94 2.42 1.19
C GLY A 26 -9.11 3.94 1.10
N ASP A 27 -10.19 4.41 0.47
CA ASP A 27 -10.49 5.81 0.15
C ASP A 27 -10.42 6.76 1.36
N THR A 28 -10.84 6.29 2.54
CA THR A 28 -10.65 6.96 3.84
C THR A 28 -9.58 6.29 4.69
N ILE A 29 -9.41 4.97 4.58
CA ILE A 29 -8.55 4.18 5.49
C ILE A 29 -7.07 4.48 5.27
N ILE A 30 -6.60 4.67 4.02
CA ILE A 30 -5.23 5.10 3.73
C ILE A 30 -4.99 6.55 4.23
N PRO A 31 -5.88 7.54 3.98
CA PRO A 31 -5.78 8.85 4.62
C PRO A 31 -5.74 8.81 6.15
N LYS A 32 -6.48 7.90 6.80
CA LYS A 32 -6.41 7.68 8.25
C LYS A 32 -5.14 6.97 8.73
N ALA A 33 -4.37 6.32 7.85
CA ALA A 33 -3.14 5.61 8.20
C ALA A 33 -1.91 6.50 8.43
N LEU A 34 -1.92 7.74 7.92
CA LEU A 34 -0.90 8.75 8.23
C LEU A 34 -1.52 10.16 8.01
N PRO A 35 -2.49 10.60 8.85
CA PRO A 35 -3.31 11.77 8.56
C PRO A 35 -2.54 13.09 8.55
N HIS A 36 -1.34 13.15 9.11
CA HIS A 36 -0.41 14.27 8.90
C HIS A 36 0.07 14.40 7.44
N ALA A 37 0.34 13.27 6.77
CA ALA A 37 1.05 13.20 5.48
C ALA A 37 0.20 12.67 4.31
N ILE A 38 -1.05 12.25 4.54
CA ILE A 38 -1.99 11.79 3.51
C ILE A 38 -3.30 12.56 3.64
N THR A 39 -3.90 12.98 2.53
CA THR A 39 -5.15 13.77 2.50
C THR A 39 -6.32 13.06 1.81
N GLY A 40 -6.09 12.17 0.84
CA GLY A 40 -7.17 11.51 0.11
C GLY A 40 -6.76 10.33 -0.77
N VAL A 41 -7.73 9.43 -1.04
CA VAL A 41 -7.62 8.28 -1.96
C VAL A 41 -8.96 8.10 -2.68
N GLN A 42 -8.93 7.74 -3.97
CA GLN A 42 -10.13 7.64 -4.83
C GLN A 42 -9.94 6.62 -5.96
N THR A 43 -11.02 5.94 -6.36
CA THR A 43 -11.03 4.98 -7.49
C THR A 43 -11.22 5.67 -8.84
N LEU A 44 -10.57 5.14 -9.88
CA LEU A 44 -10.54 5.71 -11.23
C LEU A 44 -10.49 4.59 -12.30
N GLU A 45 -11.41 3.64 -12.21
CA GLU A 45 -11.73 2.62 -13.24
C GLU A 45 -12.85 1.71 -12.73
N GLY A 46 -13.24 0.70 -13.53
CA GLY A 46 -13.76 -0.54 -12.97
C GLY A 46 -12.87 -1.07 -11.84
N ASP A 47 -13.45 -1.26 -10.66
CA ASP A 47 -12.70 -1.52 -9.42
C ASP A 47 -12.37 -3.02 -9.21
N GLY A 48 -11.83 -3.35 -8.04
CA GLY A 48 -11.81 -4.73 -7.55
C GLY A 48 -10.61 -5.58 -7.98
N GLY A 49 -9.64 -5.07 -8.73
CA GLY A 49 -8.48 -5.88 -9.13
C GLY A 49 -7.61 -5.30 -10.24
N VAL A 50 -7.13 -6.16 -11.13
CA VAL A 50 -6.10 -5.82 -12.13
C VAL A 50 -6.59 -4.76 -13.11
N GLY A 51 -5.81 -3.70 -13.26
CA GLY A 51 -6.06 -2.56 -14.12
C GLY A 51 -6.97 -1.48 -13.52
N THR A 52 -7.37 -1.58 -12.25
CA THR A 52 -8.11 -0.49 -11.57
C THR A 52 -7.14 0.66 -11.30
N ILE A 53 -7.37 1.88 -11.81
CA ILE A 53 -6.53 3.03 -11.40
C ILE A 53 -7.05 3.60 -10.08
N LYS A 54 -6.14 4.10 -9.25
CA LYS A 54 -6.37 4.68 -7.93
C LYS A 54 -5.58 5.98 -7.80
N LEU A 55 -6.27 7.07 -7.46
CA LEU A 55 -5.65 8.32 -7.04
C LEU A 55 -5.21 8.23 -5.57
N THR A 56 -4.12 8.89 -5.21
CA THR A 56 -3.64 9.07 -3.83
C THR A 56 -3.00 10.44 -3.69
N THR A 57 -3.24 11.16 -2.59
CA THR A 57 -2.83 12.56 -2.44
C THR A 57 -2.45 12.89 -0.99
N PHE A 58 -1.51 13.82 -0.82
CA PHE A 58 -0.59 13.89 0.31
C PHE A 58 -0.63 15.23 1.08
N GLY A 59 -0.16 15.20 2.32
CA GLY A 59 -0.20 16.27 3.33
C GLY A 59 1.17 16.87 3.69
N GLU A 60 1.38 17.25 4.94
CA GLU A 60 2.61 17.88 5.45
C GLU A 60 3.83 16.93 5.40
N GLY A 61 5.02 17.52 5.21
CA GLY A 61 6.30 16.81 5.03
C GLY A 61 6.50 16.23 3.63
N SER A 62 5.44 16.09 2.84
CA SER A 62 5.46 15.53 1.49
C SER A 62 6.32 16.35 0.53
N VAL A 63 7.15 15.67 -0.27
CA VAL A 63 7.93 16.28 -1.36
C VAL A 63 7.02 16.71 -2.51
N HIS A 64 5.90 15.99 -2.71
CA HIS A 64 4.99 16.13 -3.83
C HIS A 64 3.54 15.86 -3.43
N LYS A 65 2.59 16.47 -4.14
CA LYS A 65 1.18 16.56 -3.72
C LYS A 65 0.34 15.31 -3.97
N SER A 66 0.61 14.55 -5.04
CA SER A 66 -0.26 13.46 -5.51
C SER A 66 0.48 12.37 -6.29
N VAL A 67 -0.20 11.23 -6.44
CA VAL A 67 0.23 10.01 -7.14
C VAL A 67 -0.98 9.32 -7.75
N LYS A 68 -0.81 8.68 -8.91
CA LYS A 68 -1.79 7.71 -9.43
C LYS A 68 -1.12 6.36 -9.63
N HIS A 69 -1.81 5.29 -9.24
CA HIS A 69 -1.32 3.91 -9.31
C HIS A 69 -2.38 2.97 -9.86
N ARG A 70 -1.97 1.89 -10.53
CA ARG A 70 -2.85 0.80 -10.92
C ARG A 70 -2.79 -0.33 -9.89
N ILE A 71 -3.94 -0.85 -9.47
CA ILE A 71 -4.03 -2.15 -8.80
C ILE A 71 -3.83 -3.22 -9.88
N ASP A 72 -2.97 -4.21 -9.63
CA ASP A 72 -2.28 -4.95 -10.71
C ASP A 72 -2.12 -6.47 -10.49
N GLY A 73 -2.54 -7.02 -9.36
CA GLY A 73 -2.47 -8.46 -9.10
C GLY A 73 -3.24 -8.88 -7.86
N LEU A 74 -3.81 -10.10 -7.88
CA LEU A 74 -4.49 -10.76 -6.76
C LEU A 74 -4.41 -12.30 -6.89
N ASP A 75 -3.98 -12.97 -5.83
CA ASP A 75 -3.73 -14.42 -5.77
C ASP A 75 -4.10 -15.00 -4.41
N LYS A 76 -5.42 -15.10 -4.16
CA LYS A 76 -6.02 -15.58 -2.89
C LYS A 76 -5.58 -17.00 -2.49
N GLU A 77 -4.99 -17.76 -3.40
CA GLU A 77 -4.36 -19.06 -3.12
C GLU A 77 -3.13 -18.95 -2.18
N ASN A 78 -2.49 -17.77 -2.11
CA ASN A 78 -1.36 -17.41 -1.24
C ASN A 78 -1.43 -15.91 -0.84
N PHE A 79 -2.67 -15.41 -0.71
CA PHE A 79 -3.16 -14.04 -0.89
C PHE A 79 -2.08 -13.00 -1.21
N THR A 80 -1.45 -13.11 -2.40
CA THR A 80 -0.53 -12.07 -2.88
C THR A 80 -1.28 -10.99 -3.62
N TYR A 81 -0.80 -9.75 -3.55
CA TYR A 81 -1.37 -8.61 -4.25
C TYR A 81 -0.28 -7.66 -4.75
N SER A 82 -0.57 -6.89 -5.80
CA SER A 82 0.36 -5.94 -6.42
C SER A 82 -0.34 -4.64 -6.81
N TYR A 83 0.35 -3.50 -6.68
CA TYR A 83 -0.07 -2.22 -7.26
C TYR A 83 1.13 -1.32 -7.59
N SER A 84 1.05 -0.55 -8.67
CA SER A 84 2.18 0.18 -9.27
C SER A 84 1.86 1.64 -9.57
N ILE A 85 2.69 2.55 -9.07
CA ILE A 85 2.62 4.00 -9.34
C ILE A 85 3.06 4.29 -10.78
N ILE A 86 2.22 5.04 -11.48
CA ILE A 86 2.28 5.37 -12.91
C ILE A 86 2.61 6.86 -13.14
N GLU A 87 2.17 7.75 -12.25
CA GLU A 87 2.47 9.20 -12.28
C GLU A 87 2.38 9.84 -10.88
N GLY A 88 2.82 11.10 -10.77
CA GLY A 88 3.02 11.82 -9.50
C GLY A 88 4.50 12.16 -9.26
N GLY A 89 4.80 13.13 -8.40
CA GLY A 89 6.15 13.71 -8.28
C GLY A 89 7.27 12.74 -7.90
N ALA A 90 6.94 11.59 -7.28
CA ALA A 90 7.91 10.52 -7.04
C ALA A 90 8.55 10.00 -8.34
N LEU A 91 7.79 9.91 -9.44
CA LEU A 91 8.30 9.51 -10.75
C LEU A 91 9.05 10.63 -11.51
N ASP A 92 9.30 11.77 -10.86
CA ASP A 92 10.37 12.69 -11.27
C ASP A 92 11.75 12.21 -10.80
N VAL A 93 11.79 11.33 -9.78
CA VAL A 93 12.98 10.62 -9.29
C VAL A 93 13.07 9.21 -9.89
N PHE A 94 11.98 8.46 -9.80
CA PHE A 94 11.90 7.05 -10.20
C PHE A 94 11.35 6.87 -11.63
N GLU A 95 11.62 5.72 -12.23
CA GLU A 95 11.00 5.26 -13.49
C GLU A 95 9.68 4.51 -13.22
N SER A 96 9.62 3.78 -12.10
CA SER A 96 8.47 3.01 -11.63
C SER A 96 8.56 2.83 -10.11
N ILE A 97 7.41 2.76 -9.43
CA ILE A 97 7.36 2.24 -8.04
C ILE A 97 6.25 1.19 -7.96
N SER A 98 6.51 0.04 -7.34
CA SER A 98 5.56 -1.07 -7.24
C SER A 98 5.52 -1.65 -5.84
N TYR A 99 4.36 -1.59 -5.18
CA TYR A 99 4.10 -2.29 -3.93
C TYR A 99 3.76 -3.77 -4.19
N HIS A 100 4.06 -4.62 -3.20
CA HIS A 100 3.72 -6.03 -3.16
C HIS A 100 3.23 -6.44 -1.76
N ILE A 101 2.30 -7.39 -1.70
CA ILE A 101 1.76 -7.97 -0.48
C ILE A 101 1.70 -9.49 -0.66
N LYS A 102 1.89 -10.26 0.42
CA LYS A 102 1.66 -11.71 0.50
C LYS A 102 1.01 -12.06 1.85
N ILE A 103 -0.09 -12.82 1.84
CA ILE A 103 -0.82 -13.20 3.06
C ILE A 103 -1.22 -14.68 3.06
N VAL A 104 -0.94 -15.34 4.18
CA VAL A 104 -1.22 -16.76 4.45
C VAL A 104 -1.72 -16.92 5.88
N ALA A 105 -2.80 -17.69 6.05
CA ALA A 105 -3.52 -17.82 7.30
C ALA A 105 -2.84 -18.73 8.34
N THR A 106 -2.87 -18.30 9.61
CA THR A 106 -2.14 -18.95 10.73
C THR A 106 -2.88 -20.19 11.27
N PRO A 107 -2.18 -21.06 12.04
CA PRO A 107 -2.81 -22.08 12.88
C PRO A 107 -3.91 -21.51 13.81
N ASP A 108 -3.75 -20.28 14.26
CA ASP A 108 -4.68 -19.57 15.14
C ASP A 108 -5.84 -18.87 14.39
N GLY A 109 -5.98 -19.09 13.08
CA GLY A 109 -7.08 -18.55 12.25
C GLY A 109 -6.96 -17.06 11.90
N GLY A 110 -5.86 -16.42 12.27
CA GLY A 110 -5.47 -15.08 11.79
C GLY A 110 -4.68 -15.16 10.48
N CYS A 111 -3.78 -14.21 10.27
CA CYS A 111 -2.97 -14.05 9.07
C CYS A 111 -1.54 -13.58 9.39
N ILE A 112 -0.55 -14.03 8.61
CA ILE A 112 0.75 -13.36 8.49
C ILE A 112 0.77 -12.63 7.14
N CYS A 113 1.04 -11.33 7.15
CA CYS A 113 1.02 -10.44 5.99
C CYS A 113 2.40 -9.81 5.77
N LYS A 114 3.15 -10.25 4.74
CA LYS A 114 4.38 -9.57 4.31
C LYS A 114 4.06 -8.47 3.29
N ASN A 115 4.71 -7.32 3.41
CA ASN A 115 4.59 -6.19 2.50
C ASN A 115 5.97 -5.68 2.07
N ARG A 116 6.06 -5.21 0.82
CA ARG A 116 7.29 -4.77 0.16
C ARG A 116 6.99 -3.63 -0.82
N SER A 117 7.97 -2.79 -1.12
CA SER A 117 7.88 -1.77 -2.18
C SER A 117 9.17 -1.71 -2.99
N ILE A 118 9.07 -1.72 -4.32
CA ILE A 118 10.14 -1.90 -5.30
C ILE A 118 10.28 -0.65 -6.17
N TYR A 119 11.48 -0.05 -6.18
CA TYR A 119 11.75 1.25 -6.78
C TYR A 119 12.72 1.13 -7.94
N THR A 120 12.21 1.32 -9.16
CA THR A 120 13.00 1.31 -10.40
C THR A 120 13.52 2.72 -10.70
N PRO A 121 14.83 2.94 -10.89
CA PRO A 121 15.38 4.27 -11.09
C PRO A 121 15.25 4.75 -12.54
N LYS A 122 15.35 6.07 -12.74
CA LYS A 122 15.86 6.66 -14.00
C LYS A 122 17.39 6.49 -14.05
N CYS A 123 17.84 5.24 -13.93
CA CYS A 123 19.21 4.77 -13.71
C CYS A 123 19.94 5.23 -12.42
N ASP A 124 19.60 6.36 -11.79
CA ASP A 124 20.35 6.90 -10.64
C ASP A 124 19.73 6.63 -9.24
N ALA A 125 18.39 6.67 -9.10
CA ALA A 125 17.71 6.66 -7.80
C ALA A 125 17.96 5.41 -6.93
N GLN A 126 17.97 5.61 -5.61
CA GLN A 126 18.47 4.66 -4.60
C GLN A 126 17.55 4.48 -3.38
N VAL A 127 16.43 5.22 -3.33
CA VAL A 127 15.49 5.35 -2.20
C VAL A 127 16.16 5.94 -0.97
N SER A 128 16.04 7.25 -0.80
CA SER A 128 16.55 7.95 0.39
C SER A 128 15.84 7.46 1.66
N GLU A 129 16.57 7.40 2.77
CA GLU A 129 16.20 6.62 3.95
C GLU A 129 14.93 7.16 4.64
N GLU A 130 14.65 8.44 4.44
CA GLU A 130 13.40 9.09 4.85
C GLU A 130 12.15 8.35 4.32
N GLU A 131 12.14 7.94 3.05
CA GLU A 131 11.04 7.17 2.44
C GLU A 131 11.03 5.71 2.89
N ILE A 132 12.16 5.16 3.35
CA ILE A 132 12.22 3.82 3.94
C ILE A 132 11.55 3.84 5.34
N LYS A 133 11.94 4.79 6.18
CA LYS A 133 11.43 4.94 7.55
C LYS A 133 9.97 5.42 7.58
N ALA A 134 9.63 6.43 6.79
CA ALA A 134 8.23 6.79 6.54
C ALA A 134 7.47 5.64 5.88
N GLY A 135 8.12 4.88 5.00
CA GLY A 135 7.56 3.73 4.31
C GLY A 135 7.06 2.63 5.24
N LYS A 136 7.86 2.23 6.24
CA LYS A 136 7.42 1.30 7.29
C LYS A 136 6.24 1.86 8.07
N GLU A 137 6.32 3.12 8.51
CA GLU A 137 5.26 3.75 9.31
C GLU A 137 3.93 3.91 8.54
N ARG A 138 4.01 4.27 7.26
CA ARG A 138 2.88 4.43 6.35
C ARG A 138 2.19 3.10 6.10
N ALA A 139 2.92 2.08 5.66
CA ALA A 139 2.36 0.76 5.37
C ALA A 139 1.87 0.03 6.63
N SER A 140 2.67 -0.01 7.71
CA SER A 140 2.25 -0.60 8.99
C SER A 140 1.05 0.13 9.59
N GLY A 141 0.98 1.46 9.43
CA GLY A 141 -0.21 2.25 9.72
C GLY A 141 -1.44 1.78 8.94
N ILE A 142 -1.32 1.52 7.63
CA ILE A 142 -2.44 0.99 6.84
C ILE A 142 -2.87 -0.37 7.40
N PHE A 143 -1.97 -1.34 7.59
CA PHE A 143 -2.30 -2.65 8.17
C PHE A 143 -2.89 -2.60 9.61
N LYS A 144 -2.83 -1.45 10.27
CA LYS A 144 -3.38 -1.21 11.62
C LYS A 144 -4.72 -0.49 11.55
N LYS A 145 -4.87 0.53 10.71
CA LYS A 145 -6.15 1.19 10.45
C LYS A 145 -7.13 0.31 9.67
N VAL A 146 -6.66 -0.60 8.81
CA VAL A 146 -7.53 -1.64 8.22
C VAL A 146 -8.07 -2.58 9.30
N GLU A 147 -7.22 -3.06 10.23
CA GLU A 147 -7.71 -3.85 11.35
C GLU A 147 -8.62 -3.05 12.31
N ALA A 148 -8.31 -1.79 12.59
CA ALA A 148 -9.13 -0.93 13.46
C ALA A 148 -10.48 -0.55 12.83
N TYR A 149 -10.53 -0.36 11.50
CA TYR A 149 -11.76 -0.13 10.75
C TYR A 149 -12.67 -1.35 10.88
N LEU A 150 -12.16 -2.55 10.60
CA LEU A 150 -12.92 -3.79 10.71
C LEU A 150 -13.18 -4.21 12.17
N LEU A 151 -12.40 -3.75 13.15
CA LEU A 151 -12.72 -3.92 14.57
C LEU A 151 -13.94 -3.09 14.95
N ALA A 152 -14.00 -1.81 14.56
CA ALA A 152 -15.11 -0.91 14.85
C ALA A 152 -16.36 -1.15 13.99
N ASN A 153 -16.18 -1.56 12.72
CA ASN A 153 -17.20 -1.68 11.68
C ASN A 153 -17.05 -3.03 10.91
N PRO A 154 -17.34 -4.19 11.55
CA PRO A 154 -16.98 -5.51 11.01
C PRO A 154 -17.61 -5.86 9.66
N ASP A 155 -18.83 -5.41 9.39
CA ASP A 155 -19.58 -5.73 8.17
C ASP A 155 -19.51 -4.64 7.09
N CYS A 156 -18.71 -3.57 7.29
CA CYS A 156 -18.60 -2.41 6.39
C CYS A 156 -19.94 -1.72 6.13
N GLY A 1 20.11 -1.76 -9.39
CA GLY A 1 19.12 -1.00 -10.18
C GLY A 1 17.98 -0.54 -9.30
N ALA A 2 16.80 -1.14 -9.45
CA ALA A 2 15.62 -0.87 -8.61
C ALA A 2 15.79 -1.42 -7.19
N ILE A 3 15.49 -0.58 -6.19
CA ILE A 3 15.82 -0.80 -4.77
C ILE A 3 14.58 -0.94 -3.90
N THR A 4 14.72 -1.59 -2.74
CA THR A 4 13.60 -2.14 -1.96
C THR A 4 13.74 -1.95 -0.45
N TYR A 5 12.60 -2.01 0.24
CA TYR A 5 12.48 -2.12 1.70
C TYR A 5 11.19 -2.85 2.06
N ASP A 6 11.13 -3.45 3.25
CA ASP A 6 10.09 -4.42 3.61
C ASP A 6 9.88 -4.56 5.13
N MET A 7 8.81 -5.25 5.51
CA MET A 7 8.34 -5.45 6.88
C MET A 7 7.45 -6.70 7.02
N GLU A 8 7.33 -7.20 8.24
CA GLU A 8 6.43 -8.31 8.59
C GLU A 8 5.44 -7.88 9.69
N ILE A 9 4.19 -8.31 9.58
CA ILE A 9 3.05 -7.85 10.38
C ILE A 9 2.20 -9.06 10.82
N PRO A 10 2.03 -9.33 12.13
CA PRO A 10 1.00 -10.23 12.61
C PRO A 10 -0.38 -9.55 12.57
N SER A 11 -1.46 -10.31 12.37
CA SER A 11 -2.83 -9.80 12.51
C SER A 11 -3.84 -10.94 12.70
N SER A 12 -4.84 -10.73 13.56
CA SER A 12 -5.92 -11.71 13.80
C SER A 12 -7.07 -11.55 12.80
N ILE A 13 -6.72 -11.28 11.53
CA ILE A 13 -7.61 -10.87 10.44
C ILE A 13 -7.38 -11.78 9.23
N SER A 14 -8.42 -12.08 8.48
CA SER A 14 -8.37 -12.91 7.26
C SER A 14 -7.56 -12.22 6.16
N ALA A 15 -6.68 -12.93 5.47
CA ALA A 15 -5.72 -12.38 4.52
C ALA A 15 -6.33 -11.56 3.35
N GLU A 16 -7.52 -11.91 2.87
CA GLU A 16 -8.28 -11.12 1.90
C GLU A 16 -8.84 -9.84 2.54
N LYS A 17 -9.43 -9.96 3.73
CA LYS A 17 -9.99 -8.86 4.51
C LYS A 17 -8.92 -7.86 4.95
N MET A 18 -7.68 -8.31 5.19
CA MET A 18 -6.51 -7.46 5.40
C MET A 18 -6.27 -6.53 4.21
N PHE A 19 -6.03 -7.07 3.01
CA PHE A 19 -5.75 -6.25 1.82
C PHE A 19 -6.95 -5.38 1.42
N LYS A 20 -8.18 -5.91 1.60
CA LYS A 20 -9.42 -5.14 1.40
C LYS A 20 -9.45 -3.90 2.30
N ALA A 21 -9.31 -4.07 3.61
CA ALA A 21 -9.25 -2.95 4.56
C ALA A 21 -8.03 -2.01 4.31
N PHE A 22 -6.90 -2.56 3.87
CA PHE A 22 -5.64 -1.83 3.68
C PHE A 22 -5.67 -0.85 2.48
N VAL A 23 -6.28 -1.22 1.34
CA VAL A 23 -6.35 -0.33 0.15
C VAL A 23 -7.69 -0.29 -0.58
N LEU A 24 -8.49 -1.36 -0.59
CA LEU A 24 -9.77 -1.37 -1.34
C LEU A 24 -10.84 -0.53 -0.62
N ASP A 25 -11.07 -0.79 0.67
CA ASP A 25 -11.83 0.05 1.60
C ASP A 25 -11.01 1.26 2.11
N GLY A 26 -9.75 1.41 1.66
CA GLY A 26 -8.76 2.33 2.23
C GLY A 26 -9.07 3.82 2.17
N ASP A 27 -10.14 4.23 1.47
CA ASP A 27 -10.50 5.61 1.13
C ASP A 27 -10.50 6.56 2.34
N THR A 28 -11.08 6.15 3.48
CA THR A 28 -11.06 6.92 4.74
C THR A 28 -10.07 6.36 5.77
N ILE A 29 -9.70 5.08 5.66
CA ILE A 29 -8.79 4.40 6.60
C ILE A 29 -7.36 4.92 6.46
N ILE A 30 -6.88 5.12 5.23
CA ILE A 30 -5.51 5.63 4.96
C ILE A 30 -5.34 7.09 5.44
N PRO A 31 -6.29 8.03 5.22
CA PRO A 31 -6.28 9.34 5.88
C PRO A 31 -6.19 9.28 7.41
N LYS A 32 -6.82 8.30 8.06
CA LYS A 32 -6.72 8.08 9.52
C LYS A 32 -5.41 7.40 9.96
N ALA A 33 -4.72 6.69 9.06
CA ALA A 33 -3.51 5.92 9.38
C ALA A 33 -2.25 6.77 9.57
N LEU A 34 -2.15 7.94 8.92
CA LEU A 34 -1.11 8.94 9.19
C LEU A 34 -1.71 10.35 8.98
N PRO A 35 -2.42 10.91 9.99
CA PRO A 35 -3.22 12.12 9.80
C PRO A 35 -2.44 13.35 9.32
N HIS A 36 -1.17 13.50 9.70
CA HIS A 36 -0.30 14.58 9.18
C HIS A 36 -0.01 14.48 7.68
N ALA A 37 0.08 13.26 7.14
CA ALA A 37 0.70 13.00 5.83
C ALA A 37 -0.30 12.76 4.70
N ILE A 38 -1.48 12.18 4.96
CA ILE A 38 -2.51 11.94 3.94
C ILE A 38 -3.66 12.94 4.14
N THR A 39 -4.10 13.59 3.07
CA THR A 39 -5.28 14.46 3.02
C THR A 39 -6.46 13.80 2.29
N GLY A 40 -6.27 12.72 1.54
CA GLY A 40 -7.37 11.96 0.94
C GLY A 40 -6.94 10.73 0.13
N VAL A 41 -7.89 9.82 -0.08
CA VAL A 41 -7.78 8.66 -0.97
C VAL A 41 -9.15 8.40 -1.62
N GLN A 42 -9.20 8.27 -2.95
CA GLN A 42 -10.43 8.05 -3.71
C GLN A 42 -10.31 6.83 -4.62
N THR A 43 -11.37 6.02 -4.67
CA THR A 43 -11.48 4.92 -5.64
C THR A 43 -11.64 5.46 -7.06
N LEU A 44 -10.81 4.99 -7.99
CA LEU A 44 -10.67 5.54 -9.35
C LEU A 44 -10.76 4.43 -10.41
N GLU A 45 -11.75 3.54 -10.24
CA GLU A 45 -12.17 2.49 -11.17
C GLU A 45 -13.36 1.73 -10.57
N GLY A 46 -13.84 0.71 -11.28
CA GLY A 46 -14.45 -0.45 -10.63
C GLY A 46 -13.45 -1.15 -9.71
N ASP A 47 -13.80 -1.34 -8.44
CA ASP A 47 -12.90 -1.88 -7.42
C ASP A 47 -12.83 -3.41 -7.43
N GLY A 48 -11.99 -3.97 -6.57
CA GLY A 48 -12.02 -5.38 -6.21
C GLY A 48 -11.28 -6.34 -7.15
N GLY A 49 -10.54 -5.83 -8.14
CA GLY A 49 -9.86 -6.64 -9.15
C GLY A 49 -8.55 -6.03 -9.66
N VAL A 50 -7.92 -6.72 -10.61
CA VAL A 50 -6.71 -6.22 -11.29
C VAL A 50 -7.04 -5.05 -12.21
N GLY A 51 -6.17 -4.04 -12.24
CA GLY A 51 -6.35 -2.79 -12.98
C GLY A 51 -7.27 -1.77 -12.29
N THR A 52 -7.62 -1.95 -11.00
CA THR A 52 -8.38 -0.90 -10.28
C THR A 52 -7.44 0.28 -10.00
N ILE A 53 -7.75 1.51 -10.43
CA ILE A 53 -6.92 2.67 -10.07
C ILE A 53 -7.42 3.28 -8.76
N LYS A 54 -6.53 3.97 -8.05
CA LYS A 54 -6.76 4.71 -6.81
C LYS A 54 -6.10 6.08 -6.94
N LEU A 55 -6.84 7.14 -6.68
CA LEU A 55 -6.30 8.50 -6.49
C LEU A 55 -5.95 8.69 -5.01
N THR A 56 -4.92 9.46 -4.70
CA THR A 56 -4.41 9.67 -3.34
C THR A 56 -3.75 11.04 -3.25
N THR A 57 -3.88 11.72 -2.11
CA THR A 57 -3.38 13.08 -1.93
C THR A 57 -2.87 13.32 -0.51
N PHE A 58 -1.86 14.20 -0.40
CA PHE A 58 -0.95 14.30 0.74
C PHE A 58 -0.86 15.70 1.34
N GLY A 59 -0.43 15.74 2.61
CA GLY A 59 -0.03 16.95 3.33
C GLY A 59 1.46 17.26 3.19
N GLU A 60 2.03 17.77 4.26
CA GLU A 60 3.44 18.21 4.39
C GLU A 60 4.46 17.06 4.32
N GLY A 61 5.68 17.38 3.86
CA GLY A 61 6.76 16.40 3.68
C GLY A 61 6.70 15.62 2.37
N SER A 62 5.89 16.07 1.39
CA SER A 62 5.52 15.29 0.21
C SER A 62 6.13 15.82 -1.09
N VAL A 63 6.65 14.91 -1.92
CA VAL A 63 7.26 15.21 -3.23
C VAL A 63 6.22 15.70 -4.26
N HIS A 64 4.96 15.31 -4.08
CA HIS A 64 3.80 15.71 -4.88
C HIS A 64 2.56 15.85 -4.00
N LYS A 65 1.60 16.71 -4.37
CA LYS A 65 0.34 16.87 -3.64
C LYS A 65 -0.58 15.68 -3.87
N SER A 66 -0.57 15.08 -5.06
CA SER A 66 -1.47 13.98 -5.45
C SER A 66 -0.79 12.96 -6.35
N VAL A 67 -1.27 11.73 -6.31
CA VAL A 67 -0.70 10.55 -7.00
C VAL A 67 -1.79 9.56 -7.38
N LYS A 68 -1.60 8.85 -8.51
CA LYS A 68 -2.43 7.71 -8.92
C LYS A 68 -1.63 6.41 -8.85
N HIS A 69 -2.26 5.37 -8.30
CA HIS A 69 -1.69 4.02 -8.22
C HIS A 69 -2.75 2.96 -8.56
N ARG A 70 -2.33 1.81 -9.09
CA ARG A 70 -3.24 0.73 -9.52
C ARG A 70 -3.02 -0.56 -8.74
N ILE A 71 -4.10 -1.24 -8.40
CA ILE A 71 -4.10 -2.64 -7.94
C ILE A 71 -3.74 -3.51 -9.14
N ASP A 72 -2.57 -4.16 -9.08
CA ASP A 72 -1.88 -4.77 -10.22
C ASP A 72 -1.78 -6.31 -10.16
N GLY A 73 -2.13 -6.92 -9.03
CA GLY A 73 -2.08 -8.37 -8.83
C GLY A 73 -2.71 -8.79 -7.52
N LEU A 74 -3.31 -9.98 -7.50
CA LEU A 74 -3.95 -10.59 -6.34
C LEU A 74 -4.03 -12.11 -6.52
N ASP A 75 -3.27 -12.85 -5.71
CA ASP A 75 -3.14 -14.32 -5.73
C ASP A 75 -3.34 -14.89 -4.32
N LYS A 76 -4.62 -15.05 -3.98
CA LYS A 76 -5.17 -15.48 -2.68
C LYS A 76 -4.75 -16.89 -2.26
N GLU A 77 -4.03 -17.62 -3.10
CA GLU A 77 -3.42 -18.92 -2.79
C GLU A 77 -2.32 -18.80 -1.72
N ASN A 78 -1.52 -17.73 -1.77
CA ASN A 78 -0.50 -17.33 -0.78
C ASN A 78 -0.63 -15.82 -0.46
N PHE A 79 -1.87 -15.34 -0.52
CA PHE A 79 -2.36 -13.98 -0.64
C PHE A 79 -1.28 -12.95 -0.98
N THR A 80 -0.67 -13.10 -2.16
CA THR A 80 0.27 -12.11 -2.70
C THR A 80 -0.49 -11.03 -3.45
N TYR A 81 -0.10 -9.78 -3.26
CA TYR A 81 -0.72 -8.63 -3.91
C TYR A 81 0.32 -7.65 -4.43
N SER A 82 0.00 -6.93 -5.49
CA SER A 82 0.86 -5.90 -6.08
C SER A 82 0.07 -4.62 -6.31
N TYR A 83 0.67 -3.47 -5.99
CA TYR A 83 0.03 -2.15 -6.12
C TYR A 83 1.07 -1.09 -6.47
N SER A 84 0.85 -0.35 -7.56
CA SER A 84 1.91 0.39 -8.26
C SER A 84 1.54 1.84 -8.57
N ILE A 85 2.40 2.80 -8.22
CA ILE A 85 2.26 4.22 -8.61
C ILE A 85 2.57 4.37 -10.10
N ILE A 86 1.61 5.00 -10.79
CA ILE A 86 1.55 5.19 -12.25
C ILE A 86 1.79 6.66 -12.64
N GLU A 87 1.31 7.61 -11.85
CA GLU A 87 1.25 9.03 -12.22
C GLU A 87 1.31 9.95 -10.99
N GLY A 88 2.15 10.97 -11.04
CA GLY A 88 2.46 11.90 -9.94
C GLY A 88 3.94 12.28 -9.96
N GLY A 89 4.28 13.50 -9.54
CA GLY A 89 5.62 14.09 -9.73
C GLY A 89 6.80 13.37 -9.06
N ALA A 90 6.60 12.42 -8.15
CA ALA A 90 7.68 11.52 -7.73
C ALA A 90 8.26 10.71 -8.91
N LEU A 91 7.44 10.41 -9.93
CA LEU A 91 7.87 9.81 -11.19
C LEU A 91 8.57 10.81 -12.15
N ASP A 92 8.85 12.04 -11.72
CA ASP A 92 9.91 12.85 -12.32
C ASP A 92 11.31 12.34 -11.93
N VAL A 93 11.47 11.85 -10.69
CA VAL A 93 12.73 11.31 -10.15
C VAL A 93 12.87 9.80 -10.43
N PHE A 94 11.77 9.05 -10.39
CA PHE A 94 11.73 7.60 -10.60
C PHE A 94 11.02 7.23 -11.92
N GLU A 95 11.40 6.13 -12.57
CA GLU A 95 10.68 5.62 -13.74
C GLU A 95 9.36 4.98 -13.31
N SER A 96 9.37 4.21 -12.22
CA SER A 96 8.21 3.56 -11.59
C SER A 96 8.39 3.52 -10.07
N ILE A 97 7.30 3.52 -9.31
CA ILE A 97 7.33 3.20 -7.88
C ILE A 97 6.24 2.16 -7.60
N SER A 98 6.54 1.11 -6.84
CA SER A 98 5.60 0.01 -6.63
C SER A 98 5.73 -0.61 -5.24
N TYR A 99 4.72 -1.38 -4.86
CA TYR A 99 4.58 -2.00 -3.55
C TYR A 99 3.98 -3.41 -3.70
N HIS A 100 4.25 -4.28 -2.73
CA HIS A 100 3.91 -5.70 -2.81
C HIS A 100 3.67 -6.29 -1.42
N ILE A 101 2.80 -7.29 -1.33
CA ILE A 101 2.40 -7.96 -0.08
C ILE A 101 2.40 -9.47 -0.30
N LYS A 102 2.61 -10.26 0.77
CA LYS A 102 2.37 -11.71 0.84
C LYS A 102 1.73 -12.09 2.17
N ILE A 103 0.63 -12.86 2.16
CA ILE A 103 -0.09 -13.25 3.38
C ILE A 103 -0.48 -14.73 3.37
N VAL A 104 -0.27 -15.37 4.52
CA VAL A 104 -0.64 -16.75 4.84
C VAL A 104 -1.29 -16.77 6.22
N ALA A 105 -2.34 -17.59 6.39
CA ALA A 105 -3.11 -17.70 7.63
C ALA A 105 -2.31 -18.34 8.79
N THR A 106 -2.94 -18.42 9.96
CA THR A 106 -2.47 -19.17 11.13
C THR A 106 -3.58 -20.09 11.65
N PRO A 107 -3.26 -21.27 12.23
CA PRO A 107 -4.27 -22.11 12.88
C PRO A 107 -4.90 -21.40 14.10
N ASP A 108 -4.22 -20.39 14.64
CA ASP A 108 -4.68 -19.52 15.73
C ASP A 108 -5.75 -18.49 15.35
N GLY A 109 -6.24 -18.52 14.11
CA GLY A 109 -7.35 -17.68 13.65
C GLY A 109 -6.92 -16.30 13.12
N GLY A 110 -5.68 -16.17 12.66
CA GLY A 110 -5.11 -14.94 12.11
C GLY A 110 -4.32 -15.17 10.83
N CYS A 111 -3.34 -14.31 10.59
CA CYS A 111 -2.37 -14.34 9.50
C CYS A 111 -1.01 -13.79 9.95
N ILE A 112 0.03 -14.08 9.17
CA ILE A 112 1.25 -13.25 9.12
C ILE A 112 1.36 -12.65 7.71
N CYS A 113 1.61 -11.34 7.64
CA CYS A 113 1.60 -10.51 6.44
C CYS A 113 2.97 -9.86 6.22
N LYS A 114 3.65 -10.18 5.12
CA LYS A 114 4.80 -9.41 4.61
C LYS A 114 4.30 -8.25 3.74
N ASN A 115 4.93 -7.08 3.86
CA ASN A 115 4.71 -5.92 3.00
C ASN A 115 6.05 -5.33 2.54
N ARG A 116 6.10 -4.77 1.33
CA ARG A 116 7.34 -4.46 0.59
C ARG A 116 7.13 -3.27 -0.35
N SER A 117 8.20 -2.52 -0.61
CA SER A 117 8.27 -1.45 -1.60
C SER A 117 9.42 -1.69 -2.59
N ILE A 118 9.26 -1.19 -3.82
CA ILE A 118 10.13 -1.37 -4.97
C ILE A 118 10.17 -0.04 -5.74
N TYR A 119 11.26 0.72 -5.61
CA TYR A 119 11.48 1.97 -6.34
C TYR A 119 12.37 1.71 -7.56
N THR A 120 11.89 2.05 -8.76
CA THR A 120 12.65 1.92 -10.02
C THR A 120 13.22 3.28 -10.42
N PRO A 121 14.51 3.58 -10.15
CA PRO A 121 15.12 4.86 -10.51
C PRO A 121 15.31 4.97 -12.02
N LYS A 122 15.41 6.21 -12.51
CA LYS A 122 15.86 6.55 -13.87
C LYS A 122 17.40 6.43 -13.94
N CYS A 123 17.89 5.24 -13.60
CA CYS A 123 19.32 4.89 -13.46
C CYS A 123 20.11 5.68 -12.40
N ASP A 124 19.51 6.57 -11.60
CA ASP A 124 20.25 7.54 -10.79
C ASP A 124 19.80 7.67 -9.32
N ALA A 125 18.50 7.76 -9.03
CA ALA A 125 18.00 7.96 -7.68
C ALA A 125 18.32 6.79 -6.72
N GLN A 126 18.63 7.10 -5.47
CA GLN A 126 19.09 6.19 -4.41
C GLN A 126 17.95 5.64 -3.53
N VAL A 127 16.78 6.31 -3.54
CA VAL A 127 15.77 6.33 -2.45
C VAL A 127 16.30 7.03 -1.20
N SER A 128 15.45 7.83 -0.56
CA SER A 128 15.73 8.50 0.72
C SER A 128 15.22 7.64 1.88
N GLU A 129 15.99 7.53 2.96
CA GLU A 129 15.60 6.76 4.14
C GLU A 129 14.35 7.33 4.82
N GLU A 130 14.04 8.60 4.58
CA GLU A 130 12.78 9.23 4.96
C GLU A 130 11.54 8.55 4.33
N GLU A 131 11.60 8.03 3.09
CA GLU A 131 10.50 7.22 2.52
C GLU A 131 10.51 5.79 3.05
N ILE A 132 11.67 5.26 3.46
CA ILE A 132 11.76 3.94 4.10
C ILE A 132 11.06 3.99 5.47
N LYS A 133 11.50 4.91 6.33
CA LYS A 133 10.94 5.17 7.66
C LYS A 133 9.47 5.56 7.58
N ALA A 134 9.10 6.48 6.68
CA ALA A 134 7.71 6.88 6.51
C ALA A 134 6.84 5.75 5.95
N GLY A 135 7.31 4.99 4.95
CA GLY A 135 6.59 3.87 4.37
C GLY A 135 6.34 2.74 5.36
N LYS A 136 7.34 2.39 6.18
CA LYS A 136 7.20 1.47 7.32
C LYS A 136 6.12 1.95 8.29
N GLU A 137 6.20 3.20 8.75
CA GLU A 137 5.28 3.76 9.73
C GLU A 137 3.84 3.93 9.19
N ARG A 138 3.72 4.31 7.92
CA ARG A 138 2.46 4.49 7.19
C ARG A 138 1.76 3.14 6.98
N ALA A 139 2.46 2.14 6.48
CA ALA A 139 1.94 0.79 6.33
C ALA A 139 1.58 0.17 7.69
N SER A 140 2.47 0.26 8.69
CA SER A 140 2.21 -0.15 10.08
C SER A 140 0.96 0.52 10.66
N GLY A 141 0.80 1.82 10.41
CA GLY A 141 -0.41 2.57 10.77
C GLY A 141 -1.65 1.98 10.14
N ILE A 142 -1.65 1.77 8.81
CA ILE A 142 -2.79 1.17 8.12
C ILE A 142 -3.10 -0.23 8.69
N PHE A 143 -2.09 -1.12 8.82
CA PHE A 143 -2.26 -2.47 9.39
C PHE A 143 -2.80 -2.51 10.84
N LYS A 144 -2.85 -1.37 11.53
CA LYS A 144 -3.36 -1.23 12.91
C LYS A 144 -4.70 -0.51 12.94
N LYS A 145 -4.90 0.51 12.10
CA LYS A 145 -6.23 1.07 11.80
C LYS A 145 -7.18 -0.03 11.30
N VAL A 146 -6.71 -0.92 10.42
CA VAL A 146 -7.52 -2.04 9.90
C VAL A 146 -7.81 -3.11 10.95
N GLU A 147 -6.86 -3.49 11.81
CA GLU A 147 -7.18 -4.39 12.95
C GLU A 147 -8.21 -3.77 13.88
N ALA A 148 -8.12 -2.47 14.17
CA ALA A 148 -9.09 -1.74 15.00
C ALA A 148 -10.45 -1.62 14.31
N TYR A 149 -10.48 -1.33 13.00
CA TYR A 149 -11.71 -1.20 12.22
C TYR A 149 -12.45 -2.53 12.12
N LEU A 150 -11.75 -3.63 11.79
CA LEU A 150 -12.35 -4.96 11.72
C LEU A 150 -12.61 -5.59 13.11
N LEU A 151 -11.99 -5.10 14.19
CA LEU A 151 -12.45 -5.38 15.55
C LEU A 151 -13.83 -4.74 15.80
N ALA A 152 -13.96 -3.44 15.51
CA ALA A 152 -15.16 -2.65 15.77
C ALA A 152 -16.33 -2.97 14.84
N ASN A 153 -16.04 -3.28 13.58
CA ASN A 153 -16.97 -3.30 12.44
C ASN A 153 -16.57 -4.42 11.44
N PRO A 154 -16.51 -5.71 11.86
CA PRO A 154 -16.16 -6.79 10.94
C PRO A 154 -17.17 -6.95 9.79
N ASP A 155 -18.42 -6.51 9.99
CA ASP A 155 -19.46 -6.43 8.96
C ASP A 155 -19.17 -5.39 7.87
N CYS A 156 -18.27 -4.42 8.11
CA CYS A 156 -17.95 -3.28 7.24
C CYS A 156 -19.19 -2.45 6.85
N GLY A 1 18.62 -2.60 -12.73
CA GLY A 1 17.44 -1.73 -12.80
C GLY A 1 16.99 -1.25 -11.43
N ALA A 2 15.83 -1.71 -10.98
CA ALA A 2 15.14 -1.27 -9.77
C ALA A 2 15.86 -1.61 -8.45
N ILE A 3 15.44 -0.94 -7.38
CA ILE A 3 15.80 -1.21 -5.98
C ILE A 3 14.52 -1.36 -5.13
N THR A 4 14.58 -2.10 -4.01
CA THR A 4 13.40 -2.57 -3.28
C THR A 4 13.66 -2.83 -1.79
N TYR A 5 12.60 -2.75 -0.97
CA TYR A 5 12.61 -3.16 0.44
C TYR A 5 11.25 -3.73 0.87
N ASP A 6 11.24 -4.56 1.91
CA ASP A 6 10.06 -5.35 2.31
C ASP A 6 9.85 -5.43 3.83
N MET A 7 8.62 -5.72 4.24
CA MET A 7 8.13 -5.74 5.63
C MET A 7 6.97 -6.74 5.78
N GLU A 8 6.64 -7.13 7.01
CA GLU A 8 5.65 -8.18 7.30
C GLU A 8 4.82 -7.88 8.54
N ILE A 9 3.52 -8.20 8.52
CA ILE A 9 2.60 -8.10 9.66
C ILE A 9 1.70 -9.35 9.73
N PRO A 10 1.81 -10.15 10.81
CA PRO A 10 0.80 -11.13 11.22
C PRO A 10 -0.46 -10.46 11.77
N SER A 11 -1.64 -10.97 11.42
CA SER A 11 -2.96 -10.47 11.85
C SER A 11 -4.01 -11.58 11.98
N SER A 12 -4.97 -11.41 12.89
CA SER A 12 -6.10 -12.32 13.11
C SER A 12 -7.25 -12.07 12.10
N ILE A 13 -6.89 -11.89 10.83
CA ILE A 13 -7.72 -11.33 9.76
C ILE A 13 -7.54 -12.17 8.49
N SER A 14 -8.57 -12.24 7.64
CA SER A 14 -8.53 -12.93 6.35
C SER A 14 -7.90 -12.07 5.24
N ALA A 15 -7.10 -12.68 4.38
CA ALA A 15 -6.25 -12.00 3.38
C ALA A 15 -6.99 -11.08 2.41
N GLU A 16 -8.20 -11.44 1.99
CA GLU A 16 -9.04 -10.58 1.15
C GLU A 16 -9.51 -9.34 1.92
N LYS A 17 -9.91 -9.48 3.20
CA LYS A 17 -10.25 -8.32 4.05
C LYS A 17 -9.05 -7.41 4.26
N MET A 18 -7.85 -7.98 4.46
CA MET A 18 -6.61 -7.22 4.61
C MET A 18 -6.38 -6.32 3.39
N PHE A 19 -6.30 -6.89 2.17
CA PHE A 19 -6.03 -6.10 0.97
C PHE A 19 -7.18 -5.14 0.60
N LYS A 20 -8.44 -5.54 0.82
CA LYS A 20 -9.60 -4.67 0.64
C LYS A 20 -9.47 -3.42 1.52
N ALA A 21 -9.16 -3.56 2.80
CA ALA A 21 -8.88 -2.42 3.67
C ALA A 21 -7.57 -1.66 3.32
N PHE A 22 -6.53 -2.36 2.84
CA PHE A 22 -5.21 -1.76 2.56
C PHE A 22 -5.22 -0.77 1.39
N VAL A 23 -6.02 -1.02 0.34
CA VAL A 23 -6.10 -0.14 -0.85
C VAL A 23 -7.50 0.06 -1.43
N LEU A 24 -8.33 -0.98 -1.55
CA LEU A 24 -9.61 -0.89 -2.27
C LEU A 24 -10.61 0.05 -1.55
N ASP A 25 -10.78 -0.18 -0.25
CA ASP A 25 -11.47 0.67 0.71
C ASP A 25 -10.53 1.69 1.37
N GLY A 26 -9.34 1.95 0.79
CA GLY A 26 -8.33 2.86 1.32
C GLY A 26 -8.78 4.33 1.42
N ASP A 27 -9.94 4.67 0.87
CA ASP A 27 -10.47 6.02 0.69
C ASP A 27 -10.52 6.88 1.97
N THR A 28 -10.93 6.29 3.11
CA THR A 28 -10.79 6.91 4.44
C THR A 28 -9.61 6.34 5.22
N ILE A 29 -9.22 5.09 4.99
CA ILE A 29 -8.24 4.38 5.84
C ILE A 29 -6.83 4.95 5.61
N ILE A 30 -6.41 5.17 4.36
CA ILE A 30 -5.07 5.67 4.03
C ILE A 30 -4.89 7.15 4.46
N PRO A 31 -5.86 8.07 4.27
CA PRO A 31 -5.78 9.41 4.89
C PRO A 31 -5.69 9.39 6.42
N LYS A 32 -6.25 8.37 7.09
CA LYS A 32 -6.09 8.16 8.55
C LYS A 32 -4.82 7.39 8.93
N ALA A 33 -4.13 6.74 7.99
CA ALA A 33 -2.86 6.04 8.18
C ALA A 33 -1.63 6.96 8.25
N LEU A 34 -1.66 8.11 7.56
CA LEU A 34 -0.58 9.11 7.61
C LEU A 34 -1.16 10.54 7.47
N PRO A 35 -2.11 10.97 8.33
CA PRO A 35 -2.83 12.25 8.22
C PRO A 35 -1.94 13.49 8.31
N HIS A 36 -0.69 13.39 8.77
CA HIS A 36 0.30 14.48 8.72
C HIS A 36 0.76 14.81 7.28
N ALA A 37 0.57 13.90 6.31
CA ALA A 37 0.95 14.13 4.91
C ALA A 37 -0.15 13.80 3.89
N ILE A 38 -1.00 12.81 4.12
CA ILE A 38 -2.03 12.36 3.17
C ILE A 38 -3.35 13.08 3.47
N THR A 39 -3.95 13.70 2.46
CA THR A 39 -5.22 14.46 2.54
C THR A 39 -6.39 13.78 1.84
N GLY A 40 -6.17 12.73 1.03
CA GLY A 40 -7.28 12.02 0.37
C GLY A 40 -6.87 10.82 -0.49
N VAL A 41 -7.84 9.94 -0.78
CA VAL A 41 -7.73 8.74 -1.64
C VAL A 41 -9.09 8.47 -2.30
N GLN A 42 -9.11 8.11 -3.59
CA GLN A 42 -10.34 7.86 -4.35
C GLN A 42 -10.14 6.79 -5.44
N THR A 43 -11.14 5.97 -5.73
CA THR A 43 -11.16 5.06 -6.91
C THR A 43 -11.34 5.82 -8.22
N LEU A 44 -10.81 5.29 -9.31
CA LEU A 44 -10.68 5.91 -10.63
C LEU A 44 -10.76 4.84 -11.74
N GLU A 45 -11.75 3.93 -11.64
CA GLU A 45 -12.13 2.91 -12.64
C GLU A 45 -13.26 2.03 -12.08
N GLY A 46 -13.67 1.00 -12.83
CA GLY A 46 -14.31 -0.17 -12.21
C GLY A 46 -13.42 -0.75 -11.11
N ASP A 47 -14.00 -1.03 -9.93
CA ASP A 47 -13.27 -1.31 -8.70
C ASP A 47 -12.95 -2.80 -8.53
N GLY A 48 -12.03 -3.10 -7.63
CA GLY A 48 -11.84 -4.46 -7.13
C GLY A 48 -11.16 -5.44 -8.10
N GLY A 49 -10.36 -4.96 -9.07
CA GLY A 49 -9.72 -5.82 -10.06
C GLY A 49 -8.43 -5.25 -10.66
N VAL A 50 -7.81 -6.00 -11.55
CA VAL A 50 -6.66 -5.57 -12.35
C VAL A 50 -7.07 -4.40 -13.24
N GLY A 51 -6.27 -3.34 -13.25
CA GLY A 51 -6.55 -2.09 -13.95
C GLY A 51 -7.48 -1.13 -13.18
N THR A 52 -7.81 -1.37 -11.91
CA THR A 52 -8.54 -0.36 -11.11
C THR A 52 -7.57 0.80 -10.82
N ILE A 53 -7.73 1.98 -11.43
CA ILE A 53 -6.89 3.14 -11.09
C ILE A 53 -7.41 3.75 -9.79
N LYS A 54 -6.56 4.45 -9.04
CA LYS A 54 -6.88 5.25 -7.87
C LYS A 54 -6.10 6.57 -7.87
N LEU A 55 -6.76 7.63 -7.40
CA LEU A 55 -6.14 8.90 -7.02
C LEU A 55 -5.69 8.83 -5.56
N THR A 56 -4.61 9.52 -5.21
CA THR A 56 -4.16 9.72 -3.83
C THR A 56 -3.48 11.09 -3.72
N THR A 57 -3.73 11.82 -2.63
CA THR A 57 -3.41 13.26 -2.55
C THR A 57 -2.91 13.68 -1.16
N PHE A 58 -2.14 14.77 -1.12
CA PHE A 58 -1.18 15.10 -0.06
C PHE A 58 -1.13 16.59 0.30
N GLY A 59 -0.57 16.88 1.48
CA GLY A 59 -0.31 18.21 2.02
C GLY A 59 1.17 18.46 2.33
N GLU A 60 1.51 18.65 3.60
CA GLU A 60 2.82 19.03 4.11
C GLU A 60 3.95 18.02 3.75
N GLY A 61 5.15 18.52 3.46
CA GLY A 61 6.39 17.73 3.43
C GLY A 61 6.39 16.57 2.44
N SER A 62 5.83 16.78 1.25
CA SER A 62 5.44 15.71 0.31
C SER A 62 5.94 15.97 -1.12
N VAL A 63 6.37 14.93 -1.84
CA VAL A 63 7.02 15.03 -3.16
C VAL A 63 6.08 15.60 -4.24
N HIS A 64 4.78 15.34 -4.13
CA HIS A 64 3.74 15.80 -5.07
C HIS A 64 2.40 15.97 -4.37
N LYS A 65 1.60 16.96 -4.78
CA LYS A 65 0.24 17.20 -4.26
C LYS A 65 -0.70 16.02 -4.54
N SER A 66 -0.54 15.34 -5.67
CA SER A 66 -1.32 14.14 -6.02
C SER A 66 -0.49 13.11 -6.79
N VAL A 67 -0.93 11.85 -6.72
CA VAL A 67 -0.37 10.70 -7.44
C VAL A 67 -1.50 9.83 -7.98
N LYS A 68 -1.34 9.29 -9.18
CA LYS A 68 -2.19 8.21 -9.70
C LYS A 68 -1.46 6.88 -9.56
N HIS A 69 -2.16 5.86 -9.06
CA HIS A 69 -1.69 4.48 -8.98
C HIS A 69 -2.79 3.52 -9.41
N ARG A 70 -2.51 2.23 -9.58
CA ARG A 70 -3.52 1.23 -9.96
C ARG A 70 -3.30 -0.12 -9.32
N ILE A 71 -4.38 -0.84 -9.05
CA ILE A 71 -4.37 -2.27 -8.76
C ILE A 71 -4.02 -3.01 -10.06
N ASP A 72 -3.01 -3.87 -10.04
CA ASP A 72 -2.40 -4.48 -11.23
C ASP A 72 -2.02 -5.96 -11.07
N GLY A 73 -2.54 -6.63 -10.03
CA GLY A 73 -2.40 -8.07 -9.84
C GLY A 73 -3.05 -8.56 -8.54
N LEU A 74 -3.62 -9.76 -8.57
CA LEU A 74 -4.22 -10.47 -7.43
C LEU A 74 -4.27 -11.97 -7.69
N ASP A 75 -3.77 -12.77 -6.75
CA ASP A 75 -3.58 -14.22 -6.87
C ASP A 75 -3.81 -14.92 -5.52
N LYS A 76 -5.10 -15.10 -5.21
CA LYS A 76 -5.66 -15.57 -3.93
C LYS A 76 -5.14 -16.93 -3.45
N GLU A 77 -4.53 -17.72 -4.35
CA GLU A 77 -3.88 -19.00 -4.02
C GLU A 77 -2.78 -18.82 -2.95
N ASN A 78 -2.02 -17.72 -3.03
CA ASN A 78 -0.98 -17.31 -2.07
C ASN A 78 -1.15 -15.83 -1.68
N PHE A 79 -2.40 -15.33 -1.73
CA PHE A 79 -2.87 -13.96 -1.95
C PHE A 79 -1.74 -12.98 -2.29
N THR A 80 -1.07 -13.20 -3.42
CA THR A 80 -0.08 -12.23 -3.91
C THR A 80 -0.80 -11.13 -4.67
N TYR A 81 -0.51 -9.88 -4.34
CA TYR A 81 -1.11 -8.71 -5.00
C TYR A 81 -0.04 -7.77 -5.54
N SER A 82 -0.42 -6.94 -6.51
CA SER A 82 0.45 -5.95 -7.15
C SER A 82 -0.30 -4.64 -7.39
N TYR A 83 0.32 -3.50 -7.08
CA TYR A 83 -0.27 -2.19 -7.30
C TYR A 83 0.82 -1.14 -7.58
N SER A 84 0.65 -0.35 -8.65
CA SER A 84 1.73 0.44 -9.26
C SER A 84 1.41 1.93 -9.33
N ILE A 85 2.36 2.78 -8.95
CA ILE A 85 2.31 4.24 -9.12
C ILE A 85 2.64 4.55 -10.59
N ILE A 86 1.73 5.27 -11.25
CA ILE A 86 1.72 5.51 -12.69
C ILE A 86 2.18 6.94 -13.03
N GLU A 87 1.78 7.95 -12.25
CA GLU A 87 2.25 9.33 -12.41
C GLU A 87 2.10 10.19 -11.15
N GLY A 88 2.99 11.18 -11.03
CA GLY A 88 3.24 12.03 -9.85
C GLY A 88 4.72 12.39 -9.78
N GLY A 89 5.09 13.46 -9.07
CA GLY A 89 6.45 14.04 -9.06
C GLY A 89 7.60 13.11 -8.69
N ALA A 90 7.37 12.02 -7.95
CA ALA A 90 8.38 10.98 -7.76
C ALA A 90 8.83 10.36 -9.10
N LEU A 91 7.92 10.17 -10.05
CA LEU A 91 8.22 9.66 -11.39
C LEU A 91 8.79 10.73 -12.35
N ASP A 92 9.10 11.94 -11.86
CA ASP A 92 10.08 12.78 -12.54
C ASP A 92 11.48 12.12 -12.45
N VAL A 93 11.82 11.60 -11.27
CA VAL A 93 13.11 11.00 -10.93
C VAL A 93 13.14 9.48 -11.24
N PHE A 94 12.00 8.80 -11.12
CA PHE A 94 11.85 7.35 -11.34
C PHE A 94 11.10 7.02 -12.65
N GLU A 95 11.46 5.91 -13.29
CA GLU A 95 10.77 5.36 -14.47
C GLU A 95 9.41 4.78 -14.08
N SER A 96 9.36 4.13 -12.91
CA SER A 96 8.16 3.58 -12.27
C SER A 96 8.37 3.41 -10.77
N ILE A 97 7.28 3.41 -9.98
CA ILE A 97 7.31 2.97 -8.58
C ILE A 97 6.14 2.00 -8.38
N SER A 98 6.31 0.95 -7.59
CA SER A 98 5.30 -0.10 -7.43
C SER A 98 5.36 -0.77 -6.07
N TYR A 99 4.33 -1.53 -5.75
CA TYR A 99 4.21 -2.33 -4.53
C TYR A 99 3.75 -3.75 -4.86
N HIS A 100 4.19 -4.70 -4.04
CA HIS A 100 3.78 -6.10 -4.08
C HIS A 100 3.47 -6.59 -2.66
N ILE A 101 2.48 -7.47 -2.53
CA ILE A 101 2.06 -8.08 -1.28
C ILE A 101 2.02 -9.61 -1.47
N LYS A 102 2.23 -10.37 -0.40
CA LYS A 102 1.93 -11.81 -0.31
C LYS A 102 1.16 -12.07 0.98
N ILE A 103 0.05 -12.80 0.91
CA ILE A 103 -0.70 -13.22 2.10
C ILE A 103 -1.08 -14.70 2.02
N VAL A 104 -0.66 -15.41 3.06
CA VAL A 104 -0.94 -16.83 3.28
C VAL A 104 -1.55 -16.97 4.68
N ALA A 105 -2.59 -17.78 4.78
CA ALA A 105 -3.29 -18.00 6.04
C ALA A 105 -2.37 -18.64 7.10
N THR A 106 -2.66 -18.43 8.38
CA THR A 106 -2.02 -19.19 9.47
C THR A 106 -2.76 -20.50 9.74
N PRO A 107 -2.13 -21.52 10.35
CA PRO A 107 -2.85 -22.69 10.88
C PRO A 107 -3.82 -22.33 12.03
N ASP A 108 -3.80 -21.09 12.52
CA ASP A 108 -4.75 -20.52 13.49
C ASP A 108 -5.87 -19.69 12.83
N GLY A 109 -6.01 -19.70 11.50
CA GLY A 109 -7.10 -19.05 10.76
C GLY A 109 -6.94 -17.54 10.47
N GLY A 110 -5.91 -16.90 11.02
CA GLY A 110 -5.46 -15.56 10.64
C GLY A 110 -4.64 -15.55 9.35
N CYS A 111 -3.77 -14.56 9.19
CA CYS A 111 -2.88 -14.40 8.03
C CYS A 111 -1.52 -13.81 8.41
N ILE A 112 -0.49 -14.16 7.62
CA ILE A 112 0.79 -13.44 7.59
C ILE A 112 0.88 -12.63 6.29
N CYS A 113 0.84 -11.30 6.40
CA CYS A 113 0.88 -10.40 5.24
C CYS A 113 2.28 -9.77 5.07
N LYS A 114 2.99 -10.12 4.00
CA LYS A 114 4.19 -9.40 3.54
C LYS A 114 3.79 -8.25 2.61
N ASN A 115 4.48 -7.11 2.71
CA ASN A 115 4.36 -5.97 1.79
C ASN A 115 5.77 -5.50 1.38
N ARG A 116 5.92 -5.08 0.13
CA ARG A 116 7.21 -4.75 -0.50
C ARG A 116 7.02 -3.59 -1.47
N SER A 117 7.99 -2.68 -1.54
CA SER A 117 7.98 -1.56 -2.49
C SER A 117 9.17 -1.63 -3.44
N ILE A 118 8.95 -1.29 -4.70
CA ILE A 118 9.88 -1.49 -5.83
C ILE A 118 10.00 -0.16 -6.58
N TYR A 119 11.19 0.42 -6.59
CA TYR A 119 11.48 1.73 -7.18
C TYR A 119 12.39 1.54 -8.41
N THR A 120 11.85 1.78 -9.61
CA THR A 120 12.59 1.64 -10.87
C THR A 120 13.13 3.00 -11.30
N PRO A 121 14.44 3.31 -11.15
CA PRO A 121 15.00 4.61 -11.51
C PRO A 121 15.02 4.82 -13.04
N LYS A 122 15.06 6.08 -13.50
CA LYS A 122 15.38 6.44 -14.90
C LYS A 122 16.88 6.27 -15.19
N CYS A 123 17.42 5.09 -14.89
CA CYS A 123 18.81 4.69 -15.08
C CYS A 123 19.86 5.58 -14.35
N ASP A 124 19.47 6.28 -13.27
CA ASP A 124 20.32 7.25 -12.56
C ASP A 124 20.03 7.32 -11.05
N ALA A 125 18.76 7.43 -10.64
CA ALA A 125 18.32 7.54 -9.25
C ALA A 125 18.60 6.30 -8.36
N GLN A 126 18.47 6.47 -7.04
CA GLN A 126 19.10 5.62 -6.02
C GLN A 126 18.18 5.27 -4.82
N VAL A 127 17.10 6.02 -4.62
CA VAL A 127 16.21 6.04 -3.43
C VAL A 127 16.89 6.57 -2.15
N SER A 128 16.33 7.66 -1.61
CA SER A 128 16.71 8.24 -0.32
C SER A 128 16.18 7.44 0.89
N GLU A 129 16.96 7.42 1.97
CA GLU A 129 16.62 6.76 3.25
C GLU A 129 15.31 7.30 3.83
N GLU A 130 15.04 8.59 3.60
CA GLU A 130 13.82 9.27 3.99
C GLU A 130 12.54 8.57 3.48
N GLU A 131 12.56 7.94 2.31
CA GLU A 131 11.44 7.14 1.77
C GLU A 131 11.52 5.65 2.13
N ILE A 132 12.71 5.13 2.45
CA ILE A 132 12.87 3.81 3.09
C ILE A 132 12.19 3.83 4.48
N LYS A 133 12.41 4.90 5.25
CA LYS A 133 11.79 5.16 6.55
C LYS A 133 10.32 5.55 6.42
N ALA A 134 9.99 6.59 5.63
CA ALA A 134 8.62 7.07 5.52
C ALA A 134 7.68 6.04 4.88
N GLY A 135 8.12 5.27 3.90
CA GLY A 135 7.26 4.23 3.30
C GLY A 135 6.98 3.06 4.23
N LYS A 136 7.93 2.65 5.09
CA LYS A 136 7.66 1.72 6.21
C LYS A 136 6.70 2.32 7.24
N GLU A 137 6.91 3.57 7.67
CA GLU A 137 6.02 4.28 8.60
C GLU A 137 4.58 4.39 8.05
N ARG A 138 4.46 4.75 6.76
CA ARG A 138 3.21 4.88 5.99
C ARG A 138 2.50 3.54 5.81
N ALA A 139 3.22 2.50 5.36
CA ALA A 139 2.66 1.15 5.22
C ALA A 139 2.27 0.54 6.57
N SER A 140 3.07 0.74 7.62
CA SER A 140 2.72 0.36 8.99
C SER A 140 1.46 1.09 9.47
N GLY A 141 1.34 2.39 9.19
CA GLY A 141 0.14 3.16 9.47
C GLY A 141 -1.09 2.50 8.85
N ILE A 142 -0.98 2.06 7.58
CA ILE A 142 -2.05 1.32 6.91
C ILE A 142 -2.30 -0.01 7.65
N PHE A 143 -1.28 -0.85 7.90
CA PHE A 143 -1.41 -2.13 8.64
C PHE A 143 -2.07 -2.05 10.03
N LYS A 144 -2.16 -0.85 10.62
CA LYS A 144 -2.65 -0.62 12.00
C LYS A 144 -4.02 0.01 11.97
N LYS A 145 -4.23 1.01 11.10
CA LYS A 145 -5.55 1.57 10.83
C LYS A 145 -6.46 0.60 10.08
N VAL A 146 -5.93 -0.34 9.29
CA VAL A 146 -6.71 -1.50 8.77
C VAL A 146 -7.08 -2.47 9.89
N GLU A 147 -6.18 -2.83 10.82
CA GLU A 147 -6.57 -3.69 11.96
C GLU A 147 -7.65 -3.05 12.84
N ALA A 148 -7.55 -1.74 13.13
CA ALA A 148 -8.56 -1.01 13.88
C ALA A 148 -9.89 -0.88 13.10
N TYR A 149 -9.81 -0.59 11.80
CA TYR A 149 -10.97 -0.53 10.92
C TYR A 149 -11.69 -1.88 10.83
N LEU A 150 -10.97 -2.99 10.62
CA LEU A 150 -11.56 -4.33 10.55
C LEU A 150 -12.01 -4.87 11.92
N LEU A 151 -11.54 -4.29 13.02
CA LEU A 151 -12.08 -4.53 14.37
C LEU A 151 -13.41 -3.80 14.62
N ALA A 152 -13.59 -2.59 14.08
CA ALA A 152 -14.79 -1.76 14.29
C ALA A 152 -15.87 -1.92 13.21
N ASN A 153 -15.45 -2.06 11.95
CA ASN A 153 -16.26 -1.92 10.74
C ASN A 153 -15.81 -2.81 9.55
N PRO A 154 -15.61 -4.13 9.74
CA PRO A 154 -15.31 -5.05 8.62
C PRO A 154 -16.48 -5.12 7.62
N ASP A 155 -17.70 -4.84 8.08
CA ASP A 155 -18.94 -4.79 7.33
C ASP A 155 -19.12 -3.54 6.45
N CYS A 156 -18.20 -2.58 6.57
CA CYS A 156 -18.10 -1.37 5.73
C CYS A 156 -19.39 -0.51 5.67
N GLY A 1 19.94 -1.13 -11.94
CA GLY A 1 18.81 -2.05 -11.93
C GLY A 1 17.65 -1.46 -11.16
N ALA A 2 17.37 -2.04 -9.99
CA ALA A 2 16.33 -1.63 -9.04
C ALA A 2 16.71 -2.05 -7.61
N ILE A 3 16.19 -1.32 -6.61
CA ILE A 3 16.49 -1.55 -5.18
C ILE A 3 15.22 -1.69 -4.35
N THR A 4 15.28 -2.50 -3.29
CA THR A 4 14.10 -3.04 -2.60
C THR A 4 14.31 -3.20 -1.09
N TYR A 5 13.22 -3.20 -0.34
CA TYR A 5 13.15 -3.58 1.08
C TYR A 5 11.76 -4.15 1.39
N ASP A 6 11.65 -4.95 2.46
CA ASP A 6 10.39 -5.55 2.89
C ASP A 6 10.23 -5.58 4.41
N MET A 7 9.00 -5.84 4.86
CA MET A 7 8.54 -5.95 6.24
C MET A 7 7.53 -7.10 6.35
N GLU A 8 7.34 -7.61 7.57
CA GLU A 8 6.33 -8.63 7.86
C GLU A 8 5.40 -8.17 8.98
N ILE A 9 4.10 -8.26 8.74
CA ILE A 9 3.04 -7.69 9.58
C ILE A 9 2.05 -8.81 9.96
N PRO A 10 2.10 -9.35 11.19
CA PRO A 10 1.03 -10.17 11.73
C PRO A 10 -0.27 -9.36 11.86
N SER A 11 -1.44 -9.97 11.62
CA SER A 11 -2.76 -9.35 11.83
C SER A 11 -3.85 -10.39 12.05
N SER A 12 -4.83 -10.09 12.89
CA SER A 12 -5.96 -10.99 13.22
C SER A 12 -7.09 -10.95 12.18
N ILE A 13 -6.76 -10.68 10.92
CA ILE A 13 -7.69 -10.37 9.82
C ILE A 13 -7.48 -11.34 8.65
N SER A 14 -8.56 -11.67 7.95
CA SER A 14 -8.57 -12.55 6.77
C SER A 14 -7.83 -11.93 5.57
N ALA A 15 -7.09 -12.73 4.80
CA ALA A 15 -6.12 -12.26 3.80
C ALA A 15 -6.72 -11.45 2.63
N GLU A 16 -7.96 -11.72 2.22
CA GLU A 16 -8.70 -10.85 1.29
C GLU A 16 -9.11 -9.54 1.96
N LYS A 17 -9.72 -9.63 3.16
CA LYS A 17 -10.15 -8.46 3.94
C LYS A 17 -9.00 -7.51 4.26
N MET A 18 -7.79 -8.02 4.49
CA MET A 18 -6.58 -7.20 4.66
C MET A 18 -6.35 -6.30 3.44
N PHE A 19 -6.23 -6.86 2.23
CA PHE A 19 -5.94 -6.05 1.03
C PHE A 19 -7.11 -5.15 0.61
N LYS A 20 -8.36 -5.64 0.75
CA LYS A 20 -9.56 -4.82 0.49
C LYS A 20 -9.60 -3.59 1.40
N ALA A 21 -9.38 -3.75 2.70
CA ALA A 21 -9.28 -2.63 3.64
C ALA A 21 -8.06 -1.73 3.37
N PHE A 22 -6.92 -2.32 2.98
CA PHE A 22 -5.63 -1.63 2.81
C PHE A 22 -5.61 -0.64 1.65
N VAL A 23 -6.25 -0.95 0.51
CA VAL A 23 -6.28 -0.05 -0.67
C VAL A 23 -7.64 0.11 -1.36
N LEU A 24 -8.49 -0.91 -1.41
CA LEU A 24 -9.76 -0.80 -2.16
C LEU A 24 -10.75 0.12 -1.42
N ASP A 25 -11.05 -0.22 -0.17
CA ASP A 25 -11.78 0.63 0.79
C ASP A 25 -10.97 1.87 1.26
N GLY A 26 -9.73 2.02 0.79
CA GLY A 26 -8.71 2.93 1.34
C GLY A 26 -8.98 4.44 1.26
N ASP A 27 -10.08 4.88 0.65
CA ASP A 27 -10.35 6.28 0.30
C ASP A 27 -10.33 7.24 1.50
N THR A 28 -10.96 6.87 2.62
CA THR A 28 -10.82 7.59 3.91
C THR A 28 -9.78 6.93 4.82
N ILE A 29 -9.58 5.60 4.72
CA ILE A 29 -8.73 4.83 5.63
C ILE A 29 -7.25 5.22 5.51
N ILE A 30 -6.73 5.43 4.30
CA ILE A 30 -5.33 5.82 4.09
C ILE A 30 -5.06 7.26 4.56
N PRO A 31 -5.92 8.27 4.26
CA PRO A 31 -5.85 9.58 4.93
C PRO A 31 -5.99 9.51 6.45
N LYS A 32 -6.74 8.54 7.00
CA LYS A 32 -6.78 8.27 8.44
C LYS A 32 -5.48 7.67 8.96
N ALA A 33 -4.79 6.86 8.16
CA ALA A 33 -3.57 6.15 8.55
C ALA A 33 -2.35 7.08 8.69
N LEU A 34 -2.18 8.06 7.81
CA LEU A 34 -0.99 8.92 7.75
C LEU A 34 -1.39 10.41 7.59
N PRO A 35 -2.21 10.96 8.51
CA PRO A 35 -2.90 12.24 8.34
C PRO A 35 -1.98 13.47 8.30
N HIS A 36 -0.76 13.40 8.83
CA HIS A 36 0.21 14.51 8.79
C HIS A 36 0.63 14.87 7.36
N ALA A 37 0.67 13.89 6.45
CA ALA A 37 1.18 14.06 5.09
C ALA A 37 0.16 13.71 4.00
N ILE A 38 -0.66 12.67 4.17
CA ILE A 38 -1.71 12.30 3.22
C ILE A 38 -2.96 13.14 3.46
N THR A 39 -3.46 13.82 2.43
CA THR A 39 -4.67 14.66 2.49
C THR A 39 -5.87 14.05 1.75
N GLY A 40 -5.69 13.04 0.88
CA GLY A 40 -6.80 12.38 0.19
C GLY A 40 -6.42 11.11 -0.58
N VAL A 41 -7.41 10.22 -0.79
CA VAL A 41 -7.31 9.00 -1.60
C VAL A 41 -8.64 8.74 -2.33
N GLN A 42 -8.58 8.15 -3.52
CA GLN A 42 -9.76 7.79 -4.32
C GLN A 42 -9.48 6.63 -5.27
N THR A 43 -10.50 5.88 -5.71
CA THR A 43 -10.40 4.96 -6.85
C THR A 43 -10.52 5.73 -8.17
N LEU A 44 -9.86 5.26 -9.22
CA LEU A 44 -9.75 5.90 -10.53
C LEU A 44 -9.83 4.82 -11.63
N GLU A 45 -10.77 3.90 -11.47
CA GLU A 45 -11.23 2.88 -12.42
C GLU A 45 -12.36 2.05 -11.80
N GLY A 46 -12.90 1.10 -12.55
CA GLY A 46 -13.58 -0.06 -11.98
C GLY A 46 -12.72 -0.82 -10.96
N ASP A 47 -13.29 -1.26 -9.85
CA ASP A 47 -12.56 -1.90 -8.73
C ASP A 47 -12.73 -3.43 -8.72
N GLY A 48 -12.18 -4.10 -7.70
CA GLY A 48 -12.34 -5.55 -7.53
C GLY A 48 -11.63 -6.40 -8.59
N GLY A 49 -10.50 -5.92 -9.13
CA GLY A 49 -9.77 -6.58 -10.20
C GLY A 49 -8.39 -5.95 -10.46
N VAL A 50 -7.69 -6.49 -11.46
CA VAL A 50 -6.39 -6.01 -11.94
C VAL A 50 -6.55 -4.80 -12.87
N GLY A 51 -5.56 -3.92 -12.89
CA GLY A 51 -5.51 -2.72 -13.74
C GLY A 51 -6.34 -1.54 -13.24
N THR A 52 -6.82 -1.57 -12.00
CA THR A 52 -7.60 -0.47 -11.37
C THR A 52 -6.67 0.65 -10.93
N ILE A 53 -6.91 1.93 -11.29
CA ILE A 53 -6.06 3.02 -10.77
C ILE A 53 -6.60 3.50 -9.40
N LYS A 54 -5.71 4.04 -8.58
CA LYS A 54 -5.92 4.63 -7.27
C LYS A 54 -5.19 5.96 -7.21
N LEU A 55 -5.91 7.04 -6.90
CA LEU A 55 -5.35 8.36 -6.63
C LEU A 55 -4.87 8.43 -5.16
N THR A 56 -3.82 9.18 -4.91
CA THR A 56 -3.44 9.63 -3.56
C THR A 56 -2.87 11.04 -3.63
N THR A 57 -3.20 11.90 -2.68
CA THR A 57 -2.78 13.31 -2.65
C THR A 57 -2.33 13.73 -1.24
N PHE A 58 -1.43 14.72 -1.20
CA PHE A 58 -0.56 15.01 -0.06
C PHE A 58 -0.43 16.50 0.23
N GLY A 59 -0.18 16.82 1.50
CA GLY A 59 0.25 18.12 1.98
C GLY A 59 1.73 18.11 2.33
N GLU A 60 2.03 18.20 3.62
CA GLU A 60 3.38 18.28 4.21
C GLU A 60 4.17 16.96 4.09
N GLY A 61 5.47 16.98 4.37
CA GLY A 61 6.31 15.78 4.50
C GLY A 61 6.51 14.95 3.22
N SER A 62 6.16 15.50 2.06
CA SER A 62 5.88 14.73 0.84
C SER A 62 6.56 15.30 -0.41
N VAL A 63 7.16 14.44 -1.24
CA VAL A 63 7.92 14.81 -2.45
C VAL A 63 7.05 15.47 -3.53
N HIS A 64 5.76 15.11 -3.61
CA HIS A 64 4.82 15.55 -4.65
C HIS A 64 3.39 15.65 -4.13
N LYS A 65 2.60 16.61 -4.66
CA LYS A 65 1.22 16.89 -4.23
C LYS A 65 0.22 15.80 -4.58
N SER A 66 0.39 15.07 -5.70
CA SER A 66 -0.48 13.95 -6.10
C SER A 66 0.29 12.80 -6.73
N VAL A 67 -0.27 11.60 -6.67
CA VAL A 67 0.26 10.36 -7.28
C VAL A 67 -0.88 9.46 -7.74
N LYS A 68 -0.66 8.70 -8.81
CA LYS A 68 -1.53 7.62 -9.27
C LYS A 68 -0.77 6.30 -9.23
N HIS A 69 -1.37 5.30 -8.60
CA HIS A 69 -0.86 3.92 -8.53
C HIS A 69 -1.96 2.95 -8.96
N ARG A 70 -1.61 1.72 -9.37
CA ARG A 70 -2.60 0.74 -9.81
C ARG A 70 -2.58 -0.54 -8.99
N ILE A 71 -3.75 -1.16 -8.82
CA ILE A 71 -3.89 -2.57 -8.44
C ILE A 71 -3.43 -3.41 -9.64
N ASP A 72 -2.41 -4.24 -9.46
CA ASP A 72 -1.63 -4.85 -10.55
C ASP A 72 -1.56 -6.39 -10.47
N GLY A 73 -2.09 -6.99 -9.40
CA GLY A 73 -2.20 -8.43 -9.25
C GLY A 73 -2.96 -8.80 -7.97
N LEU A 74 -3.61 -9.97 -7.97
CA LEU A 74 -4.24 -10.59 -6.81
C LEU A 74 -4.26 -12.12 -6.96
N ASP A 75 -3.66 -12.84 -5.99
CA ASP A 75 -3.36 -14.27 -6.08
C ASP A 75 -3.63 -14.98 -4.77
N LYS A 76 -4.93 -15.16 -4.51
CA LYS A 76 -5.52 -15.72 -3.28
C LYS A 76 -5.06 -17.15 -2.94
N GLU A 77 -4.33 -17.85 -3.81
CA GLU A 77 -3.65 -19.11 -3.47
C GLU A 77 -2.61 -18.93 -2.35
N ASN A 78 -1.92 -17.78 -2.33
CA ASN A 78 -0.86 -17.41 -1.39
C ASN A 78 -0.95 -15.90 -1.07
N PHE A 79 -2.19 -15.40 -1.01
CA PHE A 79 -2.68 -14.04 -1.24
C PHE A 79 -1.59 -13.01 -1.54
N THR A 80 -0.95 -13.13 -2.72
CA THR A 80 0.00 -12.13 -3.18
C THR A 80 -0.71 -11.04 -3.96
N TYR A 81 -0.25 -9.80 -3.82
CA TYR A 81 -0.83 -8.64 -4.50
C TYR A 81 0.27 -7.71 -5.00
N SER A 82 0.14 -7.24 -6.24
CA SER A 82 1.03 -6.21 -6.81
C SER A 82 0.31 -4.85 -6.81
N TYR A 83 1.01 -3.77 -6.47
CA TYR A 83 0.48 -2.41 -6.59
C TYR A 83 1.59 -1.38 -6.87
N SER A 84 1.46 -0.57 -7.92
CA SER A 84 2.60 0.18 -8.49
C SER A 84 2.27 1.63 -8.85
N ILE A 85 3.16 2.57 -8.50
CA ILE A 85 3.06 3.99 -8.85
C ILE A 85 3.41 4.19 -10.33
N ILE A 86 2.44 4.75 -11.05
CA ILE A 86 2.43 5.00 -12.48
C ILE A 86 2.92 6.42 -12.79
N GLU A 87 2.47 7.43 -12.04
CA GLU A 87 2.86 8.83 -12.22
C GLU A 87 2.67 9.67 -10.94
N GLY A 88 3.62 10.56 -10.68
CA GLY A 88 3.69 11.50 -9.56
C GLY A 88 5.13 11.98 -9.38
N GLY A 89 5.37 13.22 -8.94
CA GLY A 89 6.66 13.91 -9.08
C GLY A 89 7.93 13.24 -8.55
N ALA A 90 7.87 12.23 -7.68
CA ALA A 90 9.03 11.37 -7.41
C ALA A 90 9.54 10.67 -8.69
N LEU A 91 8.68 10.40 -9.68
CA LEU A 91 9.04 9.89 -11.00
C LEU A 91 9.59 10.99 -11.95
N ASP A 92 9.89 12.20 -11.45
CA ASP A 92 10.97 13.01 -12.01
C ASP A 92 12.33 12.33 -11.77
N VAL A 93 12.55 11.80 -10.56
CA VAL A 93 13.79 11.11 -10.13
C VAL A 93 13.80 9.63 -10.54
N PHE A 94 12.65 8.95 -10.47
CA PHE A 94 12.48 7.52 -10.73
C PHE A 94 11.81 7.23 -12.07
N GLU A 95 12.12 6.07 -12.66
CA GLU A 95 11.41 5.51 -13.82
C GLU A 95 10.12 4.81 -13.38
N SER A 96 10.14 4.18 -12.19
CA SER A 96 9.02 3.50 -11.56
C SER A 96 9.20 3.44 -10.05
N ILE A 97 8.10 3.43 -9.30
CA ILE A 97 8.10 3.01 -7.89
C ILE A 97 7.00 1.96 -7.73
N SER A 98 7.26 0.89 -7.00
CA SER A 98 6.32 -0.23 -6.89
C SER A 98 6.29 -0.80 -5.48
N TYR A 99 5.21 -1.51 -5.16
CA TYR A 99 5.00 -2.22 -3.90
C TYR A 99 4.36 -3.59 -4.18
N HIS A 100 4.52 -4.50 -3.22
CA HIS A 100 4.08 -5.89 -3.35
C HIS A 100 3.78 -6.50 -1.98
N ILE A 101 2.80 -7.40 -1.91
CA ILE A 101 2.36 -8.07 -0.68
C ILE A 101 2.31 -9.59 -0.89
N LYS A 102 2.52 -10.37 0.17
CA LYS A 102 2.22 -11.81 0.24
C LYS A 102 1.59 -12.18 1.58
N ILE A 103 0.34 -12.66 1.56
CA ILE A 103 -0.43 -13.04 2.75
C ILE A 103 -0.79 -14.54 2.75
N VAL A 104 -0.45 -15.17 3.87
CA VAL A 104 -0.79 -16.57 4.18
C VAL A 104 -1.67 -16.60 5.43
N ALA A 105 -2.81 -17.27 5.33
CA ALA A 105 -3.84 -17.37 6.38
C ALA A 105 -3.62 -18.57 7.32
N THR A 106 -4.01 -18.39 8.58
CA THR A 106 -3.85 -19.37 9.67
C THR A 106 -5.14 -20.14 9.97
N PRO A 107 -5.06 -21.31 10.65
CA PRO A 107 -6.21 -21.92 11.32
C PRO A 107 -6.74 -21.08 12.50
N ASP A 108 -6.04 -20.01 12.91
CA ASP A 108 -6.49 -19.02 13.91
C ASP A 108 -7.34 -17.88 13.29
N GLY A 109 -7.63 -17.95 11.99
CA GLY A 109 -8.48 -17.01 11.25
C GLY A 109 -7.78 -15.75 10.75
N GLY A 110 -6.82 -15.22 11.52
CA GLY A 110 -5.92 -14.16 11.06
C GLY A 110 -4.81 -14.67 10.14
N CYS A 111 -3.90 -13.77 9.76
CA CYS A 111 -2.89 -14.00 8.73
C CYS A 111 -1.54 -13.35 9.08
N ILE A 112 -0.51 -13.72 8.32
CA ILE A 112 0.79 -13.03 8.31
C ILE A 112 0.98 -12.38 6.93
N CYS A 113 1.22 -11.06 6.90
CA CYS A 113 1.32 -10.26 5.69
C CYS A 113 2.75 -9.73 5.48
N LYS A 114 3.50 -10.28 4.51
CA LYS A 114 4.69 -9.62 3.96
C LYS A 114 4.26 -8.42 3.13
N ASN A 115 4.96 -7.29 3.25
CA ASN A 115 4.81 -6.10 2.39
C ASN A 115 6.21 -5.60 1.97
N ARG A 116 6.37 -5.19 0.72
CA ARG A 116 7.65 -4.94 0.06
C ARG A 116 7.54 -3.73 -0.87
N SER A 117 8.65 -3.04 -1.10
CA SER A 117 8.75 -1.92 -2.06
C SER A 117 9.93 -2.10 -3.02
N ILE A 118 9.81 -1.58 -4.24
CA ILE A 118 10.78 -1.68 -5.33
C ILE A 118 10.91 -0.32 -6.01
N TYR A 119 12.04 0.35 -5.83
CA TYR A 119 12.37 1.60 -6.51
C TYR A 119 13.18 1.32 -7.78
N THR A 120 12.84 2.00 -8.86
CA THR A 120 13.53 1.85 -10.15
C THR A 120 13.98 3.23 -10.63
N PRO A 121 15.28 3.60 -10.51
CA PRO A 121 15.77 4.91 -10.96
C PRO A 121 15.71 5.07 -12.48
N LYS A 122 15.83 6.30 -12.98
CA LYS A 122 16.14 6.61 -14.38
C LYS A 122 17.63 6.34 -14.68
N CYS A 123 18.11 5.17 -14.27
CA CYS A 123 19.50 4.69 -14.36
C CYS A 123 20.56 5.65 -13.76
N ASP A 124 20.23 6.42 -12.72
CA ASP A 124 21.12 7.41 -12.10
C ASP A 124 20.95 7.56 -10.57
N ALA A 125 19.72 7.72 -10.07
CA ALA A 125 19.42 8.01 -8.67
C ALA A 125 19.83 6.92 -7.66
N GLN A 126 19.89 7.30 -6.39
CA GLN A 126 20.48 6.53 -5.28
C GLN A 126 19.46 6.07 -4.20
N VAL A 127 18.24 6.61 -4.20
CA VAL A 127 17.16 6.41 -3.20
C VAL A 127 17.41 7.09 -1.85
N SER A 128 16.33 7.31 -1.09
CA SER A 128 16.32 8.01 0.20
C SER A 128 15.73 7.12 1.29
N GLU A 129 16.43 6.99 2.41
CA GLU A 129 15.98 6.21 3.57
C GLU A 129 14.70 6.81 4.18
N GLU A 130 14.49 8.10 4.01
CA GLU A 130 13.31 8.83 4.46
C GLU A 130 12.00 8.29 3.86
N GLU A 131 12.00 7.73 2.64
CA GLU A 131 10.83 7.04 2.09
C GLU A 131 10.79 5.54 2.40
N ILE A 132 11.89 4.94 2.87
CA ILE A 132 11.89 3.59 3.44
C ILE A 132 11.24 3.63 4.84
N LYS A 133 11.73 4.53 5.71
CA LYS A 133 11.18 4.81 7.05
C LYS A 133 9.72 5.25 6.98
N ALA A 134 9.40 6.20 6.09
CA ALA A 134 8.02 6.61 5.89
C ALA A 134 7.16 5.53 5.22
N GLY A 135 7.71 4.72 4.31
CA GLY A 135 6.98 3.63 3.66
C GLY A 135 6.55 2.52 4.62
N LYS A 136 7.44 2.08 5.52
CA LYS A 136 7.09 1.19 6.64
C LYS A 136 6.08 1.86 7.58
N GLU A 137 6.28 3.12 7.96
CA GLU A 137 5.40 3.85 8.88
C GLU A 137 3.98 4.00 8.31
N ARG A 138 3.87 4.37 7.04
CA ARG A 138 2.66 4.50 6.23
C ARG A 138 1.94 3.17 6.07
N ALA A 139 2.63 2.12 5.60
CA ALA A 139 2.05 0.79 5.44
C ALA A 139 1.57 0.20 6.78
N SER A 140 2.41 0.24 7.83
CA SER A 140 2.06 -0.20 9.18
C SER A 140 0.85 0.56 9.75
N GLY A 141 0.79 1.89 9.55
CA GLY A 141 -0.37 2.70 9.94
C GLY A 141 -1.66 2.25 9.24
N ILE A 142 -1.58 1.93 7.95
CA ILE A 142 -2.73 1.38 7.21
C ILE A 142 -3.10 0.01 7.81
N PHE A 143 -2.16 -0.93 8.00
CA PHE A 143 -2.42 -2.24 8.62
C PHE A 143 -2.99 -2.20 10.07
N LYS A 144 -3.02 -1.02 10.70
CA LYS A 144 -3.52 -0.79 12.07
C LYS A 144 -4.84 -0.03 12.06
N LYS A 145 -5.01 0.94 11.16
CA LYS A 145 -6.32 1.51 10.84
C LYS A 145 -7.26 0.47 10.24
N VAL A 146 -6.80 -0.47 9.43
CA VAL A 146 -7.64 -1.56 8.91
C VAL A 146 -8.07 -2.53 10.02
N GLU A 147 -7.20 -2.88 10.97
CA GLU A 147 -7.64 -3.65 12.15
C GLU A 147 -8.67 -2.89 13.00
N ALA A 148 -8.49 -1.58 13.21
CA ALA A 148 -9.45 -0.72 13.91
C ALA A 148 -10.77 -0.52 13.14
N TYR A 149 -10.72 -0.50 11.80
CA TYR A 149 -11.87 -0.40 10.91
C TYR A 149 -12.72 -1.67 10.99
N LEU A 150 -12.11 -2.85 10.82
CA LEU A 150 -12.81 -4.14 10.92
C LEU A 150 -13.23 -4.48 12.37
N LEU A 151 -12.61 -3.87 13.39
CA LEU A 151 -13.09 -3.91 14.77
C LEU A 151 -14.39 -3.09 14.97
N ALA A 152 -14.55 -1.96 14.27
CA ALA A 152 -15.74 -1.11 14.35
C ALA A 152 -16.87 -1.50 13.37
N ASN A 153 -16.50 -2.01 12.19
CA ASN A 153 -17.34 -2.13 11.00
C ASN A 153 -16.97 -3.39 10.19
N PRO A 154 -17.06 -4.60 10.77
CA PRO A 154 -16.79 -5.86 10.05
C PRO A 154 -17.77 -6.12 8.91
N ASP A 155 -18.94 -5.49 8.93
CA ASP A 155 -19.95 -5.47 7.86
C ASP A 155 -19.56 -4.59 6.66
N CYS A 156 -18.60 -3.67 6.84
CA CYS A 156 -17.97 -2.80 5.83
C CYS A 156 -18.96 -1.97 4.99
N GLY A 1 20.47 -1.05 -10.26
CA GLY A 1 19.17 -1.33 -10.89
C GLY A 1 18.05 -0.84 -9.99
N ALA A 2 16.91 -1.53 -10.00
CA ALA A 2 15.86 -1.32 -9.00
C ALA A 2 16.34 -1.75 -7.60
N ILE A 3 15.83 -1.10 -6.56
CA ILE A 3 16.28 -1.24 -5.15
C ILE A 3 15.07 -1.21 -4.20
N THR A 4 15.18 -1.83 -3.03
CA THR A 4 13.99 -2.36 -2.32
C THR A 4 14.05 -2.29 -0.79
N TYR A 5 12.89 -2.35 -0.14
CA TYR A 5 12.73 -2.61 1.30
C TYR A 5 11.47 -3.44 1.56
N ASP A 6 11.38 -4.10 2.73
CA ASP A 6 10.23 -4.93 3.10
C ASP A 6 9.97 -4.98 4.62
N MET A 7 8.78 -5.47 4.98
CA MET A 7 8.31 -5.69 6.36
C MET A 7 7.28 -6.82 6.43
N GLU A 8 7.19 -7.47 7.59
CA GLU A 8 6.23 -8.55 7.88
C GLU A 8 5.35 -8.24 9.10
N ILE A 9 4.09 -8.66 9.03
CA ILE A 9 3.02 -8.33 9.98
C ILE A 9 2.23 -9.62 10.31
N PRO A 10 2.41 -10.24 11.49
CA PRO A 10 1.47 -11.23 11.99
C PRO A 10 0.14 -10.57 12.38
N SER A 11 -0.97 -11.16 11.95
CA SER A 11 -2.32 -10.57 11.99
C SER A 11 -3.40 -11.57 12.40
N SER A 12 -4.55 -11.04 12.83
CA SER A 12 -5.74 -11.81 13.22
C SER A 12 -6.89 -11.69 12.21
N ILE A 13 -6.90 -10.64 11.38
CA ILE A 13 -7.86 -10.44 10.29
C ILE A 13 -7.66 -11.42 9.13
N SER A 14 -8.75 -11.77 8.44
CA SER A 14 -8.79 -12.63 7.24
C SER A 14 -8.07 -11.99 6.03
N ALA A 15 -7.35 -12.78 5.25
CA ALA A 15 -6.40 -12.31 4.23
C ALA A 15 -7.00 -11.40 3.14
N GLU A 16 -8.21 -11.71 2.65
CA GLU A 16 -8.92 -10.86 1.69
C GLU A 16 -9.26 -9.49 2.31
N LYS A 17 -9.81 -9.53 3.53
CA LYS A 17 -10.24 -8.34 4.29
C LYS A 17 -9.06 -7.44 4.64
N MET A 18 -7.87 -8.00 4.88
CA MET A 18 -6.63 -7.24 5.05
C MET A 18 -6.30 -6.39 3.83
N PHE A 19 -6.16 -6.98 2.63
CA PHE A 19 -5.80 -6.20 1.44
C PHE A 19 -6.93 -5.25 0.98
N LYS A 20 -8.19 -5.70 1.11
CA LYS A 20 -9.37 -4.87 0.85
C LYS A 20 -9.37 -3.62 1.73
N ALA A 21 -9.10 -3.74 3.03
CA ALA A 21 -8.92 -2.60 3.92
C ALA A 21 -7.67 -1.76 3.57
N PHE A 22 -6.56 -2.39 3.18
CA PHE A 22 -5.27 -1.73 2.96
C PHE A 22 -5.29 -0.69 1.82
N VAL A 23 -5.99 -0.94 0.71
CA VAL A 23 -6.05 0.00 -0.44
C VAL A 23 -7.42 0.15 -1.10
N LEU A 24 -8.29 -0.86 -1.08
CA LEU A 24 -9.56 -0.79 -1.81
C LEU A 24 -10.58 0.08 -1.05
N ASP A 25 -10.90 -0.32 0.17
CA ASP A 25 -11.65 0.46 1.17
C ASP A 25 -10.84 1.63 1.76
N GLY A 26 -9.53 1.72 1.45
CA GLY A 26 -8.56 2.61 2.11
C GLY A 26 -8.78 4.12 1.98
N ASP A 27 -9.90 4.56 1.40
CA ASP A 27 -10.23 5.97 1.12
C ASP A 27 -10.20 6.88 2.35
N THR A 28 -10.68 6.40 3.50
CA THR A 28 -10.49 7.05 4.81
C THR A 28 -9.36 6.39 5.61
N ILE A 29 -9.14 5.08 5.45
CA ILE A 29 -8.22 4.30 6.29
C ILE A 29 -6.75 4.71 6.09
N ILE A 30 -6.33 5.01 4.85
CA ILE A 30 -4.98 5.50 4.56
C ILE A 30 -4.76 6.94 5.11
N PRO A 31 -5.69 7.90 4.93
CA PRO A 31 -5.65 9.17 5.66
C PRO A 31 -5.60 9.00 7.19
N LYS A 32 -6.36 8.05 7.76
CA LYS A 32 -6.35 7.72 9.19
C LYS A 32 -5.07 7.00 9.66
N ALA A 33 -4.35 6.33 8.76
CA ALA A 33 -3.06 5.70 9.06
C ALA A 33 -1.97 6.72 9.39
N LEU A 34 -1.88 7.80 8.60
CA LEU A 34 -0.79 8.79 8.65
C LEU A 34 -1.32 10.23 8.53
N PRO A 35 -2.23 10.68 9.42
CA PRO A 35 -2.87 11.99 9.31
C PRO A 35 -1.91 13.19 9.39
N HIS A 36 -0.69 13.03 9.93
CA HIS A 36 0.38 14.04 9.81
C HIS A 36 0.86 14.25 8.36
N ALA A 37 0.77 13.22 7.52
CA ALA A 37 1.27 13.21 6.14
C ALA A 37 0.17 13.24 5.07
N ILE A 38 -1.02 12.69 5.31
CA ILE A 38 -2.04 12.39 4.28
C ILE A 38 -3.34 13.14 4.57
N THR A 39 -3.95 13.74 3.53
CA THR A 39 -5.26 14.44 3.63
C THR A 39 -6.39 13.69 2.94
N GLY A 40 -6.14 12.92 1.88
CA GLY A 40 -7.20 12.23 1.13
C GLY A 40 -6.74 11.08 0.24
N VAL A 41 -7.64 10.11 0.03
CA VAL A 41 -7.49 8.98 -0.90
C VAL A 41 -8.82 8.72 -1.64
N GLN A 42 -8.74 8.29 -2.90
CA GLN A 42 -9.92 7.98 -3.72
C GLN A 42 -9.63 6.86 -4.74
N THR A 43 -10.61 6.01 -5.04
CA THR A 43 -10.60 5.13 -6.22
C THR A 43 -10.80 5.96 -7.49
N LEU A 44 -10.11 5.59 -8.56
CA LEU A 44 -10.03 6.31 -9.84
C LEU A 44 -10.14 5.33 -11.01
N GLU A 45 -11.14 4.46 -11.00
CA GLU A 45 -11.51 3.47 -12.03
C GLU A 45 -12.63 2.56 -11.50
N GLY A 46 -13.02 1.53 -12.26
CA GLY A 46 -13.62 0.33 -11.68
C GLY A 46 -12.72 -0.26 -10.58
N ASP A 47 -13.27 -0.65 -9.43
CA ASP A 47 -12.52 -1.00 -8.24
C ASP A 47 -12.03 -2.45 -8.26
N GLY A 48 -10.99 -2.71 -7.48
CA GLY A 48 -10.66 -4.04 -7.01
C GLY A 48 -9.96 -5.00 -7.98
N GLY A 49 -9.41 -4.53 -9.10
CA GLY A 49 -8.81 -5.38 -10.14
C GLY A 49 -7.58 -4.77 -10.83
N VAL A 50 -6.97 -5.54 -11.73
CA VAL A 50 -5.87 -5.08 -12.58
C VAL A 50 -6.29 -3.83 -13.35
N GLY A 51 -5.52 -2.76 -13.24
CA GLY A 51 -5.82 -1.46 -13.83
C GLY A 51 -6.86 -0.62 -13.06
N THR A 52 -7.12 -0.90 -11.78
CA THR A 52 -7.84 0.05 -10.91
C THR A 52 -6.88 1.17 -10.52
N ILE A 53 -7.07 2.42 -10.98
CA ILE A 53 -6.21 3.53 -10.54
C ILE A 53 -6.72 4.05 -9.18
N LYS A 54 -5.85 4.67 -8.40
CA LYS A 54 -6.07 5.18 -7.04
C LYS A 54 -5.38 6.54 -6.92
N LEU A 55 -6.15 7.56 -6.54
CA LEU A 55 -5.65 8.89 -6.21
C LEU A 55 -5.26 8.95 -4.73
N THR A 56 -4.22 9.70 -4.38
CA THR A 56 -3.79 9.94 -3.00
C THR A 56 -3.15 11.32 -2.88
N THR A 57 -3.42 12.06 -1.79
CA THR A 57 -3.03 13.46 -1.63
C THR A 57 -2.65 13.81 -0.18
N PHE A 58 -1.72 14.76 -0.03
CA PHE A 58 -0.81 14.86 1.12
C PHE A 58 -0.81 16.23 1.80
N GLY A 59 -0.50 16.22 3.10
CA GLY A 59 -0.29 17.38 3.96
C GLY A 59 1.20 17.73 4.13
N GLU A 60 1.61 18.01 5.37
CA GLU A 60 2.97 18.34 5.78
C GLU A 60 4.00 17.20 5.51
N GLY A 61 5.28 17.56 5.38
CA GLY A 61 6.43 16.65 5.47
C GLY A 61 6.53 15.59 4.36
N SER A 62 5.84 15.78 3.24
CA SER A 62 5.58 14.75 2.21
C SER A 62 6.09 15.18 0.82
N VAL A 63 6.66 14.25 0.05
CA VAL A 63 7.47 14.55 -1.16
C VAL A 63 6.73 15.40 -2.19
N HIS A 64 5.46 15.07 -2.46
CA HIS A 64 4.62 15.70 -3.48
C HIS A 64 3.17 15.87 -3.00
N LYS A 65 2.47 16.89 -3.49
CA LYS A 65 1.08 17.18 -3.03
C LYS A 65 0.11 16.04 -3.36
N SER A 66 0.23 15.42 -4.52
CA SER A 66 -0.67 14.34 -4.97
C SER A 66 0.05 13.28 -5.81
N VAL A 67 -0.54 12.09 -5.93
CA VAL A 67 0.02 10.93 -6.62
C VAL A 67 -1.09 10.03 -7.16
N LYS A 68 -0.82 9.37 -8.30
CA LYS A 68 -1.62 8.23 -8.78
C LYS A 68 -0.84 6.93 -8.62
N HIS A 69 -1.51 5.92 -8.08
CA HIS A 69 -1.05 4.53 -8.09
C HIS A 69 -2.14 3.61 -8.65
N ARG A 70 -1.85 2.35 -8.93
CA ARG A 70 -2.84 1.38 -9.42
C ARG A 70 -2.67 -0.01 -8.84
N ILE A 71 -3.78 -0.73 -8.70
CA ILE A 71 -3.79 -2.19 -8.52
C ILE A 71 -3.41 -2.84 -9.86
N ASP A 72 -2.47 -3.78 -9.84
CA ASP A 72 -1.73 -4.23 -11.02
C ASP A 72 -1.63 -5.78 -11.16
N GLY A 73 -1.96 -6.53 -10.10
CA GLY A 73 -1.97 -8.00 -10.08
C GLY A 73 -2.56 -8.55 -8.79
N LEU A 74 -3.17 -9.73 -8.81
CA LEU A 74 -3.92 -10.31 -7.69
C LEU A 74 -4.01 -11.85 -7.75
N ASP A 75 -3.56 -12.51 -6.68
CA ASP A 75 -3.54 -13.97 -6.53
C ASP A 75 -3.85 -14.40 -5.09
N LYS A 76 -5.14 -14.60 -4.83
CA LYS A 76 -5.73 -15.06 -3.55
C LYS A 76 -5.19 -16.40 -3.07
N GLU A 77 -4.55 -17.18 -3.94
CA GLU A 77 -3.84 -18.42 -3.61
C GLU A 77 -2.76 -18.22 -2.54
N ASN A 78 -2.19 -17.01 -2.41
CA ASN A 78 -1.29 -16.59 -1.33
C ASN A 78 -1.51 -15.11 -0.95
N PHE A 79 -2.76 -14.64 -1.14
CA PHE A 79 -3.21 -13.25 -1.32
C PHE A 79 -2.06 -12.30 -1.70
N THR A 80 -1.36 -12.66 -2.78
CA THR A 80 -0.28 -11.86 -3.32
C THR A 80 -0.85 -10.81 -4.26
N TYR A 81 -0.53 -9.55 -4.00
CA TYR A 81 -1.02 -8.41 -4.77
C TYR A 81 0.13 -7.54 -5.25
N SER A 82 0.06 -7.11 -6.51
CA SER A 82 0.96 -6.13 -7.11
C SER A 82 0.24 -4.79 -7.26
N TYR A 83 0.90 -3.69 -6.89
CA TYR A 83 0.40 -2.33 -7.09
C TYR A 83 1.56 -1.34 -7.28
N SER A 84 1.35 -0.23 -7.99
CA SER A 84 2.44 0.65 -8.43
C SER A 84 2.04 2.12 -8.48
N ILE A 85 2.91 3.03 -8.02
CA ILE A 85 2.84 4.47 -8.29
C ILE A 85 3.20 4.71 -9.75
N ILE A 86 2.28 5.37 -10.46
CA ILE A 86 2.30 5.60 -11.91
C ILE A 86 2.78 7.02 -12.25
N GLU A 87 2.33 8.03 -11.50
CA GLU A 87 2.76 9.42 -11.67
C GLU A 87 2.67 10.21 -10.34
N GLY A 88 3.63 11.12 -10.13
CA GLY A 88 3.79 11.94 -8.93
C GLY A 88 5.24 12.43 -8.75
N GLY A 89 5.48 13.46 -7.95
CA GLY A 89 6.81 14.12 -7.88
C GLY A 89 7.98 13.25 -7.43
N ALA A 90 7.75 12.18 -6.68
CA ALA A 90 8.80 11.18 -6.41
C ALA A 90 9.38 10.61 -7.71
N LEU A 91 8.53 10.38 -8.73
CA LEU A 91 8.90 9.91 -10.06
C LEU A 91 9.38 11.04 -11.00
N ASP A 92 9.77 12.19 -10.45
CA ASP A 92 10.76 13.08 -11.07
C ASP A 92 12.20 12.60 -10.78
N VAL A 93 12.40 11.83 -9.70
CA VAL A 93 13.69 11.18 -9.35
C VAL A 93 13.72 9.70 -9.75
N PHE A 94 12.63 8.97 -9.51
CA PHE A 94 12.45 7.57 -9.89
C PHE A 94 11.77 7.44 -11.26
N GLU A 95 12.01 6.34 -11.98
CA GLU A 95 11.24 5.99 -13.18
C GLU A 95 9.92 5.29 -12.81
N SER A 96 9.92 4.53 -11.70
CA SER A 96 8.74 3.91 -11.12
C SER A 96 8.92 3.65 -9.62
N ILE A 97 7.82 3.61 -8.86
CA ILE A 97 7.83 3.00 -7.51
C ILE A 97 6.73 1.96 -7.48
N SER A 98 7.08 0.72 -7.14
CA SER A 98 6.18 -0.42 -7.15
C SER A 98 6.14 -1.11 -5.79
N TYR A 99 5.12 -1.91 -5.56
CA TYR A 99 4.86 -2.59 -4.29
C TYR A 99 4.28 -3.99 -4.49
N HIS A 100 4.55 -4.83 -3.50
CA HIS A 100 4.04 -6.19 -3.38
C HIS A 100 3.46 -6.38 -1.98
N ILE A 101 2.37 -7.14 -1.87
CA ILE A 101 1.83 -7.70 -0.62
C ILE A 101 1.68 -9.20 -0.79
N LYS A 102 1.73 -9.96 0.31
CA LYS A 102 1.55 -11.42 0.38
C LYS A 102 0.83 -11.78 1.68
N ILE A 103 -0.27 -12.54 1.62
CA ILE A 103 -1.06 -12.91 2.81
C ILE A 103 -1.60 -14.35 2.74
N VAL A 104 -1.32 -15.10 3.80
CA VAL A 104 -1.69 -16.52 3.98
C VAL A 104 -2.21 -16.73 5.40
N ALA A 105 -3.32 -17.46 5.54
CA ALA A 105 -3.94 -17.77 6.82
C ALA A 105 -3.10 -18.73 7.68
N THR A 106 -3.23 -18.62 9.00
CA THR A 106 -2.66 -19.54 10.00
C THR A 106 -3.76 -20.44 10.59
N PRO A 107 -3.44 -21.69 10.99
CA PRO A 107 -4.40 -22.58 11.64
C PRO A 107 -4.82 -22.09 13.04
N ASP A 108 -4.09 -21.13 13.62
CA ASP A 108 -4.46 -20.39 14.84
C ASP A 108 -5.40 -19.19 14.57
N GLY A 109 -6.13 -19.22 13.45
CA GLY A 109 -7.19 -18.27 13.13
C GLY A 109 -6.73 -16.89 12.68
N GLY A 110 -5.45 -16.71 12.36
CA GLY A 110 -4.88 -15.44 11.90
C GLY A 110 -4.41 -15.49 10.44
N CYS A 111 -3.49 -14.58 10.11
CA CYS A 111 -2.71 -14.56 8.87
C CYS A 111 -1.27 -14.09 9.14
N ILE A 112 -0.32 -14.54 8.32
CA ILE A 112 0.98 -13.85 8.18
C ILE A 112 0.90 -12.97 6.93
N CYS A 113 0.91 -11.65 7.12
CA CYS A 113 0.96 -10.66 6.06
C CYS A 113 2.40 -10.19 5.84
N LYS A 114 2.78 -9.87 4.60
CA LYS A 114 4.07 -9.27 4.24
C LYS A 114 3.88 -8.19 3.18
N ASN A 115 4.78 -7.20 3.18
CA ASN A 115 4.75 -6.06 2.27
C ASN A 115 6.17 -5.63 1.88
N ARG A 116 6.38 -5.34 0.60
CA ARG A 116 7.68 -5.00 0.00
C ARG A 116 7.50 -3.90 -1.03
N SER A 117 8.50 -3.02 -1.17
CA SER A 117 8.49 -1.89 -2.10
C SER A 117 9.76 -1.87 -2.96
N ILE A 118 9.64 -1.42 -4.21
CA ILE A 118 10.64 -1.56 -5.28
C ILE A 118 10.75 -0.24 -6.04
N TYR A 119 11.89 0.44 -5.95
CA TYR A 119 12.16 1.76 -6.49
C TYR A 119 13.06 1.63 -7.73
N THR A 120 12.49 1.82 -8.92
CA THR A 120 13.25 1.85 -10.17
C THR A 120 13.79 3.27 -10.40
N PRO A 121 15.10 3.48 -10.46
CA PRO A 121 15.66 4.83 -10.65
C PRO A 121 15.46 5.32 -12.09
N LYS A 122 15.55 6.64 -12.33
CA LYS A 122 15.89 7.19 -13.67
C LYS A 122 17.38 6.99 -13.96
N CYS A 123 17.85 5.74 -13.84
CA CYS A 123 19.25 5.31 -14.01
C CYS A 123 20.28 5.97 -13.07
N ASP A 124 19.89 6.47 -11.89
CA ASP A 124 20.80 7.12 -10.93
C ASP A 124 20.42 7.03 -9.43
N ALA A 125 19.13 7.03 -9.07
CA ALA A 125 18.67 7.20 -7.68
C ALA A 125 19.07 6.07 -6.69
N GLN A 126 19.28 6.47 -5.44
CA GLN A 126 19.81 5.66 -4.33
C GLN A 126 18.77 5.27 -3.26
N VAL A 127 17.62 5.95 -3.26
CA VAL A 127 16.61 5.99 -2.15
C VAL A 127 17.18 6.62 -0.88
N SER A 128 16.39 7.48 -0.23
CA SER A 128 16.74 8.11 1.05
C SER A 128 16.35 7.23 2.23
N GLU A 129 17.16 7.23 3.28
CA GLU A 129 16.92 6.44 4.49
C GLU A 129 15.61 6.85 5.17
N GLU A 130 15.31 8.15 5.15
CA GLU A 130 14.06 8.71 5.65
C GLU A 130 12.82 8.09 5.01
N GLU A 131 12.85 7.76 3.72
CA GLU A 131 11.73 7.10 3.02
C GLU A 131 11.74 5.58 3.16
N ILE A 132 12.82 4.96 3.66
CA ILE A 132 12.81 3.55 4.11
C ILE A 132 12.21 3.46 5.52
N LYS A 133 12.60 4.39 6.42
CA LYS A 133 12.02 4.58 7.76
C LYS A 133 10.53 4.92 7.68
N ALA A 134 10.19 5.95 6.91
CA ALA A 134 8.80 6.30 6.62
C ALA A 134 8.10 5.22 5.80
N GLY A 135 8.81 4.50 4.92
CA GLY A 135 8.26 3.39 4.16
C GLY A 135 7.65 2.31 5.03
N LYS A 136 8.34 1.95 6.13
CA LYS A 136 7.81 1.10 7.21
C LYS A 136 6.71 1.80 8.01
N GLU A 137 6.93 3.02 8.52
CA GLU A 137 5.97 3.73 9.39
C GLU A 137 4.61 3.94 8.71
N ARG A 138 4.62 4.38 7.44
CA ARG A 138 3.46 4.71 6.61
C ARG A 138 2.66 3.47 6.21
N ALA A 139 3.32 2.37 5.88
CA ALA A 139 2.67 1.08 5.62
C ALA A 139 2.16 0.40 6.91
N SER A 140 2.97 0.38 7.98
CA SER A 140 2.60 -0.11 9.31
C SER A 140 1.35 0.59 9.85
N GLY A 141 1.27 1.92 9.70
CA GLY A 141 0.09 2.69 10.09
C GLY A 141 -1.19 2.17 9.43
N ILE A 142 -1.11 1.80 8.14
CA ILE A 142 -2.23 1.18 7.43
C ILE A 142 -2.50 -0.20 8.02
N PHE A 143 -1.52 -1.12 8.12
CA PHE A 143 -1.69 -2.46 8.70
C PHE A 143 -2.22 -2.50 10.15
N LYS A 144 -2.21 -1.37 10.85
CA LYS A 144 -2.68 -1.20 12.24
C LYS A 144 -4.08 -0.62 12.24
N LYS A 145 -4.31 0.48 11.50
CA LYS A 145 -5.64 1.06 11.33
C LYS A 145 -6.60 0.16 10.57
N VAL A 146 -6.12 -0.73 9.68
CA VAL A 146 -6.95 -1.78 9.06
C VAL A 146 -7.38 -2.87 10.05
N GLU A 147 -6.45 -3.42 10.85
CA GLU A 147 -6.85 -4.40 11.88
C GLU A 147 -7.75 -3.76 12.96
N ALA A 148 -7.57 -2.47 13.26
CA ALA A 148 -8.45 -1.70 14.13
C ALA A 148 -9.82 -1.39 13.50
N TYR A 149 -9.88 -1.06 12.21
CA TYR A 149 -11.12 -0.76 11.48
C TYR A 149 -12.05 -1.98 11.52
N LEU A 150 -11.49 -3.15 11.26
CA LEU A 150 -12.21 -4.42 11.32
C LEU A 150 -12.41 -4.94 12.76
N LEU A 151 -11.65 -4.45 13.76
CA LEU A 151 -12.01 -4.64 15.18
C LEU A 151 -13.26 -3.83 15.56
N ALA A 152 -13.38 -2.58 15.10
CA ALA A 152 -14.54 -1.72 15.35
C ALA A 152 -15.76 -2.11 14.51
N ASN A 153 -15.55 -2.51 13.26
CA ASN A 153 -16.58 -2.63 12.23
C ASN A 153 -16.21 -3.77 11.24
N PRO A 154 -16.13 -5.04 11.70
CA PRO A 154 -15.81 -6.19 10.83
C PRO A 154 -16.83 -6.38 9.71
N ASP A 155 -18.08 -6.02 10.01
CA ASP A 155 -19.22 -6.00 9.11
C ASP A 155 -19.08 -4.97 7.97
N CYS A 156 -18.24 -3.94 8.14
CA CYS A 156 -18.08 -2.78 7.24
C CYS A 156 -19.41 -2.06 6.95
N GLY A 1 18.60 -1.87 -13.14
CA GLY A 1 18.40 -2.44 -11.80
C GLY A 1 17.40 -1.62 -10.99
N ALA A 2 16.16 -2.09 -10.89
CA ALA A 2 15.21 -1.60 -9.88
C ALA A 2 15.64 -2.06 -8.48
N ILE A 3 15.27 -1.32 -7.43
CA ILE A 3 15.70 -1.57 -6.03
C ILE A 3 14.54 -1.49 -5.04
N THR A 4 14.66 -2.13 -3.88
CA THR A 4 13.48 -2.42 -3.04
C THR A 4 13.77 -2.46 -1.52
N TYR A 5 12.74 -2.19 -0.71
CA TYR A 5 12.71 -2.40 0.74
C TYR A 5 11.43 -3.18 1.14
N ASP A 6 11.46 -3.93 2.24
CA ASP A 6 10.29 -4.71 2.72
C ASP A 6 10.23 -4.90 4.24
N MET A 7 9.08 -5.37 4.71
CA MET A 7 8.70 -5.56 6.12
C MET A 7 7.69 -6.71 6.26
N GLU A 8 7.51 -7.24 7.47
CA GLU A 8 6.51 -8.28 7.76
C GLU A 8 5.81 -8.07 9.11
N ILE A 9 4.50 -8.28 9.15
CA ILE A 9 3.59 -7.93 10.25
C ILE A 9 2.50 -9.01 10.40
N PRO A 10 2.28 -9.60 11.59
CA PRO A 10 1.14 -10.46 11.87
C PRO A 10 -0.15 -9.65 12.10
N SER A 11 -1.33 -10.22 11.91
CA SER A 11 -2.61 -9.58 12.25
C SER A 11 -3.72 -10.59 12.51
N SER A 12 -4.67 -10.27 13.39
CA SER A 12 -5.85 -11.09 13.74
C SER A 12 -6.98 -11.01 12.69
N ILE A 13 -6.61 -10.90 11.41
CA ILE A 13 -7.46 -10.49 10.29
C ILE A 13 -7.30 -11.50 9.15
N SER A 14 -8.38 -11.76 8.40
CA SER A 14 -8.39 -12.63 7.22
C SER A 14 -7.61 -12.01 6.05
N ALA A 15 -6.83 -12.77 5.28
CA ALA A 15 -5.88 -12.29 4.28
C ALA A 15 -6.49 -11.42 3.15
N GLU A 16 -7.71 -11.74 2.70
CA GLU A 16 -8.45 -10.90 1.75
C GLU A 16 -8.95 -9.61 2.41
N LYS A 17 -9.47 -9.70 3.65
CA LYS A 17 -9.84 -8.54 4.47
C LYS A 17 -8.65 -7.62 4.77
N MET A 18 -7.45 -8.18 4.94
CA MET A 18 -6.22 -7.41 5.13
C MET A 18 -5.94 -6.52 3.92
N PHE A 19 -5.80 -7.08 2.72
CA PHE A 19 -5.51 -6.28 1.51
C PHE A 19 -6.64 -5.32 1.14
N LYS A 20 -7.90 -5.76 1.33
CA LYS A 20 -9.08 -4.90 1.20
C LYS A 20 -8.98 -3.68 2.10
N ALA A 21 -8.67 -3.86 3.39
CA ALA A 21 -8.43 -2.77 4.33
C ALA A 21 -7.18 -1.93 3.98
N PHE A 22 -6.11 -2.57 3.48
CA PHE A 22 -4.81 -1.93 3.24
C PHE A 22 -4.82 -0.93 2.07
N VAL A 23 -5.59 -1.20 1.00
CA VAL A 23 -5.70 -0.29 -0.17
C VAL A 23 -7.11 -0.10 -0.74
N LEU A 24 -7.96 -1.13 -0.81
CA LEU A 24 -9.28 -1.00 -1.48
C LEU A 24 -10.21 -0.06 -0.70
N ASP A 25 -10.34 -0.28 0.61
CA ASP A 25 -10.95 0.59 1.61
C ASP A 25 -10.03 1.77 2.03
N GLY A 26 -8.89 1.93 1.36
CA GLY A 26 -7.88 2.95 1.66
C GLY A 26 -8.40 4.39 1.59
N ASP A 27 -9.54 4.64 0.94
CA ASP A 27 -10.17 5.95 0.76
C ASP A 27 -10.57 6.66 2.07
N THR A 28 -10.55 5.97 3.21
CA THR A 28 -10.50 6.60 4.55
C THR A 28 -9.33 6.07 5.38
N ILE A 29 -9.03 4.78 5.28
CA ILE A 29 -8.01 4.10 6.10
C ILE A 29 -6.61 4.69 5.87
N ILE A 30 -6.21 4.99 4.63
CA ILE A 30 -4.88 5.55 4.34
C ILE A 30 -4.76 7.03 4.80
N PRO A 31 -5.73 7.93 4.54
CA PRO A 31 -5.78 9.25 5.17
C PRO A 31 -5.75 9.21 6.70
N LYS A 32 -6.29 8.15 7.33
CA LYS A 32 -6.21 7.92 8.78
C LYS A 32 -4.92 7.22 9.23
N ALA A 33 -4.18 6.57 8.34
CA ALA A 33 -2.92 5.89 8.64
C ALA A 33 -1.73 6.84 8.82
N LEU A 34 -1.73 7.98 8.14
CA LEU A 34 -0.69 9.01 8.27
C LEU A 34 -1.26 10.43 8.03
N PRO A 35 -2.30 10.86 8.79
CA PRO A 35 -3.00 12.14 8.59
C PRO A 35 -2.10 13.37 8.70
N HIS A 36 -0.94 13.27 9.35
CA HIS A 36 0.04 14.35 9.41
C HIS A 36 0.50 14.80 8.02
N ALA A 37 0.59 13.88 7.05
CA ALA A 37 1.08 14.13 5.70
C ALA A 37 0.09 13.76 4.58
N ILE A 38 -0.79 12.77 4.78
CA ILE A 38 -1.78 12.34 3.78
C ILE A 38 -3.08 13.12 4.00
N THR A 39 -3.63 13.71 2.95
CA THR A 39 -4.87 14.51 3.00
C THR A 39 -6.06 13.80 2.34
N GLY A 40 -5.84 12.87 1.41
CA GLY A 40 -6.94 12.15 0.75
C GLY A 40 -6.51 10.95 -0.09
N VAL A 41 -7.44 10.03 -0.32
CA VAL A 41 -7.30 8.83 -1.17
C VAL A 41 -8.67 8.53 -1.82
N GLN A 42 -8.69 8.11 -3.08
CA GLN A 42 -9.94 7.96 -3.84
C GLN A 42 -9.83 6.83 -4.88
N THR A 43 -10.79 5.90 -4.85
CA THR A 43 -11.00 4.87 -5.89
C THR A 43 -11.43 5.51 -7.21
N LEU A 44 -10.88 5.02 -8.33
CA LEU A 44 -10.97 5.65 -9.65
C LEU A 44 -11.12 4.56 -10.73
N GLU A 45 -11.96 3.57 -10.45
CA GLU A 45 -12.47 2.58 -11.39
C GLU A 45 -13.50 1.67 -10.69
N GLY A 46 -14.07 0.73 -11.43
CA GLY A 46 -14.68 -0.46 -10.86
C GLY A 46 -13.68 -1.36 -10.14
N ASP A 47 -14.10 -2.02 -9.06
CA ASP A 47 -13.23 -2.76 -8.14
C ASP A 47 -13.58 -4.26 -8.00
N GLY A 48 -12.65 -5.00 -7.41
CA GLY A 48 -12.69 -6.46 -7.27
C GLY A 48 -11.33 -7.12 -7.55
N GLY A 49 -10.53 -6.53 -8.45
CA GLY A 49 -9.23 -7.06 -8.84
C GLY A 49 -8.35 -6.08 -9.64
N VAL A 50 -7.65 -6.63 -10.64
CA VAL A 50 -6.64 -5.92 -11.44
C VAL A 50 -7.26 -4.85 -12.34
N GLY A 51 -6.55 -3.74 -12.53
CA GLY A 51 -6.93 -2.62 -13.39
C GLY A 51 -7.67 -1.49 -12.66
N THR A 52 -7.87 -1.58 -11.35
CA THR A 52 -8.62 -0.55 -10.60
C THR A 52 -7.71 0.63 -10.27
N ILE A 53 -8.04 1.88 -10.65
CA ILE A 53 -7.15 3.02 -10.39
C ILE A 53 -7.44 3.62 -9.01
N LYS A 54 -6.46 4.30 -8.42
CA LYS A 54 -6.49 4.94 -7.11
C LYS A 54 -5.70 6.26 -7.14
N LEU A 55 -6.34 7.36 -6.77
CA LEU A 55 -5.67 8.63 -6.42
C LEU A 55 -5.20 8.59 -4.97
N THR A 56 -4.08 9.23 -4.67
CA THR A 56 -3.57 9.49 -3.31
C THR A 56 -2.96 10.89 -3.27
N THR A 57 -3.25 11.66 -2.23
CA THR A 57 -2.93 13.10 -2.17
C THR A 57 -2.56 13.56 -0.75
N PHE A 58 -1.76 14.61 -0.67
CA PHE A 58 -0.90 14.93 0.47
C PHE A 58 -0.88 16.42 0.86
N GLY A 59 -0.57 16.69 2.12
CA GLY A 59 -0.32 18.00 2.71
C GLY A 59 1.15 18.18 3.05
N GLU A 60 1.49 18.06 4.33
CA GLU A 60 2.84 18.28 4.89
C GLU A 60 3.88 17.24 4.47
N GLY A 61 5.16 17.61 4.45
CA GLY A 61 6.28 16.69 4.27
C GLY A 61 6.23 15.96 2.92
N SER A 62 5.69 16.64 1.91
CA SER A 62 5.27 16.06 0.64
C SER A 62 5.50 17.09 -0.47
N VAL A 63 6.61 16.97 -1.21
CA VAL A 63 6.95 17.86 -2.32
C VAL A 63 5.95 17.70 -3.48
N HIS A 64 5.49 16.47 -3.76
CA HIS A 64 4.40 16.21 -4.71
C HIS A 64 3.06 15.99 -3.97
N LYS A 65 2.10 16.88 -4.26
CA LYS A 65 0.76 16.92 -3.66
C LYS A 65 -0.10 15.71 -4.01
N SER A 66 0.11 15.06 -5.15
CA SER A 66 -0.71 13.92 -5.63
C SER A 66 0.10 12.84 -6.33
N VAL A 67 -0.44 11.62 -6.34
CA VAL A 67 0.12 10.42 -7.00
C VAL A 67 -1.01 9.46 -7.38
N LYS A 68 -0.88 8.72 -8.49
CA LYS A 68 -1.93 7.81 -8.99
C LYS A 68 -1.37 6.41 -9.25
N HIS A 69 -2.11 5.38 -8.84
CA HIS A 69 -1.68 3.98 -8.90
C HIS A 69 -2.81 3.03 -9.32
N ARG A 70 -2.47 1.89 -9.92
CA ARG A 70 -3.41 0.81 -10.26
C ARG A 70 -3.27 -0.36 -9.31
N ILE A 71 -4.36 -1.00 -8.90
CA ILE A 71 -4.37 -2.38 -8.40
C ILE A 71 -3.99 -3.28 -9.58
N ASP A 72 -2.93 -4.09 -9.42
CA ASP A 72 -2.10 -4.61 -10.51
C ASP A 72 -1.97 -6.15 -10.54
N GLY A 73 -2.17 -6.84 -9.41
CA GLY A 73 -2.06 -8.30 -9.33
C GLY A 73 -2.71 -8.85 -8.05
N LEU A 74 -3.19 -10.09 -8.10
CA LEU A 74 -3.75 -10.82 -6.96
C LEU A 74 -3.61 -12.34 -7.13
N ASP A 75 -3.17 -13.02 -6.06
CA ASP A 75 -2.73 -14.41 -6.02
C ASP A 75 -3.07 -15.05 -4.68
N LYS A 76 -4.36 -15.34 -4.50
CA LYS A 76 -4.98 -15.79 -3.25
C LYS A 76 -4.35 -17.06 -2.66
N GLU A 77 -3.69 -17.88 -3.48
CA GLU A 77 -2.94 -19.08 -3.08
C GLU A 77 -1.82 -18.81 -2.05
N ASN A 78 -1.27 -17.59 -2.01
CA ASN A 78 -0.39 -17.09 -0.95
C ASN A 78 -0.72 -15.61 -0.64
N PHE A 79 -2.00 -15.24 -0.78
CA PHE A 79 -2.56 -13.91 -1.03
C PHE A 79 -1.50 -12.86 -1.35
N THR A 80 -0.82 -13.04 -2.49
CA THR A 80 0.18 -12.08 -2.99
C THR A 80 -0.50 -11.05 -3.88
N TYR A 81 -0.14 -9.78 -3.74
CA TYR A 81 -0.79 -8.68 -4.44
C TYR A 81 0.22 -7.68 -4.98
N SER A 82 -0.13 -7.04 -6.08
CA SER A 82 0.63 -5.94 -6.67
C SER A 82 -0.24 -4.69 -6.81
N TYR A 83 0.36 -3.52 -6.66
CA TYR A 83 -0.23 -2.24 -7.09
C TYR A 83 0.89 -1.27 -7.49
N SER A 84 0.73 -0.60 -8.64
CA SER A 84 1.80 0.13 -9.32
C SER A 84 1.45 1.61 -9.49
N ILE A 85 2.35 2.50 -9.06
CA ILE A 85 2.26 3.95 -9.31
C ILE A 85 2.55 4.21 -10.79
N ILE A 86 1.60 4.88 -11.44
CA ILE A 86 1.55 5.21 -12.86
C ILE A 86 2.11 6.62 -13.11
N GLU A 87 1.78 7.56 -12.24
CA GLU A 87 2.09 8.98 -12.41
C GLU A 87 1.98 9.78 -11.10
N GLY A 88 2.49 11.02 -11.14
CA GLY A 88 2.65 11.91 -9.99
C GLY A 88 4.12 12.01 -9.57
N GLY A 89 4.49 13.12 -8.94
CA GLY A 89 5.87 13.63 -8.91
C GLY A 89 6.98 12.73 -8.36
N ALA A 90 6.65 11.63 -7.66
CA ALA A 90 7.62 10.56 -7.41
C ALA A 90 8.24 10.03 -8.72
N LEU A 91 7.46 9.92 -9.80
CA LEU A 91 7.90 9.47 -11.12
C LEU A 91 8.58 10.57 -11.95
N ASP A 92 8.98 11.68 -11.33
CA ASP A 92 10.10 12.49 -11.83
C ASP A 92 11.46 11.95 -11.34
N VAL A 93 11.50 11.28 -10.18
CA VAL A 93 12.69 10.58 -9.65
C VAL A 93 12.80 9.16 -10.22
N PHE A 94 11.68 8.46 -10.27
CA PHE A 94 11.56 7.08 -10.73
C PHE A 94 10.92 6.99 -12.12
N GLU A 95 11.15 5.89 -12.84
CA GLU A 95 10.42 5.56 -14.07
C GLU A 95 9.16 4.74 -13.78
N SER A 96 9.16 3.96 -12.70
CA SER A 96 7.98 3.28 -12.15
C SER A 96 8.17 2.97 -10.67
N ILE A 97 7.07 2.82 -9.90
CA ILE A 97 7.12 2.22 -8.57
C ILE A 97 6.02 1.17 -8.47
N SER A 98 6.29 0.02 -7.83
CA SER A 98 5.28 -1.02 -7.64
C SER A 98 5.45 -1.78 -6.32
N TYR A 99 4.34 -2.02 -5.63
CA TYR A 99 4.29 -2.78 -4.40
C TYR A 99 4.17 -4.29 -4.65
N HIS A 100 4.63 -5.08 -3.69
CA HIS A 100 4.44 -6.53 -3.60
C HIS A 100 4.06 -6.88 -2.15
N ILE A 101 2.84 -7.36 -1.94
CA ILE A 101 2.36 -7.91 -0.67
C ILE A 101 2.28 -9.43 -0.78
N LYS A 102 2.40 -10.16 0.33
CA LYS A 102 2.18 -11.62 0.45
C LYS A 102 1.52 -11.97 1.78
N ILE A 103 0.45 -12.76 1.77
CA ILE A 103 -0.34 -13.06 2.97
C ILE A 103 -0.80 -14.54 3.01
N VAL A 104 -0.53 -15.18 4.14
CA VAL A 104 -0.91 -16.57 4.44
C VAL A 104 -1.55 -16.62 5.82
N ALA A 105 -2.65 -17.37 5.94
CA ALA A 105 -3.40 -17.54 7.18
C ALA A 105 -2.62 -18.33 8.23
N THR A 106 -2.82 -18.01 9.51
CA THR A 106 -2.49 -18.89 10.63
C THR A 106 -3.67 -19.84 10.90
N PRO A 107 -3.46 -21.01 11.53
CA PRO A 107 -4.56 -21.80 12.10
C PRO A 107 -5.25 -21.07 13.25
N ASP A 108 -4.56 -20.15 13.94
CA ASP A 108 -5.00 -19.43 15.13
C ASP A 108 -5.99 -18.27 14.86
N GLY A 109 -6.52 -18.09 13.65
CA GLY A 109 -7.54 -17.09 13.32
C GLY A 109 -7.04 -15.75 12.77
N GLY A 110 -5.74 -15.65 12.45
CA GLY A 110 -5.11 -14.47 11.87
C GLY A 110 -4.36 -14.79 10.57
N CYS A 111 -3.42 -13.92 10.20
CA CYS A 111 -2.51 -14.07 9.07
C CYS A 111 -1.13 -13.45 9.37
N ILE A 112 -0.12 -13.87 8.61
CA ILE A 112 1.17 -13.17 8.50
C ILE A 112 1.22 -12.43 7.16
N CYS A 113 1.48 -11.12 7.18
CA CYS A 113 1.55 -10.27 5.99
C CYS A 113 2.95 -9.67 5.77
N LYS A 114 3.58 -9.99 4.65
CA LYS A 114 4.76 -9.30 4.10
C LYS A 114 4.33 -8.15 3.19
N ASN A 115 5.05 -7.04 3.22
CA ASN A 115 4.82 -5.83 2.42
C ASN A 115 6.16 -5.27 1.90
N ARG A 116 6.27 -5.05 0.58
CA ARG A 116 7.48 -4.66 -0.13
C ARG A 116 7.18 -3.56 -1.16
N SER A 117 8.09 -2.61 -1.37
CA SER A 117 7.98 -1.57 -2.39
C SER A 117 9.20 -1.56 -3.31
N ILE A 118 9.00 -1.53 -4.63
CA ILE A 118 10.02 -1.73 -5.67
C ILE A 118 10.10 -0.49 -6.57
N TYR A 119 11.27 0.12 -6.66
CA TYR A 119 11.53 1.40 -7.30
C TYR A 119 12.39 1.19 -8.56
N THR A 120 11.79 1.38 -9.73
CA THR A 120 12.49 1.40 -11.01
C THR A 120 13.03 2.82 -11.26
N PRO A 121 14.35 3.07 -11.21
CA PRO A 121 14.89 4.40 -11.41
C PRO A 121 14.76 4.87 -12.87
N LYS A 122 14.88 6.19 -13.10
CA LYS A 122 15.30 6.76 -14.39
C LYS A 122 16.82 6.59 -14.59
N CYS A 123 17.32 5.38 -14.37
CA CYS A 123 18.74 5.00 -14.40
C CYS A 123 19.66 5.80 -13.45
N ASP A 124 19.18 6.31 -12.30
CA ASP A 124 19.98 7.08 -11.35
C ASP A 124 19.57 6.98 -9.86
N ALA A 125 18.27 6.91 -9.54
CA ALA A 125 17.77 7.02 -8.18
C ALA A 125 18.14 5.83 -7.28
N GLN A 126 18.60 6.14 -6.06
CA GLN A 126 18.92 5.21 -4.97
C GLN A 126 17.79 5.11 -3.92
N VAL A 127 16.68 5.86 -4.08
CA VAL A 127 15.56 6.05 -3.11
C VAL A 127 15.98 6.90 -1.90
N SER A 128 15.11 7.82 -1.46
CA SER A 128 15.35 8.62 -0.25
C SER A 128 15.32 7.74 1.00
N GLU A 129 16.32 7.86 1.87
CA GLU A 129 16.39 7.12 3.14
C GLU A 129 15.16 7.44 4.02
N GLU A 130 14.74 8.70 3.97
CA GLU A 130 13.57 9.21 4.66
C GLU A 130 12.25 8.63 4.14
N GLU A 131 12.16 8.18 2.88
CA GLU A 131 11.00 7.43 2.37
C GLU A 131 11.08 5.94 2.72
N ILE A 132 12.24 5.40 3.10
CA ILE A 132 12.33 4.05 3.66
C ILE A 132 11.86 4.07 5.14
N LYS A 133 12.20 5.12 5.91
CA LYS A 133 11.62 5.38 7.24
C LYS A 133 10.12 5.62 7.16
N ALA A 134 9.68 6.61 6.37
CA ALA A 134 8.27 6.93 6.20
C ALA A 134 7.48 5.78 5.56
N GLY A 135 8.09 5.01 4.66
CA GLY A 135 7.48 3.84 4.04
C GLY A 135 7.06 2.77 5.04
N LYS A 136 7.89 2.52 6.07
CA LYS A 136 7.53 1.65 7.21
C LYS A 136 6.58 2.34 8.18
N GLU A 137 6.79 3.60 8.53
CA GLU A 137 5.93 4.35 9.47
C GLU A 137 4.49 4.43 8.95
N ARG A 138 4.31 4.78 7.67
CA ARG A 138 3.04 4.86 6.94
C ARG A 138 2.37 3.48 6.83
N ALA A 139 3.10 2.45 6.42
CA ALA A 139 2.57 1.09 6.35
C ALA A 139 2.18 0.52 7.72
N SER A 140 2.99 0.75 8.76
CA SER A 140 2.67 0.42 10.16
C SER A 140 1.40 1.13 10.62
N GLY A 141 1.25 2.41 10.28
CA GLY A 141 0.02 3.17 10.48
C GLY A 141 -1.20 2.51 9.82
N ILE A 142 -1.05 2.00 8.58
CA ILE A 142 -2.12 1.24 7.90
C ILE A 142 -2.42 -0.04 8.67
N PHE A 143 -1.43 -0.90 8.96
CA PHE A 143 -1.59 -2.16 9.72
C PHE A 143 -2.28 -2.02 11.10
N LYS A 144 -2.38 -0.79 11.60
CA LYS A 144 -2.95 -0.43 12.90
C LYS A 144 -4.35 0.14 12.75
N LYS A 145 -4.58 1.07 11.81
CA LYS A 145 -5.94 1.53 11.45
C LYS A 145 -6.80 0.40 10.88
N VAL A 146 -6.22 -0.53 10.11
CA VAL A 146 -6.93 -1.72 9.60
C VAL A 146 -7.36 -2.64 10.73
N GLU A 147 -6.47 -2.99 11.67
CA GLU A 147 -6.86 -3.83 12.81
C GLU A 147 -7.85 -3.11 13.74
N ALA A 148 -7.71 -1.80 13.98
CA ALA A 148 -8.66 -1.03 14.79
C ALA A 148 -10.07 -0.96 14.16
N TYR A 149 -10.14 -0.71 12.85
CA TYR A 149 -11.41 -0.68 12.12
C TYR A 149 -12.08 -2.05 12.11
N LEU A 150 -11.33 -3.12 11.82
CA LEU A 150 -11.88 -4.48 11.82
C LEU A 150 -12.08 -5.06 13.23
N LEU A 151 -11.60 -4.41 14.29
CA LEU A 151 -12.08 -4.66 15.66
C LEU A 151 -13.43 -4.00 15.91
N ALA A 152 -13.59 -2.72 15.54
CA ALA A 152 -14.74 -1.89 15.89
C ALA A 152 -15.93 -1.95 14.89
N ASN A 153 -15.70 -2.34 13.64
CA ASN A 153 -16.70 -2.36 12.55
C ASN A 153 -16.37 -3.40 11.43
N PRO A 154 -16.06 -4.68 11.74
CA PRO A 154 -15.85 -5.72 10.72
C PRO A 154 -17.15 -6.14 9.99
N ASP A 155 -18.31 -5.78 10.52
CA ASP A 155 -19.60 -5.86 9.83
C ASP A 155 -19.70 -4.81 8.70
N CYS A 156 -18.84 -3.79 8.70
CA CYS A 156 -18.64 -2.75 7.68
C CYS A 156 -19.94 -2.05 7.27
#